data_7LQN
#
_entry.id   7LQN
#
_cell.length_a   103.405
_cell.length_b   144.300
_cell.length_c   131.143
_cell.angle_alpha   90.000
_cell.angle_beta   92.070
_cell.angle_gamma   90.000
#
_symmetry.space_group_name_H-M   'P 1 21 1'
#
_entity_poly.entity_id   1
_entity_poly.type   'polypeptide(L)'
_entity_poly.pdbx_seq_one_letter_code
;HHHHHHITSLYKKAGFMRFIPLQTEQQVSCWAAQHIINRINDFKPTAERPFVLGLPTGGTPLKTYQELIRLYQAGKVSFK
HVVTFNMDEYVALPEEHPESYHSFMYNNFFNHIDILPENINILNGNTDDHNAECHRYEEKIKSYGKIHLFMGGVGVDGHI
AFNEPASSLSSRTRIKTLTQDTLIANSRFFNNDVTQVPKYALTIGVGTLLDAEEVMILATGHQKALAVQAAVEGSINHLW
TVSALQMHRHFVLVCDEAAQQELKVKTVKYFTELEGSVAGTDYQDK
;
_entity_poly.pdbx_strand_id   A,B,C,D,E,F,G,H,I,J,K,L
#
# COMPACT_ATOMS: atom_id res chain seq x y z
N PHE A 16 -33.87 50.97 -40.71
CA PHE A 16 -33.26 49.93 -41.52
C PHE A 16 -33.10 48.69 -40.63
N MET A 17 -32.07 48.63 -39.79
CA MET A 17 -31.92 47.56 -38.82
C MET A 17 -32.34 48.00 -37.43
N ARG A 18 -33.25 47.24 -36.81
CA ARG A 18 -33.64 47.43 -35.41
C ARG A 18 -32.97 46.35 -34.56
N PHE A 19 -32.19 46.77 -33.56
CA PHE A 19 -31.58 45.85 -32.61
C PHE A 19 -32.22 46.08 -31.25
N ILE A 20 -32.84 45.02 -30.70
CA ILE A 20 -33.50 45.12 -29.41
C ILE A 20 -32.72 44.27 -28.42
N PRO A 21 -31.81 44.86 -27.64
CA PRO A 21 -31.11 44.10 -26.59
C PRO A 21 -31.95 44.05 -25.33
N LEU A 22 -32.24 42.83 -24.87
CA LEU A 22 -32.97 42.60 -23.64
C LEU A 22 -32.12 41.75 -22.70
N GLN A 23 -32.64 41.50 -21.50
CA GLN A 23 -31.88 40.80 -20.47
C GLN A 23 -32.14 39.30 -20.46
N THR A 24 -33.40 38.88 -20.37
CA THR A 24 -33.72 37.48 -20.17
C THR A 24 -34.35 36.88 -21.43
N GLU A 25 -34.26 35.55 -21.51
CA GLU A 25 -34.89 34.84 -22.62
C GLU A 25 -36.40 34.99 -22.60
N GLN A 26 -36.98 35.13 -21.41
CA GLN A 26 -38.41 35.38 -21.29
C GLN A 26 -38.80 36.69 -21.95
N GLN A 27 -38.02 37.75 -21.69
CA GLN A 27 -38.30 39.04 -22.29
C GLN A 27 -38.19 38.99 -23.81
N VAL A 28 -37.25 38.22 -24.34
CA VAL A 28 -37.09 38.11 -25.78
C VAL A 28 -38.33 37.50 -26.41
N SER A 29 -38.83 36.40 -25.83
CA SER A 29 -40.01 35.74 -26.36
C SER A 29 -41.25 36.62 -26.20
N CYS A 30 -41.36 37.30 -25.05
CA CYS A 30 -42.50 38.19 -24.84
C CYS A 30 -42.49 39.34 -25.84
N TRP A 31 -41.31 39.93 -26.08
CA TRP A 31 -41.20 40.99 -27.08
C TRP A 31 -41.60 40.47 -28.46
N ALA A 32 -41.05 39.32 -28.87
CA ALA A 32 -41.35 38.77 -30.18
C ALA A 32 -42.84 38.50 -30.35
N ALA A 33 -43.45 37.85 -29.37
CA ALA A 33 -44.88 37.58 -29.43
C ALA A 33 -45.69 38.87 -29.58
N GLN A 34 -45.40 39.87 -28.74
CA GLN A 34 -46.10 41.14 -28.83
C GLN A 34 -45.95 41.78 -30.21
N HIS A 35 -44.74 41.69 -30.79
CA HIS A 35 -44.53 42.26 -32.11
C HIS A 35 -45.39 41.57 -33.16
N ILE A 36 -45.47 40.23 -33.11
CA ILE A 36 -46.32 39.49 -34.03
C ILE A 36 -47.79 39.87 -33.85
N ILE A 37 -48.22 39.96 -32.59
CA ILE A 37 -49.60 40.39 -32.30
C ILE A 37 -49.88 41.73 -32.94
N ASN A 38 -48.98 42.70 -32.72
CA ASN A 38 -49.21 44.07 -33.15
C ASN A 38 -49.24 44.16 -34.67
N ARG A 39 -48.38 43.41 -35.35
CA ARG A 39 -48.40 43.39 -36.81
C ARG A 39 -49.73 42.85 -37.32
N ILE A 40 -50.20 41.73 -36.74
CA ILE A 40 -51.45 41.13 -37.15
C ILE A 40 -52.61 42.10 -36.93
N ASN A 41 -52.67 42.69 -35.74
CA ASN A 41 -53.81 43.53 -35.37
C ASN A 41 -53.85 44.82 -36.19
N ASP A 42 -52.69 45.39 -36.51
CA ASP A 42 -52.68 46.55 -37.40
C ASP A 42 -53.10 46.16 -38.81
N PHE A 43 -52.65 44.99 -39.27
CA PHE A 43 -52.96 44.54 -40.62
C PHE A 43 -54.45 44.33 -40.82
N LYS A 44 -55.16 43.93 -39.76
CA LYS A 44 -56.59 43.64 -39.82
C LYS A 44 -56.84 42.61 -40.92
N PRO A 45 -56.42 41.37 -40.73
CA PRO A 45 -56.52 40.40 -41.81
C PRO A 45 -57.94 39.90 -42.02
N THR A 46 -58.24 39.59 -43.28
CA THR A 46 -59.50 38.98 -43.67
C THR A 46 -59.20 37.63 -44.33
N ALA A 47 -60.26 36.87 -44.63
CA ALA A 47 -60.08 35.61 -45.32
C ALA A 47 -59.49 35.82 -46.71
N GLU A 48 -59.96 36.85 -47.42
CA GLU A 48 -59.45 37.13 -48.75
C GLU A 48 -58.10 37.84 -48.72
N ARG A 49 -57.81 38.56 -47.63
CA ARG A 49 -56.57 39.30 -47.48
C ARG A 49 -55.94 38.86 -46.17
N PRO A 50 -55.33 37.69 -46.12
CA PRO A 50 -54.79 37.16 -44.87
C PRO A 50 -53.43 37.77 -44.54
N PHE A 51 -53.08 37.67 -43.26
CA PHE A 51 -51.74 37.96 -42.78
C PHE A 51 -50.89 36.71 -42.92
N VAL A 52 -49.72 36.84 -43.54
CA VAL A 52 -48.85 35.71 -43.86
C VAL A 52 -47.65 35.74 -42.93
N LEU A 53 -47.46 34.66 -42.17
CA LEU A 53 -46.46 34.60 -41.11
C LEU A 53 -45.47 33.47 -41.39
N GLY A 54 -44.18 33.78 -41.34
CA GLY A 54 -43.13 32.78 -41.43
C GLY A 54 -42.67 32.35 -40.06
N LEU A 55 -42.47 31.03 -39.89
CA LEU A 55 -42.23 30.49 -38.55
C LEU A 55 -41.05 29.52 -38.54
N PRO A 56 -40.27 29.52 -37.46
CA PRO A 56 -39.17 28.56 -37.33
C PRO A 56 -39.38 27.51 -36.25
N THR A 57 -38.40 26.63 -36.08
CA THR A 57 -38.38 25.61 -35.04
C THR A 57 -37.21 25.89 -34.11
N GLY A 58 -37.27 25.34 -32.90
CA GLY A 58 -36.15 25.39 -31.96
C GLY A 58 -36.58 25.83 -30.59
N GLY A 59 -35.58 25.95 -29.70
CA GLY A 59 -35.86 26.19 -28.30
C GLY A 59 -36.42 27.57 -28.04
N THR A 60 -35.75 28.61 -28.56
CA THR A 60 -36.26 29.97 -28.37
C THR A 60 -37.62 30.22 -29.01
N PRO A 61 -37.90 29.76 -30.25
CA PRO A 61 -39.28 29.86 -30.76
C PRO A 61 -40.32 29.26 -29.82
N LEU A 62 -39.99 28.15 -29.15
CA LEU A 62 -40.93 27.46 -28.28
C LEU A 62 -41.52 28.39 -27.22
N LYS A 63 -40.66 29.16 -26.54
CA LYS A 63 -41.16 30.10 -25.54
C LYS A 63 -42.05 31.15 -26.18
N THR A 64 -41.72 31.59 -27.40
CA THR A 64 -42.55 32.58 -28.10
C THR A 64 -43.92 32.01 -28.46
N TYR A 65 -43.95 30.76 -28.95
CA TYR A 65 -45.24 30.13 -29.25
C TYR A 65 -46.06 29.98 -27.99
N GLN A 66 -45.42 29.64 -26.86
CA GLN A 66 -46.13 29.57 -25.59
C GLN A 66 -46.76 30.92 -25.23
N GLU A 67 -46.02 32.00 -25.41
CA GLU A 67 -46.56 33.33 -25.15
C GLU A 67 -47.68 33.67 -26.13
N LEU A 68 -47.54 33.25 -27.39
CA LEU A 68 -48.59 33.51 -28.38
C LEU A 68 -49.87 32.76 -28.01
N ILE A 69 -49.74 31.55 -27.48
CA ILE A 69 -50.90 30.79 -27.03
C ILE A 69 -51.56 31.49 -25.85
N ARG A 70 -50.75 31.99 -24.90
CA ARG A 70 -51.29 32.70 -23.75
C ARG A 70 -52.04 33.96 -24.18
N LEU A 71 -51.48 34.71 -25.12
CA LEU A 71 -52.13 35.94 -25.59
C LEU A 71 -53.42 35.63 -26.34
N TYR A 72 -53.47 34.50 -27.04
CA TYR A 72 -54.70 34.11 -27.72
C TYR A 72 -55.80 33.74 -26.73
N GLN A 73 -55.45 33.01 -25.66
CA GLN A 73 -56.42 32.69 -24.62
C GLN A 73 -56.96 33.95 -23.96
N ALA A 74 -56.12 34.96 -23.80
CA ALA A 74 -56.48 36.30 -23.32
C ALA A 74 -57.20 37.14 -24.38
N GLY A 75 -57.71 36.49 -25.42
CA GLY A 75 -58.34 37.13 -26.57
C GLY A 75 -57.70 38.40 -27.10
N LYS A 76 -56.37 38.49 -27.04
CA LYS A 76 -55.65 39.63 -27.58
C LYS A 76 -55.31 39.46 -29.06
N VAL A 77 -55.59 38.30 -29.65
CA VAL A 77 -55.28 38.04 -31.06
C VAL A 77 -56.09 36.84 -31.52
N SER A 78 -56.38 36.81 -32.82
CA SER A 78 -56.97 35.63 -33.46
C SER A 78 -56.14 35.27 -34.68
N PHE A 79 -55.97 33.97 -34.90
CA PHE A 79 -55.25 33.45 -36.05
C PHE A 79 -56.20 32.91 -37.13
N LYS A 80 -57.49 33.23 -37.03
CA LYS A 80 -58.49 32.76 -37.99
C LYS A 80 -58.26 33.31 -39.40
N HIS A 81 -57.24 34.13 -39.60
CA HIS A 81 -56.96 34.74 -40.89
C HIS A 81 -55.46 34.95 -41.03
N VAL A 82 -54.69 34.10 -40.36
CA VAL A 82 -53.24 34.07 -40.45
C VAL A 82 -52.86 32.82 -41.21
N VAL A 83 -51.97 32.97 -42.19
CA VAL A 83 -51.44 31.86 -42.96
C VAL A 83 -49.96 31.74 -42.63
N THR A 84 -49.52 30.52 -42.30
CA THR A 84 -48.15 30.31 -41.87
C THR A 84 -47.39 29.48 -42.90
N PHE A 85 -46.10 29.80 -43.03
CA PHE A 85 -45.15 29.02 -43.81
C PHE A 85 -43.95 28.72 -42.92
N ASN A 86 -43.56 27.45 -42.85
CA ASN A 86 -42.43 27.06 -42.03
C ASN A 86 -41.15 26.97 -42.86
N MET A 87 -40.02 27.11 -42.16
CA MET A 87 -38.73 27.18 -42.84
C MET A 87 -38.37 25.86 -43.49
N ASP A 88 -38.57 24.74 -42.78
CA ASP A 88 -37.95 23.50 -43.21
C ASP A 88 -38.66 22.30 -42.62
N GLU A 89 -38.24 21.11 -43.06
CA GLU A 89 -38.74 19.82 -42.64
C GLU A 89 -37.78 18.73 -43.12
N TYR A 90 -37.63 17.68 -42.32
CA TYR A 90 -36.79 16.55 -42.67
C TYR A 90 -37.37 15.78 -43.86
N VAL A 91 -36.47 15.12 -44.60
CA VAL A 91 -36.84 14.27 -45.74
C VAL A 91 -36.84 12.82 -45.29
N ALA A 92 -37.79 12.04 -45.83
CA ALA A 92 -37.87 10.60 -45.58
C ALA A 92 -38.04 10.29 -44.10
N LEU A 93 -38.80 11.14 -43.42
CA LEU A 93 -39.23 10.93 -42.06
C LEU A 93 -40.75 11.04 -42.03
N PRO A 94 -41.46 10.04 -41.53
CA PRO A 94 -42.93 10.14 -41.47
C PRO A 94 -43.33 11.41 -40.75
N GLU A 95 -44.25 12.15 -41.34
CA GLU A 95 -44.56 13.45 -40.76
C GLU A 95 -45.31 13.34 -39.44
N GLU A 96 -45.76 12.14 -39.08
CA GLU A 96 -46.33 11.88 -37.76
C GLU A 96 -45.29 11.39 -36.76
N HIS A 97 -44.01 11.39 -37.14
CA HIS A 97 -42.96 11.03 -36.21
C HIS A 97 -42.82 12.12 -35.14
N PRO A 98 -42.62 11.75 -33.88
CA PRO A 98 -42.47 12.77 -32.82
C PRO A 98 -41.44 13.84 -33.13
N GLU A 99 -40.36 13.51 -33.82
CA GLU A 99 -39.25 14.43 -34.04
C GLU A 99 -39.32 15.18 -35.35
N SER A 100 -40.41 15.02 -36.10
CA SER A 100 -40.60 15.80 -37.31
C SER A 100 -41.02 17.23 -36.96
N TYR A 101 -40.75 18.14 -37.89
CA TYR A 101 -41.11 19.54 -37.66
C TYR A 101 -42.59 19.79 -37.84
N HIS A 102 -43.28 18.94 -38.60
CA HIS A 102 -44.73 18.88 -38.54
C HIS A 102 -45.18 18.71 -37.09
N SER A 103 -44.66 17.67 -36.42
CA SER A 103 -45.04 17.40 -35.04
C SER A 103 -44.71 18.57 -34.12
N PHE A 104 -43.51 19.14 -34.26
CA PHE A 104 -43.13 20.26 -33.40
C PHE A 104 -44.12 21.40 -33.51
N MET A 105 -44.50 21.75 -34.74
CA MET A 105 -45.35 22.92 -34.94
C MET A 105 -46.76 22.68 -34.43
N TYR A 106 -47.34 21.52 -34.74
CA TYR A 106 -48.69 21.22 -34.28
C TYR A 106 -48.74 21.04 -32.76
N ASN A 107 -47.77 20.30 -32.19
CA ASN A 107 -47.81 20.03 -30.75
C ASN A 107 -47.58 21.30 -29.94
N ASN A 108 -46.68 22.17 -30.39
CA ASN A 108 -46.30 23.34 -29.62
C ASN A 108 -47.07 24.60 -29.97
N PHE A 109 -47.84 24.60 -31.06
CA PHE A 109 -48.49 25.83 -31.51
C PHE A 109 -49.88 25.60 -32.09
N PHE A 110 -49.93 24.96 -33.27
CA PHE A 110 -51.17 24.93 -34.05
C PHE A 110 -52.31 24.24 -33.32
N ASN A 111 -52.01 23.24 -32.49
CA ASN A 111 -53.09 22.55 -31.77
C ASN A 111 -53.68 23.40 -30.65
N HIS A 112 -53.15 24.59 -30.40
CA HIS A 112 -53.59 25.41 -29.29
C HIS A 112 -54.13 26.76 -29.72
N ILE A 113 -54.31 26.99 -31.03
CA ILE A 113 -54.81 28.26 -31.54
C ILE A 113 -55.93 27.98 -32.54
N ASP A 114 -56.56 29.05 -33.01
CA ASP A 114 -57.74 28.97 -33.86
C ASP A 114 -57.42 29.15 -35.34
N ILE A 115 -56.22 28.75 -35.76
CA ILE A 115 -55.86 28.83 -37.16
C ILE A 115 -56.66 27.82 -37.97
N LEU A 116 -56.97 28.18 -39.21
CA LEU A 116 -57.70 27.25 -40.06
C LEU A 116 -56.74 26.17 -40.58
N PRO A 117 -57.15 24.90 -40.53
CA PRO A 117 -56.21 23.83 -40.89
C PRO A 117 -55.67 23.92 -42.31
N GLU A 118 -56.42 24.52 -43.23
CA GLU A 118 -55.98 24.66 -44.60
C GLU A 118 -55.04 25.85 -44.80
N ASN A 119 -54.77 26.62 -43.74
CA ASN A 119 -53.86 27.76 -43.80
C ASN A 119 -52.50 27.44 -43.21
N ILE A 120 -52.25 26.18 -42.86
CA ILE A 120 -50.96 25.74 -42.33
C ILE A 120 -50.15 25.16 -43.48
N ASN A 121 -49.00 25.74 -43.75
CA ASN A 121 -48.10 25.27 -44.81
C ASN A 121 -46.77 24.84 -44.21
N ILE A 122 -46.40 23.58 -44.46
CA ILE A 122 -45.14 23.01 -44.02
C ILE A 122 -44.64 22.11 -45.15
N LEU A 123 -43.36 22.24 -45.51
CA LEU A 123 -42.79 21.40 -46.56
C LEU A 123 -43.03 19.93 -46.28
N ASN A 124 -43.35 19.19 -47.34
CA ASN A 124 -43.59 17.75 -47.25
C ASN A 124 -42.36 17.01 -47.75
N GLY A 125 -41.66 16.34 -46.84
CA GLY A 125 -40.45 15.63 -47.19
C GLY A 125 -40.70 14.19 -47.60
N ASN A 126 -41.95 13.86 -47.90
CA ASN A 126 -42.33 12.50 -48.27
C ASN A 126 -42.94 12.43 -49.66
N THR A 127 -42.85 13.50 -50.45
CA THR A 127 -43.26 13.48 -51.83
C THR A 127 -42.36 12.53 -52.64
N ASP A 128 -42.83 12.17 -53.83
CA ASP A 128 -41.99 11.44 -54.78
C ASP A 128 -41.03 12.34 -55.55
N ASP A 129 -41.17 13.66 -55.44
CA ASP A 129 -40.39 14.59 -56.27
C ASP A 129 -40.11 15.82 -55.41
N HIS A 130 -38.91 15.87 -54.84
CA HIS A 130 -38.58 16.94 -53.89
C HIS A 130 -38.46 18.28 -54.59
N ASN A 131 -37.98 18.30 -55.83
CA ASN A 131 -37.92 19.56 -56.57
C ASN A 131 -39.31 20.09 -56.88
N ALA A 132 -40.22 19.20 -57.29
CA ALA A 132 -41.61 19.60 -57.51
C ALA A 132 -42.23 20.15 -56.24
N GLU A 133 -41.97 19.50 -55.10
CA GLU A 133 -42.52 19.96 -53.83
C GLU A 133 -42.01 21.35 -53.47
N CYS A 134 -40.70 21.57 -53.62
CA CYS A 134 -40.12 22.87 -53.31
C CYS A 134 -40.68 23.97 -54.21
N HIS A 135 -40.84 23.68 -55.49
CA HIS A 135 -41.45 24.65 -56.40
C HIS A 135 -42.90 24.93 -56.02
N ARG A 136 -43.65 23.88 -55.66
CA ARG A 136 -45.01 24.05 -55.19
C ARG A 136 -45.06 24.95 -53.96
N TYR A 137 -44.06 24.83 -53.09
CA TYR A 137 -44.00 25.67 -51.90
C TYR A 137 -43.75 27.13 -52.26
N GLU A 138 -42.76 27.38 -53.12
CA GLU A 138 -42.49 28.74 -53.60
C GLU A 138 -43.72 29.32 -54.29
N GLU A 139 -44.41 28.51 -55.08
CA GLU A 139 -45.60 28.98 -55.79
C GLU A 139 -46.70 29.37 -54.81
N LYS A 140 -46.91 28.56 -53.77
CA LYS A 140 -47.93 28.85 -52.76
C LYS A 140 -47.67 30.21 -52.11
N ILE A 141 -46.41 30.52 -51.82
CA ILE A 141 -46.08 31.83 -51.27
C ILE A 141 -46.44 32.92 -52.26
N LYS A 142 -46.06 32.72 -53.53
CA LYS A 142 -46.37 33.69 -54.58
C LYS A 142 -47.88 33.91 -54.72
N SER A 143 -48.67 32.85 -54.54
CA SER A 143 -50.12 32.97 -54.69
C SER A 143 -50.72 33.89 -53.64
N TYR A 144 -50.08 34.02 -52.47
CA TYR A 144 -50.52 34.94 -51.44
C TYR A 144 -49.90 36.33 -51.57
N GLY A 145 -48.87 36.48 -52.39
CA GLY A 145 -48.21 37.75 -52.54
C GLY A 145 -46.83 37.76 -51.92
N LYS A 146 -46.78 37.92 -50.59
CA LYS A 146 -45.51 37.93 -49.89
C LYS A 146 -45.75 37.63 -48.42
N ILE A 147 -44.73 37.06 -47.77
CA ILE A 147 -44.77 36.87 -46.34
C ILE A 147 -44.59 38.21 -45.64
N HIS A 148 -45.53 38.55 -44.76
CA HIS A 148 -45.52 39.87 -44.14
C HIS A 148 -44.50 39.95 -43.00
N LEU A 149 -44.34 38.87 -42.23
CA LEU A 149 -43.38 38.84 -41.14
C LEU A 149 -42.80 37.43 -41.07
N PHE A 150 -41.48 37.32 -41.21
CA PHE A 150 -40.79 36.05 -41.10
C PHE A 150 -39.96 36.03 -39.82
N MET A 151 -40.39 35.21 -38.86
CA MET A 151 -39.61 34.97 -37.66
C MET A 151 -38.63 33.83 -37.92
N GLY A 152 -37.44 33.94 -37.33
CA GLY A 152 -36.43 32.90 -37.49
C GLY A 152 -35.40 32.96 -36.39
N GLY A 153 -34.56 31.93 -36.36
CA GLY A 153 -33.40 31.89 -35.49
C GLY A 153 -32.12 31.99 -36.30
N VAL A 154 -31.00 31.84 -35.60
CA VAL A 154 -29.69 31.98 -36.21
C VAL A 154 -28.75 30.95 -35.59
N GLY A 155 -27.93 30.32 -36.43
CA GLY A 155 -26.95 29.38 -35.95
C GLY A 155 -25.75 30.07 -35.34
N VAL A 156 -24.91 29.28 -34.68
CA VAL A 156 -23.70 29.84 -34.07
C VAL A 156 -22.77 30.40 -35.15
N ASP A 157 -22.89 29.94 -36.38
CA ASP A 157 -22.11 30.45 -37.50
C ASP A 157 -22.91 31.40 -38.37
N GLY A 158 -24.07 31.86 -37.91
CA GLY A 158 -24.87 32.82 -38.63
C GLY A 158 -25.71 32.26 -39.76
N HIS A 159 -25.80 30.94 -39.91
CA HIS A 159 -26.58 30.36 -40.98
C HIS A 159 -28.07 30.42 -40.65
N ILE A 160 -28.90 30.43 -41.70
CA ILE A 160 -30.35 30.55 -41.58
C ILE A 160 -31.00 29.26 -42.09
N ALA A 161 -31.87 28.68 -41.27
CA ALA A 161 -32.59 27.43 -41.58
C ALA A 161 -31.54 26.36 -41.90
N PHE A 162 -31.77 25.50 -42.89
CA PHE A 162 -30.80 24.50 -43.30
C PHE A 162 -29.91 25.00 -44.44
N ASN A 163 -29.86 26.31 -44.66
CA ASN A 163 -28.94 26.86 -45.64
C ASN A 163 -27.52 26.73 -45.12
N GLU A 164 -26.59 26.49 -46.04
CA GLU A 164 -25.19 26.40 -45.67
C GLU A 164 -24.65 27.78 -45.32
N PRO A 165 -23.65 27.86 -44.44
CA PRO A 165 -23.15 29.18 -44.00
C PRO A 165 -22.66 30.06 -45.13
N ALA A 166 -22.36 29.51 -46.30
CA ALA A 166 -21.92 30.29 -47.46
C ALA A 166 -22.94 30.26 -48.59
N SER A 167 -24.22 30.22 -48.25
CA SER A 167 -25.27 30.12 -49.26
C SER A 167 -25.41 31.41 -50.06
N SER A 168 -25.78 31.25 -51.34
CA SER A 168 -26.13 32.38 -52.17
C SER A 168 -27.27 33.17 -51.54
N LEU A 169 -27.17 34.50 -51.59
CA LEU A 169 -28.25 35.33 -51.06
C LEU A 169 -29.50 35.29 -51.92
N SER A 170 -29.47 34.55 -53.03
CA SER A 170 -30.64 34.36 -53.88
C SER A 170 -31.03 32.88 -53.98
N SER A 171 -30.55 32.06 -53.05
CA SER A 171 -30.95 30.66 -53.01
C SER A 171 -32.46 30.55 -52.77
N ARG A 172 -33.04 29.49 -53.30
CA ARG A 172 -34.47 29.27 -53.25
C ARG A 172 -34.78 28.02 -52.42
N THR A 173 -36.07 27.74 -52.26
CA THR A 173 -36.47 26.52 -51.56
C THR A 173 -36.00 25.29 -52.31
N ARG A 174 -35.29 24.41 -51.61
CA ARG A 174 -34.63 23.29 -52.27
C ARG A 174 -34.32 22.20 -51.25
N ILE A 175 -33.88 21.06 -51.75
CA ILE A 175 -33.40 19.97 -50.91
C ILE A 175 -31.93 20.23 -50.56
N LYS A 176 -31.57 19.94 -49.32
CA LYS A 176 -30.24 20.23 -48.79
C LYS A 176 -29.70 19.00 -48.08
N THR A 177 -28.42 18.72 -48.29
CA THR A 177 -27.74 17.66 -47.55
C THR A 177 -27.23 18.25 -46.24
N LEU A 178 -27.67 17.67 -45.13
CA LEU A 178 -27.30 18.22 -43.83
C LEU A 178 -25.80 18.10 -43.61
N THR A 179 -25.21 19.17 -43.08
CA THR A 179 -23.78 19.19 -42.81
C THR A 179 -23.43 18.30 -41.63
N GLN A 180 -22.15 17.91 -41.56
CA GLN A 180 -21.67 17.14 -40.42
C GLN A 180 -21.99 17.83 -39.11
N ASP A 181 -21.84 19.16 -39.06
CA ASP A 181 -22.15 19.89 -37.83
C ASP A 181 -23.65 19.87 -37.55
N THR A 182 -24.48 20.02 -38.58
CA THR A 182 -25.93 19.96 -38.39
C THR A 182 -26.37 18.58 -37.93
N LEU A 183 -25.76 17.53 -38.47
CA LEU A 183 -26.07 16.18 -38.02
C LEU A 183 -25.78 16.01 -36.53
N ILE A 184 -24.63 16.52 -36.07
CA ILE A 184 -24.25 16.39 -34.67
C ILE A 184 -25.19 17.20 -33.79
N ALA A 185 -25.45 18.46 -34.16
CA ALA A 185 -26.33 19.32 -33.40
C ALA A 185 -27.69 18.67 -33.14
N ASN A 186 -28.28 18.09 -34.19
CA ASN A 186 -29.61 17.50 -34.09
C ASN A 186 -29.62 16.07 -33.56
N SER A 187 -28.43 15.49 -33.29
CA SER A 187 -28.37 14.12 -32.80
C SER A 187 -29.14 13.93 -31.50
N ARG A 188 -29.23 14.96 -30.67
CA ARG A 188 -29.90 14.82 -29.38
C ARG A 188 -31.37 14.46 -29.54
N PHE A 189 -31.96 14.74 -30.69
CA PHE A 189 -33.33 14.36 -30.98
C PHE A 189 -33.46 12.95 -31.54
N PHE A 190 -32.34 12.30 -31.85
CA PHE A 190 -32.33 10.96 -32.43
C PHE A 190 -31.35 10.05 -31.68
N ASN A 191 -31.45 10.07 -30.34
CA ASN A 191 -30.69 9.17 -29.47
C ASN A 191 -29.19 9.43 -29.53
N ASN A 192 -28.81 10.69 -29.72
CA ASN A 192 -27.41 11.11 -29.82
C ASN A 192 -26.64 10.21 -30.80
N ASP A 193 -27.30 9.87 -31.90
CA ASP A 193 -26.75 8.98 -32.92
C ASP A 193 -26.74 9.74 -34.25
N VAL A 194 -25.54 10.14 -34.68
CA VAL A 194 -25.40 10.90 -35.92
C VAL A 194 -26.00 10.14 -37.10
N THR A 195 -25.87 8.80 -37.09
CA THR A 195 -26.38 7.99 -38.18
C THR A 195 -27.91 7.94 -38.22
N GLN A 196 -28.59 8.35 -37.16
CA GLN A 196 -30.04 8.26 -37.08
C GLN A 196 -30.74 9.56 -37.51
N VAL A 197 -29.99 10.65 -37.65
CA VAL A 197 -30.57 11.91 -38.12
C VAL A 197 -30.79 11.82 -39.62
N PRO A 198 -31.95 12.23 -40.13
CA PRO A 198 -32.18 12.22 -41.58
C PRO A 198 -31.07 12.96 -42.34
N LYS A 199 -30.65 12.38 -43.46
CA LYS A 199 -29.51 12.95 -44.19
C LYS A 199 -29.89 14.23 -44.92
N TYR A 200 -31.15 14.37 -45.32
CA TYR A 200 -31.58 15.48 -46.14
C TYR A 200 -32.75 16.21 -45.50
N ALA A 201 -33.00 17.43 -45.98
CA ALA A 201 -34.12 18.23 -45.52
C ALA A 201 -34.54 19.17 -46.63
N LEU A 202 -35.80 19.58 -46.58
CA LEU A 202 -36.34 20.62 -47.46
C LEU A 202 -36.33 21.93 -46.70
N THR A 203 -35.73 22.96 -47.30
CA THR A 203 -35.56 24.23 -46.62
C THR A 203 -35.83 25.38 -47.57
N ILE A 204 -36.36 26.48 -47.02
CA ILE A 204 -36.46 27.72 -47.78
C ILE A 204 -35.06 28.27 -48.02
N GLY A 205 -34.90 29.03 -49.10
CA GLY A 205 -33.63 29.64 -49.40
C GLY A 205 -33.48 31.00 -48.74
N VAL A 206 -32.26 31.53 -48.79
CA VAL A 206 -32.02 32.86 -48.25
C VAL A 206 -32.81 33.90 -49.02
N GLY A 207 -32.92 33.73 -50.35
CA GLY A 207 -33.77 34.59 -51.14
C GLY A 207 -35.22 34.55 -50.68
N THR A 208 -35.73 33.35 -50.36
CA THR A 208 -37.09 33.24 -49.84
C THR A 208 -37.27 34.08 -48.59
N LEU A 209 -36.30 34.05 -47.68
CA LEU A 209 -36.37 34.85 -46.47
C LEU A 209 -36.35 36.33 -46.80
N LEU A 210 -35.41 36.76 -47.65
CA LEU A 210 -35.25 38.17 -47.97
C LEU A 210 -36.46 38.73 -48.71
N ASP A 211 -37.26 37.88 -49.34
CA ASP A 211 -38.46 38.31 -50.04
C ASP A 211 -39.59 38.69 -49.09
N ALA A 212 -39.43 38.43 -47.79
CA ALA A 212 -40.44 38.80 -46.82
C ALA A 212 -40.42 40.31 -46.58
N GLU A 213 -41.57 40.83 -46.14
CA GLU A 213 -41.67 42.27 -45.86
C GLU A 213 -40.94 42.64 -44.58
N GLU A 214 -40.82 41.72 -43.64
CA GLU A 214 -40.13 41.98 -42.38
C GLU A 214 -39.54 40.68 -41.86
N VAL A 215 -38.29 40.74 -41.38
CA VAL A 215 -37.59 39.57 -40.86
C VAL A 215 -37.19 39.84 -39.43
N MET A 216 -37.71 39.02 -38.51
CA MET A 216 -37.40 39.10 -37.09
C MET A 216 -36.57 37.88 -36.71
N ILE A 217 -35.32 38.11 -36.33
CA ILE A 217 -34.41 37.04 -35.91
C ILE A 217 -34.27 37.09 -34.40
N LEU A 218 -34.38 35.92 -33.77
CA LEU A 218 -34.29 35.79 -32.32
C LEU A 218 -33.00 35.07 -31.99
N ALA A 219 -32.22 35.62 -31.05
CA ALA A 219 -30.90 35.07 -30.73
C ALA A 219 -30.75 35.08 -29.22
N THR A 220 -30.92 33.92 -28.60
CA THR A 220 -30.72 33.75 -27.17
C THR A 220 -29.62 32.74 -26.91
N GLY A 221 -28.77 33.04 -25.93
CA GLY A 221 -27.72 32.12 -25.53
C GLY A 221 -26.33 32.70 -25.71
N HIS A 222 -25.38 32.30 -24.86
CA HIS A 222 -24.02 32.78 -25.02
C HIS A 222 -23.39 32.28 -26.32
N GLN A 223 -23.86 31.14 -26.83
CA GLN A 223 -23.31 30.58 -28.05
C GLN A 223 -23.71 31.37 -29.29
N LYS A 224 -24.63 32.31 -29.16
CA LYS A 224 -25.07 33.15 -30.27
C LYS A 224 -24.46 34.55 -30.22
N ALA A 225 -23.57 34.81 -29.25
CA ALA A 225 -23.02 36.14 -29.10
C ALA A 225 -22.16 36.54 -30.30
N LEU A 226 -21.41 35.58 -30.86
CA LEU A 226 -20.55 35.88 -32.00
C LEU A 226 -21.39 36.18 -33.24
N ALA A 227 -22.50 35.48 -33.42
CA ALA A 227 -23.38 35.77 -34.56
C ALA A 227 -24.03 37.13 -34.41
N VAL A 228 -24.35 37.55 -33.18
CA VAL A 228 -24.94 38.86 -32.98
C VAL A 228 -23.93 39.95 -33.31
N GLN A 229 -22.66 39.76 -32.91
CA GLN A 229 -21.63 40.70 -33.27
C GLN A 229 -21.47 40.80 -34.78
N ALA A 230 -21.53 39.66 -35.48
CA ALA A 230 -21.42 39.67 -36.93
C ALA A 230 -22.58 40.40 -37.58
N ALA A 231 -23.78 40.31 -36.98
CA ALA A 231 -24.96 40.93 -37.57
C ALA A 231 -25.03 42.42 -37.27
N VAL A 232 -24.61 42.84 -36.08
CA VAL A 232 -24.78 44.22 -35.63
C VAL A 232 -23.53 45.05 -35.89
N GLU A 233 -22.37 44.54 -35.51
CA GLU A 233 -21.12 45.30 -35.55
C GLU A 233 -20.34 45.09 -36.84
N GLY A 234 -20.38 43.89 -37.40
CA GLY A 234 -19.59 43.60 -38.58
C GLY A 234 -20.19 44.14 -39.85
N SER A 235 -19.34 44.24 -40.87
CA SER A 235 -19.80 44.50 -42.23
C SER A 235 -20.46 43.24 -42.81
N ILE A 236 -21.11 43.41 -43.96
CA ILE A 236 -21.73 42.27 -44.63
C ILE A 236 -20.65 41.28 -45.03
N ASN A 237 -20.76 40.05 -44.52
CA ASN A 237 -19.84 38.97 -44.87
C ASN A 237 -20.61 37.80 -45.45
N HIS A 238 -20.17 37.31 -46.62
CA HIS A 238 -20.86 36.21 -47.27
C HIS A 238 -20.66 34.87 -46.57
N LEU A 239 -19.81 34.82 -45.54
CA LEU A 239 -19.68 33.64 -44.69
C LEU A 239 -20.54 33.71 -43.44
N TRP A 240 -21.19 34.85 -43.19
CA TRP A 240 -22.14 35.02 -42.08
C TRP A 240 -23.48 35.41 -42.70
N THR A 241 -24.32 34.41 -42.97
CA THR A 241 -25.60 34.66 -43.65
C THR A 241 -26.44 35.71 -42.93
N VAL A 242 -26.38 35.73 -41.59
CA VAL A 242 -27.21 36.68 -40.84
C VAL A 242 -26.80 38.12 -41.14
N SER A 243 -25.54 38.35 -41.45
CA SER A 243 -25.10 39.72 -41.75
C SER A 243 -25.72 40.27 -43.03
N ALA A 244 -26.16 39.41 -43.95
CA ALA A 244 -26.80 39.89 -45.15
C ALA A 244 -28.13 40.57 -44.88
N LEU A 245 -28.75 40.27 -43.74
CA LEU A 245 -29.99 40.92 -43.34
C LEU A 245 -29.80 42.40 -43.05
N GLN A 246 -28.55 42.88 -43.00
CA GLN A 246 -28.33 44.31 -42.85
C GLN A 246 -28.90 45.08 -44.04
N MET A 247 -28.99 44.45 -45.20
CA MET A 247 -29.52 45.10 -46.40
C MET A 247 -31.02 44.95 -46.54
N HIS A 248 -31.69 44.36 -45.55
CA HIS A 248 -33.14 44.18 -45.64
C HIS A 248 -33.85 45.45 -45.18
N ARG A 249 -35.02 45.68 -45.79
CA ARG A 249 -35.75 46.92 -45.55
C ARG A 249 -36.25 47.03 -44.11
N HIS A 250 -36.62 45.91 -43.49
CA HIS A 250 -37.07 45.88 -42.08
C HIS A 250 -36.52 44.62 -41.41
N PHE A 251 -35.29 44.70 -40.90
CA PHE A 251 -34.64 43.61 -40.20
C PHE A 251 -34.61 43.92 -38.71
N VAL A 252 -35.22 43.04 -37.91
CA VAL A 252 -35.27 43.16 -36.45
C VAL A 252 -34.49 42.00 -35.85
N LEU A 253 -33.62 42.31 -34.89
CA LEU A 253 -32.87 41.30 -34.16
C LEU A 253 -33.09 41.49 -32.67
N VAL A 254 -33.66 40.48 -32.01
CA VAL A 254 -33.93 40.50 -30.58
C VAL A 254 -33.02 39.49 -29.91
N CYS A 255 -32.40 39.89 -28.81
CA CYS A 255 -31.42 39.04 -28.14
C CYS A 255 -31.43 39.30 -26.63
N ASP A 256 -30.87 38.34 -25.89
CA ASP A 256 -30.77 38.44 -24.44
C ASP A 256 -29.36 38.90 -24.05
N GLU A 257 -29.11 38.94 -22.73
CA GLU A 257 -27.85 39.46 -22.23
C GLU A 257 -26.68 38.56 -22.63
N ALA A 258 -26.87 37.24 -22.58
CA ALA A 258 -25.80 36.32 -22.94
C ALA A 258 -25.35 36.51 -24.39
N ALA A 259 -26.26 36.96 -25.26
CA ALA A 259 -25.94 37.14 -26.67
C ALA A 259 -25.35 38.52 -26.96
N GLN A 260 -25.27 39.39 -25.96
CA GLN A 260 -24.64 40.69 -26.10
C GLN A 260 -23.15 40.67 -25.73
N GLN A 261 -22.66 39.56 -25.18
CA GLN A 261 -21.38 39.56 -24.48
C GLN A 261 -20.20 39.89 -25.39
N GLU A 262 -20.35 39.74 -26.70
CA GLU A 262 -19.27 40.04 -27.61
C GLU A 262 -19.35 41.43 -28.21
N LEU A 263 -20.44 42.16 -27.97
CA LEU A 263 -20.57 43.51 -28.46
C LEU A 263 -19.74 44.49 -27.63
N LYS A 264 -19.43 45.63 -28.23
CA LYS A 264 -18.80 46.71 -27.51
C LYS A 264 -19.84 47.45 -26.69
N VAL A 265 -19.40 48.01 -25.56
CA VAL A 265 -20.32 48.73 -24.66
C VAL A 265 -21.07 49.82 -25.41
N LYS A 266 -20.36 50.54 -26.29
CA LYS A 266 -20.99 51.65 -27.01
C LYS A 266 -22.08 51.16 -27.95
N THR A 267 -21.93 49.95 -28.50
CA THR A 267 -22.95 49.41 -29.39
C THR A 267 -24.25 49.15 -28.66
N VAL A 268 -24.18 48.48 -27.51
CA VAL A 268 -25.38 48.21 -26.72
C VAL A 268 -26.00 49.51 -26.25
N LYS A 269 -25.17 50.44 -25.77
CA LYS A 269 -25.66 51.74 -25.30
C LYS A 269 -26.43 52.46 -26.40
N TYR A 270 -25.86 52.52 -27.61
CA TYR A 270 -26.52 53.21 -28.70
C TYR A 270 -27.93 52.70 -28.94
N PHE A 271 -28.08 51.38 -29.08
CA PHE A 271 -29.37 50.80 -29.42
C PHE A 271 -30.31 50.73 -28.21
N THR A 272 -29.76 50.58 -27.00
CA THR A 272 -30.59 50.59 -25.80
C THR A 272 -31.32 51.92 -25.65
N GLU A 273 -30.63 53.02 -25.92
CA GLU A 273 -31.23 54.34 -25.77
C GLU A 273 -32.17 54.66 -26.93
N LEU A 274 -31.82 54.21 -28.14
CA LEU A 274 -32.69 54.38 -29.30
C LEU A 274 -34.09 53.82 -29.05
N GLU A 275 -34.16 52.66 -28.38
CA GLU A 275 -35.43 52.01 -28.09
C GLU A 275 -35.95 52.44 -26.72
N GLY A 276 -36.18 53.74 -26.59
CA GLY A 276 -36.72 54.31 -25.37
C GLY A 276 -36.36 55.77 -25.19
N PHE B 16 -14.25 55.55 -59.22
CA PHE B 16 -13.67 55.12 -57.96
C PHE B 16 -13.55 56.26 -56.96
N MET B 17 -13.49 55.90 -55.68
CA MET B 17 -13.28 56.88 -54.61
C MET B 17 -12.03 57.69 -54.85
N ARG B 18 -12.15 59.00 -54.74
CA ARG B 18 -11.01 59.91 -54.78
C ARG B 18 -10.65 60.30 -53.36
N PHE B 19 -9.44 59.98 -52.93
CA PHE B 19 -8.93 60.37 -51.63
C PHE B 19 -7.81 61.37 -51.84
N ILE B 20 -7.97 62.56 -51.29
CA ILE B 20 -6.97 63.62 -51.41
C ILE B 20 -6.36 63.84 -50.05
N PRO B 21 -5.22 63.21 -49.74
CA PRO B 21 -4.53 63.48 -48.48
C PRO B 21 -3.66 64.72 -48.62
N LEU B 22 -3.92 65.71 -47.78
CA LEU B 22 -3.15 66.95 -47.73
C LEU B 22 -2.62 67.14 -46.31
N GLN B 23 -1.83 68.20 -46.12
CA GLN B 23 -1.18 68.44 -44.84
C GLN B 23 -1.93 69.40 -43.94
N THR B 24 -2.29 70.59 -44.42
CA THR B 24 -2.84 71.63 -43.57
C THR B 24 -4.33 71.81 -43.85
N GLU B 25 -5.05 72.34 -42.87
CA GLU B 25 -6.47 72.59 -43.04
C GLU B 25 -6.74 73.64 -44.12
N GLN B 26 -5.84 74.61 -44.26
CA GLN B 26 -5.99 75.59 -45.35
C GLN B 26 -5.90 74.91 -46.70
N GLN B 27 -4.94 73.98 -46.86
CA GLN B 27 -4.81 73.26 -48.11
C GLN B 27 -6.09 72.48 -48.42
N VAL B 28 -6.72 71.93 -47.39
CA VAL B 28 -7.99 71.23 -47.59
C VAL B 28 -9.06 72.21 -48.07
N SER B 29 -9.13 73.37 -47.42
CA SER B 29 -10.13 74.38 -47.81
C SER B 29 -9.83 74.95 -49.18
N CYS B 30 -8.55 75.21 -49.47
CA CYS B 30 -8.19 75.73 -50.79
C CYS B 30 -8.49 74.71 -51.88
N TRP B 31 -8.15 73.44 -51.64
CA TRP B 31 -8.47 72.38 -52.59
C TRP B 31 -9.98 72.30 -52.82
N ALA B 32 -10.75 72.26 -51.74
CA ALA B 32 -12.21 72.15 -51.86
C ALA B 32 -12.79 73.31 -52.65
N ALA B 33 -12.40 74.54 -52.30
CA ALA B 33 -12.87 75.71 -53.04
C ALA B 33 -12.52 75.59 -54.52
N GLN B 34 -11.26 75.26 -54.82
CA GLN B 34 -10.84 75.10 -56.21
C GLN B 34 -11.69 74.07 -56.94
N HIS B 35 -12.01 72.95 -56.27
CA HIS B 35 -12.84 71.92 -56.90
C HIS B 35 -14.23 72.46 -57.22
N ILE B 36 -14.84 73.19 -56.28
CA ILE B 36 -16.15 73.78 -56.52
C ILE B 36 -16.09 74.75 -57.68
N ILE B 37 -15.04 75.59 -57.72
CA ILE B 37 -14.86 76.53 -58.82
C ILE B 37 -14.84 75.79 -60.14
N ASN B 38 -14.01 74.75 -60.24
CA ASN B 38 -13.79 74.07 -61.51
C ASN B 38 -15.06 73.41 -62.02
N ARG B 39 -15.82 72.78 -61.11
CA ARG B 39 -17.08 72.16 -61.51
C ARG B 39 -18.06 73.20 -62.06
N ILE B 40 -18.22 74.31 -61.34
CA ILE B 40 -19.12 75.37 -61.78
C ILE B 40 -18.67 75.93 -63.13
N ASN B 41 -17.38 76.22 -63.26
CA ASN B 41 -16.89 76.84 -64.49
C ASN B 41 -16.93 75.86 -65.66
N ASP B 42 -16.70 74.57 -65.41
CA ASP B 42 -16.89 73.58 -66.46
C ASP B 42 -18.36 73.44 -66.84
N PHE B 43 -19.24 73.46 -65.84
CA PHE B 43 -20.67 73.26 -66.09
C PHE B 43 -21.25 74.39 -66.95
N LYS B 44 -20.71 75.60 -66.82
CA LYS B 44 -21.18 76.79 -67.52
C LYS B 44 -22.68 76.99 -67.25
N PRO B 45 -23.07 77.36 -66.04
CA PRO B 45 -24.49 77.42 -65.71
C PRO B 45 -25.17 78.63 -66.32
N THR B 46 -26.44 78.44 -66.67
CA THR B 46 -27.32 79.49 -67.14
C THR B 46 -28.54 79.60 -66.23
N ALA B 47 -29.38 80.59 -66.50
CA ALA B 47 -30.61 80.73 -65.72
C ALA B 47 -31.52 79.53 -65.88
N GLU B 48 -31.62 78.99 -67.10
CA GLU B 48 -32.48 77.83 -67.34
C GLU B 48 -31.84 76.53 -66.87
N ARG B 49 -30.51 76.46 -66.84
CA ARG B 49 -29.79 75.25 -66.45
C ARG B 49 -28.78 75.61 -65.38
N PRO B 50 -29.24 75.79 -64.14
CA PRO B 50 -28.33 76.20 -63.07
C PRO B 50 -27.53 75.03 -62.51
N PHE B 51 -26.41 75.38 -61.89
CA PHE B 51 -25.61 74.42 -61.12
C PHE B 51 -26.16 74.36 -59.69
N VAL B 52 -26.38 73.14 -59.20
CA VAL B 52 -27.01 72.93 -57.89
C VAL B 52 -25.94 72.43 -56.93
N LEU B 53 -25.75 73.16 -55.84
CA LEU B 53 -24.66 72.94 -54.88
C LEU B 53 -25.23 72.62 -53.51
N GLY B 54 -24.77 71.52 -52.92
CA GLY B 54 -25.13 71.19 -51.55
C GLY B 54 -24.08 71.69 -50.57
N LEU B 55 -24.54 72.27 -49.46
CA LEU B 55 -23.63 72.99 -48.59
C LEU B 55 -23.80 72.58 -47.12
N PRO B 56 -22.69 72.52 -46.36
CA PRO B 56 -22.78 72.23 -44.93
C PRO B 56 -22.43 73.40 -44.03
N THR B 57 -22.44 73.16 -42.72
CA THR B 57 -22.05 74.13 -41.71
C THR B 57 -20.84 73.58 -40.96
N GLY B 58 -20.06 74.46 -40.31
CA GLY B 58 -19.01 74.03 -39.42
C GLY B 58 -17.70 74.75 -39.68
N GLY B 59 -16.69 74.34 -38.90
CA GLY B 59 -15.42 75.05 -38.91
C GLY B 59 -14.66 74.89 -40.21
N THR B 60 -14.46 73.65 -40.65
CA THR B 60 -13.76 73.42 -41.92
C THR B 60 -14.51 74.00 -43.10
N PRO B 61 -15.85 73.87 -43.23
CA PRO B 61 -16.55 74.63 -44.27
C PRO B 61 -16.27 76.12 -44.24
N LEU B 62 -16.18 76.70 -43.03
CA LEU B 62 -15.99 78.14 -42.89
C LEU B 62 -14.76 78.63 -43.66
N LYS B 63 -13.64 77.93 -43.49
CA LYS B 63 -12.43 78.30 -44.23
C LYS B 63 -12.65 78.18 -45.73
N THR B 64 -13.41 77.16 -46.16
CA THR B 64 -13.70 77.00 -47.59
C THR B 64 -14.57 78.13 -48.11
N TYR B 65 -15.60 78.52 -47.36
CA TYR B 65 -16.44 79.64 -47.78
C TYR B 65 -15.62 80.92 -47.88
N GLN B 66 -14.70 81.12 -46.93
CA GLN B 66 -13.80 82.28 -47.00
C GLN B 66 -12.96 82.24 -48.27
N GLU B 67 -12.42 81.06 -48.63
CA GLU B 67 -11.65 80.95 -49.85
C GLU B 67 -12.52 81.19 -51.08
N LEU B 68 -13.76 80.72 -51.05
CA LEU B 68 -14.67 80.94 -52.16
C LEU B 68 -15.00 82.42 -52.32
N ILE B 69 -15.15 83.14 -51.20
CA ILE B 69 -15.38 84.58 -51.26
C ILE B 69 -14.19 85.29 -51.88
N ARG B 70 -12.98 84.90 -51.49
CA ARG B 70 -11.77 85.49 -52.07
C ARG B 70 -11.70 85.22 -53.57
N LEU B 71 -12.04 84.00 -53.98
CA LEU B 71 -12.01 83.67 -55.41
C LEU B 71 -13.05 84.45 -56.18
N TYR B 72 -14.21 84.69 -55.55
CA TYR B 72 -15.25 85.51 -56.18
C TYR B 72 -14.82 86.97 -56.27
N GLN B 73 -14.17 87.49 -55.23
CA GLN B 73 -13.68 88.87 -55.26
C GLN B 73 -12.67 89.06 -56.39
N ALA B 74 -11.90 88.02 -56.72
CA ALA B 74 -11.11 88.05 -57.95
C ALA B 74 -12.11 87.86 -59.09
N GLY B 75 -11.72 87.18 -60.16
CA GLY B 75 -12.67 87.02 -61.25
C GLY B 75 -12.77 85.56 -61.64
N LYS B 76 -12.56 84.69 -60.66
CA LYS B 76 -12.49 83.26 -60.91
C LYS B 76 -13.83 82.53 -60.85
N VAL B 77 -14.92 83.17 -60.41
CA VAL B 77 -16.19 82.47 -60.32
C VAL B 77 -17.35 83.43 -60.16
N SER B 78 -18.53 83.05 -60.65
CA SER B 78 -19.78 83.75 -60.36
C SER B 78 -20.82 82.76 -59.86
N PHE B 79 -21.60 83.18 -58.87
CA PHE B 79 -22.68 82.36 -58.33
C PHE B 79 -24.07 82.83 -58.80
N LYS B 80 -24.12 83.69 -59.82
CA LYS B 80 -25.40 84.21 -60.34
C LYS B 80 -26.30 83.13 -60.92
N HIS B 81 -25.86 81.88 -60.94
CA HIS B 81 -26.63 80.80 -61.54
C HIS B 81 -26.32 79.51 -60.81
N VAL B 82 -26.00 79.61 -59.53
CA VAL B 82 -25.79 78.48 -58.64
C VAL B 82 -26.96 78.44 -57.68
N VAL B 83 -27.54 77.26 -57.49
CA VAL B 83 -28.63 77.04 -56.56
C VAL B 83 -28.08 76.17 -55.44
N THR B 84 -28.33 76.58 -54.19
CA THR B 84 -27.79 75.86 -53.05
C THR B 84 -28.90 75.20 -52.24
N PHE B 85 -28.58 74.03 -51.70
CA PHE B 85 -29.42 73.33 -50.72
C PHE B 85 -28.54 73.01 -49.53
N ASN B 86 -28.99 73.38 -48.34
CA ASN B 86 -28.23 73.14 -47.13
C ASN B 86 -28.68 71.85 -46.46
N MET B 87 -27.78 71.27 -45.67
CA MET B 87 -28.03 69.96 -45.08
C MET B 87 -29.15 70.01 -44.03
N ASP B 88 -29.13 71.02 -43.17
CA ASP B 88 -29.94 70.96 -41.97
C ASP B 88 -30.16 72.35 -41.39
N GLU B 89 -31.00 72.40 -40.35
CA GLU B 89 -31.34 73.61 -39.61
C GLU B 89 -32.03 73.18 -38.31
N TYR B 90 -31.80 73.97 -37.26
CA TYR B 90 -32.44 73.71 -35.98
C TYR B 90 -33.95 73.95 -36.05
N VAL B 91 -34.67 73.23 -35.20
CA VAL B 91 -36.12 73.37 -35.06
C VAL B 91 -36.42 74.24 -33.86
N ALA B 92 -37.45 75.08 -33.98
CA ALA B 92 -37.93 75.94 -32.89
C ALA B 92 -36.83 76.90 -32.42
N LEU B 93 -36.03 77.38 -33.36
CA LEU B 93 -35.06 78.42 -33.11
C LEU B 93 -35.31 79.52 -34.13
N PRO B 94 -35.51 80.77 -33.72
CA PRO B 94 -35.72 81.85 -34.68
C PRO B 94 -34.60 81.91 -35.69
N GLU B 95 -34.98 81.99 -36.98
CA GLU B 95 -33.96 81.90 -38.03
C GLU B 95 -33.05 83.12 -38.10
N GLU B 96 -33.38 84.19 -37.37
CA GLU B 96 -32.47 85.32 -37.21
C GLU B 96 -31.59 85.22 -35.98
N HIS B 97 -31.64 84.09 -35.27
CA HIS B 97 -30.77 83.89 -34.11
C HIS B 97 -29.32 83.72 -34.57
N PRO B 98 -28.36 84.33 -33.86
CA PRO B 98 -26.94 84.21 -34.28
C PRO B 98 -26.47 82.79 -34.54
N GLU B 99 -26.96 81.81 -33.79
CA GLU B 99 -26.47 80.44 -33.86
C GLU B 99 -27.33 79.55 -34.76
N SER B 100 -28.31 80.12 -35.45
CA SER B 100 -29.07 79.32 -36.40
C SER B 100 -28.23 79.09 -37.65
N TYR B 101 -28.56 78.02 -38.38
CA TYR B 101 -27.80 77.69 -39.58
C TYR B 101 -28.16 78.60 -40.76
N HIS B 102 -29.36 79.17 -40.75
CA HIS B 102 -29.66 80.30 -41.62
C HIS B 102 -28.64 81.41 -41.44
N SER B 103 -28.46 81.85 -40.19
CA SER B 103 -27.52 82.93 -39.89
C SER B 103 -26.10 82.57 -40.30
N PHE B 104 -25.67 81.34 -40.01
CA PHE B 104 -24.31 80.93 -40.37
C PHE B 104 -24.07 81.09 -41.86
N MET B 105 -25.02 80.65 -42.68
CA MET B 105 -24.83 80.67 -44.13
C MET B 105 -24.82 82.08 -44.68
N TYR B 106 -25.79 82.90 -44.25
CA TYR B 106 -25.86 84.26 -44.77
C TYR B 106 -24.68 85.11 -44.29
N ASN B 107 -24.33 85.00 -43.01
CA ASN B 107 -23.29 85.86 -42.47
C ASN B 107 -21.91 85.49 -43.02
N ASN B 108 -21.64 84.19 -43.16
CA ASN B 108 -20.32 83.73 -43.56
C ASN B 108 -20.18 83.50 -45.06
N PHE B 109 -21.27 83.54 -45.83
CA PHE B 109 -21.17 83.18 -47.24
C PHE B 109 -22.06 84.01 -48.15
N PHE B 110 -23.39 83.81 -48.06
CA PHE B 110 -24.30 84.34 -49.06
C PHE B 110 -24.27 85.87 -49.14
N ASN B 111 -24.04 86.55 -48.01
CA ASN B 111 -24.01 88.01 -48.02
C ASN B 111 -22.75 88.57 -48.68
N HIS B 112 -21.82 87.73 -49.11
CA HIS B 112 -20.56 88.19 -49.66
C HIS B 112 -20.34 87.74 -51.10
N ILE B 113 -21.36 87.13 -51.73
CA ILE B 113 -21.27 86.62 -53.08
C ILE B 113 -22.48 87.10 -53.86
N ASP B 114 -22.48 86.80 -55.17
CA ASP B 114 -23.49 87.31 -56.09
C ASP B 114 -24.60 86.30 -56.37
N ILE B 115 -24.89 85.42 -55.40
CA ILE B 115 -25.99 84.48 -55.57
C ILE B 115 -27.32 85.23 -55.54
N LEU B 116 -28.29 84.72 -56.29
CA LEU B 116 -29.61 85.33 -56.26
C LEU B 116 -30.34 84.88 -55.00
N PRO B 117 -31.01 85.79 -54.28
CA PRO B 117 -31.63 85.40 -53.01
C PRO B 117 -32.68 84.30 -53.14
N GLU B 118 -33.34 84.19 -54.29
CA GLU B 118 -34.37 83.16 -54.47
C GLU B 118 -33.77 81.80 -54.82
N ASN B 119 -32.46 81.70 -54.93
CA ASN B 119 -31.78 80.43 -55.22
C ASN B 119 -31.14 79.82 -53.98
N ILE B 120 -31.36 80.40 -52.81
CA ILE B 120 -30.85 79.87 -51.55
C ILE B 120 -31.95 79.05 -50.90
N ASN B 121 -31.69 77.77 -50.67
CA ASN B 121 -32.64 76.88 -50.01
C ASN B 121 -32.04 76.39 -48.70
N ILE B 122 -32.75 76.65 -47.61
CA ILE B 122 -32.39 76.19 -46.27
C ILE B 122 -33.67 75.77 -45.57
N LEU B 123 -33.67 74.58 -44.98
CA LEU B 123 -34.84 74.09 -44.26
C LEU B 123 -35.33 75.11 -43.24
N ASN B 124 -36.64 75.25 -43.15
CA ASN B 124 -37.27 76.17 -42.21
C ASN B 124 -37.78 75.36 -41.02
N GLY B 125 -37.17 75.57 -39.86
CA GLY B 125 -37.51 74.82 -38.67
C GLY B 125 -38.58 75.44 -37.80
N ASN B 126 -39.32 76.40 -38.35
CA ASN B 126 -40.37 77.10 -37.61
C ASN B 126 -41.73 76.96 -38.28
N THR B 127 -41.86 76.03 -39.22
CA THR B 127 -43.12 75.74 -39.87
C THR B 127 -44.15 75.20 -38.87
N ASP B 128 -45.41 75.18 -39.31
CA ASP B 128 -46.49 74.54 -38.56
C ASP B 128 -46.52 73.03 -38.75
N ASP B 129 -45.75 72.50 -39.72
CA ASP B 129 -45.81 71.08 -40.06
C ASP B 129 -44.41 70.69 -40.54
N HIS B 130 -43.64 70.06 -39.65
CA HIS B 130 -42.26 69.74 -39.99
C HIS B 130 -42.18 68.67 -41.07
N ASN B 131 -43.10 67.72 -41.08
CA ASN B 131 -43.12 66.71 -42.14
C ASN B 131 -43.42 67.33 -43.49
N ALA B 132 -44.42 68.21 -43.55
CA ALA B 132 -44.71 68.92 -44.80
C ALA B 132 -43.51 69.71 -45.27
N GLU B 133 -42.81 70.39 -44.36
CA GLU B 133 -41.64 71.17 -44.74
C GLU B 133 -40.54 70.27 -45.30
N CYS B 134 -40.30 69.13 -44.67
CA CYS B 134 -39.29 68.20 -45.16
C CYS B 134 -39.64 67.66 -46.54
N HIS B 135 -40.91 67.33 -46.75
CA HIS B 135 -41.35 66.87 -48.06
C HIS B 135 -41.23 67.99 -49.10
N ARG B 136 -41.56 69.22 -48.70
CA ARG B 136 -41.37 70.36 -49.60
C ARG B 136 -39.92 70.51 -50.02
N TYR B 137 -38.99 70.24 -49.11
CA TYR B 137 -37.57 70.34 -49.42
C TYR B 137 -37.16 69.28 -50.45
N GLU B 138 -37.56 68.03 -50.20
CA GLU B 138 -37.28 66.96 -51.16
C GLU B 138 -37.87 67.28 -52.53
N GLU B 139 -39.08 67.86 -52.55
CA GLU B 139 -39.72 68.23 -53.82
C GLU B 139 -38.94 69.33 -54.53
N LYS B 140 -38.49 70.35 -53.78
CA LYS B 140 -37.73 71.44 -54.37
C LYS B 140 -36.47 70.92 -55.08
N ILE B 141 -35.78 69.95 -54.47
CA ILE B 141 -34.60 69.37 -55.10
C ILE B 141 -34.97 68.67 -56.40
N LYS B 142 -36.03 67.86 -56.37
CA LYS B 142 -36.48 67.15 -57.57
C LYS B 142 -36.86 68.11 -58.68
N SER B 143 -37.42 69.28 -58.33
CA SER B 143 -37.84 70.24 -59.35
C SER B 143 -36.65 70.77 -60.16
N TYR B 144 -35.45 70.77 -59.58
CA TYR B 144 -34.26 71.18 -60.29
C TYR B 144 -33.57 70.02 -61.01
N GLY B 145 -33.94 68.78 -60.71
CA GLY B 145 -33.31 67.62 -61.31
C GLY B 145 -32.47 66.85 -60.31
N LYS B 146 -31.26 67.33 -60.03
CA LYS B 146 -30.41 66.69 -59.05
C LYS B 146 -29.34 67.68 -58.58
N ILE B 147 -28.87 67.47 -57.35
CA ILE B 147 -27.74 68.23 -56.83
C ILE B 147 -26.47 67.75 -57.51
N HIS B 148 -25.72 68.70 -58.10
CA HIS B 148 -24.54 68.33 -58.87
C HIS B 148 -23.34 68.04 -57.98
N LEU B 149 -23.17 68.82 -56.91
CA LEU B 149 -22.04 68.65 -56.00
C LEU B 149 -22.52 68.96 -54.58
N PHE B 150 -22.39 67.99 -53.69
CA PHE B 150 -22.75 68.15 -52.28
C PHE B 150 -21.48 68.13 -51.46
N MET B 151 -21.12 69.27 -50.87
CA MET B 151 -20.02 69.33 -49.92
C MET B 151 -20.55 69.04 -48.52
N GLY B 152 -19.75 68.34 -47.72
CA GLY B 152 -20.16 68.01 -46.37
C GLY B 152 -18.99 67.67 -45.49
N GLY B 153 -19.28 67.51 -44.20
CA GLY B 153 -18.33 67.01 -43.25
C GLY B 153 -18.71 65.64 -42.74
N VAL B 154 -17.94 65.17 -41.76
CA VAL B 154 -18.14 63.84 -41.17
C VAL B 154 -17.87 63.91 -39.68
N GLY B 155 -18.71 63.24 -38.90
CA GLY B 155 -18.52 63.20 -37.47
C GLY B 155 -17.43 62.24 -37.06
N VAL B 156 -17.02 62.35 -35.79
CA VAL B 156 -16.00 61.46 -35.25
C VAL B 156 -16.45 60.00 -35.29
N ASP B 157 -17.76 59.77 -35.35
CA ASP B 157 -18.34 58.45 -35.48
C ASP B 157 -18.81 58.15 -36.90
N GLY B 158 -18.41 58.97 -37.87
CA GLY B 158 -18.73 58.76 -39.26
C GLY B 158 -20.12 59.18 -39.70
N HIS B 159 -20.89 59.83 -38.83
CA HIS B 159 -22.24 60.23 -39.19
C HIS B 159 -22.21 61.47 -40.09
N ILE B 160 -23.27 61.61 -40.89
CA ILE B 160 -23.41 62.70 -41.85
C ILE B 160 -24.60 63.56 -41.45
N ALA B 161 -24.37 64.86 -41.38
CA ALA B 161 -25.39 65.86 -40.99
C ALA B 161 -25.93 65.47 -39.62
N PHE B 162 -27.23 65.64 -39.37
CA PHE B 162 -27.83 65.24 -38.11
C PHE B 162 -28.41 63.82 -38.15
N ASN B 163 -28.04 63.03 -39.14
CA ASN B 163 -28.47 61.65 -39.19
C ASN B 163 -27.81 60.83 -38.09
N GLU B 164 -28.54 59.83 -37.61
CA GLU B 164 -28.02 58.96 -36.57
C GLU B 164 -26.94 58.04 -37.12
N PRO B 165 -25.99 57.62 -36.29
CA PRO B 165 -24.87 56.81 -36.77
C PRO B 165 -25.27 55.51 -37.45
N ALA B 166 -26.47 55.01 -37.21
CA ALA B 166 -26.94 53.78 -37.86
C ALA B 166 -28.12 54.04 -38.77
N SER B 167 -28.12 55.22 -39.41
CA SER B 167 -29.26 55.63 -40.24
C SER B 167 -29.36 54.78 -41.50
N SER B 168 -30.60 54.58 -41.94
CA SER B 168 -30.86 53.90 -43.21
C SER B 168 -30.16 54.61 -44.35
N LEU B 169 -29.56 53.82 -45.25
CA LEU B 169 -28.90 54.38 -46.42
C LEU B 169 -29.88 54.93 -47.44
N SER B 170 -31.19 54.79 -47.19
CA SER B 170 -32.22 55.38 -48.04
C SER B 170 -33.08 56.38 -47.27
N SER B 171 -32.60 56.84 -46.11
CA SER B 171 -33.33 57.84 -45.35
C SER B 171 -33.50 59.12 -46.14
N ARG B 172 -34.59 59.83 -45.87
CA ARG B 172 -34.95 61.04 -46.59
C ARG B 172 -34.92 62.21 -45.61
N THR B 173 -35.21 63.40 -46.13
CA THR B 173 -35.26 64.58 -45.26
C THR B 173 -36.39 64.41 -44.25
N ARG B 174 -36.05 64.58 -42.98
CA ARG B 174 -37.00 64.32 -41.90
C ARG B 174 -36.56 65.05 -40.65
N ILE B 175 -37.46 65.08 -39.66
CA ILE B 175 -37.12 65.66 -38.36
C ILE B 175 -36.38 64.62 -37.54
N LYS B 176 -35.38 65.08 -36.80
CA LYS B 176 -34.48 64.22 -36.04
C LYS B 176 -34.35 64.77 -34.63
N THR B 177 -34.37 63.88 -33.64
CA THR B 177 -34.09 64.26 -32.27
C THR B 177 -32.59 64.20 -32.02
N LEU B 178 -32.01 65.33 -31.62
CA LEU B 178 -30.57 65.39 -31.43
C LEU B 178 -30.12 64.45 -30.31
N THR B 179 -29.02 63.74 -30.55
CA THR B 179 -28.48 62.83 -29.56
C THR B 179 -27.84 63.60 -28.41
N GLN B 180 -27.70 62.91 -27.26
CA GLN B 180 -27.03 63.50 -26.11
C GLN B 180 -25.63 64.01 -26.46
N ASP B 181 -24.89 63.25 -27.28
CA ASP B 181 -23.56 63.69 -27.70
C ASP B 181 -23.65 64.93 -28.60
N THR B 182 -24.61 64.94 -29.52
CA THR B 182 -24.79 66.11 -30.37
C THR B 182 -25.20 67.33 -29.55
N LEU B 183 -26.03 67.13 -28.53
CA LEU B 183 -26.38 68.22 -27.62
C LEU B 183 -25.15 68.77 -26.92
N ILE B 184 -24.29 67.89 -26.42
CA ILE B 184 -23.09 68.31 -25.69
C ILE B 184 -22.12 69.01 -26.64
N ALA B 185 -21.85 68.39 -27.79
CA ALA B 185 -20.94 68.98 -28.77
C ALA B 185 -21.32 70.41 -29.12
N ASN B 186 -22.60 70.65 -29.39
CA ASN B 186 -23.07 71.97 -29.79
C ASN B 186 -23.34 72.90 -28.61
N SER B 187 -23.17 72.43 -27.38
CA SER B 187 -23.42 73.27 -26.22
C SER B 187 -22.56 74.53 -26.23
N ARG B 188 -21.35 74.45 -26.78
CA ARG B 188 -20.44 75.59 -26.77
C ARG B 188 -20.99 76.78 -27.54
N PHE B 189 -21.94 76.57 -28.45
CA PHE B 189 -22.57 77.66 -29.17
C PHE B 189 -23.73 78.27 -28.39
N PHE B 190 -24.15 77.67 -27.29
CA PHE B 190 -25.27 78.12 -26.48
C PHE B 190 -24.87 78.22 -25.01
N ASN B 191 -23.70 78.83 -24.77
CA ASN B 191 -23.20 79.12 -23.42
C ASN B 191 -22.92 77.85 -22.61
N ASN B 192 -22.42 76.82 -23.28
CA ASN B 192 -22.11 75.54 -22.65
C ASN B 192 -23.27 75.03 -21.80
N ASP B 193 -24.49 75.19 -22.32
CA ASP B 193 -25.71 74.79 -21.61
C ASP B 193 -26.44 73.76 -22.47
N VAL B 194 -26.38 72.50 -22.07
CA VAL B 194 -27.04 71.44 -22.82
C VAL B 194 -28.54 71.70 -22.91
N THR B 195 -29.14 72.28 -21.87
CA THR B 195 -30.57 72.54 -21.87
C THR B 195 -30.96 73.65 -22.84
N GLN B 196 -30.01 74.45 -23.30
CA GLN B 196 -30.29 75.55 -24.21
C GLN B 196 -30.16 75.17 -25.68
N VAL B 197 -29.59 74.01 -25.97
CA VAL B 197 -29.47 73.56 -27.36
C VAL B 197 -30.84 73.07 -27.82
N PRO B 198 -31.29 73.49 -29.01
CA PRO B 198 -32.57 72.98 -29.54
C PRO B 198 -32.59 71.46 -29.56
N LYS B 199 -33.72 70.89 -29.13
CA LYS B 199 -33.81 69.44 -29.01
C LYS B 199 -33.91 68.76 -30.37
N TYR B 200 -34.48 69.44 -31.37
CA TYR B 200 -34.76 68.82 -32.66
C TYR B 200 -34.15 69.64 -33.79
N ALA B 201 -34.03 69.00 -34.95
CA ALA B 201 -33.54 69.64 -36.15
C ALA B 201 -34.11 68.93 -37.38
N LEU B 202 -34.18 69.66 -38.48
CA LEU B 202 -34.54 69.11 -39.78
C LEU B 202 -33.26 68.84 -40.56
N THR B 203 -33.12 67.62 -41.08
CA THR B 203 -31.90 67.20 -41.75
C THR B 203 -32.23 66.43 -43.01
N ILE B 204 -31.39 66.56 -44.03
CA ILE B 204 -31.48 65.70 -45.19
C ILE B 204 -31.04 64.28 -44.80
N GLY B 205 -31.56 63.30 -45.53
CA GLY B 205 -31.22 61.92 -45.26
C GLY B 205 -30.00 61.45 -46.02
N VAL B 206 -29.54 60.25 -45.67
CA VAL B 206 -28.40 59.65 -46.36
C VAL B 206 -28.75 59.39 -47.82
N GLY B 207 -29.99 58.96 -48.07
CA GLY B 207 -30.45 58.84 -49.45
C GLY B 207 -30.41 60.16 -50.20
N THR B 208 -30.83 61.24 -49.53
CA THR B 208 -30.76 62.57 -50.13
C THR B 208 -29.33 62.91 -50.53
N LEU B 209 -28.37 62.61 -49.65
CA LEU B 209 -26.96 62.86 -49.96
C LEU B 209 -26.51 61.99 -51.14
N LEU B 210 -26.81 60.70 -51.09
CA LEU B 210 -26.35 59.77 -52.11
C LEU B 210 -26.94 60.07 -53.48
N ASP B 211 -28.07 60.78 -53.54
CA ASP B 211 -28.71 61.12 -54.81
C ASP B 211 -27.98 62.22 -55.56
N ALA B 212 -26.96 62.84 -54.95
CA ALA B 212 -26.18 63.86 -55.64
C ALA B 212 -25.26 63.23 -56.67
N GLU B 213 -24.88 64.04 -57.67
CA GLU B 213 -23.99 63.55 -58.70
C GLU B 213 -22.56 63.39 -58.19
N GLU B 214 -22.17 64.17 -57.17
CA GLU B 214 -20.84 64.09 -56.58
C GLU B 214 -20.93 64.52 -55.13
N VAL B 215 -20.25 63.79 -54.25
CA VAL B 215 -20.23 64.08 -52.83
C VAL B 215 -18.79 64.29 -52.41
N MET B 216 -18.49 65.49 -51.91
CA MET B 216 -17.16 65.84 -51.41
C MET B 216 -17.25 66.01 -49.90
N ILE B 217 -16.55 65.14 -49.16
CA ILE B 217 -16.51 65.19 -47.71
C ILE B 217 -15.16 65.73 -47.27
N LEU B 218 -15.19 66.67 -46.32
CA LEU B 218 -13.99 67.36 -45.82
C LEU B 218 -13.75 66.92 -44.38
N ALA B 219 -12.52 66.50 -44.08
CA ALA B 219 -12.21 65.93 -42.78
C ALA B 219 -10.86 66.45 -42.29
N THR B 220 -10.88 67.39 -41.34
CA THR B 220 -9.67 67.89 -40.71
C THR B 220 -9.71 67.59 -39.22
N GLY B 221 -8.57 67.18 -38.67
CA GLY B 221 -8.48 66.97 -37.24
C GLY B 221 -8.16 65.54 -36.84
N HIS B 222 -7.46 65.35 -35.72
CA HIS B 222 -7.19 64.00 -35.26
C HIS B 222 -8.46 63.27 -34.87
N GLN B 223 -9.51 63.99 -34.50
CA GLN B 223 -10.77 63.38 -34.09
C GLN B 223 -11.54 62.78 -35.25
N LYS B 224 -11.13 63.07 -36.49
CA LYS B 224 -11.74 62.48 -37.67
C LYS B 224 -10.88 61.39 -38.29
N ALA B 225 -9.75 61.04 -37.66
CA ALA B 225 -8.87 60.05 -38.24
C ALA B 225 -9.53 58.67 -38.29
N LEU B 226 -10.29 58.32 -37.25
CA LEU B 226 -10.98 57.03 -37.25
C LEU B 226 -12.06 57.00 -38.31
N ALA B 227 -12.74 58.13 -38.53
CA ALA B 227 -13.72 58.20 -39.61
C ALA B 227 -13.03 58.10 -40.97
N VAL B 228 -11.83 58.67 -41.10
CA VAL B 228 -11.10 58.58 -42.36
C VAL B 228 -10.64 57.15 -42.62
N GLN B 229 -10.18 56.46 -41.58
CA GLN B 229 -9.78 55.06 -41.74
C GLN B 229 -10.96 54.20 -42.17
N ALA B 230 -12.14 54.43 -41.57
CA ALA B 230 -13.31 53.66 -41.96
C ALA B 230 -13.73 53.93 -43.39
N ALA B 231 -13.52 55.16 -43.87
CA ALA B 231 -13.96 55.54 -45.20
C ALA B 231 -13.01 55.01 -46.27
N VAL B 232 -11.71 54.98 -46.00
CA VAL B 232 -10.72 54.64 -47.01
C VAL B 232 -10.31 53.17 -46.93
N GLU B 233 -9.97 52.69 -45.73
CA GLU B 233 -9.42 51.36 -45.57
C GLU B 233 -10.46 50.30 -45.24
N GLY B 234 -11.49 50.67 -44.48
CA GLY B 234 -12.46 49.69 -44.03
C GLY B 234 -13.47 49.31 -45.11
N SER B 235 -14.13 48.18 -44.89
CA SER B 235 -15.29 47.82 -45.68
C SER B 235 -16.49 48.68 -45.29
N ILE B 236 -17.54 48.62 -46.12
CA ILE B 236 -18.76 49.37 -45.81
C ILE B 236 -19.36 48.80 -44.53
N ASN B 237 -19.49 49.64 -43.51
CA ASN B 237 -20.08 49.25 -42.24
C ASN B 237 -21.27 50.15 -41.97
N HIS B 238 -22.42 49.55 -41.63
CA HIS B 238 -23.63 50.33 -41.45
C HIS B 238 -23.62 51.16 -40.18
N LEU B 239 -22.59 51.05 -39.35
CA LEU B 239 -22.42 51.93 -38.20
C LEU B 239 -21.52 53.13 -38.50
N TRP B 240 -20.90 53.16 -39.68
CA TRP B 240 -20.08 54.28 -40.15
C TRP B 240 -20.72 54.79 -41.43
N THR B 241 -21.60 55.79 -41.30
CA THR B 241 -22.34 56.29 -42.45
C THR B 241 -21.42 56.74 -43.58
N VAL B 242 -20.28 57.33 -43.23
CA VAL B 242 -19.38 57.86 -44.26
C VAL B 242 -18.85 56.72 -45.14
N SER B 243 -18.72 55.52 -44.58
CA SER B 243 -18.25 54.37 -45.37
C SER B 243 -19.22 53.99 -46.47
N ALA B 244 -20.51 54.35 -46.33
CA ALA B 244 -21.47 54.05 -47.38
C ALA B 244 -21.20 54.84 -48.65
N LEU B 245 -20.49 55.95 -48.57
CA LEU B 245 -20.12 56.71 -49.76
C LEU B 245 -19.16 55.94 -50.65
N GLN B 246 -18.63 54.81 -50.21
CA GLN B 246 -17.82 53.98 -51.08
C GLN B 246 -18.61 53.49 -52.28
N MET B 247 -19.94 53.37 -52.15
CA MET B 247 -20.77 52.90 -53.25
C MET B 247 -21.25 54.03 -54.15
N HIS B 248 -20.80 55.26 -53.91
CA HIS B 248 -21.19 56.38 -54.75
C HIS B 248 -20.30 56.47 -55.97
N ARG B 249 -20.86 56.91 -57.09
CA ARG B 249 -20.12 56.94 -58.33
C ARG B 249 -18.98 57.95 -58.29
N HIS B 250 -19.14 59.06 -57.55
CA HIS B 250 -18.09 60.08 -57.43
C HIS B 250 -18.02 60.56 -55.98
N PHE B 251 -17.27 59.83 -55.15
CA PHE B 251 -17.05 60.16 -53.76
C PHE B 251 -15.64 60.72 -53.60
N VAL B 252 -15.54 61.95 -53.12
CA VAL B 252 -14.26 62.62 -52.87
C VAL B 252 -14.12 62.84 -51.37
N LEU B 253 -12.95 62.49 -50.83
CA LEU B 253 -12.62 62.73 -49.43
C LEU B 253 -11.30 63.48 -49.36
N VAL B 254 -11.34 64.69 -48.79
CA VAL B 254 -10.17 65.53 -48.61
C VAL B 254 -9.89 65.63 -47.12
N CYS B 255 -8.62 65.47 -46.74
CA CYS B 255 -8.28 65.46 -45.33
C CYS B 255 -6.89 66.05 -45.12
N ASP B 256 -6.62 66.44 -43.88
CA ASP B 256 -5.34 67.01 -43.48
C ASP B 256 -4.48 65.93 -42.84
N GLU B 257 -3.28 66.32 -42.39
CA GLU B 257 -2.34 65.33 -41.87
C GLU B 257 -2.83 64.70 -40.58
N ALA B 258 -3.46 65.50 -39.71
CA ALA B 258 -3.95 64.96 -38.44
C ALA B 258 -4.96 63.85 -38.64
N ALA B 259 -5.73 63.89 -39.73
CA ALA B 259 -6.75 62.90 -40.02
C ALA B 259 -6.21 61.69 -40.75
N GLN B 260 -4.93 61.70 -41.12
CA GLN B 260 -4.28 60.57 -41.77
C GLN B 260 -3.66 59.61 -40.77
N GLN B 261 -3.64 59.98 -39.48
CA GLN B 261 -2.77 59.32 -38.51
C GLN B 261 -3.11 57.84 -38.27
N GLU B 262 -4.32 57.42 -38.59
CA GLU B 262 -4.71 56.03 -38.38
C GLU B 262 -4.58 55.17 -39.63
N LEU B 263 -4.25 55.77 -40.77
CA LEU B 263 -4.06 55.02 -42.00
C LEU B 263 -2.72 54.28 -41.98
N LYS B 264 -2.62 53.27 -42.83
CA LYS B 264 -1.34 52.61 -43.05
C LYS B 264 -0.50 53.45 -44.01
N VAL B 265 0.82 53.36 -43.85
CA VAL B 265 1.75 54.13 -44.69
C VAL B 265 1.49 53.85 -46.16
N LYS B 266 1.18 52.59 -46.50
CA LYS B 266 0.94 52.23 -47.89
C LYS B 266 -0.31 52.90 -48.44
N THR B 267 -1.30 53.14 -47.58
CA THR B 267 -2.54 53.78 -48.03
C THR B 267 -2.28 55.22 -48.47
N VAL B 268 -1.59 55.99 -47.64
CA VAL B 268 -1.28 57.38 -48.00
C VAL B 268 -0.38 57.41 -49.23
N LYS B 269 0.61 56.51 -49.28
CA LYS B 269 1.51 56.46 -50.42
C LYS B 269 0.74 56.24 -51.73
N TYR B 270 -0.17 55.27 -51.73
CA TYR B 270 -0.94 54.96 -52.93
C TYR B 270 -1.68 56.18 -53.46
N PHE B 271 -2.44 56.85 -52.61
CA PHE B 271 -3.30 57.95 -53.06
C PHE B 271 -2.53 59.25 -53.30
N THR B 272 -1.45 59.50 -52.57
CA THR B 272 -0.63 60.67 -52.85
C THR B 272 -0.04 60.60 -54.25
N GLU B 273 0.44 59.42 -54.66
CA GLU B 273 1.06 59.27 -55.98
C GLU B 273 0.04 59.22 -57.09
N LEU B 274 -1.13 58.60 -56.86
CA LEU B 274 -2.20 58.60 -57.86
C LEU B 274 -2.56 60.04 -58.24
N GLU B 275 -2.56 60.94 -57.28
CA GLU B 275 -2.94 62.34 -57.50
C GLU B 275 -1.70 63.17 -57.85
N GLY B 276 -1.07 62.79 -58.96
CA GLY B 276 0.09 63.51 -59.46
C GLY B 276 0.02 63.79 -60.95
N PHE C 16 -22.95 30.77 -55.09
CA PHE C 16 -22.44 32.11 -55.38
C PHE C 16 -20.91 32.03 -55.54
N MET C 17 -20.16 31.96 -54.44
CA MET C 17 -18.72 31.78 -54.53
C MET C 17 -18.31 30.35 -54.25
N ARG C 18 -17.53 29.77 -55.16
CA ARG C 18 -16.88 28.47 -54.98
C ARG C 18 -15.40 28.66 -54.67
N PHE C 19 -14.94 28.13 -53.54
CA PHE C 19 -13.52 28.13 -53.18
C PHE C 19 -13.02 26.69 -53.21
N ILE C 20 -12.03 26.42 -54.06
CA ILE C 20 -11.48 25.07 -54.19
C ILE C 20 -10.05 25.08 -53.64
N PRO C 21 -9.85 24.73 -52.37
CA PRO C 21 -8.48 24.63 -51.82
C PRO C 21 -7.85 23.27 -52.13
N LEU C 22 -6.70 23.31 -52.78
CA LEU C 22 -5.93 22.11 -53.10
C LEU C 22 -4.51 22.26 -52.53
N GLN C 23 -3.70 21.21 -52.71
CA GLN C 23 -2.36 21.17 -52.13
C GLN C 23 -1.28 21.66 -53.10
N THR C 24 -1.21 21.08 -54.29
CA THR C 24 -0.10 21.33 -55.20
C THR C 24 -0.54 22.16 -56.39
N GLU C 25 0.44 22.82 -57.01
CA GLU C 25 0.15 23.60 -58.21
C GLU C 25 -0.34 22.71 -59.35
N GLN C 26 0.14 21.46 -59.39
CA GLN C 26 -0.34 20.52 -60.40
C GLN C 26 -1.83 20.28 -60.24
N GLN C 27 -2.28 20.04 -59.01
CA GLN C 27 -3.70 19.85 -58.77
C GLN C 27 -4.51 21.08 -59.15
N VAL C 28 -3.94 22.27 -58.92
CA VAL C 28 -4.64 23.51 -59.27
C VAL C 28 -4.84 23.59 -60.78
N SER C 29 -3.78 23.29 -61.53
CA SER C 29 -3.87 23.34 -62.98
C SER C 29 -4.78 22.24 -63.51
N CYS C 30 -4.73 21.05 -62.90
CA CYS C 30 -5.60 19.96 -63.32
C CYS C 30 -7.06 20.30 -63.09
N TRP C 31 -7.38 20.85 -61.91
CA TRP C 31 -8.75 21.26 -61.63
C TRP C 31 -9.22 22.32 -62.63
N ALA C 32 -8.41 23.36 -62.84
CA ALA C 32 -8.79 24.42 -63.76
C ALA C 32 -9.02 23.89 -65.17
N ALA C 33 -8.08 23.09 -65.67
CA ALA C 33 -8.22 22.53 -67.01
C ALA C 33 -9.51 21.71 -67.13
N GLN C 34 -9.75 20.81 -66.17
CA GLN C 34 -10.97 20.00 -66.19
C GLN C 34 -12.22 20.87 -66.21
N HIS C 35 -12.25 21.93 -65.41
CA HIS C 35 -13.42 22.81 -65.38
C HIS C 35 -13.65 23.46 -66.74
N ILE C 36 -12.58 23.95 -67.37
CA ILE C 36 -12.70 24.52 -68.71
C ILE C 36 -13.21 23.47 -69.68
N ILE C 37 -12.66 22.26 -69.59
CA ILE C 37 -13.13 21.15 -70.43
C ILE C 37 -14.62 20.94 -70.25
N ASN C 38 -15.07 20.86 -69.00
CA ASN C 38 -16.46 20.51 -68.72
C ASN C 38 -17.42 21.58 -69.23
N ARG C 39 -17.05 22.86 -69.07
CA ARG C 39 -17.90 23.94 -69.57
C ARG C 39 -18.05 23.87 -71.08
N ILE C 40 -16.94 23.69 -71.79
CA ILE C 40 -16.99 23.60 -73.26
C ILE C 40 -17.85 22.42 -73.69
N ASN C 41 -17.62 21.26 -73.08
CA ASN C 41 -18.31 20.05 -73.53
C ASN C 41 -19.80 20.09 -73.20
N ASP C 42 -20.17 20.69 -72.08
CA ASP C 42 -21.59 20.88 -71.78
C ASP C 42 -22.21 21.88 -72.76
N PHE C 43 -21.48 22.94 -73.09
CA PHE C 43 -21.99 23.97 -73.98
C PHE C 43 -22.25 23.42 -75.37
N LYS C 44 -21.47 22.42 -75.80
CA LYS C 44 -21.57 21.82 -77.14
C LYS C 44 -21.46 22.91 -78.20
N PRO C 45 -20.29 23.51 -78.37
CA PRO C 45 -20.19 24.67 -79.27
C PRO C 45 -20.24 24.27 -80.73
N THR C 46 -20.80 25.17 -81.53
CA THR C 46 -20.82 25.06 -82.98
C THR C 46 -20.11 26.27 -83.58
N ALA C 47 -19.94 26.24 -84.90
CA ALA C 47 -19.32 27.38 -85.58
C ALA C 47 -20.17 28.65 -85.41
N GLU C 48 -21.49 28.52 -85.49
CA GLU C 48 -22.37 29.67 -85.35
C GLU C 48 -22.54 30.09 -83.89
N ARG C 49 -22.40 29.16 -82.95
CA ARG C 49 -22.59 29.43 -81.52
C ARG C 49 -21.36 28.94 -80.76
N PRO C 50 -20.26 29.68 -80.82
CA PRO C 50 -19.02 29.23 -80.19
C PRO C 50 -19.00 29.48 -78.69
N PHE C 51 -18.12 28.74 -78.02
CA PHE C 51 -17.78 28.99 -76.62
C PHE C 51 -16.69 30.04 -76.55
N VAL C 52 -16.90 31.06 -75.72
CA VAL C 52 -15.99 32.20 -75.64
C VAL C 52 -15.21 32.09 -74.34
N LEU C 53 -13.88 32.04 -74.45
CA LEU C 53 -13.01 31.78 -73.31
C LEU C 53 -12.07 32.96 -73.10
N GLY C 54 -12.06 33.48 -71.88
CA GLY C 54 -11.11 34.53 -71.51
C GLY C 54 -9.88 33.93 -70.85
N LEU C 55 -8.71 34.43 -71.23
CA LEU C 55 -7.47 33.78 -70.86
C LEU C 55 -6.46 34.77 -70.30
N PRO C 56 -5.66 34.37 -69.30
CA PRO C 56 -4.61 35.23 -68.78
C PRO C 56 -3.21 34.78 -69.16
N THR C 57 -2.20 35.53 -68.69
CA THR C 57 -0.80 35.22 -68.87
C THR C 57 -0.15 34.99 -67.51
N GLY C 58 0.98 34.28 -67.50
CA GLY C 58 1.79 34.17 -66.30
C GLY C 58 2.17 32.74 -65.99
N GLY C 59 2.85 32.58 -64.86
CA GLY C 59 3.38 31.28 -64.48
C GLY C 59 2.27 30.31 -64.11
N THR C 60 1.34 30.76 -63.26
CA THR C 60 0.23 29.91 -62.86
C THR C 60 -0.64 29.46 -64.03
N PRO C 61 -1.02 30.34 -64.98
CA PRO C 61 -1.71 29.85 -66.19
C PRO C 61 -0.96 28.77 -66.96
N LEU C 62 0.37 28.88 -67.01
CA LEU C 62 1.18 27.99 -67.83
C LEU C 62 0.90 26.52 -67.57
N LYS C 63 0.87 26.12 -66.30
CA LYS C 63 0.60 24.72 -65.97
C LYS C 63 -0.79 24.31 -66.45
N THR C 64 -1.76 25.23 -66.37
CA THR C 64 -3.11 24.92 -66.85
C THR C 64 -3.12 24.74 -68.37
N TYR C 65 -2.41 25.61 -69.09
CA TYR C 65 -2.34 25.47 -70.54
C TYR C 65 -1.69 24.14 -70.93
N GLN C 66 -0.63 23.76 -70.22
CA GLN C 66 0.00 22.47 -70.46
C GLN C 66 -1.00 21.35 -70.24
N GLU C 67 -1.79 21.45 -69.17
CA GLU C 67 -2.80 20.43 -68.90
C GLU C 67 -3.90 20.46 -69.95
N LEU C 68 -4.29 21.64 -70.42
CA LEU C 68 -5.32 21.73 -71.46
C LEU C 68 -4.82 21.11 -72.76
N ILE C 69 -3.54 21.29 -73.08
CA ILE C 69 -2.97 20.66 -74.26
C ILE C 69 -3.03 19.15 -74.13
N ARG C 70 -2.67 18.63 -72.95
CA ARG C 70 -2.71 17.19 -72.71
C ARG C 70 -4.13 16.64 -72.84
N LEU C 71 -5.12 17.36 -72.31
CA LEU C 71 -6.50 16.90 -72.41
C LEU C 71 -6.97 16.90 -73.86
N TYR C 72 -6.48 17.84 -74.67
CA TYR C 72 -6.79 17.84 -76.09
C TYR C 72 -6.14 16.66 -76.80
N GLN C 73 -4.88 16.36 -76.46
CA GLN C 73 -4.19 15.22 -77.06
C GLN C 73 -4.91 13.92 -76.75
N ALA C 74 -5.49 13.81 -75.54
CA ALA C 74 -6.34 12.73 -75.07
C ALA C 74 -7.74 12.78 -75.66
N GLY C 75 -7.92 13.52 -76.76
CA GLY C 75 -9.23 13.75 -77.36
C GLY C 75 -10.41 13.94 -76.44
N LYS C 76 -10.17 14.53 -75.27
CA LYS C 76 -11.24 14.82 -74.33
C LYS C 76 -11.92 16.15 -74.59
N VAL C 77 -11.41 16.94 -75.54
CA VAL C 77 -11.97 18.25 -75.85
C VAL C 77 -11.42 18.68 -77.19
N SER C 78 -12.18 19.52 -77.90
CA SER C 78 -11.70 20.17 -79.12
C SER C 78 -11.91 21.67 -79.01
N PHE C 79 -10.96 22.43 -79.53
CA PHE C 79 -11.06 23.89 -79.55
C PHE C 79 -11.44 24.43 -80.91
N LYS C 80 -11.91 23.58 -81.84
CA LYS C 80 -12.30 24.04 -83.18
C LYS C 80 -13.49 25.00 -83.16
N HIS C 81 -14.03 25.30 -81.99
CA HIS C 81 -15.21 26.15 -81.90
C HIS C 81 -15.16 26.93 -80.60
N VAL C 82 -13.95 27.20 -80.12
CA VAL C 82 -13.71 28.05 -78.96
C VAL C 82 -13.07 29.34 -79.47
N VAL C 83 -13.59 30.47 -78.98
CA VAL C 83 -13.05 31.78 -79.31
C VAL C 83 -12.44 32.34 -78.04
N THR C 84 -11.20 32.82 -78.13
CA THR C 84 -10.49 33.29 -76.96
C THR C 84 -10.26 34.80 -77.00
N PHE C 85 -10.32 35.41 -75.82
CA PHE C 85 -9.97 36.81 -75.61
C PHE C 85 -8.94 36.86 -74.49
N ASN C 86 -7.84 37.55 -74.71
CA ASN C 86 -6.80 37.68 -73.69
C ASN C 86 -6.95 38.99 -72.93
N MET C 87 -6.42 38.99 -71.70
CA MET C 87 -6.59 40.14 -70.82
C MET C 87 -5.84 41.36 -71.32
N ASP C 88 -4.60 41.20 -71.78
CA ASP C 88 -3.74 42.35 -71.95
C ASP C 88 -2.60 42.05 -72.92
N GLU C 89 -1.84 43.10 -73.24
CA GLU C 89 -0.67 43.04 -74.10
C GLU C 89 0.10 44.35 -73.96
N TYR C 90 1.42 44.26 -74.08
CA TYR C 90 2.29 45.44 -74.03
C TYR C 90 2.07 46.34 -75.25
N VAL C 91 2.30 47.64 -75.04
CA VAL C 91 2.22 48.65 -76.10
C VAL C 91 3.63 48.96 -76.59
N ALA C 92 3.76 49.17 -77.90
CA ALA C 92 5.04 49.53 -78.52
C ALA C 92 6.11 48.45 -78.30
N LEU C 93 5.67 47.21 -78.30
CA LEU C 93 6.56 46.05 -78.29
C LEU C 93 6.14 45.20 -79.48
N PRO C 94 7.05 44.87 -80.40
CA PRO C 94 6.66 44.06 -81.55
C PRO C 94 6.02 42.75 -81.08
N GLU C 95 4.88 42.42 -81.68
CA GLU C 95 4.14 41.27 -81.18
C GLU C 95 4.84 39.95 -81.45
N GLU C 96 5.90 39.95 -82.27
CA GLU C 96 6.73 38.78 -82.45
C GLU C 96 7.92 38.76 -81.49
N HIS C 97 7.97 39.71 -80.55
CA HIS C 97 9.02 39.72 -79.56
C HIS C 97 8.84 38.55 -78.59
N PRO C 98 9.92 37.88 -78.20
CA PRO C 98 9.81 36.76 -77.25
C PRO C 98 9.01 37.07 -76.00
N GLU C 99 9.05 38.31 -75.51
CA GLU C 99 8.44 38.67 -74.25
C GLU C 99 7.05 39.28 -74.41
N SER C 100 6.52 39.31 -75.63
CA SER C 100 5.15 39.76 -75.83
C SER C 100 4.17 38.67 -75.41
N TYR C 101 2.95 39.10 -75.07
CA TYR C 101 1.95 38.13 -74.65
C TYR C 101 1.36 37.38 -75.83
N HIS C 102 1.41 37.96 -77.04
CA HIS C 102 1.18 37.19 -78.26
C HIS C 102 2.06 35.94 -78.28
N SER C 103 3.37 36.14 -78.11
CA SER C 103 4.31 35.03 -78.11
C SER C 103 4.01 34.05 -76.98
N PHE C 104 3.72 34.56 -75.78
CA PHE C 104 3.42 33.68 -74.65
C PHE C 104 2.24 32.77 -74.97
N MET C 105 1.17 33.33 -75.53
CA MET C 105 -0.04 32.54 -75.77
C MET C 105 0.19 31.51 -76.86
N TYR C 106 0.79 31.93 -77.96
CA TYR C 106 1.01 31.00 -79.07
C TYR C 106 2.02 29.92 -78.70
N ASN C 107 3.13 30.28 -78.05
CA ASN C 107 4.15 29.28 -77.76
C ASN C 107 3.67 28.27 -76.73
N ASN C 108 2.92 28.71 -75.73
CA ASN C 108 2.52 27.85 -74.63
C ASN C 108 1.15 27.21 -74.82
N PHE C 109 0.37 27.63 -75.81
CA PHE C 109 -1.01 27.14 -75.91
C PHE C 109 -1.46 26.94 -77.35
N PHE C 110 -1.63 28.05 -78.07
CA PHE C 110 -2.31 28.02 -79.36
C PHE C 110 -1.57 27.18 -80.40
N ASN C 111 -0.24 27.12 -80.35
CA ASN C 111 0.48 26.32 -81.33
C ASN C 111 0.33 24.82 -81.08
N HIS C 112 -0.35 24.41 -80.01
CA HIS C 112 -0.43 23.01 -79.65
C HIS C 112 -1.87 22.49 -79.63
N ILE C 113 -2.85 23.28 -80.06
CA ILE C 113 -4.24 22.88 -80.06
C ILE C 113 -4.86 23.20 -81.42
N ASP C 114 -6.11 22.77 -81.59
CA ASP C 114 -6.79 22.83 -82.87
C ASP C 114 -7.72 24.03 -83.00
N ILE C 115 -7.40 25.14 -82.32
CA ILE C 115 -8.21 26.34 -82.45
C ILE C 115 -8.03 26.94 -83.84
N LEU C 116 -9.08 27.57 -84.35
CA LEU C 116 -8.98 28.23 -85.64
C LEU C 116 -8.24 29.56 -85.51
N PRO C 117 -7.30 29.85 -86.41
CA PRO C 117 -6.48 31.06 -86.25
C PRO C 117 -7.28 32.35 -86.18
N GLU C 118 -8.45 32.39 -86.81
CA GLU C 118 -9.27 33.59 -86.81
C GLU C 118 -10.11 33.73 -85.54
N ASN C 119 -10.04 32.76 -84.63
CA ASN C 119 -10.78 32.79 -83.38
C ASN C 119 -9.91 33.17 -82.18
N ILE C 120 -8.65 33.54 -82.40
CA ILE C 120 -7.76 34.01 -81.36
C ILE C 120 -7.78 35.54 -81.36
N ASN C 121 -8.19 36.13 -80.24
CA ASN C 121 -8.24 37.58 -80.10
C ASN C 121 -7.30 38.00 -78.97
N ILE C 122 -6.35 38.89 -79.30
CA ILE C 122 -5.41 39.45 -78.34
C ILE C 122 -5.22 40.92 -78.70
N LEU C 123 -5.31 41.79 -77.69
CA LEU C 123 -5.13 43.22 -77.90
C LEU C 123 -3.85 43.50 -78.68
N ASN C 124 -3.94 44.44 -79.63
CA ASN C 124 -2.82 44.82 -80.48
C ASN C 124 -2.24 46.13 -79.95
N GLY C 125 -1.03 46.06 -79.40
CA GLY C 125 -0.39 47.23 -78.83
C GLY C 125 0.48 47.98 -79.82
N ASN C 126 0.29 47.72 -81.11
CA ASN C 126 1.09 48.35 -82.16
C ASN C 126 0.23 49.12 -83.15
N THR C 127 -1.05 49.32 -82.84
CA THR C 127 -1.93 50.16 -83.64
C THR C 127 -1.47 51.62 -83.59
N ASP C 128 -2.00 52.42 -84.54
CA ASP C 128 -1.81 53.87 -84.51
C ASP C 128 -2.77 54.59 -83.57
N ASP C 129 -3.77 53.89 -83.03
CA ASP C 129 -4.81 54.53 -82.22
C ASP C 129 -5.19 53.53 -81.14
N HIS C 130 -4.63 53.72 -79.94
CA HIS C 130 -4.83 52.73 -78.87
C HIS C 130 -6.26 52.75 -78.34
N ASN C 131 -6.90 53.92 -78.29
CA ASN C 131 -8.30 53.96 -77.86
C ASN C 131 -9.20 53.24 -78.87
N ALA C 132 -8.98 53.50 -80.17
CA ALA C 132 -9.75 52.80 -81.19
C ALA C 132 -9.58 51.29 -81.09
N GLU C 133 -8.34 50.83 -80.87
CA GLU C 133 -8.10 49.40 -80.73
C GLU C 133 -8.85 48.83 -79.53
N CYS C 134 -8.81 49.53 -78.40
CA CYS C 134 -9.50 49.07 -77.21
C CYS C 134 -11.01 49.00 -77.45
N HIS C 135 -11.57 50.01 -78.13
CA HIS C 135 -13.00 49.98 -78.43
C HIS C 135 -13.32 48.82 -79.38
N ARG C 136 -12.47 48.59 -80.37
CA ARG C 136 -12.65 47.45 -81.27
C ARG C 136 -12.67 46.13 -80.50
N TYR C 137 -11.86 46.04 -79.45
CA TYR C 137 -11.82 44.82 -78.63
C TYR C 137 -13.13 44.63 -77.87
N GLU C 138 -13.61 45.69 -77.20
CA GLU C 138 -14.91 45.61 -76.53
C GLU C 138 -16.02 45.26 -77.52
N GLU C 139 -15.97 45.85 -78.72
CA GLU C 139 -16.99 45.58 -79.73
C GLU C 139 -16.94 44.13 -80.18
N LYS C 140 -15.73 43.60 -80.39
CA LYS C 140 -15.58 42.20 -80.78
C LYS C 140 -16.23 41.27 -79.77
N ILE C 141 -16.08 41.58 -78.48
CA ILE C 141 -16.75 40.81 -77.43
C ILE C 141 -18.26 40.93 -77.57
N LYS C 142 -18.75 42.15 -77.78
CA LYS C 142 -20.19 42.36 -77.94
C LYS C 142 -20.75 41.56 -79.10
N SER C 143 -19.97 41.44 -80.18
CA SER C 143 -20.45 40.75 -81.38
C SER C 143 -20.71 39.27 -81.14
N TYR C 144 -20.00 38.66 -80.20
CA TYR C 144 -20.22 37.26 -79.84
C TYR C 144 -21.25 37.08 -78.74
N GLY C 145 -21.62 38.15 -78.07
CA GLY C 145 -22.58 38.08 -76.97
C GLY C 145 -21.94 38.32 -75.63
N LYS C 146 -21.27 37.31 -75.07
CA LYS C 146 -20.59 37.48 -73.80
C LYS C 146 -19.56 36.37 -73.63
N ILE C 147 -18.52 36.67 -72.86
CA ILE C 147 -17.52 35.66 -72.50
C ILE C 147 -18.13 34.68 -71.49
N HIS C 148 -18.06 33.39 -71.82
CA HIS C 148 -18.69 32.37 -71.00
C HIS C 148 -17.87 32.02 -69.77
N LEU C 149 -16.54 31.97 -69.92
CA LEU C 149 -15.65 31.66 -68.81
C LEU C 149 -14.39 32.49 -68.94
N PHE C 150 -14.09 33.30 -67.94
CA PHE C 150 -12.88 34.10 -67.92
C PHE C 150 -11.96 33.56 -66.85
N MET C 151 -10.84 32.96 -67.27
CA MET C 151 -9.79 32.53 -66.36
C MET C 151 -8.84 33.71 -66.10
N GLY C 152 -8.36 33.80 -64.88
CA GLY C 152 -7.45 34.88 -64.55
C GLY C 152 -6.62 34.57 -63.33
N GLY C 153 -5.66 35.46 -63.07
CA GLY C 153 -4.87 35.44 -61.86
C GLY C 153 -5.22 36.61 -60.96
N VAL C 154 -4.43 36.75 -59.90
CA VAL C 154 -4.64 37.81 -58.93
C VAL C 154 -3.28 38.30 -58.45
N GLY C 155 -3.15 39.62 -58.30
CA GLY C 155 -1.93 40.18 -57.78
C GLY C 155 -1.85 40.01 -56.27
N VAL C 156 -0.66 40.26 -55.74
CA VAL C 156 -0.47 40.15 -54.30
C VAL C 156 -1.32 41.19 -53.56
N ASP C 157 -1.70 42.26 -54.23
CA ASP C 157 -2.58 43.29 -53.67
C ASP C 157 -4.01 43.15 -54.15
N GLY C 158 -4.36 42.02 -54.77
CA GLY C 158 -5.71 41.77 -55.22
C GLY C 158 -6.09 42.40 -56.55
N HIS C 159 -5.14 42.98 -57.27
CA HIS C 159 -5.45 43.60 -58.55
C HIS C 159 -5.65 42.54 -59.63
N ILE C 160 -6.42 42.90 -60.66
CA ILE C 160 -6.75 42.01 -61.76
C ILE C 160 -6.17 42.58 -63.05
N ALA C 161 -5.43 41.74 -63.77
CA ALA C 161 -4.79 42.11 -65.05
C ALA C 161 -3.89 43.33 -64.79
N PHE C 162 -3.86 44.30 -65.70
CA PHE C 162 -3.07 45.51 -65.50
C PHE C 162 -3.87 46.62 -64.84
N ASN C 163 -5.04 46.30 -64.27
CA ASN C 163 -5.81 47.30 -63.53
C ASN C 163 -5.13 47.62 -62.21
N GLU C 164 -5.23 48.88 -61.81
CA GLU C 164 -4.70 49.32 -60.54
C GLU C 164 -5.62 48.87 -59.40
N PRO C 165 -5.08 48.69 -58.19
CA PRO C 165 -5.92 48.24 -57.07
C PRO C 165 -7.09 49.16 -56.79
N ALA C 166 -7.08 50.39 -57.31
CA ALA C 166 -8.18 51.33 -57.10
C ALA C 166 -8.96 51.60 -58.38
N SER C 167 -9.03 50.60 -59.27
CA SER C 167 -9.76 50.76 -60.52
C SER C 167 -11.27 50.71 -60.24
N SER C 168 -12.03 51.48 -60.99
CA SER C 168 -13.49 51.40 -60.94
C SER C 168 -13.96 49.99 -61.27
N LEU C 169 -14.97 49.51 -60.54
CA LEU C 169 -15.51 48.19 -60.85
C LEU C 169 -16.28 48.19 -62.16
N SER C 170 -16.39 49.33 -62.84
CA SER C 170 -16.99 49.42 -64.16
C SER C 170 -15.98 49.92 -65.19
N SER C 171 -14.69 49.85 -64.87
CA SER C 171 -13.66 50.20 -65.82
C SER C 171 -13.72 49.27 -67.03
N ARG C 172 -13.35 49.80 -68.18
CA ARG C 172 -13.43 49.11 -69.45
C ARG C 172 -12.03 48.88 -70.03
N THR C 173 -11.98 48.23 -71.19
CA THR C 173 -10.72 48.03 -71.87
C THR C 173 -10.13 49.38 -72.28
N ARG C 174 -8.88 49.61 -71.89
CA ARG C 174 -8.26 50.92 -72.06
C ARG C 174 -6.74 50.76 -71.96
N ILE C 175 -6.03 51.84 -72.32
CA ILE C 175 -4.59 51.90 -72.14
C ILE C 175 -4.27 52.30 -70.71
N LYS C 176 -3.24 51.68 -70.15
CA LYS C 176 -2.87 51.89 -68.75
C LYS C 176 -1.36 52.12 -68.67
N THR C 177 -0.96 53.06 -67.82
CA THR C 177 0.46 53.26 -67.53
C THR C 177 0.86 52.30 -66.43
N LEU C 178 1.86 51.46 -66.71
CA LEU C 178 2.26 50.43 -65.76
C LEU C 178 2.77 51.06 -64.47
N THR C 179 2.35 50.50 -63.34
CA THR C 179 2.78 50.99 -62.05
C THR C 179 4.25 50.64 -61.81
N GLN C 180 4.89 51.39 -60.92
CA GLN C 180 6.26 51.08 -60.53
C GLN C 180 6.37 49.64 -60.06
N ASP C 181 5.36 49.15 -59.34
CA ASP C 181 5.39 47.77 -58.85
C ASP C 181 5.30 46.77 -60.01
N THR C 182 4.43 47.03 -60.99
CA THR C 182 4.35 46.15 -62.15
C THR C 182 5.64 46.21 -62.97
N LEU C 183 6.24 47.40 -63.08
CA LEU C 183 7.52 47.52 -63.77
C LEU C 183 8.58 46.67 -63.08
N ILE C 184 8.63 46.73 -61.75
CA ILE C 184 9.62 45.96 -61.00
C ILE C 184 9.35 44.47 -61.13
N ALA C 185 8.10 44.06 -60.92
CA ALA C 185 7.73 42.66 -61.06
C ALA C 185 8.15 42.08 -62.40
N ASN C 186 7.88 42.81 -63.48
CA ASN C 186 8.13 42.35 -64.84
C ASN C 186 9.57 42.56 -65.31
N SER C 187 10.44 43.17 -64.50
CA SER C 187 11.82 43.39 -64.93
C SER C 187 12.52 42.08 -65.28
N ARG C 188 12.15 40.99 -64.62
CA ARG C 188 12.81 39.70 -64.83
C ARG C 188 12.69 39.22 -66.27
N PHE C 189 11.68 39.69 -67.00
CA PHE C 189 11.52 39.33 -68.41
C PHE C 189 12.30 40.25 -69.34
N PHE C 190 12.87 41.33 -68.83
CA PHE C 190 13.63 42.31 -69.61
C PHE C 190 14.97 42.61 -68.96
N ASN C 191 15.68 41.55 -68.58
CA ASN C 191 17.06 41.63 -68.06
C ASN C 191 17.11 42.35 -66.71
N ASN C 192 16.10 42.15 -65.87
CA ASN C 192 16.01 42.80 -64.55
C ASN C 192 16.27 44.31 -64.67
N ASP C 193 15.74 44.90 -65.73
CA ASP C 193 15.96 46.32 -66.03
C ASP C 193 14.61 47.02 -66.09
N VAL C 194 14.31 47.81 -65.05
CA VAL C 194 13.04 48.54 -65.01
C VAL C 194 12.88 49.44 -66.23
N THR C 195 13.99 50.01 -66.71
CA THR C 195 13.92 50.90 -67.87
C THR C 195 13.59 50.16 -69.17
N GLN C 196 13.71 48.84 -69.20
CA GLN C 196 13.46 48.07 -70.42
C GLN C 196 12.04 47.53 -70.52
N VAL C 197 11.27 47.57 -69.45
CA VAL C 197 9.88 47.11 -69.49
C VAL C 197 9.04 48.16 -70.22
N PRO C 198 8.19 47.76 -71.17
CA PRO C 198 7.32 48.74 -71.83
C PRO C 198 6.53 49.54 -70.81
N LYS C 199 6.45 50.86 -71.02
CA LYS C 199 5.85 51.74 -70.04
C LYS C 199 4.33 51.61 -69.99
N TYR C 200 3.70 51.24 -71.10
CA TYR C 200 2.25 51.22 -71.19
C TYR C 200 1.78 49.85 -71.68
N ALA C 201 0.49 49.59 -71.45
CA ALA C 201 -0.12 48.34 -71.89
C ALA C 201 -1.62 48.57 -72.12
N LEU C 202 -2.20 47.72 -72.95
CA LEU C 202 -3.65 47.67 -73.17
C LEU C 202 -4.24 46.56 -72.31
N THR C 203 -5.25 46.88 -71.53
CA THR C 203 -5.83 45.92 -70.60
C THR C 203 -7.35 46.02 -70.58
N ILE C 204 -8.01 44.87 -70.39
CA ILE C 204 -9.43 44.86 -70.12
C ILE C 204 -9.69 45.46 -68.76
N GLY C 205 -10.88 46.03 -68.58
CA GLY C 205 -11.26 46.60 -67.31
C GLY C 205 -11.90 45.58 -66.39
N VAL C 206 -12.08 45.99 -65.13
CA VAL C 206 -12.77 45.14 -64.18
C VAL C 206 -14.21 44.91 -64.62
N GLY C 207 -14.83 45.94 -65.20
CA GLY C 207 -16.15 45.76 -65.78
C GLY C 207 -16.17 44.72 -66.87
N THR C 208 -15.17 44.72 -67.75
CA THR C 208 -15.08 43.71 -68.80
C THR C 208 -15.05 42.30 -68.19
N LEU C 209 -14.27 42.11 -67.13
CA LEU C 209 -14.20 40.82 -66.46
C LEU C 209 -15.56 40.45 -65.86
N LEU C 210 -16.17 41.38 -65.14
CA LEU C 210 -17.42 41.09 -64.45
C LEU C 210 -18.55 40.77 -65.42
N ASP C 211 -18.43 41.21 -66.68
CA ASP C 211 -19.44 40.92 -67.69
C ASP C 211 -19.40 39.49 -68.17
N ALA C 212 -18.39 38.71 -67.76
CA ALA C 212 -18.35 37.31 -68.13
C ALA C 212 -19.39 36.51 -67.34
N GLU C 213 -19.81 35.39 -67.91
CA GLU C 213 -20.79 34.55 -67.24
C GLU C 213 -20.19 33.81 -66.04
N GLU C 214 -18.88 33.57 -66.08
CA GLU C 214 -18.18 32.89 -64.99
C GLU C 214 -16.74 33.37 -64.95
N VAL C 215 -16.22 33.59 -63.74
CA VAL C 215 -14.85 34.05 -63.53
C VAL C 215 -14.14 33.04 -62.64
N MET C 216 -13.08 32.44 -63.15
CA MET C 216 -12.24 31.49 -62.42
C MET C 216 -10.89 32.14 -62.16
N ILE C 217 -10.57 32.38 -60.88
CA ILE C 217 -9.29 32.96 -60.49
C ILE C 217 -8.40 31.87 -59.93
N LEU C 218 -7.16 31.84 -60.38
CA LEU C 218 -6.16 30.85 -59.98
C LEU C 218 -5.12 31.54 -59.12
N ALA C 219 -4.82 30.97 -57.96
CA ALA C 219 -3.90 31.60 -57.01
C ALA C 219 -2.97 30.55 -56.41
N THR C 220 -1.73 30.51 -56.90
CA THR C 220 -0.72 29.63 -56.36
C THR C 220 0.44 30.46 -55.83
N GLY C 221 0.99 30.04 -54.68
CA GLY C 221 2.16 30.70 -54.13
C GLY C 221 1.91 31.28 -52.76
N HIS C 222 2.96 31.32 -51.94
CA HIS C 222 2.84 31.92 -50.62
C HIS C 222 2.55 33.41 -50.71
N GLN C 223 2.97 34.05 -51.80
CA GLN C 223 2.78 35.48 -52.01
C GLN C 223 1.34 35.85 -52.30
N LYS C 224 0.46 34.87 -52.55
CA LYS C 224 -0.94 35.13 -52.82
C LYS C 224 -1.84 34.79 -51.62
N ALA C 225 -1.23 34.44 -50.48
CA ALA C 225 -2.03 34.01 -49.34
C ALA C 225 -2.90 35.15 -48.81
N LEU C 226 -2.38 36.38 -48.79
CA LEU C 226 -3.17 37.50 -48.32
C LEU C 226 -4.30 37.84 -49.29
N ALA C 227 -4.05 37.69 -50.60
CA ALA C 227 -5.10 37.93 -51.58
C ALA C 227 -6.21 36.90 -51.49
N VAL C 228 -5.86 35.64 -51.21
CA VAL C 228 -6.88 34.61 -51.06
C VAL C 228 -7.71 34.89 -49.80
N GLN C 229 -7.04 35.33 -48.73
CA GLN C 229 -7.76 35.72 -47.52
C GLN C 229 -8.76 36.83 -47.81
N ALA C 230 -8.36 37.81 -48.63
CA ALA C 230 -9.25 38.91 -48.96
C ALA C 230 -10.47 38.44 -49.75
N ALA C 231 -10.31 37.44 -50.60
CA ALA C 231 -11.42 36.98 -51.43
C ALA C 231 -12.39 36.09 -50.68
N VAL C 232 -11.89 35.26 -49.78
CA VAL C 232 -12.71 34.23 -49.12
C VAL C 232 -13.21 34.69 -47.77
N GLU C 233 -12.32 35.20 -46.91
CA GLU C 233 -12.68 35.49 -45.54
C GLU C 233 -13.13 36.93 -45.34
N GLY C 234 -12.53 37.87 -46.05
CA GLY C 234 -12.85 39.25 -45.82
C GLY C 234 -14.16 39.67 -46.44
N SER C 235 -14.67 40.79 -45.95
CA SER C 235 -15.79 41.44 -46.62
C SER C 235 -15.29 42.12 -47.89
N ILE C 236 -16.24 42.56 -48.72
CA ILE C 236 -15.87 43.26 -49.94
C ILE C 236 -15.14 44.54 -49.55
N ASN C 237 -13.91 44.68 -50.01
CA ASN C 237 -13.11 45.86 -49.77
C ASN C 237 -12.73 46.48 -51.10
N HIS C 238 -12.95 47.78 -51.25
CA HIS C 238 -12.68 48.44 -52.52
C HIS C 238 -11.20 48.59 -52.84
N LEU C 239 -10.31 48.25 -51.90
CA LEU C 239 -8.88 48.22 -52.18
C LEU C 239 -8.38 46.85 -52.58
N TRP C 240 -9.25 45.84 -52.56
CA TRP C 240 -8.95 44.48 -53.00
C TRP C 240 -9.92 44.15 -54.12
N THR C 241 -9.49 44.38 -55.37
CA THR C 241 -10.36 44.16 -56.51
C THR C 241 -10.91 42.74 -56.54
N VAL C 242 -10.08 41.77 -56.12
CA VAL C 242 -10.51 40.37 -56.17
C VAL C 242 -11.70 40.13 -55.26
N SER C 243 -11.82 40.89 -54.16
CA SER C 243 -12.95 40.73 -53.27
C SER C 243 -14.26 41.17 -53.91
N ALA C 244 -14.21 42.04 -54.92
CA ALA C 244 -15.43 42.46 -55.60
C ALA C 244 -16.09 41.32 -56.36
N LEU C 245 -15.31 40.26 -56.68
CA LEU C 245 -15.87 39.08 -57.33
C LEU C 245 -16.83 38.32 -56.43
N GLN C 246 -16.92 38.67 -55.15
CA GLN C 246 -17.91 38.05 -54.27
C GLN C 246 -19.33 38.32 -54.75
N MET C 247 -19.54 39.44 -55.44
CA MET C 247 -20.86 39.78 -55.96
C MET C 247 -21.12 39.18 -57.33
N HIS C 248 -20.19 38.38 -57.85
CA HIS C 248 -20.40 37.80 -59.16
C HIS C 248 -21.23 36.52 -59.03
N ARG C 249 -22.07 36.28 -60.04
CA ARG C 249 -23.02 35.18 -59.97
C ARG C 249 -22.33 33.82 -59.93
N HIS C 250 -21.17 33.70 -60.58
CA HIS C 250 -20.40 32.44 -60.59
C HIS C 250 -18.91 32.77 -60.48
N PHE C 251 -18.44 32.92 -59.24
CA PHE C 251 -17.04 33.20 -58.95
C PHE C 251 -16.37 31.95 -58.42
N VAL C 252 -15.31 31.50 -59.11
CA VAL C 252 -14.53 30.33 -58.71
C VAL C 252 -13.13 30.77 -58.33
N LEU C 253 -12.63 30.29 -57.21
CA LEU C 253 -11.26 30.55 -56.77
C LEU C 253 -10.59 29.21 -56.47
N VAL C 254 -9.52 28.91 -57.20
CA VAL C 254 -8.73 27.71 -57.00
C VAL C 254 -7.35 28.14 -56.49
N CYS C 255 -6.86 27.47 -55.45
CA CYS C 255 -5.60 27.86 -54.85
C CYS C 255 -4.86 26.64 -54.35
N ASP C 256 -3.56 26.82 -54.11
CA ASP C 256 -2.68 25.76 -53.62
C ASP C 256 -2.48 25.92 -52.11
N GLU C 257 -1.67 25.02 -51.54
CA GLU C 257 -1.50 25.01 -50.09
C GLU C 257 -0.76 26.26 -49.60
N ALA C 258 0.24 26.71 -50.36
CA ALA C 258 0.99 27.90 -49.95
C ALA C 258 0.09 29.13 -49.85
N ALA C 259 -0.97 29.19 -50.65
CA ALA C 259 -1.88 30.32 -50.66
C ALA C 259 -2.99 30.19 -49.63
N GLN C 260 -3.08 29.06 -48.93
CA GLN C 260 -4.05 28.87 -47.87
C GLN C 260 -3.51 29.33 -46.52
N GLN C 261 -2.23 29.69 -46.44
CA GLN C 261 -1.52 29.80 -45.17
C GLN C 261 -2.10 30.87 -44.27
N GLU C 262 -2.82 31.86 -44.80
CA GLU C 262 -3.36 32.92 -43.97
C GLU C 262 -4.82 32.70 -43.61
N LEU C 263 -5.46 31.69 -44.17
CA LEU C 263 -6.84 31.37 -43.87
C LEU C 263 -6.96 30.68 -42.51
N LYS C 264 -8.17 30.73 -41.96
CA LYS C 264 -8.47 29.96 -40.75
C LYS C 264 -8.75 28.52 -41.12
N VAL C 265 -8.43 27.61 -40.19
CA VAL C 265 -8.62 26.16 -40.45
C VAL C 265 -10.08 25.87 -40.73
N LYS C 266 -11.02 26.61 -40.12
CA LYS C 266 -12.43 26.36 -40.34
C LYS C 266 -12.85 26.69 -41.77
N THR C 267 -12.22 27.70 -42.37
CA THR C 267 -12.53 28.05 -43.74
C THR C 267 -12.09 26.96 -44.72
N VAL C 268 -10.85 26.49 -44.59
CA VAL C 268 -10.38 25.42 -45.45
C VAL C 268 -11.19 24.15 -45.23
N LYS C 269 -11.49 23.83 -43.98
CA LYS C 269 -12.30 22.65 -43.67
C LYS C 269 -13.66 22.72 -44.35
N TYR C 270 -14.35 23.85 -44.21
CA TYR C 270 -15.68 24.01 -44.80
C TYR C 270 -15.68 23.74 -46.29
N PHE C 271 -14.78 24.39 -47.03
CA PHE C 271 -14.83 24.29 -48.49
C PHE C 271 -14.24 22.98 -48.99
N THR C 272 -13.27 22.39 -48.27
CA THR C 272 -12.76 21.08 -48.67
C THR C 272 -13.86 20.03 -48.64
N GLU C 273 -14.71 20.06 -47.62
CA GLU C 273 -15.77 19.07 -47.51
C GLU C 273 -16.90 19.34 -48.48
N LEU C 274 -17.26 20.61 -48.66
CA LEU C 274 -18.30 20.98 -49.62
C LEU C 274 -17.96 20.49 -51.03
N GLU C 275 -16.71 20.64 -51.44
CA GLU C 275 -16.29 20.27 -52.80
C GLU C 275 -15.75 18.83 -52.84
N GLY C 276 -16.65 17.89 -52.55
CA GLY C 276 -16.31 16.50 -52.65
C GLY C 276 -16.64 15.72 -51.39
N PHE D 16 10.49 26.28 -26.97
CA PHE D 16 9.96 26.85 -25.74
C PHE D 16 8.54 26.32 -25.54
N MET D 17 7.67 26.57 -26.52
CA MET D 17 6.32 26.02 -26.53
C MET D 17 6.24 24.87 -27.54
N ARG D 18 5.77 23.72 -27.10
CA ARG D 18 5.50 22.58 -27.98
C ARG D 18 4.00 22.47 -28.21
N PHE D 19 3.58 22.55 -29.47
CA PHE D 19 2.18 22.38 -29.84
C PHE D 19 2.03 21.10 -30.66
N ILE D 20 1.21 20.18 -30.17
CA ILE D 20 0.99 18.92 -30.87
C ILE D 20 -0.44 18.90 -31.39
N PRO D 21 -0.62 19.17 -32.69
CA PRO D 21 -1.92 19.16 -33.29
C PRO D 21 -2.25 17.75 -33.78
N LEU D 22 -3.31 17.14 -33.24
CA LEU D 22 -3.74 15.82 -33.68
C LEU D 22 -5.18 15.89 -34.17
N GLN D 23 -5.69 14.75 -34.63
CA GLN D 23 -7.02 14.71 -35.25
C GLN D 23 -8.11 14.35 -34.24
N THR D 24 -7.96 13.22 -33.56
CA THR D 24 -9.01 12.67 -32.71
C THR D 24 -8.63 12.78 -31.25
N GLU D 25 -9.66 12.73 -30.40
CA GLU D 25 -9.43 12.76 -28.95
C GLU D 25 -8.66 11.54 -28.49
N GLN D 26 -8.86 10.39 -29.16
CA GLN D 26 -8.09 9.19 -28.84
C GLN D 26 -6.60 9.42 -29.04
N GLN D 27 -6.23 10.03 -30.16
CA GLN D 27 -4.83 10.31 -30.43
C GLN D 27 -4.25 11.26 -29.40
N VAL D 28 -5.04 12.24 -28.93
CA VAL D 28 -4.57 13.17 -27.92
C VAL D 28 -4.27 12.43 -26.62
N SER D 29 -5.15 11.51 -26.23
CA SER D 29 -4.95 10.77 -24.98
C SER D 29 -3.74 9.84 -25.07
N CYS D 30 -3.57 9.17 -26.21
CA CYS D 30 -2.43 8.26 -26.37
C CYS D 30 -1.11 9.03 -26.35
N TRP D 31 -1.05 10.17 -27.04
CA TRP D 31 0.16 11.00 -27.01
C TRP D 31 0.50 11.41 -25.58
N ALA D 32 -0.50 11.90 -24.84
CA ALA D 32 -0.25 12.33 -23.46
C ALA D 32 0.27 11.17 -22.62
N ALA D 33 -0.39 10.02 -22.70
CA ALA D 33 0.04 8.85 -21.95
C ALA D 33 1.48 8.48 -22.29
N GLN D 34 1.78 8.38 -23.60
CA GLN D 34 3.14 8.07 -24.03
C GLN D 34 4.14 9.08 -23.48
N HIS D 35 3.78 10.36 -23.50
CA HIS D 35 4.66 11.39 -22.98
C HIS D 35 4.94 11.19 -21.50
N ILE D 36 3.89 10.89 -20.72
CA ILE D 36 4.07 10.61 -19.30
C ILE D 36 4.94 9.38 -19.11
N ILE D 37 4.69 8.33 -19.89
CA ILE D 37 5.51 7.12 -19.84
C ILE D 37 6.98 7.48 -20.08
N ASN D 38 7.25 8.24 -21.14
CA ASN D 38 8.62 8.52 -21.54
C ASN D 38 9.33 9.37 -20.49
N ARG D 39 8.64 10.36 -19.93
CA ARG D 39 9.23 11.19 -18.88
C ARG D 39 9.61 10.36 -17.66
N ILE D 40 8.69 9.49 -17.22
CA ILE D 40 8.98 8.63 -16.07
C ILE D 40 10.18 7.74 -16.35
N ASN D 41 10.19 7.09 -17.52
CA ASN D 41 11.24 6.12 -17.82
C ASN D 41 12.60 6.78 -17.99
N ASP D 42 12.64 7.99 -18.56
CA ASP D 42 13.90 8.72 -18.65
C ASP D 42 14.36 9.17 -17.27
N PHE D 43 13.43 9.62 -16.43
CA PHE D 43 13.78 10.13 -15.10
C PHE D 43 14.38 9.04 -14.22
N LYS D 44 13.97 7.79 -14.41
CA LYS D 44 14.42 6.65 -13.61
C LYS D 44 14.16 6.92 -12.13
N PRO D 45 12.90 6.97 -11.69
CA PRO D 45 12.62 7.37 -10.31
C PRO D 45 12.93 6.27 -9.31
N THR D 46 13.33 6.69 -8.11
CA THR D 46 13.53 5.81 -6.98
C THR D 46 12.64 6.26 -5.84
N ALA D 47 12.63 5.46 -4.76
CA ALA D 47 11.84 5.82 -3.58
C ALA D 47 12.33 7.13 -2.98
N GLU D 48 13.65 7.33 -2.94
CA GLU D 48 14.21 8.57 -2.40
C GLU D 48 14.09 9.73 -3.36
N ARG D 49 14.05 9.46 -4.66
CA ARG D 49 13.96 10.49 -5.69
C ARG D 49 12.81 10.13 -6.63
N PRO D 50 11.57 10.33 -6.20
CA PRO D 50 10.43 9.92 -7.02
C PRO D 50 10.12 10.93 -8.12
N PHE D 51 9.41 10.44 -9.13
CA PHE D 51 8.85 11.32 -10.15
C PHE D 51 7.52 11.87 -9.65
N VAL D 52 7.37 13.19 -9.72
CA VAL D 52 6.21 13.87 -9.16
C VAL D 52 5.32 14.33 -10.31
N LEU D 53 4.08 13.86 -10.32
CA LEU D 53 3.15 14.03 -11.42
C LEU D 53 1.93 14.81 -10.94
N GLY D 54 1.57 15.87 -11.65
CA GLY D 54 0.35 16.61 -11.39
C GLY D 54 -0.76 16.10 -12.29
N LEU D 55 -1.95 15.92 -11.70
CA LEU D 55 -3.01 15.21 -12.41
C LEU D 55 -4.33 15.96 -12.34
N PRO D 56 -5.13 15.94 -13.41
CA PRO D 56 -6.46 16.53 -13.38
C PRO D 56 -7.57 15.49 -13.47
N THR D 57 -8.81 15.95 -13.48
CA THR D 57 -10.00 15.12 -13.69
C THR D 57 -10.69 15.57 -14.98
N GLY D 58 -11.58 14.73 -15.49
CA GLY D 58 -12.43 15.09 -16.61
C GLY D 58 -12.45 14.01 -17.68
N GLY D 59 -13.17 14.33 -18.75
CA GLY D 59 -13.45 13.33 -19.77
C GLY D 59 -12.20 12.92 -20.54
N THR D 60 -11.47 13.90 -21.09
CA THR D 60 -10.25 13.59 -21.80
C THR D 60 -9.18 12.98 -20.89
N PRO D 61 -8.94 13.47 -19.66
CA PRO D 61 -8.05 12.73 -18.75
C PRO D 61 -8.44 11.28 -18.57
N LEU D 62 -9.75 10.98 -18.49
CA LEU D 62 -10.20 9.61 -18.30
C LEU D 62 -9.61 8.68 -19.36
N LYS D 63 -9.70 9.09 -20.63
CA LYS D 63 -9.13 8.29 -21.71
C LYS D 63 -7.63 8.13 -21.53
N THR D 64 -6.95 9.19 -21.06
CA THR D 64 -5.51 9.11 -20.83
C THR D 64 -5.18 8.14 -19.71
N TYR D 65 -5.92 8.17 -18.61
CA TYR D 65 -5.69 7.22 -17.53
C TYR D 65 -5.93 5.80 -17.99
N GLN D 66 -6.98 5.59 -18.80
CA GLN D 66 -7.23 4.28 -19.37
C GLN D 66 -6.05 3.80 -20.20
N GLU D 67 -5.50 4.68 -21.04
CA GLU D 67 -4.34 4.31 -21.85
C GLU D 67 -3.11 4.04 -20.98
N LEU D 68 -2.94 4.80 -19.89
CA LEU D 68 -1.81 4.56 -18.99
C LEU D 68 -1.94 3.18 -18.33
N ILE D 69 -3.17 2.80 -17.98
CA ILE D 69 -3.40 1.48 -17.38
C ILE D 69 -3.02 0.38 -18.37
N ARG D 70 -3.41 0.54 -19.63
CA ARG D 70 -3.06 -0.43 -20.65
C ARG D 70 -1.54 -0.54 -20.81
N LEU D 71 -0.85 0.60 -20.79
CA LEU D 71 0.61 0.59 -20.92
C LEU D 71 1.26 -0.05 -19.70
N TYR D 72 0.68 0.15 -18.52
CA TYR D 72 1.20 -0.49 -17.32
C TYR D 72 0.99 -2.01 -17.37
N GLN D 73 -0.19 -2.44 -17.82
CA GLN D 73 -0.46 -3.87 -17.95
C GLN D 73 0.49 -4.51 -18.96
N ALA D 74 0.85 -3.79 -20.01
CA ALA D 74 1.85 -4.17 -21.01
C ALA D 74 3.29 -4.03 -20.49
N GLY D 75 3.48 -3.92 -19.18
CA GLY D 75 4.75 -3.66 -18.54
C GLY D 75 5.67 -2.63 -19.18
N LYS D 76 5.08 -1.60 -19.78
CA LYS D 76 5.86 -0.51 -20.36
C LYS D 76 6.16 0.59 -19.35
N VAL D 77 5.64 0.50 -18.13
CA VAL D 77 5.82 1.54 -17.12
C VAL D 77 5.47 0.96 -15.75
N SER D 78 6.09 1.51 -14.72
CA SER D 78 5.71 1.27 -13.34
C SER D 78 5.50 2.60 -12.62
N PHE D 79 4.48 2.65 -11.77
CA PHE D 79 4.22 3.83 -10.94
C PHE D 79 4.67 3.62 -9.50
N LYS D 80 5.48 2.59 -9.24
CA LYS D 80 5.96 2.27 -7.89
C LYS D 80 6.82 3.37 -7.27
N HIS D 81 7.09 4.45 -7.99
CA HIS D 81 7.97 5.52 -7.53
C HIS D 81 7.52 6.84 -8.10
N VAL D 82 6.22 6.94 -8.38
CA VAL D 82 5.58 8.15 -8.86
C VAL D 82 4.72 8.71 -7.74
N VAL D 83 4.84 10.00 -7.49
CA VAL D 83 4.04 10.71 -6.50
C VAL D 83 3.12 11.65 -7.26
N THR D 84 1.83 11.63 -6.93
CA THR D 84 0.84 12.43 -7.64
C THR D 84 0.26 13.52 -6.76
N PHE D 85 -0.01 14.68 -7.37
CA PHE D 85 -0.75 15.77 -6.75
C PHE D 85 -1.87 16.15 -7.70
N ASN D 86 -3.09 16.23 -7.20
CA ASN D 86 -4.24 16.57 -8.02
C ASN D 86 -4.57 18.06 -7.93
N MET D 87 -5.27 18.55 -8.97
CA MET D 87 -5.55 19.98 -9.07
C MET D 87 -6.52 20.43 -7.99
N ASP D 88 -7.59 19.68 -7.75
CA ASP D 88 -8.69 20.23 -6.98
C ASP D 88 -9.55 19.11 -6.42
N GLU D 89 -10.53 19.52 -5.60
CA GLU D 89 -11.50 18.66 -4.95
C GLU D 89 -12.63 19.52 -4.41
N TYR D 90 -13.86 18.98 -4.44
CA TYR D 90 -15.00 19.67 -3.87
C TYR D 90 -14.86 19.78 -2.36
N VAL D 91 -15.46 20.83 -1.80
CA VAL D 91 -15.50 21.05 -0.35
C VAL D 91 -16.85 20.59 0.16
N ALA D 92 -16.87 19.98 1.35
CA ALA D 92 -18.09 19.52 2.00
C ALA D 92 -18.81 18.46 1.17
N LEU D 93 -18.02 17.59 0.54
CA LEU D 93 -18.54 16.41 -0.14
C LEU D 93 -17.78 15.20 0.42
N PRO D 94 -18.47 14.19 0.92
CA PRO D 94 -17.78 13.01 1.45
C PRO D 94 -16.83 12.44 0.39
N GLU D 95 -15.59 12.15 0.81
CA GLU D 95 -14.58 11.78 -0.16
C GLU D 95 -14.82 10.42 -0.79
N GLU D 96 -15.73 9.62 -0.25
CA GLU D 96 -16.14 8.37 -0.88
C GLU D 96 -17.40 8.54 -1.75
N HIS D 97 -17.85 9.77 -1.94
CA HIS D 97 -19.00 10.02 -2.81
C HIS D 97 -18.60 9.78 -4.27
N PRO D 98 -19.47 9.15 -5.07
CA PRO D 98 -19.15 8.91 -6.49
C PRO D 98 -18.68 10.14 -7.25
N GLU D 99 -19.17 11.33 -6.92
CA GLU D 99 -18.90 12.51 -7.72
C GLU D 99 -17.74 13.33 -7.17
N SER D 100 -17.08 12.85 -6.12
CA SER D 100 -15.88 13.48 -5.61
C SER D 100 -14.69 13.14 -6.52
N TYR D 101 -13.68 14.01 -6.48
CA TYR D 101 -12.48 13.79 -7.29
C TYR D 101 -11.55 12.76 -6.69
N HIS D 102 -11.63 12.52 -5.38
CA HIS D 102 -11.04 11.33 -4.79
C HIS D 102 -11.55 10.07 -5.51
N SER D 103 -12.87 9.94 -5.59
CA SER D 103 -13.48 8.76 -6.22
C SER D 103 -13.08 8.63 -7.68
N PHE D 104 -13.11 9.73 -8.43
CA PHE D 104 -12.74 9.69 -9.84
C PHE D 104 -11.32 9.15 -10.01
N MET D 105 -10.39 9.63 -9.19
CA MET D 105 -8.99 9.27 -9.35
C MET D 105 -8.74 7.82 -8.97
N TYR D 106 -9.27 7.38 -7.84
CA TYR D 106 -9.05 6.00 -7.39
C TYR D 106 -9.77 5.00 -8.31
N ASN D 107 -11.04 5.27 -8.64
CA ASN D 107 -11.81 4.29 -9.39
C ASN D 107 -11.33 4.16 -10.82
N ASN D 108 -10.95 5.26 -11.45
CA ASN D 108 -10.55 5.25 -12.85
C ASN D 108 -9.05 5.09 -13.06
N PHE D 109 -8.26 5.20 -12.00
CA PHE D 109 -6.81 5.20 -12.20
C PHE D 109 -6.04 4.47 -11.10
N PHE D 110 -6.02 5.01 -9.89
CA PHE D 110 -5.08 4.53 -8.88
C PHE D 110 -5.31 3.07 -8.50
N ASN D 111 -6.55 2.61 -8.53
CA ASN D 111 -6.85 1.22 -8.17
C ASN D 111 -6.44 0.21 -9.24
N HIS D 112 -5.88 0.66 -10.37
CA HIS D 112 -5.51 -0.22 -11.47
C HIS D 112 -4.02 -0.22 -11.76
N ILE D 113 -3.22 0.45 -10.94
CA ILE D 113 -1.80 0.59 -11.14
C ILE D 113 -1.07 0.27 -9.84
N ASP D 114 0.25 0.27 -9.91
CA ASP D 114 1.11 -0.17 -8.81
C ASP D 114 1.66 1.00 -7.99
N ILE D 115 0.93 2.12 -7.93
CA ILE D 115 1.36 3.24 -7.11
C ILE D 115 1.22 2.89 -5.63
N LEU D 116 2.12 3.43 -4.83
CA LEU D 116 2.04 3.21 -3.38
C LEU D 116 0.96 4.11 -2.80
N PRO D 117 0.10 3.59 -1.91
CA PRO D 117 -1.03 4.39 -1.41
C PRO D 117 -0.60 5.67 -0.71
N GLU D 118 0.58 5.72 -0.11
CA GLU D 118 1.05 6.91 0.60
C GLU D 118 1.64 7.96 -0.33
N ASN D 119 1.71 7.70 -1.63
CA ASN D 119 2.22 8.68 -2.60
C ASN D 119 1.10 9.37 -3.36
N ILE D 120 -0.15 9.12 -2.99
CA ILE D 120 -1.30 9.77 -3.61
C ILE D 120 -1.67 10.98 -2.76
N ASN D 121 -1.63 12.16 -3.36
CA ASN D 121 -1.99 13.39 -2.67
C ASN D 121 -3.19 14.03 -3.36
N ILE D 122 -4.26 14.24 -2.59
CA ILE D 122 -5.47 14.90 -3.05
C ILE D 122 -5.95 15.81 -1.93
N LEU D 123 -6.26 17.06 -2.27
CA LEU D 123 -6.77 18.01 -1.30
C LEU D 123 -7.98 17.43 -0.57
N ASN D 124 -8.05 17.67 0.74
CA ASN D 124 -9.15 17.18 1.58
C ASN D 124 -10.13 18.30 1.81
N GLY D 125 -11.34 18.17 1.26
CA GLY D 125 -12.34 19.20 1.39
C GLY D 125 -13.25 19.04 2.58
N ASN D 126 -12.84 18.20 3.54
CA ASN D 126 -13.62 17.95 4.75
C ASN D 126 -12.83 18.26 6.02
N THR D 127 -11.70 18.96 5.88
CA THR D 127 -10.92 19.42 7.02
C THR D 127 -11.71 20.41 7.86
N ASP D 128 -11.21 20.64 9.08
CA ASP D 128 -11.73 21.69 9.94
C ASP D 128 -11.23 23.08 9.57
N ASP D 129 -10.19 23.17 8.74
CA ASP D 129 -9.53 24.44 8.45
C ASP D 129 -9.03 24.37 7.01
N HIS D 130 -9.79 24.96 6.08
CA HIS D 130 -9.44 24.84 4.68
C HIS D 130 -8.17 25.61 4.33
N ASN D 131 -7.93 26.75 4.99
CA ASN D 131 -6.70 27.48 4.76
C ASN D 131 -5.49 26.69 5.26
N ALA D 132 -5.60 26.11 6.46
CA ALA D 132 -4.54 25.22 6.94
C ALA D 132 -4.35 24.05 5.98
N GLU D 133 -5.45 23.49 5.49
CA GLU D 133 -5.38 22.37 4.56
C GLU D 133 -4.68 22.75 3.27
N CYS D 134 -5.03 23.90 2.71
CA CYS D 134 -4.40 24.36 1.48
C CYS D 134 -2.92 24.61 1.68
N HIS D 135 -2.54 25.20 2.82
CA HIS D 135 -1.13 25.43 3.11
C HIS D 135 -0.36 24.11 3.26
N ARG D 136 -0.97 23.11 3.91
CA ARG D 136 -0.32 21.80 4.01
C ARG D 136 -0.04 21.23 2.62
N TYR D 137 -0.95 21.47 1.67
CA TYR D 137 -0.78 20.96 0.32
C TYR D 137 0.43 21.61 -0.36
N GLU D 138 0.50 22.95 -0.31
CA GLU D 138 1.65 23.65 -0.88
C GLU D 138 2.95 23.21 -0.22
N GLU D 139 2.93 23.01 1.11
CA GLU D 139 4.13 22.57 1.81
C GLU D 139 4.54 21.17 1.37
N LYS D 140 3.57 20.26 1.22
CA LYS D 140 3.86 18.92 0.75
C LYS D 140 4.57 18.93 -0.60
N ILE D 141 4.12 19.79 -1.52
CA ILE D 141 4.76 19.88 -2.83
C ILE D 141 6.20 20.35 -2.70
N LYS D 142 6.43 21.42 -1.94
CA LYS D 142 7.79 21.92 -1.75
C LYS D 142 8.69 20.86 -1.13
N SER D 143 8.13 20.02 -0.26
CA SER D 143 8.91 18.99 0.39
C SER D 143 9.47 17.99 -0.60
N TYR D 144 8.81 17.83 -1.75
CA TYR D 144 9.31 16.97 -2.81
C TYR D 144 10.21 17.72 -3.79
N GLY D 145 10.23 19.05 -3.71
CA GLY D 145 11.04 19.85 -4.60
C GLY D 145 10.19 20.61 -5.60
N LYS D 146 9.75 19.90 -6.64
CA LYS D 146 8.89 20.51 -7.65
C LYS D 146 8.18 19.39 -8.39
N ILE D 147 6.99 19.72 -8.92
CA ILE D 147 6.29 18.79 -9.79
C ILE D 147 6.99 18.73 -11.13
N HIS D 148 7.33 17.52 -11.56
CA HIS D 148 8.11 17.36 -12.79
C HIS D 148 7.22 17.50 -14.02
N LEU D 149 6.00 16.98 -13.96
CA LEU D 149 5.07 17.07 -15.08
C LEU D 149 3.66 17.24 -14.52
N PHE D 150 3.02 18.35 -14.86
CA PHE D 150 1.65 18.66 -14.44
C PHE D 150 0.73 18.59 -15.66
N MET D 151 -0.14 17.58 -15.68
CA MET D 151 -1.16 17.47 -16.71
C MET D 151 -2.41 18.24 -16.28
N GLY D 152 -3.05 18.89 -17.25
CA GLY D 152 -4.25 19.67 -16.94
C GLY D 152 -5.07 19.93 -18.18
N GLY D 153 -6.26 20.49 -17.96
CA GLY D 153 -7.09 20.98 -19.02
C GLY D 153 -7.19 22.49 -19.01
N VAL D 154 -8.05 23.01 -19.87
CA VAL D 154 -8.24 24.45 -20.01
C VAL D 154 -9.71 24.75 -20.26
N GLY D 155 -10.21 25.81 -19.62
CA GLY D 155 -11.59 26.19 -19.82
C GLY D 155 -11.79 26.92 -21.14
N VAL D 156 -13.05 27.08 -21.52
CA VAL D 156 -13.38 27.78 -22.75
C VAL D 156 -12.92 29.23 -22.71
N ASP D 157 -12.74 29.79 -21.51
CA ASP D 157 -12.22 31.13 -21.32
C ASP D 157 -10.75 31.13 -20.93
N GLY D 158 -10.08 29.99 -21.09
CA GLY D 158 -8.66 29.88 -20.81
C GLY D 158 -8.31 29.73 -19.35
N HIS D 159 -9.30 29.56 -18.47
CA HIS D 159 -9.00 29.45 -17.05
C HIS D 159 -8.44 28.06 -16.73
N ILE D 160 -7.70 27.99 -15.62
CA ILE D 160 -7.04 26.76 -15.19
C ILE D 160 -7.66 26.29 -13.88
N ALA D 161 -8.08 25.02 -13.84
CA ALA D 161 -8.68 24.40 -12.65
C ALA D 161 -9.86 25.26 -12.20
N PHE D 162 -10.05 25.48 -10.90
CA PHE D 162 -11.10 26.37 -10.42
C PHE D 162 -10.64 27.81 -10.24
N ASN D 163 -9.50 28.18 -10.82
CA ASN D 163 -9.05 29.57 -10.80
C ASN D 163 -9.94 30.42 -11.72
N GLU D 164 -10.14 31.69 -11.33
CA GLU D 164 -10.94 32.59 -12.13
C GLU D 164 -10.17 33.01 -13.39
N PRO D 165 -10.88 33.36 -14.47
CA PRO D 165 -10.18 33.70 -15.73
C PRO D 165 -9.19 34.83 -15.60
N ALA D 166 -9.28 35.65 -14.55
CA ALA D 166 -8.35 36.75 -14.32
C ALA D 166 -7.51 36.52 -13.08
N SER D 167 -7.16 35.27 -12.81
CA SER D 167 -6.40 34.94 -11.60
C SER D 167 -4.98 35.49 -11.68
N SER D 168 -4.47 35.91 -10.54
CA SER D 168 -3.07 36.29 -10.44
C SER D 168 -2.16 35.13 -10.86
N LEU D 169 -1.12 35.45 -11.62
CA LEU D 169 -0.18 34.41 -12.03
C LEU D 169 0.66 33.91 -10.87
N SER D 170 0.48 34.48 -9.68
CA SER D 170 1.14 34.01 -8.48
C SER D 170 0.13 33.56 -7.42
N SER D 171 -1.12 33.31 -7.81
CA SER D 171 -2.10 32.78 -6.88
C SER D 171 -1.66 31.39 -6.40
N ARG D 172 -2.03 31.07 -5.16
CA ARG D 172 -1.62 29.83 -4.52
C ARG D 172 -2.85 28.95 -4.27
N THR D 173 -2.60 27.78 -3.70
CA THR D 173 -3.69 26.86 -3.37
C THR D 173 -4.60 27.50 -2.32
N ARG D 174 -5.90 27.53 -2.62
CA ARG D 174 -6.84 28.25 -1.77
C ARG D 174 -8.24 27.73 -2.04
N ILE D 175 -9.18 28.16 -1.19
CA ILE D 175 -10.59 27.84 -1.37
C ILE D 175 -11.19 28.85 -2.35
N LYS D 176 -12.06 28.35 -3.23
CA LYS D 176 -12.64 29.13 -4.32
C LYS D 176 -14.14 28.92 -4.34
N THR D 177 -14.89 29.99 -4.54
CA THR D 177 -16.34 29.90 -4.74
C THR D 177 -16.62 29.61 -6.20
N LEU D 178 -17.33 28.51 -6.46
CA LEU D 178 -17.59 28.11 -7.84
C LEU D 178 -18.43 29.14 -8.57
N THR D 179 -18.06 29.42 -9.81
CA THR D 179 -18.79 30.36 -10.64
C THR D 179 -20.11 29.76 -11.10
N GLN D 180 -21.04 30.65 -11.47
CA GLN D 180 -22.33 30.20 -12.00
C GLN D 180 -22.16 29.24 -13.18
N ASP D 181 -21.19 29.53 -14.06
CA ASP D 181 -20.97 28.64 -15.21
C ASP D 181 -20.45 27.28 -14.78
N THR D 182 -19.53 27.25 -13.82
CA THR D 182 -19.04 25.97 -13.32
C THR D 182 -20.14 25.19 -12.59
N LEU D 183 -20.99 25.90 -11.83
CA LEU D 183 -22.14 25.22 -11.22
C LEU D 183 -23.04 24.61 -12.29
N ILE D 184 -23.29 25.36 -13.37
CA ILE D 184 -24.17 24.86 -14.43
C ILE D 184 -23.51 23.70 -15.17
N ALA D 185 -22.25 23.88 -15.57
CA ALA D 185 -21.52 22.82 -16.26
C ALA D 185 -21.54 21.51 -15.49
N ASN D 186 -21.27 21.57 -14.19
CA ASN D 186 -21.13 20.37 -13.36
C ASN D 186 -22.46 19.82 -12.87
N SER D 187 -23.58 20.48 -13.16
CA SER D 187 -24.87 19.98 -12.70
C SER D 187 -25.16 18.57 -13.21
N ARG D 188 -24.64 18.23 -14.39
CA ARG D 188 -24.93 16.93 -15.01
C ARG D 188 -24.47 15.77 -14.17
N PHE D 189 -23.51 15.98 -13.28
CA PHE D 189 -23.02 14.94 -12.39
C PHE D 189 -23.84 14.81 -11.11
N PHE D 190 -24.78 15.73 -10.88
CA PHE D 190 -25.63 15.74 -9.69
C PHE D 190 -27.09 15.82 -10.10
N ASN D 191 -27.46 15.01 -11.09
CA ASN D 191 -28.86 14.88 -11.53
C ASN D 191 -29.40 16.18 -12.12
N ASN D 192 -28.55 16.90 -12.85
CA ASN D 192 -28.92 18.18 -13.48
C ASN D 192 -29.56 19.13 -12.48
N ASP D 193 -29.02 19.16 -11.26
CA ASP D 193 -29.54 20.00 -10.18
C ASP D 193 -28.41 20.94 -9.75
N VAL D 194 -28.51 22.20 -10.15
CA VAL D 194 -27.51 23.19 -9.77
C VAL D 194 -27.43 23.33 -8.25
N THR D 195 -28.55 23.17 -7.55
CA THR D 195 -28.55 23.33 -6.10
C THR D 195 -27.81 22.21 -5.39
N GLN D 196 -27.53 21.09 -6.07
CA GLN D 196 -26.87 19.96 -5.45
C GLN D 196 -25.36 19.95 -5.66
N VAL D 197 -24.84 20.80 -6.52
CA VAL D 197 -23.39 20.88 -6.72
C VAL D 197 -22.75 21.60 -5.53
N PRO D 198 -21.67 21.08 -4.96
CA PRO D 198 -20.99 21.79 -3.87
C PRO D 198 -20.65 23.21 -4.25
N LYS D 199 -20.86 24.14 -3.31
CA LYS D 199 -20.68 25.55 -3.61
C LYS D 199 -19.21 25.95 -3.70
N TYR D 200 -18.33 25.26 -2.99
CA TYR D 200 -16.93 25.63 -2.90
C TYR D 200 -16.04 24.46 -3.26
N ALA D 201 -14.78 24.76 -3.55
CA ALA D 201 -13.79 23.74 -3.86
C ALA D 201 -12.42 24.22 -3.45
N LEU D 202 -11.54 23.27 -3.19
CA LEU D 202 -10.13 23.54 -2.91
C LEU D 202 -9.38 23.34 -4.22
N THR D 203 -8.58 24.33 -4.61
CA THR D 203 -7.91 24.31 -5.90
C THR D 203 -6.47 24.80 -5.77
N ILE D 204 -5.59 24.23 -6.60
CA ILE D 204 -4.25 24.78 -6.72
C ILE D 204 -4.33 26.13 -7.43
N GLY D 205 -3.35 26.99 -7.17
CA GLY D 205 -3.29 28.28 -7.83
C GLY D 205 -2.52 28.24 -9.13
N VAL D 206 -2.61 29.34 -9.87
CA VAL D 206 -1.86 29.46 -11.11
C VAL D 206 -0.37 29.45 -10.83
N GLY D 207 0.05 30.09 -9.73
CA GLY D 207 1.44 29.99 -9.31
C GLY D 207 1.87 28.56 -9.05
N THR D 208 1.00 27.78 -8.39
CA THR D 208 1.28 26.36 -8.17
C THR D 208 1.54 25.65 -9.49
N LEU D 209 0.71 25.93 -10.49
CA LEU D 209 0.86 25.29 -11.80
C LEU D 209 2.18 25.67 -12.46
N LEU D 210 2.50 26.96 -12.48
CA LEU D 210 3.71 27.43 -13.17
C LEU D 210 4.99 26.93 -12.50
N ASP D 211 4.94 26.58 -11.21
CA ASP D 211 6.14 26.10 -10.51
C ASP D 211 6.54 24.70 -10.95
N ALA D 212 5.74 24.04 -11.78
CA ALA D 212 6.11 22.73 -12.27
C ALA D 212 7.23 22.84 -13.30
N GLU D 213 7.99 21.75 -13.44
CA GLU D 213 9.08 21.74 -14.42
C GLU D 213 8.55 21.66 -15.84
N GLU D 214 7.36 21.08 -16.01
CA GLU D 214 6.75 20.92 -17.32
C GLU D 214 5.23 20.93 -17.14
N VAL D 215 4.55 21.65 -18.02
CA VAL D 215 3.09 21.74 -17.98
C VAL D 215 2.56 21.24 -19.31
N MET D 216 1.79 20.15 -19.26
CA MET D 216 1.16 19.58 -20.45
C MET D 216 -0.33 19.80 -20.30
N ILE D 217 -0.91 20.63 -21.16
CA ILE D 217 -2.34 20.87 -21.17
C ILE D 217 -2.95 20.17 -22.36
N LEU D 218 -4.06 19.48 -22.12
CA LEU D 218 -4.77 18.71 -23.12
C LEU D 218 -6.09 19.43 -23.41
N ALA D 219 -6.36 19.68 -24.69
CA ALA D 219 -7.52 20.48 -25.07
C ALA D 219 -8.19 19.81 -26.26
N THR D 220 -9.30 19.14 -26.02
CA THR D 220 -10.10 18.53 -27.06
C THR D 220 -11.48 19.17 -27.09
N GLY D 221 -12.00 19.39 -28.29
CA GLY D 221 -13.34 19.92 -28.42
C GLY D 221 -13.40 21.24 -29.16
N HIS D 222 -14.49 21.45 -29.90
CA HIS D 222 -14.64 22.70 -30.64
C HIS D 222 -14.80 23.90 -29.70
N GLN D 223 -15.31 23.68 -28.49
CA GLN D 223 -15.49 24.78 -27.56
C GLN D 223 -14.18 25.28 -26.97
N LYS D 224 -13.08 24.57 -27.18
CA LYS D 224 -11.78 24.98 -26.70
C LYS D 224 -10.92 25.57 -27.80
N ALA D 225 -11.47 25.74 -29.01
CA ALA D 225 -10.69 26.23 -30.13
C ALA D 225 -10.22 27.66 -29.89
N LEU D 226 -11.06 28.50 -29.27
CA LEU D 226 -10.64 29.87 -28.99
C LEU D 226 -9.55 29.91 -27.93
N ALA D 227 -9.63 29.02 -26.93
CA ALA D 227 -8.57 28.96 -25.93
C ALA D 227 -7.26 28.50 -26.55
N VAL D 228 -7.32 27.57 -27.50
CA VAL D 228 -6.11 27.10 -28.15
C VAL D 228 -5.50 28.20 -29.00
N GLN D 229 -6.34 28.97 -29.69
CA GLN D 229 -5.84 30.12 -30.46
C GLN D 229 -5.15 31.12 -29.55
N ALA D 230 -5.73 31.39 -28.38
CA ALA D 230 -5.11 32.33 -27.46
C ALA D 230 -3.77 31.83 -26.94
N ALA D 231 -3.63 30.51 -26.79
CA ALA D 231 -2.39 29.97 -26.23
C ALA D 231 -1.26 29.92 -27.25
N VAL D 232 -1.58 29.65 -28.51
CA VAL D 232 -0.57 29.41 -29.54
C VAL D 232 -0.30 30.67 -30.36
N GLU D 233 -1.35 31.32 -30.86
CA GLU D 233 -1.19 32.43 -31.79
C GLU D 233 -1.14 33.79 -31.11
N GLY D 234 -1.93 33.97 -30.06
CA GLY D 234 -2.03 35.28 -29.44
C GLY D 234 -0.84 35.62 -28.57
N SER D 235 -0.71 36.91 -28.29
CA SER D 235 0.23 37.37 -27.29
C SER D 235 -0.32 37.04 -25.89
N ILE D 236 0.55 37.18 -24.89
CA ILE D 236 0.14 36.94 -23.51
C ILE D 236 -0.91 37.95 -23.11
N ASN D 237 -2.08 37.46 -22.72
CA ASN D 237 -3.17 38.29 -22.22
C ASN D 237 -3.55 37.81 -20.83
N HIS D 238 -3.63 38.74 -19.88
CA HIS D 238 -3.91 38.34 -18.50
C HIS D 238 -5.37 37.95 -18.27
N LEU D 239 -6.22 38.04 -19.29
CA LEU D 239 -7.59 37.51 -19.21
C LEU D 239 -7.69 36.10 -19.76
N TRP D 240 -6.62 35.56 -20.34
CA TRP D 240 -6.55 34.18 -20.80
C TRP D 240 -5.40 33.55 -20.01
N THR D 241 -5.73 32.94 -18.87
CA THR D 241 -4.69 32.39 -18.00
C THR D 241 -3.79 31.41 -18.74
N VAL D 242 -4.37 30.64 -19.66
CA VAL D 242 -3.59 29.63 -20.37
C VAL D 242 -2.49 30.27 -21.20
N SER D 243 -2.71 31.49 -21.70
CA SER D 243 -1.70 32.16 -22.50
C SER D 243 -0.45 32.51 -21.72
N ALA D 244 -0.55 32.65 -20.38
CA ALA D 244 0.62 32.94 -19.58
C ALA D 244 1.63 31.81 -19.59
N LEU D 245 1.19 30.59 -19.91
CA LEU D 245 2.08 29.45 -20.02
C LEU D 245 3.04 29.58 -21.20
N GLN D 246 2.87 30.59 -22.04
CA GLN D 246 3.82 30.84 -23.13
C GLN D 246 5.22 31.16 -22.59
N MET D 247 5.30 31.75 -21.40
CA MET D 247 6.57 32.11 -20.79
C MET D 247 7.14 31.00 -19.91
N HIS D 248 6.53 29.82 -19.93
CA HIS D 248 7.01 28.68 -19.17
C HIS D 248 8.11 27.96 -19.95
N ARG D 249 9.08 27.41 -19.22
CA ARG D 249 10.24 26.81 -19.87
C ARG D 249 9.87 25.60 -20.70
N HIS D 250 8.85 24.82 -20.30
CA HIS D 250 8.43 23.63 -21.03
C HIS D 250 6.91 23.58 -21.04
N PHE D 251 6.30 24.24 -22.01
CA PHE D 251 4.85 24.24 -22.18
C PHE D 251 4.48 23.36 -23.37
N VAL D 252 3.67 22.33 -23.11
CA VAL D 252 3.17 21.42 -24.12
C VAL D 252 1.67 21.59 -24.22
N LEU D 253 1.16 21.73 -25.45
CA LEU D 253 -0.27 21.81 -25.70
C LEU D 253 -0.63 20.77 -26.75
N VAL D 254 -1.47 19.81 -26.37
CA VAL D 254 -1.94 18.75 -27.27
C VAL D 254 -3.42 18.98 -27.51
N CYS D 255 -3.84 18.89 -28.77
CA CYS D 255 -5.22 19.19 -29.11
C CYS D 255 -5.68 18.36 -30.30
N ASP D 256 -7.01 18.27 -30.45
CA ASP D 256 -7.66 17.55 -31.53
C ASP D 256 -8.09 18.52 -32.64
N GLU D 257 -8.72 17.97 -33.69
CA GLU D 257 -9.05 18.79 -34.85
C GLU D 257 -10.09 19.85 -34.54
N ALA D 258 -11.08 19.52 -33.72
CA ALA D 258 -12.12 20.48 -33.38
C ALA D 258 -11.54 21.70 -32.68
N ALA D 259 -10.44 21.53 -31.94
CA ALA D 259 -9.83 22.62 -31.20
C ALA D 259 -8.84 23.43 -32.03
N GLN D 260 -8.63 23.06 -33.29
CA GLN D 260 -7.70 23.80 -34.16
C GLN D 260 -8.49 24.66 -35.13
N GLN D 261 -9.82 24.70 -35.03
CA GLN D 261 -10.62 25.35 -36.07
C GLN D 261 -10.45 26.85 -36.11
N GLU D 262 -9.98 27.48 -35.03
CA GLU D 262 -9.80 28.92 -35.02
C GLU D 262 -8.38 29.34 -35.37
N LEU D 263 -7.46 28.39 -35.49
CA LEU D 263 -6.05 28.71 -35.78
C LEU D 263 -5.92 28.92 -37.29
N LYS D 264 -4.81 29.54 -37.72
CA LYS D 264 -4.56 29.75 -39.15
C LYS D 264 -3.82 28.53 -39.68
N VAL D 265 -3.92 28.28 -40.99
CA VAL D 265 -3.30 27.06 -41.59
C VAL D 265 -1.79 27.06 -41.34
N LYS D 266 -1.15 28.23 -41.28
CA LYS D 266 0.31 28.33 -41.11
C LYS D 266 0.70 27.86 -39.71
N THR D 267 -0.14 28.14 -38.72
CA THR D 267 0.21 27.78 -37.33
C THR D 267 0.28 26.26 -37.23
N VAL D 268 -0.70 25.58 -37.79
CA VAL D 268 -0.74 24.10 -37.67
C VAL D 268 0.38 23.53 -38.53
N LYS D 269 0.60 24.09 -39.71
CA LYS D 269 1.63 23.55 -40.64
C LYS D 269 2.99 23.57 -39.95
N TYR D 270 3.36 24.71 -39.39
CA TYR D 270 4.70 24.83 -38.77
C TYR D 270 4.90 23.76 -37.71
N PHE D 271 3.94 23.65 -36.81
CA PHE D 271 4.10 22.72 -35.66
C PHE D 271 3.91 21.26 -36.08
N THR D 272 3.06 21.00 -37.07
CA THR D 272 2.81 19.61 -37.55
C THR D 272 4.06 19.09 -38.25
N GLU D 273 4.81 19.96 -38.91
CA GLU D 273 6.04 19.54 -39.57
C GLU D 273 7.20 19.48 -38.58
N LEU D 274 7.24 20.42 -37.64
CA LEU D 274 8.25 20.36 -36.57
C LEU D 274 8.18 19.04 -35.82
N GLU D 275 6.96 18.56 -35.56
CA GLU D 275 6.75 17.29 -34.86
C GLU D 275 6.65 16.15 -35.86
N GLY D 276 7.71 15.98 -36.64
CA GLY D 276 7.80 14.92 -37.61
C GLY D 276 8.74 15.23 -38.76
N PHE E 16 14.46 52.71 -24.67
CA PHE E 16 14.18 51.28 -24.65
C PHE E 16 14.35 50.83 -26.10
N MET E 17 13.36 51.08 -26.96
CA MET E 17 13.49 50.82 -28.39
C MET E 17 13.74 52.10 -29.18
N ARG E 18 14.80 52.11 -30.00
CA ARG E 18 15.05 53.15 -30.98
C ARG E 18 14.68 52.64 -32.37
N PHE E 19 13.77 53.33 -33.05
CA PHE E 19 13.38 52.99 -34.41
C PHE E 19 13.88 54.09 -35.34
N ILE E 20 14.70 53.72 -36.33
CA ILE E 20 15.25 54.67 -37.28
C ILE E 20 14.63 54.41 -38.64
N PRO E 21 13.57 55.13 -39.03
CA PRO E 21 13.01 54.99 -40.39
C PRO E 21 13.78 55.85 -41.38
N LEU E 22 14.32 55.21 -42.41
CA LEU E 22 15.03 55.89 -43.50
C LEU E 22 14.38 55.54 -44.83
N GLN E 23 14.91 56.10 -45.91
CA GLN E 23 14.32 55.92 -47.24
C GLN E 23 14.94 54.78 -48.03
N THR E 24 16.27 54.79 -48.20
CA THR E 24 16.95 53.87 -49.09
C THR E 24 17.78 52.86 -48.31
N GLU E 25 18.09 51.74 -48.97
CA GLU E 25 18.96 50.75 -48.36
C GLU E 25 20.36 51.30 -48.14
N GLN E 26 20.82 52.20 -49.00
CA GLN E 26 22.12 52.83 -48.84
C GLN E 26 22.18 53.61 -47.53
N GLN E 27 21.14 54.41 -47.26
CA GLN E 27 21.10 55.16 -46.01
C GLN E 27 21.10 54.24 -44.81
N VAL E 28 20.44 53.09 -44.93
CA VAL E 28 20.37 52.13 -43.83
C VAL E 28 21.76 51.61 -43.50
N SER E 29 22.53 51.25 -44.53
CA SER E 29 23.88 50.74 -44.30
C SER E 29 24.80 51.84 -43.77
N CYS E 30 24.67 53.06 -44.31
CA CYS E 30 25.50 54.17 -43.84
C CYS E 30 25.20 54.51 -42.39
N TRP E 31 23.92 54.54 -42.02
CA TRP E 31 23.56 54.78 -40.62
C TRP E 31 24.16 53.70 -39.72
N ALA E 32 24.02 52.43 -40.13
CA ALA E 32 24.57 51.33 -39.35
C ALA E 32 26.09 51.47 -39.21
N ALA E 33 26.77 51.75 -40.31
CA ALA E 33 28.22 51.94 -40.27
C ALA E 33 28.61 53.06 -39.32
N GLN E 34 27.97 54.23 -39.46
CA GLN E 34 28.27 55.35 -38.57
C GLN E 34 28.04 55.00 -37.11
N HIS E 35 26.95 54.28 -36.81
CA HIS E 35 26.67 53.91 -35.44
C HIS E 35 27.77 53.01 -34.86
N ILE E 36 28.23 52.04 -35.65
CA ILE E 36 29.32 51.19 -35.19
C ILE E 36 30.58 52.01 -34.95
N ILE E 37 30.89 52.94 -35.85
CA ILE E 37 32.04 53.81 -35.68
C ILE E 37 31.96 54.54 -34.34
N ASN E 38 30.82 55.17 -34.07
CA ASN E 38 30.67 55.99 -32.87
C ASN E 38 30.77 55.13 -31.61
N ARG E 39 30.20 53.93 -31.65
CA ARG E 39 30.29 53.03 -30.50
C ARG E 39 31.75 52.69 -30.20
N ILE E 40 32.51 52.31 -31.23
CA ILE E 40 33.92 51.98 -31.04
C ILE E 40 34.71 53.20 -30.56
N ASN E 41 34.54 54.34 -31.23
CA ASN E 41 35.36 55.50 -30.88
C ASN E 41 35.01 56.07 -29.52
N ASP E 42 33.73 55.99 -29.10
CA ASP E 42 33.39 56.39 -27.74
C ASP E 42 33.97 55.41 -26.72
N PHE E 43 33.94 54.11 -27.03
CA PHE E 43 34.38 53.08 -26.09
C PHE E 43 35.87 53.19 -25.77
N LYS E 44 36.68 53.69 -26.71
CA LYS E 44 38.14 53.76 -26.58
C LYS E 44 38.75 52.40 -26.27
N PRO E 45 38.75 51.47 -27.22
CA PRO E 45 39.22 50.11 -26.92
C PRO E 45 40.73 50.02 -26.83
N THR E 46 41.18 49.13 -25.96
CA THR E 46 42.58 48.75 -25.82
C THR E 46 42.72 47.26 -26.06
N ALA E 47 43.98 46.79 -26.08
CA ALA E 47 44.20 45.35 -26.22
C ALA E 47 43.61 44.58 -25.05
N GLU E 48 43.77 45.12 -23.82
CA GLU E 48 43.22 44.46 -22.64
C GLU E 48 41.72 44.67 -22.52
N ARG E 49 41.20 45.76 -23.08
CA ARG E 49 39.77 46.07 -23.00
C ARG E 49 39.26 46.34 -24.41
N PRO E 50 39.07 45.29 -25.20
CA PRO E 50 38.65 45.47 -26.59
C PRO E 50 37.15 45.72 -26.72
N PHE E 51 36.79 46.30 -27.87
CA PHE E 51 35.39 46.40 -28.25
C PHE E 51 34.95 45.13 -28.95
N VAL E 52 33.82 44.57 -28.53
CA VAL E 52 33.33 43.29 -29.03
C VAL E 52 32.13 43.55 -29.92
N LEU E 53 32.22 43.10 -31.17
CA LEU E 53 31.23 43.38 -32.20
C LEU E 53 30.65 42.07 -32.73
N GLY E 54 29.32 41.96 -32.73
CA GLY E 54 28.66 40.82 -33.34
C GLY E 54 28.27 41.14 -34.78
N LEU E 55 28.49 40.19 -35.68
CA LEU E 55 28.38 40.49 -37.09
C LEU E 55 27.54 39.47 -37.83
N PRO E 56 26.74 39.90 -38.81
CA PRO E 56 25.98 38.95 -39.63
C PRO E 56 26.49 38.86 -41.06
N THR E 57 25.81 38.06 -41.88
CA THR E 57 26.08 37.90 -43.30
C THR E 57 24.84 38.35 -44.08
N GLY E 58 25.01 38.64 -45.37
CA GLY E 58 23.90 38.91 -46.25
C GLY E 58 24.11 40.16 -47.10
N GLY E 59 23.08 40.46 -47.88
CA GLY E 59 23.21 41.54 -48.86
C GLY E 59 23.32 42.91 -48.21
N THR E 60 22.39 43.23 -47.31
CA THR E 60 22.45 44.52 -46.62
C THR E 60 23.69 44.66 -45.75
N PRO E 61 24.11 43.66 -44.96
CA PRO E 61 25.41 43.78 -44.28
C PRO E 61 26.56 44.09 -45.22
N LEU E 62 26.56 43.50 -46.42
CA LEU E 62 27.65 43.72 -47.36
C LEU E 62 27.85 45.22 -47.61
N LYS E 63 26.75 45.94 -47.86
CA LYS E 63 26.84 47.38 -48.05
C LYS E 63 27.41 48.07 -46.82
N THR E 64 27.03 47.60 -45.63
CA THR E 64 27.57 48.18 -44.40
C THR E 64 29.05 47.92 -44.26
N TYR E 65 29.50 46.69 -44.54
CA TYR E 65 30.92 46.39 -44.48
C TYR E 65 31.70 47.25 -45.47
N GLN E 66 31.14 47.45 -46.68
CA GLN E 66 31.78 48.32 -47.66
C GLN E 66 31.92 49.74 -47.11
N GLU E 67 30.87 50.26 -46.47
CA GLU E 67 30.94 51.59 -45.88
C GLU E 67 31.94 51.63 -44.73
N LEU E 68 32.02 50.56 -43.94
CA LEU E 68 33.01 50.53 -42.87
C LEU E 68 34.42 50.54 -43.42
N ILE E 69 34.65 49.85 -44.55
CA ILE E 69 35.96 49.86 -45.19
C ILE E 69 36.29 51.27 -45.69
N ARG E 70 35.33 51.94 -46.30
CA ARG E 70 35.56 53.32 -46.76
C ARG E 70 35.88 54.23 -45.58
N LEU E 71 35.15 54.08 -44.47
CA LEU E 71 35.40 54.88 -43.29
C LEU E 71 36.76 54.58 -42.68
N TYR E 72 37.20 53.31 -42.75
CA TYR E 72 38.52 52.95 -42.26
C TYR E 72 39.62 53.58 -43.11
N GLN E 73 39.45 53.54 -44.45
CA GLN E 73 40.40 54.17 -45.34
C GLN E 73 40.50 55.68 -45.09
N ALA E 74 39.37 56.29 -44.75
CA ALA E 74 39.28 57.70 -44.34
C ALA E 74 39.79 57.93 -42.91
N GLY E 75 40.55 57.00 -42.36
CA GLY E 75 41.01 57.03 -40.99
C GLY E 75 40.04 57.52 -39.93
N LYS E 76 38.74 57.23 -40.13
CA LYS E 76 37.72 57.55 -39.15
C LYS E 76 37.53 56.45 -38.11
N VAL E 77 38.23 55.32 -38.25
CA VAL E 77 38.10 54.22 -37.31
C VAL E 77 39.28 53.30 -37.49
N SER E 78 39.66 52.61 -36.41
CA SER E 78 40.63 51.52 -36.46
C SER E 78 40.01 50.31 -35.76
N PHE E 79 40.24 49.13 -36.34
CA PHE E 79 39.76 47.87 -35.77
C PHE E 79 40.86 47.08 -35.08
N LYS E 80 42.01 47.72 -34.81
CA LYS E 80 43.15 47.08 -34.17
C LYS E 80 42.85 46.59 -32.75
N HIS E 81 41.61 46.83 -32.28
CA HIS E 81 41.23 46.48 -30.93
C HIS E 81 39.75 46.16 -30.87
N VAL E 82 39.20 45.66 -31.97
CA VAL E 82 37.83 45.20 -32.06
C VAL E 82 37.86 43.69 -32.19
N VAL E 83 37.03 43.00 -31.41
CA VAL E 83 36.90 41.55 -31.47
C VAL E 83 35.52 41.25 -32.04
N THR E 84 35.47 40.37 -33.04
CA THR E 84 34.22 40.06 -33.72
C THR E 84 33.78 38.63 -33.45
N PHE E 85 32.46 38.46 -33.36
CA PHE E 85 31.81 37.15 -33.29
C PHE E 85 30.74 37.11 -34.38
N ASN E 86 30.76 36.08 -35.19
CA ASN E 86 29.76 35.93 -36.25
C ASN E 86 28.61 35.05 -35.78
N MET E 87 27.45 35.26 -36.42
CA MET E 87 26.24 34.58 -35.99
C MET E 87 26.28 33.08 -36.27
N ASP E 88 26.76 32.69 -37.45
CA ASP E 88 26.53 31.32 -37.89
C ASP E 88 27.54 30.94 -38.98
N GLU E 89 27.50 29.66 -39.34
CA GLU E 89 28.34 29.06 -40.37
C GLU E 89 27.77 27.70 -40.73
N TYR E 90 27.90 27.33 -42.00
CA TYR E 90 27.45 26.01 -42.45
C TYR E 90 28.27 24.89 -41.85
N VAL E 91 27.64 23.72 -41.72
CA VAL E 91 28.28 22.50 -41.25
C VAL E 91 28.64 21.66 -42.46
N ALA E 92 29.80 20.99 -42.41
CA ALA E 92 30.25 20.10 -43.47
C ALA E 92 30.43 20.85 -44.79
N LEU E 93 30.90 22.09 -44.69
CA LEU E 93 31.32 22.86 -45.85
C LEU E 93 32.75 23.32 -45.58
N PRO E 94 33.70 23.02 -46.46
CA PRO E 94 35.07 23.48 -46.25
C PRO E 94 35.10 24.99 -46.08
N GLU E 95 35.83 25.45 -45.07
CA GLU E 95 35.77 26.86 -44.71
C GLU E 95 36.42 27.78 -45.74
N GLU E 96 37.15 27.25 -46.71
CA GLU E 96 37.61 28.01 -47.86
C GLU E 96 36.67 27.92 -49.06
N HIS E 97 35.51 27.31 -48.90
CA HIS E 97 34.54 27.26 -49.98
C HIS E 97 33.96 28.65 -50.21
N PRO E 98 33.77 29.06 -51.47
CA PRO E 98 33.21 30.40 -51.75
C PRO E 98 31.95 30.73 -50.98
N GLU E 99 31.10 29.74 -50.73
CA GLU E 99 29.78 29.99 -50.16
C GLU E 99 29.75 29.82 -48.65
N SER E 100 30.90 29.56 -48.03
CA SER E 100 30.98 29.51 -46.58
C SER E 100 30.97 30.92 -46.00
N TYR E 101 30.54 31.03 -44.74
CA TYR E 101 30.48 32.32 -44.09
C TYR E 101 31.85 32.79 -43.61
N HIS E 102 32.78 31.86 -43.38
CA HIS E 102 34.19 32.23 -43.27
C HIS E 102 34.64 33.02 -44.49
N SER E 103 34.41 32.47 -45.69
CA SER E 103 34.81 33.13 -46.92
C SER E 103 34.13 34.48 -47.09
N PHE E 104 32.84 34.55 -46.80
CA PHE E 104 32.11 35.81 -46.95
C PHE E 104 32.75 36.90 -46.10
N MET E 105 33.06 36.58 -44.84
CA MET E 105 33.54 37.59 -43.90
C MET E 105 34.95 38.05 -44.26
N TYR E 106 35.85 37.10 -44.53
CA TYR E 106 37.23 37.48 -44.83
C TYR E 106 37.34 38.22 -46.16
N ASN E 107 36.67 37.73 -47.20
CA ASN E 107 36.80 38.33 -48.52
C ASN E 107 36.17 39.71 -48.59
N ASN E 108 35.02 39.90 -47.94
CA ASN E 108 34.29 41.15 -48.04
C ASN E 108 34.61 42.15 -46.94
N PHE E 109 35.34 41.77 -45.90
CA PHE E 109 35.53 42.67 -44.78
C PHE E 109 36.92 42.58 -44.16
N PHE E 110 37.22 41.45 -43.50
CA PHE E 110 38.40 41.37 -42.64
C PHE E 110 39.68 41.57 -43.42
N ASN E 111 39.74 41.13 -44.68
CA ASN E 111 40.96 41.29 -45.45
C ASN E 111 41.17 42.73 -45.90
N HIS E 112 40.25 43.64 -45.58
CA HIS E 112 40.33 45.03 -46.01
C HIS E 112 40.43 46.01 -44.85
N ILE E 113 40.57 45.52 -43.61
CA ILE E 113 40.66 46.36 -42.43
C ILE E 113 41.84 45.88 -41.59
N ASP E 114 42.12 46.63 -40.52
CA ASP E 114 43.30 46.42 -39.69
C ASP E 114 42.99 45.58 -38.44
N ILE E 115 42.02 44.68 -38.52
CA ILE E 115 41.73 43.80 -37.39
C ILE E 115 42.85 42.78 -37.23
N LEU E 116 43.11 42.39 -35.98
CA LEU E 116 44.11 41.37 -35.72
C LEU E 116 43.52 39.98 -36.02
N PRO E 117 44.28 39.12 -36.71
CA PRO E 117 43.73 37.81 -37.11
C PRO E 117 43.24 36.95 -35.96
N GLU E 118 43.83 37.09 -34.78
CA GLU E 118 43.43 36.29 -33.63
C GLU E 118 42.19 36.83 -32.92
N ASN E 119 41.63 37.95 -33.39
CA ASN E 119 40.43 38.54 -32.81
C ASN E 119 39.19 38.26 -33.65
N ILE E 120 39.30 37.44 -34.69
CA ILE E 120 38.19 37.06 -35.54
C ILE E 120 37.67 35.70 -35.05
N ASN E 121 36.41 35.65 -34.64
CA ASN E 121 35.80 34.42 -34.17
C ASN E 121 34.62 34.06 -35.07
N ILE E 122 34.66 32.84 -35.63
CA ILE E 122 33.61 32.31 -36.49
C ILE E 122 33.46 30.84 -36.15
N LEU E 123 32.21 30.40 -35.94
CA LEU E 123 31.94 29.00 -35.62
C LEU E 123 32.57 28.08 -36.65
N ASN E 124 33.13 26.96 -36.17
CA ASN E 124 33.79 25.97 -37.01
C ASN E 124 32.84 24.80 -37.22
N GLY E 125 32.33 24.65 -38.44
CA GLY E 125 31.38 23.59 -38.74
C GLY E 125 32.01 22.31 -39.23
N ASN E 126 33.32 22.16 -39.03
CA ASN E 126 34.05 20.98 -39.47
C ASN E 126 34.74 20.27 -38.33
N THR E 127 34.41 20.64 -37.09
CA THR E 127 34.90 19.97 -35.89
C THR E 127 34.44 18.51 -35.83
N ASP E 128 35.09 17.75 -34.94
CA ASP E 128 34.66 16.39 -34.63
C ASP E 128 33.48 16.35 -33.66
N ASP E 129 33.14 17.47 -33.03
CA ASP E 129 32.12 17.49 -31.97
C ASP E 129 31.45 18.86 -32.04
N HIS E 130 30.27 18.91 -32.67
CA HIS E 130 29.60 20.19 -32.86
C HIS E 130 29.13 20.80 -31.54
N ASN E 131 28.71 19.97 -30.58
CA ASN E 131 28.30 20.48 -29.28
C ASN E 131 29.46 21.10 -28.53
N ALA E 132 30.61 20.41 -28.51
CA ALA E 132 31.81 20.99 -27.92
C ALA E 132 32.19 22.28 -28.63
N GLU E 133 32.08 22.30 -29.96
CA GLU E 133 32.39 23.50 -30.73
C GLU E 133 31.47 24.64 -30.36
N CYS E 134 30.16 24.37 -30.27
CA CYS E 134 29.21 25.41 -29.89
C CYS E 134 29.49 25.91 -28.47
N HIS E 135 29.81 24.97 -27.57
CA HIS E 135 30.12 25.35 -26.19
C HIS E 135 31.38 26.21 -26.11
N ARG E 136 32.41 25.87 -26.89
CA ARG E 136 33.62 26.70 -26.90
C ARG E 136 33.30 28.13 -27.34
N TYR E 137 32.36 28.28 -28.27
CA TYR E 137 31.98 29.60 -28.75
C TYR E 137 31.33 30.42 -27.65
N GLU E 138 30.37 29.85 -26.94
CA GLU E 138 29.76 30.53 -25.80
C GLU E 138 30.80 30.90 -24.75
N GLU E 139 31.74 29.98 -24.48
CA GLU E 139 32.78 30.25 -23.50
C GLU E 139 33.69 31.39 -23.95
N LYS E 140 34.07 31.40 -25.23
CA LYS E 140 34.92 32.46 -25.76
C LYS E 140 34.30 33.84 -25.55
N ILE E 141 32.99 33.96 -25.76
CA ILE E 141 32.31 35.23 -25.50
C ILE E 141 32.37 35.57 -24.01
N LYS E 142 32.08 34.59 -23.15
CA LYS E 142 32.14 34.83 -21.71
C LYS E 142 33.53 35.29 -21.27
N SER E 143 34.58 34.77 -21.92
CA SER E 143 35.93 35.15 -21.54
C SER E 143 36.20 36.62 -21.79
N TYR E 144 35.51 37.22 -22.76
CA TYR E 144 35.64 38.65 -23.05
C TYR E 144 34.69 39.51 -22.23
N GLY E 145 33.70 38.91 -21.58
CA GLY E 145 32.72 39.65 -20.82
C GLY E 145 31.35 39.66 -21.46
N LYS E 146 31.18 40.50 -22.48
CA LYS E 146 29.91 40.58 -23.19
C LYS E 146 30.13 41.23 -24.54
N ILE E 147 29.27 40.88 -25.49
CA ILE E 147 29.28 41.57 -26.78
C ILE E 147 28.67 42.96 -26.59
N HIS E 148 29.41 43.99 -27.02
CA HIS E 148 28.98 45.36 -26.80
C HIS E 148 27.92 45.80 -27.81
N LEU E 149 28.06 45.39 -29.06
CA LEU E 149 27.08 45.72 -30.10
C LEU E 149 26.95 44.53 -31.03
N PHE E 150 25.74 43.99 -31.16
CA PHE E 150 25.46 42.88 -32.07
C PHE E 150 24.60 43.38 -33.22
N MET E 151 25.17 43.43 -34.41
CA MET E 151 24.42 43.73 -35.63
C MET E 151 23.83 42.45 -36.18
N GLY E 152 22.62 42.54 -36.71
CA GLY E 152 21.97 41.37 -37.29
C GLY E 152 20.88 41.77 -38.25
N GLY E 153 20.35 40.77 -38.94
CA GLY E 153 19.18 40.92 -39.77
C GLY E 153 17.98 40.19 -39.19
N VAL E 154 16.90 40.19 -39.97
CA VAL E 154 15.64 39.59 -39.54
C VAL E 154 14.98 38.93 -40.74
N GLY E 155 14.42 37.73 -40.52
CA GLY E 155 13.71 37.04 -41.57
C GLY E 155 12.32 37.59 -41.83
N VAL E 156 11.73 37.16 -42.94
CA VAL E 156 10.37 37.59 -43.30
C VAL E 156 9.35 37.12 -42.27
N ASP E 157 9.68 36.08 -41.50
CA ASP E 157 8.83 35.61 -40.41
C ASP E 157 9.35 36.05 -39.06
N GLY E 158 10.30 37.00 -39.04
CA GLY E 158 10.85 37.54 -37.81
C GLY E 158 11.92 36.71 -37.14
N HIS E 159 12.41 35.66 -37.79
CA HIS E 159 13.43 34.82 -37.18
C HIS E 159 14.80 35.49 -37.24
N ILE E 160 15.66 35.10 -36.29
CA ILE E 160 17.01 35.64 -36.16
C ILE E 160 18.01 34.52 -36.40
N ALA E 161 18.95 34.77 -37.31
CA ALA E 161 20.02 33.81 -37.69
C ALA E 161 19.35 32.52 -38.14
N PHE E 162 19.89 31.35 -37.80
CA PHE E 162 19.28 30.08 -38.16
C PHE E 162 18.33 29.56 -37.08
N ASN E 163 17.93 30.41 -36.14
CA ASN E 163 16.92 30.02 -35.17
C ASN E 163 15.56 29.88 -35.84
N GLU E 164 14.77 28.94 -35.33
CA GLU E 164 13.43 28.72 -35.86
C GLU E 164 12.50 29.86 -35.41
N PRO E 165 11.45 30.13 -36.19
CA PRO E 165 10.55 31.26 -35.84
C PRO E 165 9.93 31.15 -34.46
N ALA E 166 9.91 29.96 -33.85
CA ALA E 166 9.37 29.77 -32.50
C ALA E 166 10.44 29.38 -31.50
N SER E 167 11.65 29.90 -31.67
CA SER E 167 12.77 29.52 -30.81
C SER E 167 12.60 30.08 -29.40
N SER E 168 13.08 29.32 -28.43
CA SER E 168 13.12 29.79 -27.06
C SER E 168 13.93 31.07 -26.94
N LEU E 169 13.42 32.03 -26.16
CA LEU E 169 14.15 33.26 -25.93
C LEU E 169 15.39 33.07 -25.07
N SER E 170 15.66 31.85 -24.61
CA SER E 170 16.88 31.52 -23.88
C SER E 170 17.69 30.45 -24.60
N SER E 171 17.41 30.23 -25.89
CA SER E 171 18.19 29.29 -26.67
C SER E 171 19.64 29.76 -26.77
N ARG E 172 20.55 28.80 -26.84
CA ARG E 172 21.98 29.02 -26.85
C ARG E 172 22.58 28.59 -28.18
N THR E 173 23.90 28.77 -28.32
CA THR E 173 24.59 28.32 -29.52
C THR E 173 24.48 26.82 -29.66
N ARG E 174 24.02 26.36 -30.81
CA ARG E 174 23.73 24.95 -31.02
C ARG E 174 23.68 24.66 -32.52
N ILE E 175 23.64 23.38 -32.84
CA ILE E 175 23.47 22.94 -34.23
C ILE E 175 21.98 22.96 -34.56
N LYS E 176 21.66 23.39 -35.78
CA LYS E 176 20.29 23.56 -36.22
C LYS E 176 20.13 22.92 -37.60
N THR E 177 19.02 22.23 -37.80
CA THR E 177 18.68 21.67 -39.11
C THR E 177 17.97 22.75 -39.93
N LEU E 178 18.53 23.06 -41.10
CA LEU E 178 17.98 24.12 -41.93
C LEU E 178 16.57 23.79 -42.39
N THR E 179 15.69 24.79 -42.35
CA THR E 179 14.31 24.62 -42.78
C THR E 179 14.22 24.49 -44.30
N GLN E 180 13.11 23.91 -44.77
CA GLN E 180 12.86 23.81 -46.20
C GLN E 180 12.90 25.18 -46.87
N ASP E 181 12.36 26.20 -46.21
CA ASP E 181 12.41 27.54 -46.78
C ASP E 181 13.85 28.06 -46.84
N THR E 182 14.64 27.81 -45.80
CA THR E 182 16.04 28.24 -45.82
C THR E 182 16.83 27.49 -46.88
N LEU E 183 16.56 26.19 -47.05
CA LEU E 183 17.21 25.43 -48.11
C LEU E 183 16.90 26.01 -49.48
N ILE E 184 15.63 26.36 -49.72
CA ILE E 184 15.23 26.93 -51.00
C ILE E 184 15.85 28.32 -51.17
N ALA E 185 15.73 29.16 -50.16
CA ALA E 185 16.28 30.52 -50.21
C ALA E 185 17.75 30.52 -50.59
N ASN E 186 18.54 29.65 -49.95
CA ASN E 186 19.98 29.64 -50.18
C ASN E 186 20.39 28.84 -51.41
N SER E 187 19.43 28.23 -52.12
CA SER E 187 19.76 27.47 -53.32
C SER E 187 20.46 28.33 -54.36
N ARG E 188 20.15 29.62 -54.41
CA ARG E 188 20.73 30.50 -55.42
C ARG E 188 22.26 30.56 -55.31
N PHE E 189 22.80 30.25 -54.14
CA PHE E 189 24.24 30.23 -53.92
C PHE E 189 24.88 28.90 -54.29
N PHE E 190 24.09 27.88 -54.59
CA PHE E 190 24.58 26.55 -54.92
C PHE E 190 23.97 26.05 -56.22
N ASN E 191 23.92 26.91 -57.24
CA ASN E 191 23.47 26.55 -58.58
C ASN E 191 22.01 26.12 -58.60
N ASN E 192 21.19 26.78 -57.77
CA ASN E 192 19.76 26.45 -57.65
C ASN E 192 19.55 24.95 -57.43
N ASP E 193 20.40 24.36 -56.60
CA ASP E 193 20.34 22.93 -56.30
C ASP E 193 20.11 22.76 -54.80
N VAL E 194 18.87 22.43 -54.44
CA VAL E 194 18.54 22.21 -53.03
C VAL E 194 19.40 21.10 -52.45
N THR E 195 19.75 20.09 -53.27
CA THR E 195 20.54 18.98 -52.78
C THR E 195 21.96 19.38 -52.43
N GLN E 196 22.43 20.53 -52.91
CA GLN E 196 23.79 20.98 -52.65
C GLN E 196 23.91 21.95 -51.47
N VAL E 197 22.80 22.47 -50.96
CA VAL E 197 22.89 23.36 -49.80
C VAL E 197 23.16 22.52 -48.56
N PRO E 198 24.12 22.90 -47.71
CA PRO E 198 24.37 22.14 -46.48
C PRO E 198 23.12 22.00 -45.64
N LYS E 199 22.91 20.79 -45.11
CA LYS E 199 21.69 20.49 -44.36
C LYS E 199 21.69 21.11 -42.97
N TYR E 200 22.86 21.28 -42.36
CA TYR E 200 22.95 21.76 -40.98
C TYR E 200 23.88 22.97 -40.90
N ALA E 201 23.74 23.70 -39.80
CA ALA E 201 24.57 24.87 -39.54
C ALA E 201 24.67 25.07 -38.04
N LEU E 202 25.75 25.74 -37.63
CA LEU E 202 25.95 26.17 -36.25
C LEU E 202 25.52 27.61 -36.13
N THR E 203 24.66 27.91 -35.15
CA THR E 203 24.09 29.24 -35.02
C THR E 203 24.05 29.65 -33.55
N ILE E 204 24.24 30.96 -33.32
CA ILE E 204 24.02 31.52 -32.00
C ILE E 204 22.53 31.47 -31.68
N GLY E 205 22.21 31.39 -30.39
CA GLY E 205 20.83 31.35 -29.97
C GLY E 205 20.25 32.73 -29.75
N VAL E 206 18.94 32.76 -29.56
CA VAL E 206 18.27 34.02 -29.25
C VAL E 206 18.77 34.56 -27.91
N GLY E 207 18.99 33.67 -26.94
CA GLY E 207 19.62 34.09 -25.69
C GLY E 207 21.00 34.70 -25.90
N THR E 208 21.81 34.08 -26.76
CA THR E 208 23.12 34.65 -27.06
C THR E 208 23.00 36.06 -27.59
N LEU E 209 22.04 36.30 -28.49
CA LEU E 209 21.81 37.64 -29.01
C LEU E 209 21.39 38.61 -27.92
N LEU E 210 20.42 38.20 -27.09
CA LEU E 210 19.88 39.08 -26.06
C LEU E 210 20.92 39.42 -24.99
N ASP E 211 21.95 38.60 -24.85
CA ASP E 211 23.00 38.86 -23.86
C ASP E 211 23.93 39.99 -24.27
N ALA E 212 23.78 40.52 -25.48
CA ALA E 212 24.61 41.63 -25.94
C ALA E 212 24.17 42.93 -25.25
N GLU E 213 25.10 43.87 -25.20
CA GLU E 213 24.81 45.16 -24.59
C GLU E 213 23.89 46.00 -25.48
N GLU E 214 23.95 45.80 -26.79
CA GLU E 214 23.11 46.54 -27.73
C GLU E 214 22.86 45.67 -28.95
N VAL E 215 21.64 45.70 -29.45
CA VAL E 215 21.23 44.90 -30.61
C VAL E 215 20.72 45.84 -31.70
N MET E 216 21.40 45.84 -32.84
CA MET E 216 21.02 46.65 -34.00
C MET E 216 20.56 45.71 -35.12
N ILE E 217 19.28 45.79 -35.48
CA ILE E 217 18.70 44.98 -36.55
C ILE E 217 18.48 45.84 -37.77
N LEU E 218 18.87 45.33 -38.93
CA LEU E 218 18.76 46.02 -40.21
C LEU E 218 17.70 45.33 -41.06
N ALA E 219 16.74 46.10 -41.57
CA ALA E 219 15.60 45.53 -42.28
C ALA E 219 15.28 46.37 -43.51
N THR E 220 15.65 45.90 -44.69
CA THR E 220 15.33 46.57 -45.95
C THR E 220 14.49 45.65 -46.84
N GLY E 221 13.50 46.23 -47.52
CA GLY E 221 12.73 45.47 -48.47
C GLY E 221 11.25 45.39 -48.13
N HIS E 222 10.39 45.32 -49.14
CA HIS E 222 8.97 45.18 -48.87
C HIS E 222 8.67 43.86 -48.18
N GLN E 223 9.52 42.85 -48.40
CA GLN E 223 9.33 41.55 -47.78
C GLN E 223 9.62 41.56 -46.29
N LYS E 224 10.18 42.64 -45.75
CA LYS E 224 10.44 42.78 -44.33
C LYS E 224 9.44 43.70 -43.65
N ALA E 225 8.44 44.19 -44.38
CA ALA E 225 7.51 45.16 -43.81
C ALA E 225 6.69 44.55 -42.69
N LEU E 226 6.26 43.30 -42.85
CA LEU E 226 5.46 42.67 -41.80
C LEU E 226 6.30 42.40 -40.56
N ALA E 227 7.57 42.04 -40.73
CA ALA E 227 8.45 41.86 -39.59
C ALA E 227 8.69 43.18 -38.88
N VAL E 228 8.80 44.28 -39.63
CA VAL E 228 8.99 45.58 -39.00
C VAL E 228 7.75 45.98 -38.20
N GLN E 229 6.56 45.70 -38.76
CA GLN E 229 5.34 45.97 -38.02
C GLN E 229 5.29 45.17 -36.73
N ALA E 230 5.70 43.91 -36.77
CA ALA E 230 5.71 43.09 -35.55
C ALA E 230 6.67 43.63 -34.51
N ALA E 231 7.79 44.20 -34.94
CA ALA E 231 8.80 44.66 -33.99
C ALA E 231 8.42 45.98 -33.34
N VAL E 232 7.78 46.87 -34.08
CA VAL E 232 7.53 48.23 -33.63
C VAL E 232 6.13 48.37 -33.02
N GLU E 233 5.11 47.90 -33.73
CA GLU E 233 3.73 48.16 -33.35
C GLU E 233 3.12 47.05 -32.49
N GLY E 234 3.47 45.80 -32.74
CA GLY E 234 2.84 44.69 -32.07
C GLY E 234 3.32 44.47 -30.64
N SER E 235 2.52 43.73 -29.89
CA SER E 235 2.95 43.19 -28.61
C SER E 235 3.94 42.05 -28.83
N ILE E 236 4.61 41.64 -27.75
CA ILE E 236 5.56 40.54 -27.84
C ILE E 236 4.79 39.27 -28.21
N ASN E 237 5.16 38.68 -29.34
CA ASN E 237 4.58 37.42 -29.80
C ASN E 237 5.68 36.39 -29.94
N HIS E 238 5.48 35.22 -29.35
CA HIS E 238 6.51 34.18 -29.36
C HIS E 238 6.66 33.51 -30.72
N LEU E 239 5.83 33.86 -31.70
CA LEU E 239 6.02 33.40 -33.07
C LEU E 239 6.80 34.39 -33.92
N TRP E 240 7.11 35.57 -33.39
CA TRP E 240 7.93 36.58 -34.05
C TRP E 240 9.13 36.87 -33.17
N THR E 241 10.24 36.17 -33.42
CA THR E 241 11.42 36.30 -32.57
C THR E 241 11.92 37.74 -32.47
N VAL E 242 11.80 38.51 -33.57
CA VAL E 242 12.31 39.89 -33.56
C VAL E 242 11.55 40.73 -32.54
N SER E 243 10.27 40.39 -32.29
CA SER E 243 9.50 41.14 -31.30
C SER E 243 10.02 40.96 -29.88
N ALA E 244 10.72 39.86 -29.61
CA ALA E 244 11.27 39.66 -28.28
C ALA E 244 12.36 40.68 -27.95
N LEU E 245 12.96 41.28 -28.97
CA LEU E 245 13.93 42.34 -28.74
C LEU E 245 13.30 43.59 -28.14
N GLN E 246 11.97 43.66 -28.05
CA GLN E 246 11.34 44.79 -27.38
C GLN E 246 11.75 44.88 -25.92
N MET E 247 12.10 43.75 -25.30
CA MET E 247 12.51 43.72 -23.91
C MET E 247 14.01 43.93 -23.74
N HIS E 248 14.74 44.23 -24.79
CA HIS E 248 16.17 44.45 -24.67
C HIS E 248 16.43 45.88 -24.23
N ARG E 249 17.48 46.07 -23.43
CA ARG E 249 17.78 47.37 -22.84
C ARG E 249 18.14 48.40 -23.91
N HIS E 250 18.79 47.98 -24.99
CA HIS E 250 19.18 48.88 -26.09
C HIS E 250 18.92 48.15 -27.41
N PHE E 251 17.68 48.24 -27.89
CA PHE E 251 17.27 47.64 -29.15
C PHE E 251 17.15 48.74 -30.20
N VAL E 252 17.93 48.62 -31.28
CA VAL E 252 17.92 49.56 -32.39
C VAL E 252 17.44 48.84 -33.64
N LEU E 253 16.50 49.45 -34.35
CA LEU E 253 15.99 48.91 -35.61
C LEU E 253 16.10 49.98 -36.69
N VAL E 254 16.86 49.69 -37.74
CA VAL E 254 17.02 50.59 -38.88
C VAL E 254 16.35 49.94 -40.09
N CYS E 255 15.54 50.71 -40.81
CA CYS E 255 14.77 50.17 -41.91
C CYS E 255 14.62 51.22 -43.01
N ASP E 256 14.29 50.74 -44.21
CA ASP E 256 14.11 51.57 -45.39
C ASP E 256 12.63 51.81 -45.66
N GLU E 257 12.34 52.53 -46.75
CA GLU E 257 10.96 52.94 -47.02
C GLU E 257 10.05 51.75 -47.32
N ALA E 258 10.56 50.77 -48.07
CA ALA E 258 9.74 49.61 -48.40
C ALA E 258 9.29 48.85 -47.16
N ALA E 259 10.10 48.87 -46.10
CA ALA E 259 9.79 48.12 -44.88
C ALA E 259 8.91 48.89 -43.90
N GLN E 260 8.61 50.15 -44.17
CA GLN E 260 7.70 50.92 -43.34
C GLN E 260 6.24 50.79 -43.78
N GLN E 261 6.00 50.14 -44.92
CA GLN E 261 4.72 50.25 -45.61
C GLN E 261 3.54 49.69 -44.81
N GLU E 262 3.80 48.82 -43.84
CA GLU E 262 2.73 48.24 -43.05
C GLU E 262 2.50 48.96 -41.73
N LEU E 263 3.35 49.92 -41.38
CA LEU E 263 3.17 50.71 -40.17
C LEU E 263 2.08 51.75 -40.39
N LYS E 264 1.52 52.23 -39.28
CA LYS E 264 0.60 53.34 -39.33
C LYS E 264 1.36 54.65 -39.48
N VAL E 265 0.71 55.62 -40.14
CA VAL E 265 1.34 56.93 -40.36
C VAL E 265 1.78 57.53 -39.03
N LYS E 266 0.97 57.35 -37.99
CA LYS E 266 1.32 57.93 -36.69
C LYS E 266 2.56 57.26 -36.09
N THR E 267 2.78 55.99 -36.37
CA THR E 267 3.98 55.31 -35.86
C THR E 267 5.23 55.89 -36.52
N VAL E 268 5.22 56.01 -37.85
CA VAL E 268 6.36 56.58 -38.56
C VAL E 268 6.57 58.03 -38.14
N LYS E 269 5.48 58.79 -38.01
CA LYS E 269 5.57 60.19 -37.58
C LYS E 269 6.24 60.30 -36.21
N TYR E 270 5.79 59.51 -35.25
CA TYR E 270 6.32 59.58 -33.89
C TYR E 270 7.84 59.39 -33.86
N PHE E 271 8.33 58.32 -34.49
CA PHE E 271 9.74 58.00 -34.41
C PHE E 271 10.60 58.88 -35.32
N THR E 272 10.06 59.31 -36.46
CA THR E 272 10.80 60.22 -37.34
C THR E 272 11.13 61.52 -36.62
N GLU E 273 10.16 62.05 -35.86
CA GLU E 273 10.36 63.33 -35.18
C GLU E 273 11.24 63.17 -33.93
N LEU E 274 11.09 62.04 -33.22
CA LEU E 274 11.94 61.77 -32.06
C LEU E 274 13.42 61.81 -32.45
N GLU E 275 13.75 61.30 -33.64
CA GLU E 275 15.14 61.24 -34.11
C GLU E 275 15.48 62.48 -34.92
N GLY E 276 15.40 63.64 -34.26
CA GLY E 276 15.76 64.90 -34.89
C GLY E 276 15.09 66.11 -34.29
N PHE F 16 -4.95 40.00 -9.66
CA PHE F 16 -3.73 40.72 -10.02
C PHE F 16 -4.05 42.19 -10.19
N MET F 17 -4.64 42.54 -11.32
CA MET F 17 -5.08 43.91 -11.60
C MET F 17 -6.56 44.05 -11.27
N ARG F 18 -6.90 45.08 -10.51
CA ARG F 18 -8.28 45.41 -10.16
C ARG F 18 -8.81 46.48 -11.10
N PHE F 19 -9.91 46.19 -11.77
CA PHE F 19 -10.59 47.14 -12.62
C PHE F 19 -11.92 47.48 -11.94
N ILE F 20 -12.12 48.76 -11.64
CA ILE F 20 -13.33 49.21 -10.94
C ILE F 20 -14.14 50.05 -11.93
N PRO F 21 -15.11 49.45 -12.64
CA PRO F 21 -15.99 50.25 -13.51
C PRO F 21 -17.13 50.86 -12.72
N LEU F 22 -17.23 52.19 -12.77
CA LEU F 22 -18.28 52.96 -12.12
C LEU F 22 -19.01 53.80 -13.16
N GLN F 23 -20.02 54.54 -12.71
CA GLN F 23 -20.86 55.31 -13.64
C GLN F 23 -20.39 56.76 -13.79
N THR F 24 -20.27 57.48 -12.69
CA THR F 24 -20.03 58.92 -12.72
C THR F 24 -18.62 59.26 -12.25
N GLU F 25 -18.16 60.45 -12.66
CA GLU F 25 -16.85 60.93 -12.23
C GLU F 25 -16.81 61.18 -10.73
N GLN F 26 -17.95 61.55 -10.14
CA GLN F 26 -18.03 61.73 -8.69
C GLN F 26 -17.73 60.42 -7.97
N GLN F 27 -18.31 59.32 -8.45
CA GLN F 27 -18.05 58.02 -7.86
C GLN F 27 -16.58 57.62 -8.00
N VAL F 28 -15.97 57.97 -9.12
CA VAL F 28 -14.57 57.64 -9.35
C VAL F 28 -13.69 58.34 -8.32
N SER F 29 -13.93 59.63 -8.10
CA SER F 29 -13.14 60.38 -7.12
C SER F 29 -13.44 59.92 -5.71
N CYS F 30 -14.71 59.62 -5.41
CA CYS F 30 -15.07 59.15 -4.07
C CYS F 30 -14.43 57.80 -3.78
N TRP F 31 -14.46 56.88 -4.74
CA TRP F 31 -13.80 55.60 -4.55
C TRP F 31 -12.31 55.78 -4.29
N ALA F 32 -11.65 56.60 -5.11
CA ALA F 32 -10.21 56.83 -4.97
C ALA F 32 -9.89 57.41 -3.59
N ALA F 33 -10.64 58.43 -3.17
CA ALA F 33 -10.42 59.02 -1.84
C ALA F 33 -10.60 57.96 -0.75
N GLN F 34 -11.69 57.20 -0.82
CA GLN F 34 -11.93 56.15 0.17
C GLN F 34 -10.78 55.15 0.20
N HIS F 35 -10.27 54.76 -0.97
CA HIS F 35 -9.15 53.83 -1.02
C HIS F 35 -7.91 54.41 -0.36
N ILE F 36 -7.61 55.69 -0.64
CA ILE F 36 -6.48 56.35 0.01
C ILE F 36 -6.69 56.42 1.51
N ILE F 37 -7.91 56.73 1.95
CA ILE F 37 -8.23 56.76 3.37
C ILE F 37 -7.90 55.43 4.02
N ASN F 38 -8.40 54.33 3.43
CA ASN F 38 -8.29 53.02 4.04
C ASN F 38 -6.84 52.56 4.11
N ARG F 39 -6.06 52.84 3.07
CA ARG F 39 -4.64 52.47 3.08
C ARG F 39 -3.90 53.17 4.22
N ILE F 40 -4.11 54.48 4.36
CA ILE F 40 -3.45 55.24 5.42
C ILE F 40 -3.86 54.71 6.79
N ASN F 41 -5.16 54.50 6.99
CA ASN F 41 -5.65 54.11 8.32
C ASN F 41 -5.19 52.69 8.69
N ASP F 42 -5.10 51.79 7.71
CA ASP F 42 -4.55 50.46 7.98
C ASP F 42 -3.07 50.55 8.30
N PHE F 43 -2.34 51.40 7.59
CA PHE F 43 -0.90 51.50 7.77
C PHE F 43 -0.54 52.00 9.17
N LYS F 44 -1.40 52.83 9.76
CA LYS F 44 -1.19 53.46 11.07
C LYS F 44 0.15 54.19 11.06
N PRO F 45 0.27 55.29 10.32
CA PRO F 45 1.57 55.94 10.17
C PRO F 45 1.98 56.70 11.42
N THR F 46 3.28 56.74 11.65
CA THR F 46 3.90 57.52 12.70
C THR F 46 4.89 58.49 12.08
N ALA F 47 5.45 59.36 12.94
CA ALA F 47 6.47 60.29 12.46
C ALA F 47 7.69 59.54 11.94
N GLU F 48 8.09 58.47 12.63
CA GLU F 48 9.25 57.68 12.21
C GLU F 48 8.93 56.75 11.05
N ARG F 49 7.67 56.34 10.91
CA ARG F 49 7.25 55.40 9.87
C ARG F 49 6.06 56.00 9.13
N PRO F 50 6.31 56.96 8.25
CA PRO F 50 5.21 57.67 7.58
C PRO F 50 4.62 56.87 6.43
N PHE F 51 3.40 57.24 6.08
CA PHE F 51 2.76 56.76 4.85
C PHE F 51 3.17 57.68 3.71
N VAL F 52 3.63 57.08 2.61
CA VAL F 52 4.18 57.82 1.48
C VAL F 52 3.20 57.74 0.33
N LEU F 53 2.74 58.90 -0.14
CA LEU F 53 1.67 59.00 -1.14
C LEU F 53 2.18 59.71 -2.38
N GLY F 54 1.98 59.09 -3.55
CA GLY F 54 2.28 59.74 -4.81
C GLY F 54 1.04 60.41 -5.37
N LEU F 55 1.21 61.65 -5.86
CA LEU F 55 0.07 62.46 -6.20
C LEU F 55 0.21 63.09 -7.58
N PRO F 56 -0.89 63.19 -8.33
CA PRO F 56 -0.84 63.89 -9.63
C PRO F 56 -1.67 65.16 -9.66
N THR F 57 -1.72 65.80 -10.83
CA THR F 57 -2.55 66.97 -11.06
C THR F 57 -3.59 66.66 -12.14
N GLY F 58 -4.61 67.50 -12.23
CA GLY F 58 -5.60 67.41 -13.29
C GLY F 58 -7.01 67.49 -12.75
N GLY F 59 -7.96 67.36 -13.67
CA GLY F 59 -9.36 67.58 -13.31
C GLY F 59 -9.91 66.51 -12.39
N THR F 60 -9.79 65.24 -12.78
CA THR F 60 -10.27 64.17 -11.91
C THR F 60 -9.52 64.09 -10.59
N PRO F 61 -8.18 64.21 -10.53
CA PRO F 61 -7.53 64.29 -9.21
C PRO F 61 -8.11 65.37 -8.32
N LEU F 62 -8.42 66.54 -8.87
CA LEU F 62 -8.94 67.64 -8.08
C LEU F 62 -10.20 67.24 -7.32
N LYS F 63 -11.13 66.57 -8.00
CA LYS F 63 -12.34 66.11 -7.33
C LYS F 63 -12.02 65.18 -6.17
N THR F 64 -11.00 64.33 -6.33
CA THR F 64 -10.58 63.44 -5.25
C THR F 64 -10.01 64.23 -4.09
N TYR F 65 -9.19 65.25 -4.37
CA TYR F 65 -8.63 66.07 -3.30
C TYR F 65 -9.73 66.78 -2.52
N GLN F 66 -10.75 67.27 -3.20
CA GLN F 66 -11.89 67.87 -2.51
C GLN F 66 -12.53 66.85 -1.58
N GLU F 67 -12.71 65.62 -2.06
CA GLU F 67 -13.28 64.58 -1.22
C GLU F 67 -12.36 64.24 -0.05
N LEU F 68 -11.04 64.23 -0.29
CA LEU F 68 -10.11 63.97 0.79
C LEU F 68 -10.15 65.08 1.83
N ILE F 69 -10.30 66.33 1.40
CA ILE F 69 -10.45 67.44 2.34
C ILE F 69 -11.74 67.28 3.13
N ARG F 70 -12.83 66.93 2.45
CA ARG F 70 -14.09 66.70 3.14
C ARG F 70 -13.97 65.57 4.15
N LEU F 71 -13.28 64.49 3.77
CA LEU F 71 -13.07 63.37 4.67
C LEU F 71 -12.18 63.76 5.86
N TYR F 72 -11.21 64.65 5.63
CA TYR F 72 -10.39 65.14 6.72
C TYR F 72 -11.19 66.01 7.69
N GLN F 73 -12.04 66.89 7.15
CA GLN F 73 -12.87 67.74 7.99
C GLN F 73 -13.80 66.91 8.88
N ALA F 74 -14.28 65.79 8.36
CA ALA F 74 -15.07 64.79 9.08
C ALA F 74 -14.22 63.93 10.01
N GLY F 75 -13.00 64.37 10.33
CA GLY F 75 -12.04 63.61 11.10
C GLY F 75 -11.95 62.12 10.84
N LYS F 76 -12.17 61.71 9.60
CA LYS F 76 -12.04 60.32 9.21
C LYS F 76 -10.61 59.96 8.81
N VAL F 77 -9.69 60.93 8.79
CA VAL F 77 -8.31 60.69 8.40
C VAL F 77 -7.48 61.86 8.88
N SER F 78 -6.19 61.60 9.12
CA SER F 78 -5.23 62.65 9.37
C SER F 78 -4.05 62.48 8.43
N PHE F 79 -3.56 63.60 7.89
CA PHE F 79 -2.41 63.65 7.00
C PHE F 79 -1.15 64.13 7.70
N LYS F 80 -1.16 64.15 9.04
CA LYS F 80 0.00 64.64 9.78
C LYS F 80 1.25 63.83 9.48
N HIS F 81 1.15 62.51 9.55
CA HIS F 81 2.28 61.62 9.33
C HIS F 81 2.29 61.04 7.91
N VAL F 82 1.79 61.81 6.94
CA VAL F 82 1.79 61.42 5.54
C VAL F 82 2.80 62.28 4.78
N VAL F 83 3.62 61.64 3.95
CA VAL F 83 4.59 62.31 3.09
C VAL F 83 4.14 62.12 1.65
N THR F 84 4.12 63.21 0.88
CA THR F 84 3.67 63.17 -0.50
C THR F 84 4.80 63.46 -1.49
N PHE F 85 4.73 62.80 -2.64
CA PHE F 85 5.60 63.06 -3.79
C PHE F 85 4.74 63.30 -5.01
N ASN F 86 4.99 64.39 -5.73
CA ASN F 86 4.24 64.72 -6.92
C ASN F 86 4.94 64.22 -8.18
N MET F 87 4.13 64.01 -9.23
CA MET F 87 4.65 63.44 -10.47
C MET F 87 5.60 64.39 -11.19
N ASP F 88 5.24 65.67 -11.27
CA ASP F 88 5.92 66.55 -12.20
C ASP F 88 5.71 68.01 -11.81
N GLU F 89 6.41 68.89 -12.53
CA GLU F 89 6.34 70.34 -12.36
C GLU F 89 7.00 70.98 -13.58
N TYR F 90 6.46 72.11 -14.01
CA TYR F 90 7.05 72.83 -15.13
C TYR F 90 8.42 73.39 -14.75
N VAL F 91 9.29 73.50 -15.75
CA VAL F 91 10.61 74.10 -15.57
C VAL F 91 10.55 75.53 -16.11
N ALA F 92 11.29 76.43 -15.48
CA ALA F 92 11.38 77.83 -15.89
C ALA F 92 10.02 78.51 -15.80
N LEU F 93 9.23 78.11 -14.80
CA LEU F 93 7.98 78.77 -14.45
C LEU F 93 8.05 79.11 -12.95
N PRO F 94 7.84 80.37 -12.57
CA PRO F 94 7.85 80.70 -11.14
C PRO F 94 6.87 79.82 -10.37
N GLU F 95 7.35 79.26 -9.27
CA GLU F 95 6.53 78.29 -8.54
C GLU F 95 5.33 78.93 -7.85
N GLU F 96 5.28 80.26 -7.79
CA GLU F 96 4.10 80.98 -7.34
C GLU F 96 3.17 81.37 -8.47
N HIS F 97 3.45 80.91 -9.70
CA HIS F 97 2.58 81.21 -10.82
C HIS F 97 1.26 80.44 -10.67
N PRO F 98 0.12 81.08 -11.00
CA PRO F 98 -1.18 80.39 -10.89
C PRO F 98 -1.23 79.03 -11.55
N GLU F 99 -0.53 78.85 -12.66
CA GLU F 99 -0.60 77.63 -13.45
C GLU F 99 0.52 76.64 -13.15
N SER F 100 1.34 76.92 -12.15
CA SER F 100 2.34 75.95 -11.74
C SER F 100 1.67 74.83 -10.94
N TYR F 101 2.32 73.68 -10.94
CA TYR F 101 1.78 72.53 -10.20
C TYR F 101 2.03 72.66 -8.71
N HIS F 102 3.06 73.42 -8.31
CA HIS F 102 3.16 73.86 -6.93
C HIS F 102 1.88 74.57 -6.50
N SER F 103 1.45 75.57 -7.28
CA SER F 103 0.24 76.32 -6.96
C SER F 103 -0.98 75.41 -6.95
N PHE F 104 -1.10 74.52 -7.94
CA PHE F 104 -2.25 73.61 -8.00
C PHE F 104 -2.37 72.79 -6.72
N MET F 105 -1.25 72.21 -6.27
CA MET F 105 -1.29 71.29 -5.14
C MET F 105 -1.60 72.03 -3.84
N TYR F 106 -0.92 73.16 -3.60
CA TYR F 106 -1.15 73.90 -2.36
C TYR F 106 -2.54 74.49 -2.30
N ASN F 107 -3.00 75.11 -3.39
CA ASN F 107 -4.30 75.78 -3.36
C ASN F 107 -5.45 74.78 -3.26
N ASN F 108 -5.34 73.65 -3.93
CA ASN F 108 -6.43 72.69 -4.00
C ASN F 108 -6.36 71.59 -2.95
N PHE F 109 -5.25 71.46 -2.22
CA PHE F 109 -5.10 70.34 -1.31
C PHE F 109 -4.36 70.69 -0.03
N PHE F 110 -3.05 70.96 -0.13
CA PHE F 110 -2.19 71.02 1.05
C PHE F 110 -2.60 72.12 2.03
N ASN F 111 -3.11 73.25 1.51
CA ASN F 111 -3.50 74.33 2.41
C ASN F 111 -4.78 74.05 3.19
N HIS F 112 -5.44 72.92 2.93
CA HIS F 112 -6.71 72.60 3.55
C HIS F 112 -6.63 71.33 4.39
N ILE F 113 -5.43 70.77 4.57
CA ILE F 113 -5.22 69.56 5.32
C ILE F 113 -4.09 69.79 6.31
N ASP F 114 -3.85 68.78 7.17
CA ASP F 114 -2.90 68.90 8.27
C ASP F 114 -1.54 68.29 7.93
N ILE F 115 -1.15 68.29 6.66
CA ILE F 115 0.17 67.79 6.30
C ILE F 115 1.23 68.75 6.81
N LEU F 116 2.36 68.20 7.20
CA LEU F 116 3.48 69.01 7.66
C LEU F 116 4.23 69.59 6.47
N PRO F 117 4.59 70.88 6.53
CA PRO F 117 5.27 71.51 5.38
C PRO F 117 6.57 70.81 5.00
N GLU F 118 7.21 70.11 5.94
CA GLU F 118 8.46 69.40 5.66
C GLU F 118 8.24 68.06 4.99
N ASN F 119 6.98 67.63 4.82
CA ASN F 119 6.65 66.37 4.18
C ASN F 119 6.09 66.55 2.78
N ILE F 120 6.06 67.76 2.26
CA ILE F 120 5.56 68.04 0.91
C ILE F 120 6.75 68.05 -0.03
N ASN F 121 6.75 67.15 -1.01
CA ASN F 121 7.82 67.07 -1.99
C ASN F 121 7.24 67.31 -3.39
N ILE F 122 7.77 68.31 -4.07
CA ILE F 122 7.41 68.64 -5.45
C ILE F 122 8.67 69.06 -6.17
N LEU F 123 8.90 68.49 -7.35
CA LEU F 123 10.06 68.83 -8.15
C LEU F 123 10.16 70.34 -8.36
N ASN F 124 11.39 70.86 -8.27
CA ASN F 124 11.66 72.28 -8.42
C ASN F 124 12.20 72.54 -9.82
N GLY F 125 11.41 73.22 -10.66
CA GLY F 125 11.80 73.49 -12.03
C GLY F 125 12.57 74.78 -12.23
N ASN F 126 13.10 75.33 -11.13
CA ASN F 126 13.84 76.59 -11.18
C ASN F 126 15.25 76.45 -10.62
N THR F 127 15.72 75.22 -10.40
CA THR F 127 17.08 74.95 -9.96
C THR F 127 18.10 75.40 -11.01
N ASP F 128 19.36 75.46 -10.57
CA ASP F 128 20.49 75.69 -11.47
C ASP F 128 20.93 74.42 -12.19
N ASP F 129 20.45 73.26 -11.78
CA ASP F 129 20.92 71.97 -12.32
C ASP F 129 19.74 71.00 -12.26
N HIS F 130 19.07 70.82 -13.41
CA HIS F 130 17.90 69.96 -13.42
C HIS F 130 18.27 68.50 -13.22
N ASN F 131 19.44 68.07 -13.71
CA ASN F 131 19.87 66.70 -13.51
C ASN F 131 20.16 66.43 -12.03
N ALA F 132 20.89 67.34 -11.39
CA ALA F 132 21.09 67.23 -9.94
C ALA F 132 19.76 67.26 -9.21
N GLU F 133 18.84 68.11 -9.68
CA GLU F 133 17.52 68.22 -9.08
C GLU F 133 16.77 66.89 -9.17
N CYS F 134 16.84 66.23 -10.33
CA CYS F 134 16.18 64.94 -10.50
C CYS F 134 16.76 63.87 -9.59
N HIS F 135 18.09 63.84 -9.48
CA HIS F 135 18.74 62.83 -8.65
C HIS F 135 18.39 63.01 -7.18
N ARG F 136 18.34 64.27 -6.71
CA ARG F 136 17.93 64.53 -5.33
C ARG F 136 16.52 64.01 -5.08
N TYR F 137 15.65 64.13 -6.07
CA TYR F 137 14.26 63.67 -5.94
C TYR F 137 14.20 62.15 -5.79
N GLU F 138 14.87 61.44 -6.70
CA GLU F 138 14.94 59.98 -6.60
C GLU F 138 15.56 59.53 -5.29
N GLU F 139 16.60 60.23 -4.84
CA GLU F 139 17.25 59.90 -3.57
C GLU F 139 16.30 60.11 -2.40
N LYS F 140 15.56 61.22 -2.41
CA LYS F 140 14.59 61.51 -1.37
C LYS F 140 13.59 60.37 -1.21
N ILE F 141 13.11 59.82 -2.34
CA ILE F 141 12.18 58.70 -2.28
C ILE F 141 12.86 57.49 -1.63
N LYS F 142 14.09 57.20 -2.05
CA LYS F 142 14.84 56.09 -1.46
C LYS F 142 15.04 56.28 0.04
N SER F 143 15.21 57.53 0.48
CA SER F 143 15.43 57.79 1.92
C SER F 143 14.23 57.38 2.76
N TYR F 144 13.02 57.40 2.19
CA TYR F 144 11.83 56.94 2.89
C TYR F 144 11.55 55.45 2.69
N GLY F 145 12.22 54.79 1.76
CA GLY F 145 11.99 53.40 1.50
C GLY F 145 11.29 53.17 0.17
N LYS F 146 9.99 53.38 0.14
CA LYS F 146 9.22 53.24 -1.10
C LYS F 146 7.91 54.00 -0.95
N ILE F 147 7.38 54.44 -2.09
CA ILE F 147 6.05 55.04 -2.11
C ILE F 147 5.00 53.95 -1.93
N HIS F 148 4.12 54.15 -0.95
CA HIS F 148 3.15 53.11 -0.61
C HIS F 148 1.97 53.08 -1.58
N LEU F 149 1.50 54.25 -2.02
CA LEU F 149 0.38 54.32 -2.96
C LEU F 149 0.63 55.49 -3.91
N PHE F 150 0.68 55.19 -5.20
CA PHE F 150 0.87 56.22 -6.22
C PHE F 150 -0.42 56.36 -7.02
N MET F 151 -1.10 57.48 -6.84
CA MET F 151 -2.27 57.82 -7.66
C MET F 151 -1.79 58.56 -8.91
N GLY F 152 -2.46 58.30 -10.04
CA GLY F 152 -2.09 58.96 -11.27
C GLY F 152 -3.22 58.94 -12.28
N GLY F 153 -2.99 59.65 -13.38
CA GLY F 153 -3.86 59.61 -14.53
C GLY F 153 -3.19 58.94 -15.72
N VAL F 154 -3.89 58.99 -16.85
CA VAL F 154 -3.42 58.34 -18.07
C VAL F 154 -3.80 59.22 -19.26
N GLY F 155 -2.88 59.35 -20.21
CA GLY F 155 -3.13 60.13 -21.40
C GLY F 155 -3.99 59.40 -22.41
N VAL F 156 -4.47 60.15 -23.40
CA VAL F 156 -5.30 59.58 -24.46
C VAL F 156 -4.52 58.54 -25.26
N ASP F 157 -3.20 58.62 -25.23
CA ASP F 157 -2.32 57.63 -25.86
C ASP F 157 -1.70 56.68 -24.84
N GLY F 158 -2.22 56.67 -23.61
CA GLY F 158 -1.72 55.77 -22.58
C GLY F 158 -0.44 56.20 -21.90
N HIS F 159 0.03 57.42 -22.16
CA HIS F 159 1.27 57.87 -21.54
C HIS F 159 1.04 58.24 -20.08
N ILE F 160 2.11 58.19 -19.30
CA ILE F 160 2.06 58.45 -17.87
C ILE F 160 2.88 59.70 -17.56
N ALA F 161 2.27 60.65 -16.87
CA ALA F 161 2.91 61.93 -16.47
C ALA F 161 3.45 62.59 -17.75
N PHE F 162 4.64 63.19 -17.71
CA PHE F 162 5.23 63.76 -18.91
C PHE F 162 6.13 62.79 -19.65
N ASN F 163 6.03 61.49 -19.37
CA ASN F 163 6.77 60.49 -20.12
C ASN F 163 6.21 60.36 -21.54
N GLU F 164 7.09 60.08 -22.49
CA GLU F 164 6.66 59.90 -23.87
C GLU F 164 5.93 58.57 -24.04
N PRO F 165 5.03 58.47 -25.02
CA PRO F 165 4.25 57.23 -25.17
C PRO F 165 5.08 55.97 -25.39
N ALA F 166 6.34 56.09 -25.77
CA ALA F 166 7.22 54.93 -25.96
C ALA F 166 8.35 54.92 -24.95
N SER F 167 8.09 55.38 -23.73
CA SER F 167 9.13 55.49 -22.71
C SER F 167 9.59 54.11 -22.24
N SER F 168 10.88 54.05 -21.90
CA SER F 168 11.42 52.86 -21.26
C SER F 168 10.64 52.56 -19.98
N LEU F 169 10.35 51.28 -19.76
CA LEU F 169 9.66 50.89 -18.54
C LEU F 169 10.54 51.00 -17.30
N SER F 170 11.81 51.36 -17.45
CA SER F 170 12.71 51.59 -16.33
C SER F 170 13.24 53.03 -16.32
N SER F 171 12.59 53.93 -17.04
CA SER F 171 12.98 55.33 -17.04
C SER F 171 12.90 55.92 -15.64
N ARG F 172 13.75 56.90 -15.37
CA ARG F 172 13.88 57.52 -14.07
C ARG F 172 13.41 58.98 -14.16
N THR F 173 13.42 59.66 -13.02
CA THR F 173 13.07 61.07 -13.02
C THR F 173 14.08 61.87 -13.82
N ARG F 174 13.59 62.67 -14.77
CA ARG F 174 14.47 63.36 -15.70
C ARG F 174 13.72 64.56 -16.28
N ILE F 175 14.46 65.40 -16.99
CA ILE F 175 13.88 66.53 -17.71
C ILE F 175 13.35 66.04 -19.06
N LYS F 176 12.20 66.54 -19.46
CA LYS F 176 11.53 66.09 -20.67
C LYS F 176 11.09 67.31 -21.48
N THR F 177 11.27 67.23 -22.80
CA THR F 177 10.76 68.26 -23.71
C THR F 177 9.32 67.94 -24.06
N LEU F 178 8.41 68.88 -23.77
CA LEU F 178 7.00 68.64 -24.01
C LEU F 178 6.71 68.44 -25.49
N THR F 179 5.88 67.44 -25.79
CA THR F 179 5.49 67.15 -27.16
C THR F 179 4.53 68.22 -27.67
N GLN F 180 4.42 68.30 -29.00
CA GLN F 180 3.47 69.21 -29.62
C GLN F 180 2.06 68.99 -29.09
N ASP F 181 1.68 67.72 -28.87
CA ASP F 181 0.35 67.42 -28.35
C ASP F 181 0.20 67.93 -26.92
N THR F 182 1.23 67.76 -26.09
CA THR F 182 1.17 68.27 -24.71
C THR F 182 1.11 69.79 -24.69
N LEU F 183 1.85 70.45 -25.59
CA LEU F 183 1.80 71.90 -25.69
C LEU F 183 0.39 72.38 -26.03
N ILE F 184 -0.27 71.71 -26.99
CA ILE F 184 -1.61 72.09 -27.38
C ILE F 184 -2.61 71.84 -26.26
N ALA F 185 -2.55 70.64 -25.67
CA ALA F 185 -3.45 70.28 -24.57
C ALA F 185 -3.43 71.31 -23.44
N ASN F 186 -2.24 71.70 -23.02
CA ASN F 186 -2.10 72.62 -21.89
C ASN F 186 -2.23 74.08 -22.29
N SER F 187 -2.41 74.38 -23.58
CA SER F 187 -2.56 75.76 -24.02
C SER F 187 -3.72 76.46 -23.33
N ARG F 188 -4.78 75.72 -23.00
CA ARG F 188 -5.97 76.32 -22.40
C ARG F 188 -5.66 76.97 -21.05
N PHE F 189 -4.60 76.54 -20.38
CA PHE F 189 -4.18 77.12 -19.11
C PHE F 189 -3.29 78.35 -19.29
N PHE F 190 -2.86 78.64 -20.51
CA PHE F 190 -2.00 79.77 -20.81
C PHE F 190 -2.59 80.61 -21.94
N ASN F 191 -3.88 80.90 -21.82
CA ASN F 191 -4.60 81.80 -22.73
C ASN F 191 -4.68 81.24 -24.15
N ASN F 192 -4.84 79.92 -24.26
CA ASN F 192 -4.90 79.23 -25.56
C ASN F 192 -3.74 79.65 -26.46
N ASP F 193 -2.56 79.77 -25.87
CA ASP F 193 -1.35 80.21 -26.56
C ASP F 193 -0.30 79.11 -26.42
N VAL F 194 -0.07 78.36 -27.49
CA VAL F 194 0.94 77.30 -27.47
C VAL F 194 2.32 77.87 -27.14
N THR F 195 2.61 79.09 -27.60
CA THR F 195 3.91 79.70 -27.36
C THR F 195 4.14 80.07 -25.90
N GLN F 196 3.08 80.13 -25.09
CA GLN F 196 3.20 80.53 -23.69
C GLN F 196 3.37 79.35 -22.75
N VAL F 197 3.14 78.13 -23.22
CA VAL F 197 3.31 76.94 -22.39
C VAL F 197 4.81 76.66 -22.25
N PRO F 198 5.31 76.40 -21.04
CA PRO F 198 6.73 76.06 -20.88
C PRO F 198 7.14 74.92 -21.78
N LYS F 199 8.32 75.05 -22.39
CA LYS F 199 8.77 74.07 -23.37
C LYS F 199 9.19 72.76 -22.73
N TYR F 200 9.67 72.80 -21.48
CA TYR F 200 10.22 71.62 -20.82
C TYR F 200 9.53 71.44 -19.48
N ALA F 201 9.69 70.24 -18.92
CA ALA F 201 9.10 69.93 -17.62
C ALA F 201 9.95 68.89 -16.91
N LEU F 202 9.83 68.88 -15.60
CA LEU F 202 10.46 67.89 -14.73
C LEU F 202 9.43 66.81 -14.42
N THR F 203 9.76 65.54 -14.70
CA THR F 203 8.79 64.46 -14.53
C THR F 203 9.47 63.22 -13.97
N ILE F 204 8.70 62.46 -13.18
CA ILE F 204 9.12 61.14 -12.76
C ILE F 204 9.09 60.18 -13.95
N GLY F 205 9.92 59.13 -13.88
CA GLY F 205 9.96 58.13 -14.93
C GLY F 205 8.97 57.01 -14.70
N VAL F 206 8.82 56.16 -15.73
CA VAL F 206 7.95 55.01 -15.63
C VAL F 206 8.46 54.05 -14.56
N GLY F 207 9.78 53.89 -14.47
CA GLY F 207 10.36 53.09 -13.41
C GLY F 207 9.99 53.60 -12.03
N THR F 208 10.02 54.92 -11.83
CA THR F 208 9.64 55.51 -10.56
C THR F 208 8.23 55.10 -10.16
N LEU F 209 7.28 55.13 -11.11
CA LEU F 209 5.91 54.73 -10.82
C LEU F 209 5.84 53.25 -10.43
N LEU F 210 6.49 52.39 -11.21
CA LEU F 210 6.42 50.95 -10.96
C LEU F 210 7.07 50.56 -9.64
N ASP F 211 7.97 51.40 -9.12
CA ASP F 211 8.62 51.10 -7.85
C ASP F 211 7.70 51.30 -6.66
N ALA F 212 6.51 51.86 -6.86
CA ALA F 212 5.57 52.02 -5.78
C ALA F 212 4.95 50.68 -5.41
N GLU F 213 4.49 50.59 -4.15
CA GLU F 213 3.87 49.35 -3.69
C GLU F 213 2.49 49.14 -4.30
N GLU F 214 1.82 50.22 -4.69
CA GLU F 214 0.51 50.16 -5.30
C GLU F 214 0.33 51.35 -6.24
N VAL F 215 -0.26 51.10 -7.41
CA VAL F 215 -0.49 52.13 -8.40
C VAL F 215 -1.99 52.19 -8.70
N MET F 216 -2.59 53.35 -8.42
CA MET F 216 -4.01 53.58 -8.70
C MET F 216 -4.12 54.61 -9.83
N ILE F 217 -4.65 54.19 -10.97
CA ILE F 217 -4.84 55.07 -12.12
C ILE F 217 -6.32 55.41 -12.23
N LEU F 218 -6.62 56.68 -12.41
CA LEU F 218 -7.99 57.19 -12.52
C LEU F 218 -8.22 57.64 -13.95
N ALA F 219 -9.31 57.16 -14.56
CA ALA F 219 -9.58 57.45 -15.97
C ALA F 219 -11.05 57.79 -16.14
N THR F 220 -11.35 59.08 -16.26
CA THR F 220 -12.70 59.55 -16.53
C THR F 220 -12.73 60.28 -17.86
N GLY F 221 -13.79 60.06 -18.62
CA GLY F 221 -13.97 60.77 -19.87
C GLY F 221 -14.01 59.83 -21.06
N HIS F 222 -14.77 60.20 -22.09
CA HIS F 222 -14.83 59.36 -23.29
C HIS F 222 -13.49 59.32 -24.01
N GLN F 223 -12.66 60.35 -23.85
CA GLN F 223 -11.37 60.39 -24.52
C GLN F 223 -10.36 59.43 -23.91
N LYS F 224 -10.69 58.82 -22.77
CA LYS F 224 -9.82 57.85 -22.12
C LYS F 224 -10.28 56.41 -22.36
N ALA F 225 -11.31 56.23 -23.18
CA ALA F 225 -11.86 54.89 -23.39
C ALA F 225 -10.87 53.99 -24.10
N LEU F 226 -10.12 54.53 -25.05
CA LEU F 226 -9.13 53.71 -25.76
C LEU F 226 -7.98 53.32 -24.83
N ALA F 227 -7.59 54.23 -23.93
CA ALA F 227 -6.55 53.89 -22.96
C ALA F 227 -7.02 52.83 -21.98
N VAL F 228 -8.30 52.88 -21.58
CA VAL F 228 -8.83 51.89 -20.67
C VAL F 228 -8.90 50.52 -21.34
N GLN F 229 -9.30 50.48 -22.61
CA GLN F 229 -9.30 49.22 -23.35
C GLN F 229 -7.90 48.63 -23.44
N ALA F 230 -6.90 49.48 -23.67
CA ALA F 230 -5.52 48.99 -23.73
C ALA F 230 -5.06 48.45 -22.40
N ALA F 231 -5.52 49.03 -21.29
CA ALA F 231 -5.06 48.61 -19.97
C ALA F 231 -5.74 47.32 -19.53
N VAL F 232 -7.00 47.12 -19.88
CA VAL F 232 -7.78 46.00 -19.39
C VAL F 232 -7.80 44.84 -20.38
N GLU F 233 -8.12 45.12 -21.65
CA GLU F 233 -8.34 44.06 -22.62
C GLU F 233 -7.10 43.71 -23.44
N GLY F 234 -6.27 44.69 -23.78
CA GLY F 234 -5.13 44.43 -24.65
C GLY F 234 -3.97 43.75 -23.95
N SER F 235 -3.10 43.17 -24.76
CA SER F 235 -1.82 42.69 -24.26
C SER F 235 -0.90 43.87 -23.96
N ILE F 236 0.19 43.59 -23.25
CA ILE F 236 1.17 44.63 -22.95
C ILE F 236 1.80 45.10 -24.26
N ASN F 237 1.64 46.39 -24.55
CA ASN F 237 2.21 47.01 -25.73
C ASN F 237 3.13 48.14 -25.30
N HIS F 238 4.36 48.16 -25.83
CA HIS F 238 5.32 49.17 -25.43
C HIS F 238 5.00 50.56 -25.98
N LEU F 239 3.95 50.70 -26.79
CA LEU F 239 3.47 52.02 -27.21
C LEU F 239 2.34 52.55 -26.35
N TRP F 240 1.81 51.76 -25.42
CA TRP F 240 0.78 52.17 -24.47
C TRP F 240 1.36 51.94 -23.07
N THR F 241 1.95 53.00 -22.50
CA THR F 241 2.65 52.88 -21.22
C THR F 241 1.74 52.32 -20.13
N VAL F 242 0.45 52.67 -20.15
CA VAL F 242 -0.46 52.23 -19.09
C VAL F 242 -0.61 50.71 -19.09
N SER F 243 -0.49 50.08 -20.26
CA SER F 243 -0.62 48.64 -20.34
C SER F 243 0.50 47.90 -19.61
N ALA F 244 1.64 48.53 -19.41
CA ALA F 244 2.74 47.88 -18.69
C ALA F 244 2.42 47.64 -17.23
N LEU F 245 1.45 48.38 -16.66
CA LEU F 245 1.05 48.18 -15.28
C LEU F 245 0.37 46.82 -15.07
N GLN F 246 0.11 46.08 -16.15
CA GLN F 246 -0.42 44.73 -16.00
C GLN F 246 0.54 43.83 -15.23
N MET F 247 1.84 44.13 -15.29
CA MET F 247 2.84 43.35 -14.57
C MET F 247 3.10 43.86 -13.17
N HIS F 248 2.36 44.86 -12.71
CA HIS F 248 2.56 45.38 -11.37
C HIS F 248 1.80 44.51 -10.37
N ARG F 249 2.36 44.38 -9.17
CA ARG F 249 1.79 43.47 -8.18
C ARG F 249 0.41 43.93 -7.72
N HIS F 250 0.19 45.24 -7.64
CA HIS F 250 -1.10 45.81 -7.20
C HIS F 250 -1.42 47.02 -8.09
N PHE F 251 -2.03 46.76 -9.24
CA PHE F 251 -2.45 47.79 -10.18
C PHE F 251 -3.95 47.95 -10.10
N VAL F 252 -4.41 49.15 -9.76
CA VAL F 252 -5.82 49.47 -9.68
C VAL F 252 -6.15 50.51 -10.74
N LEU F 253 -7.23 50.27 -11.49
CA LEU F 253 -7.72 51.21 -12.49
C LEU F 253 -9.19 51.48 -12.23
N VAL F 254 -9.52 52.74 -11.95
CA VAL F 254 -10.88 53.18 -11.69
C VAL F 254 -11.33 54.06 -12.85
N CYS F 255 -12.54 53.84 -13.35
CA CYS F 255 -13.02 54.58 -14.51
C CYS F 255 -14.52 54.78 -14.43
N ASP F 256 -15.01 55.75 -15.20
CA ASP F 256 -16.42 56.09 -15.26
C ASP F 256 -17.02 55.46 -16.52
N GLU F 257 -18.32 55.72 -16.75
CA GLU F 257 -19.02 55.07 -17.84
C GLU F 257 -18.50 55.51 -19.21
N ALA F 258 -18.16 56.80 -19.35
CA ALA F 258 -17.67 57.28 -20.64
C ALA F 258 -16.38 56.58 -21.05
N ALA F 259 -15.56 56.14 -20.09
CA ALA F 259 -14.30 55.50 -20.40
C ALA F 259 -14.43 53.99 -20.61
N GLN F 260 -15.61 53.42 -20.40
CA GLN F 260 -15.85 52.01 -20.65
C GLN F 260 -16.33 51.72 -22.06
N GLN F 261 -16.62 52.77 -22.85
CA GLN F 261 -17.41 52.60 -24.06
C GLN F 261 -16.73 51.73 -25.10
N GLU F 262 -15.41 51.53 -25.02
CA GLU F 262 -14.70 50.71 -25.98
C GLU F 262 -14.50 49.28 -25.52
N LEU F 263 -14.83 48.96 -24.27
CA LEU F 263 -14.70 47.61 -23.76
C LEU F 263 -15.81 46.73 -24.29
N LYS F 264 -15.57 45.41 -24.27
CA LYS F 264 -16.61 44.46 -24.59
C LYS F 264 -17.52 44.27 -23.39
N VAL F 265 -18.79 43.97 -23.66
CA VAL F 265 -19.78 43.83 -22.59
C VAL F 265 -19.33 42.79 -21.56
N LYS F 266 -18.72 41.70 -22.03
CA LYS F 266 -18.29 40.65 -21.11
C LYS F 266 -17.18 41.13 -20.19
N THR F 267 -16.34 42.06 -20.66
CA THR F 267 -15.29 42.60 -19.81
C THR F 267 -15.89 43.41 -18.66
N VAL F 268 -16.81 44.31 -18.98
CA VAL F 268 -17.44 45.13 -17.95
C VAL F 268 -18.24 44.24 -16.99
N LYS F 269 -18.97 43.26 -17.54
CA LYS F 269 -19.74 42.35 -16.70
C LYS F 269 -18.86 41.61 -15.70
N TYR F 270 -17.76 41.03 -16.17
CA TYR F 270 -16.88 40.25 -15.31
C TYR F 270 -16.40 41.05 -14.11
N PHE F 271 -15.85 42.24 -14.36
CA PHE F 271 -15.27 43.00 -13.26
C PHE F 271 -16.32 43.68 -12.39
N THR F 272 -17.47 44.04 -12.97
CA THR F 272 -18.56 44.58 -12.17
C THR F 272 -19.02 43.59 -11.13
N GLU F 273 -19.12 42.31 -11.51
CA GLU F 273 -19.58 41.28 -10.59
C GLU F 273 -18.49 40.88 -9.60
N LEU F 274 -17.23 40.85 -10.05
CA LEU F 274 -16.11 40.57 -9.15
C LEU F 274 -16.09 41.53 -7.97
N GLU F 275 -16.35 42.82 -8.23
CA GLU F 275 -16.32 43.84 -7.19
C GLU F 275 -17.72 44.03 -6.59
N GLY F 276 -18.25 42.95 -6.04
CA GLY F 276 -19.54 42.98 -5.39
C GLY F 276 -20.22 41.63 -5.36
N PHE G 16 34.44 -43.82 41.63
CA PHE G 16 33.61 -44.74 42.38
C PHE G 16 33.21 -45.87 41.41
N MET G 17 32.22 -45.63 40.56
CA MET G 17 31.81 -46.61 39.55
C MET G 17 32.40 -46.23 38.19
N ARG G 18 33.06 -47.20 37.56
CA ARG G 18 33.54 -47.07 36.18
C ARG G 18 32.61 -47.85 35.24
N PHE G 19 32.06 -47.15 34.24
CA PHE G 19 31.24 -47.77 33.21
C PHE G 19 32.00 -47.70 31.89
N ILE G 20 32.26 -48.86 31.30
CA ILE G 20 33.00 -48.94 30.04
C ILE G 20 32.05 -49.40 28.94
N PRO G 21 31.46 -48.49 28.17
CA PRO G 21 30.63 -48.88 27.02
C PRO G 21 31.49 -49.16 25.79
N LEU G 22 31.38 -50.37 25.24
CA LEU G 22 32.05 -50.79 24.02
C LEU G 22 31.00 -51.25 23.01
N GLN G 23 31.47 -51.65 21.82
CA GLN G 23 30.58 -52.02 20.72
C GLN G 23 30.31 -53.52 20.64
N THR G 24 31.35 -54.33 20.54
CA THR G 24 31.21 -55.76 20.26
C THR G 24 31.55 -56.59 21.48
N GLU G 25 31.06 -57.84 21.47
CA GLU G 25 31.37 -58.76 22.55
C GLU G 25 32.86 -59.08 22.60
N GLN G 26 33.52 -59.09 21.45
CA GLN G 26 34.95 -59.32 21.40
C GLN G 26 35.70 -58.23 22.17
N GLN G 27 35.33 -56.97 21.97
CA GLN G 27 35.97 -55.86 22.68
C GLN G 27 35.77 -55.99 24.19
N VAL G 28 34.60 -56.45 24.62
CA VAL G 28 34.32 -56.58 26.05
C VAL G 28 35.27 -57.59 26.68
N SER G 29 35.44 -58.75 26.02
CA SER G 29 36.34 -59.77 26.54
C SER G 29 37.79 -59.32 26.48
N CYS G 30 38.17 -58.64 25.39
CA CYS G 30 39.54 -58.13 25.26
C CYS G 30 39.84 -57.11 26.33
N TRP G 31 38.90 -56.18 26.57
CA TRP G 31 39.07 -55.20 27.64
C TRP G 31 39.24 -55.88 29.00
N ALA G 32 38.36 -56.83 29.31
CA ALA G 32 38.41 -57.53 30.60
C ALA G 32 39.74 -58.25 30.78
N ALA G 33 40.16 -59.01 29.77
CA ALA G 33 41.44 -59.72 29.84
C ALA G 33 42.59 -58.75 30.07
N GLN G 34 42.65 -57.67 29.30
CA GLN G 34 43.69 -56.67 29.48
C GLN G 34 43.68 -56.10 30.90
N HIS G 35 42.50 -55.83 31.44
CA HIS G 35 42.41 -55.31 32.79
C HIS G 35 42.94 -56.31 33.82
N ILE G 36 42.59 -57.59 33.65
CA ILE G 36 43.08 -58.62 34.56
C ILE G 36 44.60 -58.71 34.50
N ILE G 37 45.17 -58.70 33.28
CA ILE G 37 46.62 -58.70 33.14
C ILE G 37 47.24 -57.51 33.87
N ASN G 38 46.71 -56.32 33.63
CA ASN G 38 47.34 -55.10 34.16
C ASN G 38 47.31 -55.10 35.67
N ARG G 39 46.20 -55.55 36.27
CA ARG G 39 46.13 -55.66 37.73
C ARG G 39 47.18 -56.65 38.24
N ILE G 40 47.29 -57.81 37.59
CA ILE G 40 48.27 -58.81 38.01
C ILE G 40 49.68 -58.28 37.86
N ASN G 41 50.00 -57.68 36.70
CA ASN G 41 51.37 -57.26 36.44
C ASN G 41 51.79 -56.10 37.32
N ASP G 42 50.86 -55.17 37.62
CA ASP G 42 51.17 -54.11 38.57
C ASP G 42 51.39 -54.67 39.97
N PHE G 43 50.56 -55.65 40.36
CA PHE G 43 50.65 -56.22 41.70
C PHE G 43 51.99 -56.91 41.93
N LYS G 44 52.58 -57.47 40.88
CA LYS G 44 53.84 -58.20 40.95
C LYS G 44 53.74 -59.30 42.00
N PRO G 45 52.97 -60.36 41.74
CA PRO G 45 52.73 -61.38 42.77
C PRO G 45 53.92 -62.29 42.98
N THR G 46 54.07 -62.73 44.23
CA THR G 46 55.04 -63.74 44.62
C THR G 46 54.31 -64.92 45.23
N ALA G 47 55.06 -65.97 45.54
CA ALA G 47 54.48 -67.14 46.20
C ALA G 47 53.92 -66.76 47.58
N GLU G 48 54.63 -65.91 48.32
CA GLU G 48 54.18 -65.50 49.64
C GLU G 48 53.07 -64.45 49.57
N ARG G 49 53.02 -63.67 48.49
CA ARG G 49 52.03 -62.60 48.33
C ARG G 49 51.34 -62.75 46.98
N PRO G 50 50.41 -63.70 46.86
CA PRO G 50 49.77 -63.96 45.57
C PRO G 50 48.66 -62.97 45.26
N PHE G 51 48.35 -62.88 43.96
CA PHE G 51 47.19 -62.16 43.47
C PHE G 51 45.97 -63.07 43.51
N VAL G 52 44.87 -62.61 44.10
CA VAL G 52 43.68 -63.42 44.32
C VAL G 52 42.60 -62.96 43.35
N LEU G 53 42.14 -63.88 42.49
CA LEU G 53 41.23 -63.58 41.40
C LEU G 53 39.95 -64.38 41.56
N GLY G 54 38.81 -63.68 41.51
CA GLY G 54 37.51 -64.34 41.50
C GLY G 54 37.03 -64.54 40.07
N LEU G 55 36.48 -65.73 39.80
CA LEU G 55 36.19 -66.10 38.43
C LEU G 55 34.77 -66.63 38.29
N PRO G 56 34.10 -66.33 37.17
CA PRO G 56 32.77 -66.88 36.93
C PRO G 56 32.73 -67.92 35.81
N THR G 57 31.54 -68.44 35.53
CA THR G 57 31.29 -69.37 34.44
C THR G 57 30.33 -68.71 33.45
N GLY G 58 30.29 -69.22 32.23
CA GLY G 58 29.32 -68.79 31.25
C GLY G 58 29.95 -68.45 29.91
N GLY G 59 29.09 -67.99 29.00
CA GLY G 59 29.53 -67.74 27.63
C GLY G 59 30.48 -66.56 27.52
N THR G 60 30.08 -65.41 28.09
CA THR G 60 30.94 -64.23 28.03
C THR G 60 32.27 -64.41 28.75
N PRO G 61 32.34 -65.00 29.95
CA PRO G 61 33.66 -65.34 30.52
C PRO G 61 34.51 -66.19 29.59
N LEU G 62 33.89 -67.13 28.87
CA LEU G 62 34.64 -68.03 27.98
C LEU G 62 35.51 -67.26 27.00
N LYS G 63 34.94 -66.25 26.35
CA LYS G 63 35.72 -65.42 25.43
C LYS G 63 36.86 -64.72 26.15
N THR G 64 36.62 -64.29 27.40
CA THR G 64 37.69 -63.65 28.17
C THR G 64 38.79 -64.66 28.52
N TYR G 65 38.41 -65.86 28.94
CA TYR G 65 39.40 -66.90 29.23
C TYR G 65 40.21 -67.24 27.99
N GLN G 66 39.54 -67.32 26.84
CA GLN G 66 40.24 -67.56 25.58
C GLN G 66 41.25 -66.46 25.31
N GLU G 67 40.87 -65.21 25.56
CA GLU G 67 41.80 -64.09 25.37
C GLU G 67 42.95 -64.17 26.37
N LEU G 68 42.68 -64.58 27.60
CA LEU G 68 43.74 -64.71 28.59
C LEU G 68 44.73 -65.81 28.20
N ILE G 69 44.23 -66.90 27.62
CA ILE G 69 45.12 -67.96 27.15
C ILE G 69 46.01 -67.45 26.02
N ARG G 70 45.44 -66.71 25.08
CA ARG G 70 46.24 -66.13 24.00
C ARG G 70 47.29 -65.17 24.54
N LEU G 71 46.90 -64.34 25.52
CA LEU G 71 47.83 -63.40 26.12
C LEU G 71 48.91 -64.12 26.92
N TYR G 72 48.58 -65.25 27.55
CA TYR G 72 49.59 -66.04 28.25
C TYR G 72 50.58 -66.65 27.28
N GLN G 73 50.08 -67.18 26.15
CA GLN G 73 50.96 -67.74 25.12
C GLN G 73 51.90 -66.69 24.56
N ALA G 74 51.44 -65.45 24.45
CA ALA G 74 52.27 -64.30 24.08
C ALA G 74 53.17 -63.83 25.22
N GLY G 75 53.37 -64.66 26.24
CA GLY G 75 54.09 -64.31 27.45
C GLY G 75 53.87 -62.92 28.02
N LYS G 76 52.65 -62.41 27.89
CA LYS G 76 52.27 -61.13 28.45
C LYS G 76 51.81 -61.22 29.89
N VAL G 77 51.67 -62.44 30.43
CA VAL G 77 51.23 -62.62 31.81
C VAL G 77 51.57 -64.06 32.20
N SER G 78 51.82 -64.26 33.50
CA SER G 78 51.99 -65.59 34.07
C SER G 78 51.07 -65.74 35.28
N PHE G 79 50.47 -66.91 35.41
CA PHE G 79 49.59 -67.23 36.52
C PHE G 79 50.27 -68.09 37.59
N LYS G 80 51.59 -68.20 37.55
CA LYS G 80 52.34 -69.02 38.50
C LYS G 80 52.21 -68.52 39.94
N HIS G 81 51.47 -67.44 40.15
CA HIS G 81 51.31 -66.85 41.48
C HIS G 81 49.97 -66.15 41.59
N VAL G 82 48.97 -66.66 40.86
CA VAL G 82 47.60 -66.18 40.94
C VAL G 82 46.78 -67.25 41.63
N VAL G 83 45.97 -66.86 42.60
CA VAL G 83 45.08 -67.76 43.33
C VAL G 83 43.66 -67.42 42.91
N THR G 84 42.88 -68.44 42.55
CA THR G 84 41.54 -68.25 42.05
C THR G 84 40.49 -68.81 42.99
N PHE G 85 39.35 -68.11 43.07
CA PHE G 85 38.15 -68.57 43.75
C PHE G 85 37.00 -68.45 42.75
N ASN G 86 36.24 -69.52 42.59
CA ASN G 86 35.11 -69.51 41.67
C ASN G 86 33.81 -69.21 42.42
N MET G 87 32.84 -68.68 41.68
CA MET G 87 31.60 -68.20 42.31
C MET G 87 30.78 -69.35 42.88
N ASP G 88 30.65 -70.44 42.14
CA ASP G 88 29.63 -71.43 42.49
C ASP G 88 29.95 -72.78 41.86
N GLU G 89 29.15 -73.78 42.21
CA GLU G 89 29.26 -75.14 41.73
C GLU G 89 27.98 -75.88 42.10
N TYR G 90 27.56 -76.79 41.23
CA TYR G 90 26.37 -77.61 41.47
C TYR G 90 26.57 -78.56 42.64
N VAL G 91 25.47 -78.90 43.30
CA VAL G 91 25.45 -79.87 44.41
C VAL G 91 25.01 -81.22 43.89
N ALA G 92 25.63 -82.29 44.41
CA ALA G 92 25.27 -83.67 44.07
C ALA G 92 25.47 -83.94 42.59
N LEU G 93 26.51 -83.35 42.02
CA LEU G 93 26.95 -83.65 40.66
C LEU G 93 28.42 -84.02 40.73
N PRO G 94 28.82 -85.19 40.22
CA PRO G 94 30.23 -85.56 40.26
C PRO G 94 31.09 -84.47 39.63
N GLU G 95 32.16 -84.09 40.32
CA GLU G 95 32.94 -82.95 39.84
C GLU G 95 33.72 -83.28 38.57
N GLU G 96 33.76 -84.54 38.16
CA GLU G 96 34.31 -84.93 36.87
C GLU G 96 33.26 -84.98 35.77
N HIS G 97 32.03 -84.57 36.06
CA HIS G 97 30.99 -84.55 35.04
C HIS G 97 31.27 -83.43 34.03
N PRO G 98 31.05 -83.68 32.73
CA PRO G 98 31.29 -82.65 31.72
C PRO G 98 30.61 -81.31 32.01
N GLU G 99 29.44 -81.32 32.64
CA GLU G 99 28.65 -80.11 32.84
C GLU G 99 28.88 -79.48 34.21
N SER G 100 29.81 -80.01 35.00
CA SER G 100 30.13 -79.39 36.27
C SER G 100 30.98 -78.14 36.04
N TYR G 101 30.94 -77.23 37.00
CA TYR G 101 31.70 -75.99 36.87
C TYR G 101 33.18 -76.23 37.14
N HIS G 102 33.52 -77.27 37.90
CA HIS G 102 34.89 -77.77 37.91
C HIS G 102 35.37 -78.07 36.50
N SER G 103 34.61 -78.88 35.76
CA SER G 103 34.99 -79.25 34.39
C SER G 103 35.09 -78.03 33.50
N PHE G 104 34.14 -77.09 33.61
CA PHE G 104 34.16 -75.89 32.78
C PHE G 104 35.46 -75.13 32.97
N MET G 105 35.89 -74.96 34.22
CA MET G 105 37.06 -74.13 34.50
C MET G 105 38.35 -74.80 34.02
N TYR G 106 38.51 -76.09 34.31
CA TYR G 106 39.74 -76.78 33.91
C TYR G 106 39.83 -76.91 32.40
N ASN G 107 38.74 -77.29 31.74
CA ASN G 107 38.79 -77.52 30.30
C ASN G 107 38.99 -76.24 29.52
N ASN G 108 38.34 -75.15 29.95
CA ASN G 108 38.39 -73.90 29.19
C ASN G 108 39.48 -72.94 29.66
N PHE G 109 40.12 -73.20 30.79
CA PHE G 109 41.07 -72.23 31.33
C PHE G 109 42.28 -72.88 31.98
N PHE G 110 42.08 -73.56 33.11
CA PHE G 110 43.20 -73.98 33.94
C PHE G 110 44.14 -74.94 33.21
N ASN G 111 43.62 -75.77 32.30
CA ASN G 111 44.48 -76.70 31.58
C ASN G 111 45.34 -76.02 30.53
N HIS G 112 45.19 -74.72 30.31
CA HIS G 112 45.92 -74.03 29.25
C HIS G 112 46.84 -72.94 29.80
N ILE G 113 46.99 -72.83 31.12
CA ILE G 113 47.81 -71.80 31.74
C ILE G 113 48.72 -72.47 32.78
N ASP G 114 49.61 -71.65 33.34
CA ASP G 114 50.66 -72.11 34.23
C ASP G 114 50.31 -71.92 35.71
N ILE G 115 49.01 -71.97 36.04
CA ILE G 115 48.60 -71.86 37.44
C ILE G 115 48.98 -73.12 38.20
N LEU G 116 49.30 -72.94 39.48
CA LEU G 116 49.63 -74.07 40.33
C LEU G 116 48.35 -74.80 40.77
N PRO G 117 48.34 -76.14 40.73
CA PRO G 117 47.11 -76.87 41.05
C PRO G 117 46.60 -76.62 42.46
N GLU G 118 47.48 -76.29 43.41
CA GLU G 118 47.05 -76.06 44.78
C GLU G 118 46.51 -74.65 45.01
N ASN G 119 46.49 -73.80 43.98
CA ASN G 119 45.96 -72.46 44.09
C ASN G 119 44.59 -72.31 43.44
N ILE G 120 43.99 -73.41 42.98
CA ILE G 120 42.65 -73.39 42.40
C ILE G 120 41.65 -73.74 43.49
N ASN G 121 40.71 -72.82 43.73
CA ASN G 121 39.66 -73.02 44.73
C ASN G 121 38.30 -73.00 44.03
N ILE G 122 37.55 -74.10 44.19
CA ILE G 122 36.20 -74.23 43.66
C ILE G 122 35.39 -74.98 44.70
N LEU G 123 34.21 -74.46 45.04
CA LEU G 123 33.33 -75.11 46.00
C LEU G 123 33.08 -76.57 45.62
N ASN G 124 33.06 -77.43 46.65
CA ASN G 124 32.83 -78.86 46.46
C ASN G 124 31.38 -79.17 46.80
N GLY G 125 30.61 -79.54 45.79
CA GLY G 125 29.19 -79.81 45.98
C GLY G 125 28.91 -81.27 46.31
N ASN G 126 29.93 -82.01 46.70
CA ASN G 126 29.80 -83.42 47.01
C ASN G 126 30.24 -83.74 48.44
N THR G 127 30.46 -82.72 49.27
CA THR G 127 30.78 -82.91 50.67
C THR G 127 29.64 -83.58 51.42
N ASP G 128 29.96 -84.08 52.62
CA ASP G 128 28.95 -84.59 53.54
C ASP G 128 28.23 -83.48 54.31
N ASP G 129 28.74 -82.25 54.27
CA ASP G 129 28.20 -81.16 55.08
C ASP G 129 28.39 -79.89 54.26
N HIS G 130 27.32 -79.44 53.60
CA HIS G 130 27.43 -78.29 52.71
C HIS G 130 27.68 -77.00 53.48
N ASN G 131 27.13 -76.87 54.69
CA ASN G 131 27.41 -75.69 55.49
C ASN G 131 28.87 -75.63 55.89
N ALA G 132 29.44 -76.76 56.33
CA ALA G 132 30.86 -76.82 56.65
C ALA G 132 31.72 -76.46 55.45
N GLU G 133 31.35 -76.97 54.27
CA GLU G 133 32.11 -76.67 53.06
C GLU G 133 32.07 -75.18 52.74
N CYS G 134 30.89 -74.57 52.83
CA CYS G 134 30.75 -73.15 52.55
C CYS G 134 31.55 -72.30 53.54
N HIS G 135 31.51 -72.66 54.83
CA HIS G 135 32.32 -71.95 55.81
C HIS G 135 33.82 -72.15 55.55
N ARG G 136 34.20 -73.37 55.19
CA ARG G 136 35.58 -73.64 54.80
C ARG G 136 36.01 -72.76 53.63
N TYR G 137 35.08 -72.51 52.70
CA TYR G 137 35.37 -71.64 51.56
C TYR G 137 35.58 -70.20 52.01
N GLU G 138 34.68 -69.69 52.84
CA GLU G 138 34.83 -68.33 53.37
C GLU G 138 36.15 -68.18 54.13
N GLU G 139 36.51 -69.19 54.93
CA GLU G 139 37.75 -69.14 55.69
C GLU G 139 38.97 -69.12 54.77
N LYS G 140 38.95 -69.93 53.72
CA LYS G 140 40.06 -69.96 52.76
C LYS G 140 40.31 -68.57 52.18
N ILE G 141 39.25 -67.84 51.86
CA ILE G 141 39.40 -66.47 51.37
C ILE G 141 40.03 -65.59 52.44
N LYS G 142 39.53 -65.71 53.68
CA LYS G 142 40.08 -64.95 54.79
C LYS G 142 41.56 -65.24 54.99
N SER G 143 41.97 -66.49 54.77
CA SER G 143 43.37 -66.87 54.99
C SER G 143 44.31 -66.15 54.03
N TYR G 144 43.82 -65.77 52.85
CA TYR G 144 44.63 -65.00 51.91
C TYR G 144 44.51 -63.50 52.09
N GLY G 145 43.53 -63.04 52.89
CA GLY G 145 43.33 -61.62 53.09
C GLY G 145 42.05 -61.14 52.42
N LYS G 146 42.11 -60.94 51.10
CA LYS G 146 40.95 -60.51 50.34
C LYS G 146 41.16 -60.83 48.88
N ILE G 147 40.05 -61.04 48.16
CA ILE G 147 40.11 -61.18 46.72
C ILE G 147 40.38 -59.82 46.09
N HIS G 148 41.40 -59.74 45.25
CA HIS G 148 41.82 -58.46 44.69
C HIS G 148 40.92 -58.02 43.54
N LEU G 149 40.51 -58.96 42.69
CA LEU G 149 39.66 -58.65 41.54
C LEU G 149 38.68 -59.80 41.34
N PHE G 150 37.39 -59.50 41.41
CA PHE G 150 36.35 -60.49 41.18
C PHE G 150 35.64 -60.19 39.87
N MET G 151 35.83 -61.05 38.88
CA MET G 151 35.09 -60.97 37.62
C MET G 151 33.78 -61.73 37.77
N GLY G 152 32.73 -61.21 37.14
CA GLY G 152 31.44 -61.87 37.21
C GLY G 152 30.52 -61.44 36.08
N GLY G 153 29.39 -62.12 36.00
CA GLY G 153 28.31 -61.75 35.11
C GLY G 153 27.09 -61.26 35.87
N VAL G 154 26.02 -61.02 35.11
CA VAL G 154 24.77 -60.50 35.67
C VAL G 154 23.61 -61.15 34.94
N GLY G 155 22.57 -61.50 35.68
CA GLY G 155 21.37 -62.06 35.07
C GLY G 155 20.51 -60.99 34.45
N VAL G 156 19.53 -61.43 33.65
CA VAL G 156 18.61 -60.49 33.03
C VAL G 156 17.81 -59.73 34.08
N ASP G 157 17.67 -60.29 35.28
CA ASP G 157 17.01 -59.64 36.40
C ASP G 157 18.01 -59.07 37.41
N GLY G 158 19.28 -58.97 37.03
CA GLY G 158 20.28 -58.40 37.90
C GLY G 158 20.83 -59.29 38.98
N HIS G 159 20.52 -60.59 38.95
CA HIS G 159 21.03 -61.47 40.00
C HIS G 159 22.51 -61.76 39.78
N ILE G 160 23.19 -62.08 40.89
CA ILE G 160 24.63 -62.35 40.88
C ILE G 160 24.82 -63.80 41.31
N ALA G 161 25.54 -64.57 40.50
CA ALA G 161 25.77 -65.99 40.77
C ALA G 161 24.43 -66.70 40.95
N PHE G 162 24.36 -67.63 41.90
CA PHE G 162 23.11 -68.30 42.22
C PHE G 162 22.33 -67.62 43.34
N ASN G 163 22.66 -66.38 43.65
CA ASN G 163 21.88 -65.61 44.61
C ASN G 163 20.52 -65.24 44.01
N GLU G 164 19.51 -65.19 44.87
CA GLU G 164 18.18 -64.82 44.42
C GLU G 164 18.13 -63.32 44.12
N PRO G 165 17.24 -62.90 43.21
CA PRO G 165 17.19 -61.46 42.86
C PRO G 165 16.89 -60.54 44.04
N ALA G 166 16.36 -61.07 45.14
CA ALA G 166 16.09 -60.28 46.34
C ALA G 166 16.99 -60.69 47.50
N SER G 167 18.23 -61.06 47.18
CA SER G 167 19.17 -61.56 48.17
C SER G 167 19.60 -60.47 49.15
N SER G 168 19.89 -60.89 50.38
CA SER G 168 20.51 -60.02 51.35
C SER G 168 21.82 -59.45 50.80
N LEU G 169 22.04 -58.15 51.02
CA LEU G 169 23.31 -57.58 50.60
C LEU G 169 24.46 -58.00 51.50
N SER G 170 24.18 -58.75 52.57
CA SER G 170 25.22 -59.31 53.43
C SER G 170 25.18 -60.83 53.45
N SER G 171 24.50 -61.45 52.49
CA SER G 171 24.49 -62.89 52.38
C SER G 171 25.90 -63.42 52.15
N ARG G 172 26.15 -64.63 52.65
CA ARG G 172 27.45 -65.27 52.63
C ARG G 172 27.38 -66.52 51.75
N THR G 173 28.52 -67.19 51.62
CA THR G 173 28.56 -68.44 50.87
C THR G 173 27.68 -69.48 51.55
N ARG G 174 26.76 -70.08 50.80
CA ARG G 174 25.76 -70.96 51.37
C ARG G 174 25.17 -71.83 50.27
N ILE G 175 24.37 -72.80 50.68
CA ILE G 175 23.61 -73.63 49.74
C ILE G 175 22.35 -72.89 49.32
N LYS G 176 22.00 -73.00 48.04
CA LYS G 176 20.87 -72.29 47.46
C LYS G 176 20.02 -73.25 46.65
N THR G 177 18.70 -73.10 46.75
CA THR G 177 17.78 -73.85 45.92
C THR G 177 17.59 -73.09 44.61
N LEU G 178 17.91 -73.75 43.49
CA LEU G 178 17.82 -73.08 42.19
C LEU G 178 16.38 -72.73 41.87
N THR G 179 16.20 -71.52 41.34
CA THR G 179 14.87 -71.07 40.95
C THR G 179 14.40 -71.80 39.70
N GLN G 180 13.08 -71.78 39.50
CA GLN G 180 12.50 -72.36 38.28
C GLN G 180 13.13 -71.78 37.03
N ASP G 181 13.40 -70.47 37.04
CA ASP G 181 14.04 -69.84 35.88
C ASP G 181 15.46 -70.33 35.69
N THR G 182 16.21 -70.48 36.78
CA THR G 182 17.57 -71.00 36.67
C THR G 182 17.57 -72.43 36.17
N LEU G 183 16.59 -73.23 36.63
CA LEU G 183 16.45 -74.60 36.15
C LEU G 183 16.20 -74.63 34.65
N ILE G 184 15.31 -73.76 34.16
CA ILE G 184 14.99 -73.72 32.74
C ILE G 184 16.19 -73.24 31.93
N ALA G 185 16.80 -72.13 32.36
CA ALA G 185 17.96 -71.57 31.66
C ALA G 185 19.06 -72.61 31.45
N ASN G 186 19.40 -73.35 32.51
CA ASN G 186 20.48 -74.32 32.46
C ASN G 186 20.07 -75.67 31.90
N SER G 187 18.79 -75.85 31.57
CA SER G 187 18.32 -77.12 31.03
C SER G 187 19.07 -77.52 29.76
N ARG G 188 19.49 -76.53 28.97
CA ARG G 188 20.16 -76.82 27.70
C ARG G 188 21.46 -77.58 27.89
N PHE G 189 22.07 -77.50 29.07
CA PHE G 189 23.28 -78.27 29.34
C PHE G 189 23.00 -79.69 29.79
N PHE G 190 21.75 -80.04 30.04
CA PHE G 190 21.34 -81.36 30.51
C PHE G 190 20.22 -81.91 29.64
N ASN G 191 20.40 -81.80 28.32
CA ASN G 191 19.50 -82.37 27.32
C ASN G 191 18.12 -81.73 27.36
N ASN G 192 18.07 -80.42 27.63
CA ASN G 192 16.82 -79.67 27.72
C ASN G 192 15.82 -80.36 28.64
N ASP G 193 16.31 -80.89 29.76
CA ASP G 193 15.50 -81.63 30.73
C ASP G 193 15.58 -80.91 32.07
N VAL G 194 14.49 -80.23 32.44
CA VAL G 194 14.44 -79.52 33.72
C VAL G 194 14.66 -80.48 34.89
N THR G 195 14.15 -81.71 34.77
CA THR G 195 14.30 -82.68 35.86
C THR G 195 15.73 -83.17 36.01
N GLN G 196 16.59 -82.95 35.02
CA GLN G 196 17.97 -83.42 35.06
C GLN G 196 18.93 -82.37 35.57
N VAL G 197 18.50 -81.12 35.70
CA VAL G 197 19.37 -80.07 36.24
C VAL G 197 19.46 -80.24 37.75
N PRO G 198 20.66 -80.20 38.33
CA PRO G 198 20.78 -80.30 39.79
C PRO G 198 19.91 -79.28 40.51
N LYS G 199 19.24 -79.72 41.57
CA LYS G 199 18.29 -78.86 42.26
C LYS G 199 18.99 -77.80 43.10
N TYR G 200 20.19 -78.08 43.58
CA TYR G 200 20.89 -77.20 44.52
C TYR G 200 22.28 -76.87 44.00
N ALA G 201 22.85 -75.80 44.57
CA ALA G 201 24.21 -75.39 44.25
C ALA G 201 24.78 -74.63 45.44
N LEU G 202 26.10 -74.63 45.53
CA LEU G 202 26.82 -73.82 46.51
C LEU G 202 27.29 -72.54 45.82
N THR G 203 26.97 -71.40 46.42
CA THR G 203 27.28 -70.12 45.80
C THR G 203 27.82 -69.14 46.83
N ILE G 204 28.71 -68.26 46.38
CA ILE G 204 29.16 -67.16 47.20
C ILE G 204 28.01 -66.18 47.41
N GLY G 205 28.04 -65.47 48.53
CA GLY G 205 27.01 -64.50 48.83
C GLY G 205 27.32 -63.12 48.28
N VAL G 206 26.31 -62.25 48.34
CA VAL G 206 26.49 -60.87 47.92
C VAL G 206 27.51 -60.17 48.80
N GLY G 207 27.48 -60.46 50.11
CA GLY G 207 28.52 -59.97 51.00
C GLY G 207 29.89 -60.46 50.59
N THR G 208 30.00 -61.73 50.21
CA THR G 208 31.26 -62.28 49.73
C THR G 208 31.79 -61.49 48.54
N LEU G 209 30.91 -61.16 47.59
CA LEU G 209 31.32 -60.38 46.43
C LEU G 209 31.79 -58.98 46.84
N LEU G 210 31.01 -58.31 47.69
CA LEU G 210 31.34 -56.94 48.09
C LEU G 210 32.63 -56.85 48.89
N ASP G 211 33.06 -57.94 49.52
CA ASP G 211 34.31 -57.92 50.29
C ASP G 211 35.55 -57.92 49.40
N ALA G 212 35.39 -58.06 48.09
CA ALA G 212 36.52 -58.00 47.19
C ALA G 212 37.00 -56.55 47.03
N GLU G 213 38.27 -56.40 46.66
CA GLU G 213 38.84 -55.07 46.47
C GLU G 213 38.33 -54.42 45.19
N GLU G 214 37.97 -55.21 44.19
CA GLU G 214 37.45 -54.69 42.93
C GLU G 214 36.52 -55.72 42.32
N VAL G 215 35.38 -55.26 41.81
CA VAL G 215 34.37 -56.13 41.21
C VAL G 215 34.15 -55.67 39.78
N MET G 216 34.43 -56.56 38.83
CA MET G 216 34.25 -56.28 37.41
C MET G 216 33.11 -57.16 36.89
N ILE G 217 32.01 -56.53 36.47
CA ILE G 217 30.86 -57.23 35.91
C ILE G 217 30.84 -57.01 34.41
N LEU G 218 30.63 -58.09 33.67
CA LEU G 218 30.64 -58.09 32.21
C LEU G 218 29.22 -58.36 31.73
N ALA G 219 28.72 -57.53 30.80
CA ALA G 219 27.34 -57.63 30.35
C ALA G 219 27.27 -57.46 28.84
N THR G 220 27.11 -58.56 28.13
CA THR G 220 26.93 -58.55 26.68
C THR G 220 25.58 -59.14 26.34
N GLY G 221 24.89 -58.53 25.37
CA GLY G 221 23.62 -59.05 24.92
C GLY G 221 22.50 -58.06 25.13
N HIS G 222 21.50 -58.08 24.24
CA HIS G 222 20.36 -57.18 24.39
C HIS G 222 19.55 -57.50 25.64
N GLN G 223 19.60 -58.75 26.09
CA GLN G 223 18.85 -59.20 27.27
C GLN G 223 19.43 -58.66 28.57
N LYS G 224 20.59 -58.01 28.54
CA LYS G 224 21.18 -57.41 29.73
C LYS G 224 21.01 -55.90 29.77
N ALA G 225 20.27 -55.32 28.82
CA ALA G 225 20.14 -53.88 28.75
C ALA G 225 19.41 -53.33 29.98
N LEU G 226 18.37 -54.02 30.45
CA LEU G 226 17.64 -53.55 31.61
C LEU G 226 18.49 -53.68 32.88
N ALA G 227 19.30 -54.73 32.98
CA ALA G 227 20.21 -54.85 34.11
C ALA G 227 21.27 -53.76 34.08
N VAL G 228 21.73 -53.38 32.89
CA VAL G 228 22.72 -52.32 32.79
C VAL G 228 22.10 -50.98 33.19
N GLN G 229 20.86 -50.73 32.76
CA GLN G 229 20.18 -49.50 33.16
C GLN G 229 20.04 -49.42 34.67
N ALA G 230 19.71 -50.54 35.32
CA ALA G 230 19.59 -50.54 36.77
C ALA G 230 20.92 -50.28 37.45
N ALA G 231 22.02 -50.73 36.83
CA ALA G 231 23.33 -50.57 37.46
C ALA G 231 23.87 -49.16 37.32
N VAL G 232 23.65 -48.51 36.19
CA VAL G 232 24.23 -47.20 35.90
C VAL G 232 23.27 -46.06 36.19
N GLU G 233 22.05 -46.13 35.65
CA GLU G 233 21.16 -44.98 35.74
C GLU G 233 20.23 -45.03 36.95
N GLY G 234 19.79 -46.21 37.35
CA GLY G 234 18.87 -46.29 38.45
C GLY G 234 19.56 -46.11 39.78
N SER G 235 18.74 -45.79 40.79
CA SER G 235 19.21 -45.82 42.16
C SER G 235 19.34 -47.27 42.62
N ILE G 236 19.96 -47.44 43.79
CA ILE G 236 20.08 -48.78 44.36
C ILE G 236 18.70 -49.32 44.66
N ASN G 237 18.37 -50.45 44.04
CA ASN G 237 17.10 -51.14 44.27
C ASN G 237 17.37 -52.55 44.77
N HIS G 238 16.70 -52.93 45.86
CA HIS G 238 16.96 -54.23 46.44
C HIS G 238 16.41 -55.39 45.60
N LEU G 239 15.70 -55.10 44.51
CA LEU G 239 15.27 -56.14 43.59
C LEU G 239 16.23 -56.31 42.41
N TRP G 240 17.24 -55.46 42.31
CA TRP G 240 18.29 -55.56 41.28
C TRP G 240 19.63 -55.68 42.01
N THR G 241 20.08 -56.92 42.22
CA THR G 241 21.29 -57.14 42.99
C THR G 241 22.49 -56.40 42.42
N VAL G 242 22.57 -56.27 41.10
CA VAL G 242 23.72 -55.62 40.48
C VAL G 242 23.81 -54.16 40.90
N SER G 243 22.67 -53.52 41.19
CA SER G 243 22.68 -52.13 41.61
C SER G 243 23.35 -51.93 42.95
N ALA G 244 23.41 -52.96 43.79
CA ALA G 244 24.08 -52.83 45.08
C ALA G 244 25.57 -52.60 44.94
N LEU G 245 26.14 -52.99 43.79
CA LEU G 245 27.54 -52.72 43.52
C LEU G 245 27.83 -51.24 43.37
N GLN G 246 26.80 -50.39 43.34
CA GLN G 246 27.02 -48.95 43.33
C GLN G 246 27.73 -48.46 44.57
N MET G 247 27.62 -49.18 45.69
CA MET G 247 28.29 -48.81 46.93
C MET G 247 29.69 -49.42 47.06
N HIS G 248 30.18 -50.10 46.04
CA HIS G 248 31.50 -50.71 46.12
C HIS G 248 32.58 -49.68 45.79
N ARG G 249 33.75 -49.85 46.45
CA ARG G 249 34.83 -48.89 46.30
C ARG G 249 35.36 -48.85 44.88
N HIS G 250 35.39 -49.99 44.19
CA HIS G 250 35.87 -50.07 42.80
C HIS G 250 34.95 -51.04 42.03
N PHE G 251 33.87 -50.51 41.49
CA PHE G 251 32.94 -51.27 40.68
C PHE G 251 33.16 -50.90 39.22
N VAL G 252 33.49 -51.91 38.41
CA VAL G 252 33.69 -51.74 36.97
C VAL G 252 32.60 -52.53 36.25
N LEU G 253 31.95 -51.91 35.27
CA LEU G 253 30.95 -52.56 34.44
C LEU G 253 31.34 -52.38 32.99
N VAL G 254 31.59 -53.49 32.29
CA VAL G 254 31.94 -53.49 30.87
C VAL G 254 30.79 -54.12 30.11
N CYS G 255 30.38 -53.48 29.02
CA CYS G 255 29.21 -53.95 28.27
C CYS G 255 29.40 -53.66 26.79
N ASP G 256 28.60 -54.34 25.98
CA ASP G 256 28.61 -54.18 24.53
C ASP G 256 27.47 -53.24 24.11
N GLU G 257 27.35 -53.00 22.81
CA GLU G 257 26.38 -52.01 22.35
C GLU G 257 24.94 -52.49 22.57
N ALA G 258 24.68 -53.78 22.36
CA ALA G 258 23.33 -54.30 22.55
C ALA G 258 22.84 -54.10 23.98
N ALA G 259 23.75 -54.06 24.95
CA ALA G 259 23.39 -53.90 26.35
C ALA G 259 23.24 -52.44 26.75
N GLN G 260 23.54 -51.52 25.86
CA GLN G 260 23.36 -50.09 26.10
C GLN G 260 21.99 -49.58 25.68
N GLN G 261 21.19 -50.40 25.01
CA GLN G 261 20.04 -49.90 24.27
C GLN G 261 18.99 -49.24 25.16
N GLU G 262 18.97 -49.51 26.45
CA GLU G 262 17.98 -48.91 27.33
C GLU G 262 18.50 -47.67 28.04
N LEU G 263 19.78 -47.35 27.91
CA LEU G 263 20.36 -46.16 28.51
C LEU G 263 19.96 -44.91 27.73
N LYS G 264 20.06 -43.78 28.39
CA LYS G 264 19.90 -42.49 27.72
C LYS G 264 21.18 -42.12 26.99
N VAL G 265 21.02 -41.37 25.89
CA VAL G 265 22.15 -40.95 25.08
C VAL G 265 23.19 -40.23 25.94
N LYS G 266 22.73 -39.41 26.89
CA LYS G 266 23.66 -38.66 27.73
C LYS G 266 24.49 -39.56 28.63
N THR G 267 23.94 -40.69 29.06
CA THR G 267 24.69 -41.60 29.92
C THR G 267 25.87 -42.22 29.17
N VAL G 268 25.62 -42.74 27.96
CA VAL G 268 26.71 -43.31 27.18
C VAL G 268 27.74 -42.24 26.84
N LYS G 269 27.27 -41.04 26.48
CA LYS G 269 28.18 -39.95 26.13
C LYS G 269 29.13 -39.62 27.28
N TYR G 270 28.58 -39.43 28.48
CA TYR G 270 29.41 -39.06 29.64
C TYR G 270 30.53 -40.08 29.86
N PHE G 271 30.17 -41.36 29.90
CA PHE G 271 31.14 -42.40 30.24
C PHE G 271 32.05 -42.75 29.06
N THR G 272 31.55 -42.65 27.83
CA THR G 272 32.40 -42.87 26.66
C THR G 272 33.54 -41.86 26.61
N GLU G 273 33.23 -40.59 26.91
CA GLU G 273 34.24 -39.53 26.84
C GLU G 273 35.16 -39.57 28.06
N LEU G 274 34.62 -39.91 29.22
CA LEU G 274 35.44 -40.07 30.43
C LEU G 274 36.58 -41.06 30.22
N GLU G 275 36.33 -42.14 29.48
CA GLU G 275 37.33 -43.17 29.25
C GLU G 275 38.13 -42.86 27.98
N GLY G 276 38.81 -41.72 28.01
CA GLY G 276 39.68 -41.30 26.92
C GLY G 276 41.09 -40.97 27.38
N PHE H 16 16.04 -34.45 59.09
CA PHE H 16 17.14 -35.05 58.33
C PHE H 16 17.75 -33.98 57.44
N MET H 17 17.13 -33.74 56.29
CA MET H 17 17.50 -32.63 55.44
C MET H 17 16.50 -31.50 55.64
N ARG H 18 17.01 -30.28 55.78
CA ARG H 18 16.16 -29.09 55.86
C ARG H 18 16.07 -28.47 54.47
N PHE H 19 14.86 -28.39 53.94
CA PHE H 19 14.59 -27.77 52.65
C PHE H 19 13.80 -26.48 52.91
N ILE H 20 14.36 -25.36 52.48
CA ILE H 20 13.75 -24.05 52.69
C ILE H 20 13.30 -23.53 51.33
N PRO H 21 12.03 -23.71 50.95
CA PRO H 21 11.53 -23.14 49.69
C PRO H 21 11.13 -21.69 49.90
N LEU H 22 11.74 -20.79 49.13
CA LEU H 22 11.44 -19.37 49.15
C LEU H 22 11.02 -18.93 47.74
N GLN H 23 10.66 -17.65 47.62
CA GLN H 23 10.13 -17.15 46.36
C GLN H 23 11.20 -16.53 45.48
N THR H 24 11.94 -15.55 46.02
CA THR H 24 12.84 -14.73 45.23
C THR H 24 14.29 -15.05 45.56
N GLU H 25 15.17 -14.69 44.62
CA GLU H 25 16.60 -14.87 44.83
C GLU H 25 17.09 -14.03 46.00
N GLN H 26 16.47 -12.87 46.22
CA GLN H 26 16.79 -12.02 47.37
C GLN H 26 16.53 -12.76 48.68
N GLN H 27 15.37 -13.40 48.80
CA GLN H 27 15.04 -14.14 50.02
C GLN H 27 16.02 -15.28 50.27
N VAL H 28 16.49 -15.93 49.20
CA VAL H 28 17.44 -17.02 49.34
C VAL H 28 18.74 -16.52 49.96
N SER H 29 19.25 -15.39 49.46
CA SER H 29 20.50 -14.85 49.98
C SER H 29 20.35 -14.35 51.41
N CYS H 30 19.22 -13.71 51.72
CA CYS H 30 19.01 -13.20 53.08
C CYS H 30 18.94 -14.34 54.08
N TRP H 31 18.20 -15.41 53.74
CA TRP H 31 18.12 -16.56 54.62
C TRP H 31 19.49 -17.17 54.87
N ALA H 32 20.26 -17.39 53.81
CA ALA H 32 21.59 -17.96 53.94
C ALA H 32 22.48 -17.08 54.80
N ALA H 33 22.49 -15.78 54.53
CA ALA H 33 23.29 -14.85 55.32
C ALA H 33 22.92 -14.92 56.80
N GLN H 34 21.62 -14.85 57.11
CA GLN H 34 21.17 -14.94 58.49
C GLN H 34 21.61 -16.24 59.15
N HIS H 35 21.51 -17.37 58.43
CA HIS H 35 21.93 -18.64 59.01
C HIS H 35 23.40 -18.64 59.35
N ILE H 36 24.24 -18.11 58.44
CA ILE H 36 25.67 -17.99 58.72
C ILE H 36 25.88 -17.13 59.95
N ILE H 37 25.15 -16.02 60.03
CA ILE H 37 25.23 -15.12 61.19
C ILE H 37 24.92 -15.91 62.47
N ASN H 38 23.80 -16.63 62.46
CA ASN H 38 23.32 -17.29 63.68
C ASN H 38 24.29 -18.38 64.13
N ARG H 39 24.85 -19.14 63.19
CA ARG H 39 25.83 -20.17 63.54
C ARG H 39 27.06 -19.56 64.20
N ILE H 40 27.59 -18.49 63.61
CA ILE H 40 28.76 -17.84 64.20
C ILE H 40 28.46 -17.32 65.59
N ASN H 41 27.34 -16.61 65.74
CA ASN H 41 27.05 -15.96 67.02
C ASN H 41 26.71 -16.98 68.11
N ASP H 42 26.07 -18.10 67.73
CA ASP H 42 25.85 -19.17 68.70
C ASP H 42 27.16 -19.83 69.09
N PHE H 43 28.06 -20.02 68.13
CA PHE H 43 29.33 -20.70 68.39
C PHE H 43 30.18 -19.90 69.38
N LYS H 44 30.05 -18.58 69.37
CA LYS H 44 30.84 -17.67 70.20
C LYS H 44 32.32 -17.97 70.02
N PRO H 45 32.87 -17.66 68.84
CA PRO H 45 34.26 -18.03 68.55
C PRO H 45 35.26 -17.14 69.26
N THR H 46 36.41 -17.73 69.57
CA THR H 46 37.55 -17.02 70.10
C THR H 46 38.72 -17.19 69.14
N ALA H 47 39.82 -16.47 69.42
CA ALA H 47 41.01 -16.60 68.59
C ALA H 47 41.54 -18.02 68.62
N GLU H 48 41.53 -18.66 69.78
CA GLU H 48 42.01 -20.03 69.93
C GLU H 48 40.99 -21.05 69.44
N ARG H 49 39.70 -20.72 69.45
CA ARG H 49 38.63 -21.64 69.03
C ARG H 49 37.78 -20.95 67.98
N PRO H 50 38.27 -20.85 66.76
CA PRO H 50 37.55 -20.09 65.71
C PRO H 50 36.43 -20.89 65.08
N PHE H 51 35.50 -20.15 64.48
CA PHE H 51 34.47 -20.72 63.61
C PHE H 51 35.02 -20.84 62.20
N VAL H 52 34.88 -22.03 61.61
CA VAL H 52 35.46 -22.34 60.31
C VAL H 52 34.35 -22.39 59.28
N LEU H 53 34.45 -21.56 58.25
CA LEU H 53 33.39 -21.36 57.27
C LEU H 53 33.90 -21.76 55.88
N GLY H 54 33.16 -22.64 55.21
CA GLY H 54 33.47 -22.98 53.83
C GLY H 54 32.67 -22.12 52.87
N LEU H 55 33.34 -21.64 51.82
CA LEU H 55 32.73 -20.63 50.98
C LEU H 55 32.86 -20.97 49.50
N PRO H 56 31.83 -20.66 48.69
CA PRO H 56 31.93 -20.88 47.25
C PRO H 56 32.02 -19.60 46.44
N THR H 57 32.08 -19.74 45.12
CA THR H 57 32.07 -18.63 44.16
C THR H 57 30.82 -18.76 43.30
N GLY H 58 30.42 -17.65 42.66
CA GLY H 58 29.36 -17.67 41.68
C GLY H 58 28.34 -16.57 41.89
N GLY H 59 27.32 -16.59 41.03
CA GLY H 59 26.35 -15.49 41.00
C GLY H 59 25.46 -15.47 42.24
N THR H 60 24.84 -16.60 42.56
CA THR H 60 23.98 -16.64 43.74
C THR H 60 24.72 -16.40 45.05
N PRO H 61 25.94 -16.95 45.29
CA PRO H 61 26.68 -16.54 46.50
C PRO H 61 26.86 -15.04 46.63
N LEU H 62 27.05 -14.35 45.52
CA LEU H 62 27.35 -12.92 45.52
C LEU H 62 26.34 -12.13 46.35
N LYS H 63 25.04 -12.36 46.11
CA LYS H 63 24.03 -11.66 46.90
C LYS H 63 24.12 -12.02 48.38
N THR H 64 24.48 -13.27 48.69
CA THR H 64 24.68 -13.63 50.09
C THR H 64 25.87 -12.89 50.70
N TYR H 65 26.98 -12.80 49.96
CA TYR H 65 28.13 -12.04 50.46
C TYR H 65 27.78 -10.56 50.63
N GLN H 66 27.05 -10.00 49.68
CA GLN H 66 26.60 -8.61 49.82
C GLN H 66 25.76 -8.44 51.08
N GLU H 67 24.85 -9.38 51.33
CA GLU H 67 24.03 -9.32 52.54
C GLU H 67 24.87 -9.49 53.79
N LEU H 68 25.89 -10.35 53.74
CA LEU H 68 26.76 -10.53 54.89
C LEU H 68 27.54 -9.26 55.20
N ILE H 69 27.94 -8.53 54.16
CA ILE H 69 28.61 -7.25 54.37
C ILE H 69 27.65 -6.24 55.00
N ARG H 70 26.40 -6.20 54.52
CA ARG H 70 25.40 -5.29 55.08
C ARG H 70 25.15 -5.58 56.55
N LEU H 71 25.06 -6.86 56.91
CA LEU H 71 24.84 -7.23 58.31
C LEU H 71 26.06 -6.91 59.16
N TYR H 72 27.26 -7.03 58.60
CA TYR H 72 28.46 -6.68 59.34
C TYR H 72 28.52 -5.17 59.60
N GLN H 73 28.18 -4.37 58.58
CA GLN H 73 28.18 -2.93 58.75
C GLN H 73 27.19 -2.50 59.84
N ALA H 74 26.07 -3.20 59.95
CA ALA H 74 25.06 -3.07 61.00
C ALA H 74 25.52 -3.68 62.33
N GLY H 75 26.82 -3.92 62.48
CA GLY H 75 27.40 -4.59 63.63
C GLY H 75 26.64 -5.77 64.21
N LYS H 76 25.96 -6.51 63.34
CA LYS H 76 25.22 -7.70 63.75
C LYS H 76 26.09 -8.95 63.73
N VAL H 77 27.34 -8.86 63.28
CA VAL H 77 28.26 -9.99 63.23
C VAL H 77 29.66 -9.45 63.08
N SER H 78 30.64 -10.20 63.58
CA SER H 78 32.05 -9.91 63.35
C SER H 78 32.74 -11.16 62.85
N PHE H 79 33.64 -10.97 61.88
CA PHE H 79 34.42 -12.05 61.30
C PHE H 79 35.84 -12.09 61.85
N LYS H 80 36.12 -11.36 62.94
CA LYS H 80 37.44 -11.30 63.55
C LYS H 80 37.92 -12.65 64.07
N HIS H 81 37.11 -13.70 63.97
CA HIS H 81 37.44 -15.00 64.51
C HIS H 81 36.80 -16.08 63.65
N VAL H 82 36.63 -15.76 62.38
CA VAL H 82 36.11 -16.70 61.38
C VAL H 82 37.27 -17.08 60.48
N VAL H 83 37.43 -18.38 60.24
CA VAL H 83 38.44 -18.90 59.34
C VAL H 83 37.72 -19.47 58.14
N THR H 84 38.13 -19.07 56.94
CA THR H 84 37.44 -19.49 55.73
C THR H 84 38.32 -20.38 54.87
N PHE H 85 37.66 -21.34 54.22
CA PHE H 85 38.27 -22.19 53.21
C PHE H 85 37.39 -22.12 51.97
N ASN H 86 38.00 -21.83 50.82
CA ASN H 86 37.24 -21.76 49.58
C ASN H 86 37.31 -23.08 48.84
N MET H 87 36.32 -23.31 47.99
CA MET H 87 36.19 -24.59 47.31
C MET H 87 37.33 -24.82 46.32
N ASP H 88 37.69 -23.81 45.55
CA ASP H 88 38.50 -24.05 44.36
C ASP H 88 39.18 -22.77 43.90
N GLU H 89 40.05 -22.92 42.91
CA GLU H 89 40.78 -21.82 42.27
C GLU H 89 41.38 -22.36 40.98
N TYR H 90 41.46 -21.48 39.98
CA TYR H 90 42.07 -21.83 38.70
C TYR H 90 43.57 -22.05 38.85
N VAL H 91 44.11 -22.91 37.99
CA VAL H 91 45.54 -23.20 37.91
C VAL H 91 46.14 -22.40 36.75
N ALA H 92 47.37 -21.91 36.95
CA ALA H 92 48.11 -21.17 35.93
C ALA H 92 47.35 -19.91 35.50
N LEU H 93 46.70 -19.28 36.48
CA LEU H 93 46.08 -17.98 36.32
C LEU H 93 46.63 -17.10 37.44
N PRO H 94 47.21 -15.94 37.13
CA PRO H 94 47.72 -15.06 38.19
C PRO H 94 46.62 -14.76 39.21
N GLU H 95 46.97 -14.90 40.49
CA GLU H 95 45.94 -14.75 41.50
C GLU H 95 45.46 -13.31 41.65
N GLU H 96 46.15 -12.35 41.02
CA GLU H 96 45.67 -10.99 40.92
C GLU H 96 44.89 -10.73 39.64
N HIS H 97 44.65 -11.76 38.85
CA HIS H 97 43.85 -11.61 37.64
C HIS H 97 42.39 -11.36 38.02
N PRO H 98 41.71 -10.45 37.31
CA PRO H 98 40.30 -10.18 37.64
C PRO H 98 39.41 -11.41 37.75
N GLU H 99 39.67 -12.45 36.97
CA GLU H 99 38.78 -13.60 36.89
C GLU H 99 39.19 -14.75 37.78
N SER H 100 40.23 -14.56 38.60
CA SER H 100 40.60 -15.57 39.57
C SER H 100 39.62 -15.55 40.75
N TYR H 101 39.53 -16.68 41.45
CA TYR H 101 38.62 -16.75 42.59
C TYR H 101 39.20 -16.03 43.80
N HIS H 102 40.52 -15.87 43.88
CA HIS H 102 41.12 -14.93 44.82
C HIS H 102 40.50 -13.55 44.66
N SER H 103 40.53 -13.02 43.43
CA SER H 103 39.97 -11.70 43.18
C SER H 103 38.48 -11.64 43.49
N PHE H 104 37.73 -12.67 43.09
CA PHE H 104 36.30 -12.70 43.36
C PHE H 104 36.03 -12.61 44.86
N MET H 105 36.75 -13.38 45.67
CA MET H 105 36.46 -13.43 47.09
C MET H 105 36.84 -12.12 47.78
N TYR H 106 38.03 -11.60 47.49
CA TYR H 106 38.45 -10.36 48.13
C TYR H 106 37.61 -9.17 47.68
N ASN H 107 37.33 -9.06 46.38
CA ASN H 107 36.61 -7.89 45.88
C ASN H 107 35.16 -7.89 46.36
N ASN H 108 34.53 -9.05 46.40
CA ASN H 108 33.11 -9.12 46.76
C ASN H 108 32.88 -9.39 48.24
N PHE H 109 33.91 -9.74 49.02
CA PHE H 109 33.68 -10.12 50.41
C PHE H 109 34.79 -9.67 51.36
N PHE H 110 35.97 -10.27 51.24
CA PHE H 110 37.00 -10.11 52.25
C PHE H 110 37.46 -8.67 52.40
N ASN H 111 37.46 -7.88 51.33
CA ASN H 111 37.89 -6.49 51.46
C ASN H 111 36.88 -5.61 52.18
N HIS H 112 35.72 -6.15 52.54
CA HIS H 112 34.65 -5.34 53.13
C HIS H 112 34.27 -5.79 54.53
N ILE H 113 35.00 -6.72 55.13
CA ILE H 113 34.71 -7.24 56.46
C ILE H 113 35.99 -7.23 57.28
N ASP H 114 35.85 -7.57 58.57
CA ASP H 114 36.92 -7.46 59.55
C ASP H 114 37.63 -8.80 59.79
N ILE H 115 37.68 -9.67 58.79
CA ILE H 115 38.37 -10.94 58.92
C ILE H 115 39.88 -10.71 59.00
N LEU H 116 40.57 -11.57 59.75
CA LEU H 116 42.02 -11.42 59.80
C LEU H 116 42.63 -11.99 58.51
N PRO H 117 43.60 -11.28 57.92
CA PRO H 117 44.15 -11.72 56.64
C PRO H 117 44.77 -13.12 56.68
N GLU H 118 45.28 -13.54 57.84
CA GLU H 118 45.89 -14.85 57.97
C GLU H 118 44.88 -15.97 58.18
N ASN H 119 43.59 -15.65 58.25
CA ASN H 119 42.53 -16.65 58.38
C ASN H 119 41.79 -16.88 57.08
N ILE H 120 42.23 -16.28 55.98
CA ILE H 120 41.65 -16.49 54.66
C ILE H 120 42.46 -17.57 53.97
N ASN H 121 41.80 -18.67 53.61
CA ASN H 121 42.45 -19.77 52.90
C ASN H 121 41.80 -19.96 51.55
N ILE H 122 42.61 -19.90 50.48
CA ILE H 122 42.18 -20.13 49.12
C ILE H 122 43.29 -20.93 48.43
N LEU H 123 42.92 -22.02 47.76
CA LEU H 123 43.91 -22.83 47.05
C LEU H 123 44.76 -21.97 46.13
N ASN H 124 46.07 -22.26 46.11
CA ASN H 124 47.03 -21.53 45.29
C ASN H 124 47.32 -22.36 44.05
N GLY H 125 46.86 -21.88 42.89
CA GLY H 125 47.03 -22.60 41.64
C GLY H 125 48.30 -22.21 40.89
N ASN H 126 49.24 -21.58 41.58
CA ASN H 126 50.48 -21.12 40.94
C ASN H 126 51.72 -21.73 41.58
N THR H 127 51.54 -22.74 42.44
CA THR H 127 52.67 -23.48 42.99
C THR H 127 53.40 -24.25 41.90
N ASP H 128 54.62 -24.69 42.23
CA ASP H 128 55.37 -25.62 41.39
C ASP H 128 54.94 -27.07 41.61
N ASP H 129 54.10 -27.33 42.60
CA ASP H 129 53.74 -28.70 42.98
C ASP H 129 52.28 -28.68 43.41
N HIS H 130 51.38 -29.06 42.49
CA HIS H 130 49.96 -28.96 42.75
C HIS H 130 49.47 -30.00 43.74
N ASN H 131 50.04 -31.21 43.72
CA ASN H 131 49.66 -32.22 44.69
C ASN H 131 50.07 -31.82 46.10
N ALA H 132 51.29 -31.30 46.26
CA ALA H 132 51.73 -30.79 47.55
C ALA H 132 50.80 -29.70 48.04
N GLU H 133 50.39 -28.80 47.15
CA GLU H 133 49.49 -27.72 47.53
C GLU H 133 48.14 -28.27 48.00
N CYS H 134 47.59 -29.23 47.26
CA CYS H 134 46.32 -29.85 47.65
C CYS H 134 46.45 -30.56 48.98
N HIS H 135 47.57 -31.26 49.19
CA HIS H 135 47.80 -31.93 50.47
C HIS H 135 47.94 -30.92 51.59
N ARG H 136 48.64 -29.81 51.34
CA ARG H 136 48.77 -28.76 52.36
C ARG H 136 47.40 -28.22 52.77
N TYR H 137 46.48 -28.11 51.80
CA TYR H 137 45.15 -27.59 52.07
C TYR H 137 44.35 -28.52 52.97
N GLU H 138 44.32 -29.81 52.63
CA GLU H 138 43.64 -30.79 53.49
C GLU H 138 44.23 -30.79 54.89
N GLU H 139 45.57 -30.66 54.99
CA GLU H 139 46.23 -30.64 56.29
C GLU H 139 45.81 -29.41 57.10
N LYS H 140 45.75 -28.24 56.43
CA LYS H 140 45.33 -27.01 57.10
C LYS H 140 43.94 -27.15 57.72
N ILE H 141 43.01 -27.80 57.00
CA ILE H 141 41.68 -28.03 57.54
C ILE H 141 41.75 -28.93 58.77
N LYS H 142 42.52 -30.01 58.67
CA LYS H 142 42.66 -30.94 59.79
C LYS H 142 43.20 -30.24 61.03
N SER H 143 44.11 -29.27 60.85
CA SER H 143 44.71 -28.58 61.99
C SER H 143 43.69 -27.76 62.76
N TYR H 144 42.62 -27.32 62.10
CA TYR H 144 41.55 -26.61 62.78
C TYR H 144 40.47 -27.54 63.33
N GLY H 145 40.49 -28.81 62.92
CA GLY H 145 39.49 -29.75 63.37
C GLY H 145 38.54 -30.14 62.27
N LYS H 146 37.56 -29.27 61.99
CA LYS H 146 36.61 -29.53 60.92
C LYS H 146 35.94 -28.21 60.55
N ILE H 147 35.46 -28.16 59.31
CA ILE H 147 34.66 -27.03 58.85
C ILE H 147 33.28 -27.11 59.48
N HIS H 148 32.86 -26.02 60.14
CA HIS H 148 31.59 -26.02 60.86
C HIS H 148 30.41 -25.81 59.92
N LEU H 149 30.56 -24.94 58.92
CA LEU H 149 29.49 -24.68 57.96
C LEU H 149 30.13 -24.46 56.59
N PHE H 150 29.75 -25.30 55.63
CA PHE H 150 30.23 -25.19 54.25
C PHE H 150 29.08 -24.75 53.37
N MET H 151 29.14 -23.52 52.86
CA MET H 151 28.19 -23.02 51.88
C MET H 151 28.62 -23.42 50.49
N GLY H 152 27.65 -23.71 49.63
CA GLY H 152 27.97 -24.10 48.27
C GLY H 152 26.80 -23.94 47.33
N GLY H 153 27.10 -24.12 46.05
CA GLY H 153 26.10 -24.21 45.02
C GLY H 153 26.02 -25.61 44.45
N VAL H 154 25.23 -25.74 43.38
CA VAL H 154 25.01 -27.02 42.74
C VAL H 154 24.89 -26.79 41.24
N GLY H 155 25.50 -27.68 40.45
CA GLY H 155 25.40 -27.57 39.02
C GLY H 155 24.06 -28.04 38.50
N VAL H 156 23.80 -27.72 37.23
CA VAL H 156 22.54 -28.14 36.61
C VAL H 156 22.47 -29.66 36.54
N ASP H 157 23.61 -30.34 36.62
CA ASP H 157 23.70 -31.79 36.64
C ASP H 157 23.97 -32.32 38.05
N GLY H 158 23.83 -31.49 39.07
CA GLY H 158 24.03 -31.90 40.45
C GLY H 158 25.47 -31.99 40.91
N HIS H 159 26.43 -31.50 40.14
CA HIS H 159 27.83 -31.57 40.53
C HIS H 159 28.16 -30.50 41.57
N ILE H 160 29.20 -30.78 42.37
CA ILE H 160 29.65 -29.90 43.44
C ILE H 160 31.06 -29.42 43.14
N ALA H 161 31.27 -28.11 43.19
CA ALA H 161 32.57 -27.47 42.95
C ALA H 161 33.06 -27.93 41.57
N PHE H 162 34.36 -28.19 41.40
CA PHE H 162 34.88 -28.68 40.14
C PHE H 162 34.93 -30.21 40.10
N ASN H 163 34.26 -30.87 41.03
CA ASN H 163 34.15 -32.32 40.97
C ASN H 163 33.23 -32.74 39.83
N GLU H 164 33.55 -33.87 39.23
CA GLU H 164 32.81 -34.40 38.11
C GLU H 164 31.48 -35.02 38.56
N PRO H 165 30.50 -35.10 37.66
CA PRO H 165 29.17 -35.60 38.06
C PRO H 165 29.20 -37.00 38.63
N ALA H 166 30.23 -37.79 38.36
CA ALA H 166 30.35 -39.15 38.90
C ALA H 166 31.55 -39.28 39.83
N SER H 167 31.88 -38.21 40.55
CA SER H 167 33.05 -38.24 41.41
C SER H 167 32.80 -39.15 42.61
N SER H 168 33.87 -39.78 43.08
CA SER H 168 33.81 -40.58 44.30
C SER H 168 33.30 -39.73 45.45
N LEU H 169 32.41 -40.32 46.26
CA LEU H 169 31.89 -39.62 47.43
C LEU H 169 32.93 -39.46 48.52
N SER H 170 34.14 -39.98 48.32
CA SER H 170 35.25 -39.78 49.24
C SER H 170 36.42 -39.11 48.55
N SER H 171 36.19 -38.50 47.39
CA SER H 171 37.25 -37.77 46.71
C SER H 171 37.76 -36.64 47.59
N ARG H 172 39.05 -36.34 47.43
CA ARG H 172 39.73 -35.36 48.26
C ARG H 172 40.15 -34.16 47.40
N THR H 173 40.75 -33.18 48.06
CA THR H 173 41.27 -32.02 47.35
C THR H 173 42.37 -32.46 46.39
N ARG H 174 42.23 -32.08 45.12
CA ARG H 174 43.12 -32.56 44.08
C ARG H 174 43.05 -31.63 42.87
N ILE H 175 43.97 -31.86 41.94
CA ILE H 175 43.93 -31.16 40.66
C ILE H 175 42.96 -31.88 39.74
N LYS H 176 42.20 -31.10 38.98
CA LYS H 176 41.13 -31.64 38.14
C LYS H 176 41.21 -31.00 36.76
N THR H 177 41.03 -31.81 35.72
CA THR H 177 40.93 -31.30 34.36
C THR H 177 39.48 -30.91 34.10
N LEU H 178 39.26 -29.63 33.77
CA LEU H 178 37.91 -29.12 33.59
C LEU H 178 37.21 -29.82 32.42
N THR H 179 35.94 -30.16 32.63
CA THR H 179 35.17 -30.80 31.58
C THR H 179 34.81 -29.80 30.47
N GLN H 180 34.52 -30.34 29.29
CA GLN H 180 34.07 -29.52 28.17
C GLN H 180 32.87 -28.67 28.56
N ASP H 181 31.95 -29.24 29.34
CA ASP H 181 30.78 -28.48 29.79
C ASP H 181 31.19 -27.38 30.76
N THR H 182 32.12 -27.67 31.68
CA THR H 182 32.61 -26.64 32.58
C THR H 182 33.36 -25.56 31.83
N LEU H 183 34.14 -25.94 30.81
CA LEU H 183 34.83 -24.96 29.98
C LEU H 183 33.82 -24.03 29.31
N ILE H 184 32.73 -24.58 28.78
CA ILE H 184 31.72 -23.76 28.13
C ILE H 184 31.03 -22.84 29.13
N ALA H 185 30.60 -23.42 30.27
CA ALA H 185 29.91 -22.63 31.29
C ALA H 185 30.71 -21.41 31.70
N ASN H 186 32.01 -21.58 31.96
CA ASN H 186 32.84 -20.49 32.43
C ASN H 186 33.40 -19.61 31.31
N SER H 187 33.10 -19.94 30.05
CA SER H 187 33.61 -19.14 28.94
C SER H 187 33.19 -17.68 29.05
N ARG H 188 32.01 -17.41 29.61
CA ARG H 188 31.50 -16.05 29.68
C ARG H 188 32.40 -15.13 30.51
N PHE H 189 33.23 -15.69 31.39
CA PHE H 189 34.18 -14.90 32.15
C PHE H 189 35.50 -14.68 31.43
N PHE H 190 35.71 -15.34 30.29
CA PHE H 190 36.95 -15.23 29.51
C PHE H 190 36.63 -14.93 28.05
N ASN H 191 35.75 -13.96 27.83
CA ASN H 191 35.40 -13.46 26.49
C ASN H 191 34.70 -14.53 25.66
N ASN H 192 33.88 -15.35 26.31
CA ASN H 192 33.15 -16.44 25.65
C ASN H 192 34.06 -17.27 24.74
N ASP H 193 35.27 -17.51 25.22
CA ASP H 193 36.29 -18.23 24.48
C ASP H 193 36.67 -19.48 25.26
N VAL H 194 36.22 -20.64 24.78
CA VAL H 194 36.53 -21.90 25.46
C VAL H 194 38.04 -22.09 25.57
N THR H 195 38.78 -21.66 24.55
CA THR H 195 40.23 -21.81 24.56
C THR H 195 40.92 -20.92 25.58
N GLN H 196 40.23 -19.91 26.10
CA GLN H 196 40.84 -18.98 27.05
C GLN H 196 40.60 -19.36 28.50
N VAL H 197 39.71 -20.31 28.77
CA VAL H 197 39.47 -20.76 30.14
C VAL H 197 40.61 -21.68 30.56
N PRO H 198 41.18 -21.48 31.76
CA PRO H 198 42.24 -22.38 32.24
C PRO H 198 41.80 -23.83 32.19
N LYS H 199 42.72 -24.70 31.73
CA LYS H 199 42.36 -26.09 31.50
C LYS H 199 42.18 -26.87 32.80
N TYR H 200 42.89 -26.47 33.86
CA TYR H 200 42.89 -27.22 35.11
C TYR H 200 42.51 -26.31 36.26
N ALA H 201 42.12 -26.94 37.37
CA ALA H 201 41.78 -26.22 38.58
C ALA H 201 42.05 -27.11 39.77
N LEU H 202 42.27 -26.48 40.92
CA LEU H 202 42.38 -27.14 42.20
C LEU H 202 41.03 -27.06 42.90
N THR H 203 40.51 -28.20 43.33
CA THR H 203 39.18 -28.25 43.93
C THR H 203 39.15 -29.19 45.13
N ILE H 204 38.32 -28.85 46.11
CA ILE H 204 38.03 -29.76 47.20
C ILE H 204 37.23 -30.95 46.67
N GLY H 205 37.35 -32.09 47.34
CA GLY H 205 36.61 -33.26 46.95
C GLY H 205 35.24 -33.34 47.62
N VAL H 206 34.43 -34.28 47.13
CA VAL H 206 33.12 -34.51 47.75
C VAL H 206 33.30 -34.98 49.19
N GLY H 207 34.31 -35.82 49.42
CA GLY H 207 34.63 -36.20 50.79
C GLY H 207 34.99 -35.01 51.67
N THR H 208 35.80 -34.08 51.13
CA THR H 208 36.14 -32.88 51.87
C THR H 208 34.88 -32.12 52.29
N LEU H 209 33.92 -31.99 51.36
CA LEU H 209 32.68 -31.29 51.68
C LEU H 209 31.90 -32.03 52.77
N LEU H 210 31.75 -33.34 52.62
CA LEU H 210 30.94 -34.12 53.54
C LEU H 210 31.51 -34.13 54.95
N ASP H 211 32.81 -33.86 55.10
CA ASP H 211 33.44 -33.84 56.40
C ASP H 211 33.08 -32.60 57.22
N ALA H 212 32.34 -31.66 56.64
CA ALA H 212 31.88 -30.50 57.38
C ALA H 212 30.73 -30.88 58.30
N GLU H 213 30.54 -30.07 59.35
CA GLU H 213 29.44 -30.32 60.29
C GLU H 213 28.10 -29.98 59.66
N GLU H 214 28.09 -29.05 58.71
CA GLU H 214 26.86 -28.63 58.06
C GLU H 214 27.18 -28.20 56.63
N VAL H 215 26.32 -28.60 55.70
CA VAL H 215 26.47 -28.23 54.29
C VAL H 215 25.21 -27.49 53.88
N MET H 216 25.36 -26.23 53.50
CA MET H 216 24.25 -25.41 53.02
C MET H 216 24.45 -25.18 51.53
N ILE H 217 23.54 -25.73 50.72
CA ILE H 217 23.59 -25.56 49.28
C ILE H 217 22.53 -24.55 48.87
N LEU H 218 22.91 -23.62 48.01
CA LEU H 218 22.02 -22.55 47.55
C LEU H 218 21.70 -22.79 46.08
N ALA H 219 20.42 -22.76 45.72
CA ALA H 219 19.99 -23.09 44.37
C ALA H 219 18.91 -22.13 43.91
N THR H 220 19.28 -21.17 43.06
CA THR H 220 18.34 -20.24 42.46
C THR H 220 18.37 -20.41 40.94
N GLY H 221 17.20 -20.35 40.32
CA GLY H 221 17.13 -20.38 38.87
C GLY H 221 16.34 -21.56 38.37
N HIS H 222 15.66 -21.40 37.23
CA HIS H 222 14.89 -22.51 36.67
C HIS H 222 15.80 -23.65 36.21
N GLN H 223 17.04 -23.35 35.81
CA GLN H 223 17.93 -24.40 35.34
C GLN H 223 18.42 -25.30 36.47
N LYS H 224 18.12 -24.96 37.72
CA LYS H 224 18.49 -25.77 38.87
C LYS H 224 17.31 -26.56 39.41
N ALA H 225 16.16 -26.51 38.74
CA ALA H 225 14.96 -27.16 39.24
C ALA H 225 15.11 -28.68 39.25
N LEU H 226 15.74 -29.24 38.22
CA LEU H 226 15.91 -30.69 38.17
C LEU H 226 16.90 -31.16 39.23
N ALA H 227 17.93 -30.38 39.50
CA ALA H 227 18.87 -30.72 40.56
C ALA H 227 18.20 -30.64 41.92
N VAL H 228 17.31 -29.67 42.12
CA VAL H 228 16.61 -29.56 43.39
C VAL H 228 15.67 -30.76 43.58
N GLN H 229 15.00 -31.17 42.51
CA GLN H 229 14.16 -32.37 42.58
C GLN H 229 15.00 -33.59 42.95
N ALA H 230 16.19 -33.71 42.37
CA ALA H 230 17.05 -34.83 42.67
C ALA H 230 17.49 -34.83 44.14
N ALA H 231 17.67 -33.65 44.73
CA ALA H 231 18.14 -33.56 46.10
C ALA H 231 17.03 -33.85 47.10
N VAL H 232 15.81 -33.42 46.80
CA VAL H 232 14.69 -33.50 47.76
C VAL H 232 13.81 -34.72 47.49
N GLU H 233 13.41 -34.92 46.25
CA GLU H 233 12.41 -35.95 45.94
C GLU H 233 13.04 -37.28 45.55
N GLY H 234 14.17 -37.26 44.86
CA GLY H 234 14.76 -38.49 44.37
C GLY H 234 15.48 -39.27 45.46
N SER H 235 15.67 -40.56 45.17
CA SER H 235 16.56 -41.36 45.98
C SER H 235 18.01 -41.00 45.68
N ILE H 236 18.92 -41.50 46.50
CA ILE H 236 20.33 -41.23 46.26
C ILE H 236 20.73 -41.85 44.93
N ASN H 237 21.20 -41.01 44.01
CA ASN H 237 21.65 -41.44 42.70
C ASN H 237 23.11 -41.05 42.55
N HIS H 238 23.93 -42.01 42.17
CA HIS H 238 25.37 -41.76 42.07
C HIS H 238 25.73 -40.89 40.89
N LEU H 239 24.76 -40.51 40.05
CA LEU H 239 24.98 -39.55 38.98
C LEU H 239 24.57 -38.13 39.38
N TRP H 240 23.98 -37.95 40.55
CA TRP H 240 23.61 -36.65 41.09
C TRP H 240 24.34 -36.47 42.41
N THR H 241 25.52 -35.84 42.36
CA THR H 241 26.34 -35.70 43.56
C THR H 241 25.59 -35.01 44.70
N VAL H 242 24.72 -34.06 44.37
CA VAL H 242 23.97 -33.35 45.40
C VAL H 242 23.06 -34.29 46.17
N SER H 243 22.56 -35.34 45.52
CA SER H 243 21.69 -36.30 46.20
C SER H 243 22.41 -37.06 47.30
N ALA H 244 23.74 -37.20 47.19
CA ALA H 244 24.51 -37.86 48.24
C ALA H 244 24.49 -37.06 49.54
N LEU H 245 24.21 -35.76 49.48
CA LEU H 245 24.10 -34.95 50.68
C LEU H 245 22.91 -35.34 51.54
N GLN H 246 22.03 -36.23 51.03
CA GLN H 246 20.96 -36.76 51.85
C GLN H 246 21.50 -37.55 53.03
N MET H 247 22.71 -38.10 52.90
CA MET H 247 23.31 -38.90 53.96
C MET H 247 24.06 -38.05 54.98
N HIS H 248 24.03 -36.72 54.83
CA HIS H 248 24.71 -35.85 55.78
C HIS H 248 23.82 -35.55 56.97
N ARG H 249 24.46 -35.39 58.14
CA ARG H 249 23.68 -35.19 59.36
C ARG H 249 22.95 -33.85 59.35
N HIS H 250 23.51 -32.84 58.70
CA HIS H 250 22.91 -31.50 58.64
C HIS H 250 23.06 -30.94 57.23
N PHE H 251 22.11 -31.28 56.37
CA PHE H 251 22.05 -30.83 54.99
C PHE H 251 20.94 -29.79 54.86
N VAL H 252 21.31 -28.57 54.46
CA VAL H 252 20.36 -27.49 54.25
C VAL H 252 20.35 -27.13 52.77
N LEU H 253 19.16 -27.02 52.18
CA LEU H 253 19.00 -26.60 50.80
C LEU H 253 18.02 -25.45 50.74
N VAL H 254 18.48 -24.29 50.26
CA VAL H 254 17.64 -23.10 50.11
C VAL H 254 17.48 -22.83 48.62
N CYS H 255 16.24 -22.55 48.20
CA CYS H 255 15.97 -22.37 46.78
C CYS H 255 14.85 -21.36 46.59
N ASP H 256 14.75 -20.83 45.37
CA ASP H 256 13.75 -19.86 44.98
C ASP H 256 12.61 -20.55 44.23
N GLU H 257 11.65 -19.76 43.76
CA GLU H 257 10.46 -20.34 43.12
C GLU H 257 10.80 -21.03 41.82
N ALA H 258 11.72 -20.46 41.02
CA ALA H 258 12.06 -21.07 39.75
C ALA H 258 12.64 -22.47 39.93
N ALA H 259 13.30 -22.73 41.05
CA ALA H 259 13.92 -24.02 41.29
C ALA H 259 12.97 -25.03 41.91
N GLN H 260 11.77 -24.60 42.29
CA GLN H 260 10.75 -25.51 42.82
C GLN H 260 9.86 -26.09 41.73
N GLN H 261 10.00 -25.61 40.50
CA GLN H 261 8.99 -25.85 39.47
C GLN H 261 8.84 -27.32 39.11
N GLU H 262 9.84 -28.15 39.39
CA GLU H 262 9.76 -29.56 39.05
C GLU H 262 9.31 -30.43 40.22
N LEU H 263 9.16 -29.85 41.41
CA LEU H 263 8.70 -30.58 42.58
C LEU H 263 7.19 -30.82 42.51
N LYS H 264 6.75 -31.80 43.28
CA LYS H 264 5.32 -32.02 43.46
C LYS H 264 4.79 -31.02 44.49
N VAL H 265 3.52 -30.65 44.32
CA VAL H 265 2.90 -29.69 45.23
C VAL H 265 3.00 -30.16 46.68
N LYS H 266 2.86 -31.47 46.91
CA LYS H 266 2.89 -31.98 48.28
C LYS H 266 4.26 -31.80 48.92
N THR H 267 5.34 -31.89 48.14
CA THR H 267 6.67 -31.73 48.71
C THR H 267 6.91 -30.30 49.20
N VAL H 268 6.60 -29.32 48.36
CA VAL H 268 6.76 -27.92 48.78
C VAL H 268 5.83 -27.61 49.94
N LYS H 269 4.59 -28.10 49.87
CA LYS H 269 3.62 -27.89 50.95
C LYS H 269 4.15 -28.46 52.26
N TYR H 270 4.63 -29.71 52.23
CA TYR H 270 5.14 -30.35 53.44
C TYR H 270 6.23 -29.52 54.10
N PHE H 271 7.24 -29.12 53.32
CA PHE H 271 8.40 -28.44 53.88
C PHE H 271 8.12 -26.97 54.22
N THR H 272 7.23 -26.33 53.46
CA THR H 272 6.86 -24.95 53.78
C THR H 272 6.23 -24.84 55.16
N GLU H 273 5.38 -25.81 55.53
CA GLU H 273 4.71 -25.77 56.83
C GLU H 273 5.65 -26.15 57.95
N LEU H 274 6.52 -27.14 57.70
CA LEU H 274 7.49 -27.56 58.71
C LEU H 274 8.34 -26.38 59.20
N GLU H 275 8.71 -25.49 58.30
CA GLU H 275 9.55 -24.34 58.66
C GLU H 275 8.70 -23.13 59.03
N GLY H 276 7.91 -23.31 60.09
CA GLY H 276 7.10 -22.25 60.65
C GLY H 276 6.10 -21.63 59.70
N PHE I 16 16.64 -61.07 53.81
CA PHE I 16 16.71 -59.64 54.05
C PHE I 16 15.26 -59.14 54.19
N MET I 17 14.56 -58.93 53.07
CA MET I 17 13.14 -58.56 53.11
C MET I 17 12.25 -59.74 52.81
N ARG I 18 11.29 -60.01 53.70
CA ARG I 18 10.20 -60.96 53.48
C ARG I 18 8.92 -60.21 53.19
N PHE I 19 8.32 -60.47 52.03
CA PHE I 19 7.02 -59.91 51.68
C PHE I 19 5.99 -61.04 51.65
N ILE I 20 4.95 -60.92 52.47
CA ILE I 20 3.91 -61.94 52.54
C ILE I 20 2.61 -61.37 52.00
N PRO I 21 2.30 -61.59 50.72
CA PRO I 21 1.01 -61.16 50.16
C PRO I 21 -0.09 -62.19 50.46
N LEU I 22 -1.15 -61.74 51.12
CA LEU I 22 -2.32 -62.55 51.42
C LEU I 22 -3.56 -61.87 50.84
N GLN I 23 -4.71 -62.52 51.00
CA GLN I 23 -5.96 -62.03 50.41
C GLN I 23 -6.77 -61.16 51.37
N THR I 24 -7.12 -61.69 52.54
CA THR I 24 -8.05 -61.03 53.43
C THR I 24 -7.35 -60.48 54.66
N GLU I 25 -8.01 -59.50 55.30
CA GLU I 25 -7.47 -58.93 56.52
C GLU I 25 -7.39 -59.96 57.63
N GLN I 26 -8.33 -60.92 57.65
CA GLN I 26 -8.28 -62.00 58.64
C GLN I 26 -7.02 -62.82 58.47
N GLN I 27 -6.67 -63.17 57.24
CA GLN I 27 -5.45 -63.96 57.00
C GLN I 27 -4.21 -63.19 57.44
N VAL I 28 -4.21 -61.87 57.24
CA VAL I 28 -3.05 -61.05 57.63
C VAL I 28 -2.86 -61.10 59.15
N SER I 29 -3.94 -60.92 59.90
CA SER I 29 -3.84 -60.94 61.35
C SER I 29 -3.48 -62.32 61.87
N CYS I 30 -4.04 -63.37 61.26
CA CYS I 30 -3.69 -64.73 61.67
C CYS I 30 -2.22 -65.01 61.41
N TRP I 31 -1.72 -64.59 60.25
CA TRP I 31 -0.30 -64.76 59.96
C TRP I 31 0.56 -64.03 60.98
N ALA I 32 0.23 -62.76 61.27
CA ALA I 32 1.01 -61.97 62.22
C ALA I 32 1.02 -62.62 63.59
N ALA I 33 -0.16 -63.00 64.10
CA ALA I 33 -0.25 -63.63 65.41
C ALA I 33 0.59 -64.90 65.46
N GLN I 34 0.46 -65.77 64.46
CA GLN I 34 1.24 -67.01 64.43
C GLN I 34 2.74 -66.72 64.47
N HIS I 35 3.19 -65.70 63.72
CA HIS I 35 4.61 -65.37 63.73
C HIS I 35 5.07 -64.92 65.11
N ILE I 36 4.27 -64.08 65.78
CA ILE I 36 4.61 -63.66 67.14
C ILE I 36 4.68 -64.86 68.06
N ILE I 37 3.70 -65.77 67.94
CA ILE I 37 3.69 -66.99 68.74
C ILE I 37 4.98 -67.77 68.53
N ASN I 38 5.32 -68.02 67.27
CA ASN I 38 6.46 -68.89 66.96
C ASN I 38 7.76 -68.27 67.43
N ARG I 39 7.93 -66.96 67.28
CA ARG I 39 9.12 -66.30 67.78
C ARG I 39 9.24 -66.46 69.29
N ILE I 40 8.14 -66.23 70.02
CA ILE I 40 8.16 -66.37 71.48
C ILE I 40 8.50 -67.80 71.86
N ASN I 41 7.82 -68.77 71.24
CA ASN I 41 7.98 -70.16 71.65
C ASN I 41 9.36 -70.71 71.27
N ASP I 42 9.94 -70.26 70.16
CA ASP I 42 11.31 -70.64 69.84
C ASP I 42 12.28 -70.01 70.83
N PHE I 43 12.05 -68.75 71.19
CA PHE I 43 12.94 -68.02 72.07
C PHE I 43 13.03 -68.65 73.47
N LYS I 44 11.94 -69.26 73.93
CA LYS I 44 11.84 -69.84 75.27
C LYS I 44 12.19 -68.81 76.32
N PRO I 45 11.36 -67.79 76.52
CA PRO I 45 11.70 -66.71 77.44
C PRO I 45 11.53 -67.10 78.90
N THR I 46 12.38 -66.52 79.73
CA THR I 46 12.30 -66.64 81.19
C THR I 46 12.14 -65.25 81.79
N ALA I 47 11.94 -65.22 83.12
CA ALA I 47 11.82 -63.94 83.81
C ALA I 47 13.09 -63.12 83.67
N GLU I 48 14.24 -63.78 83.78
CA GLU I 48 15.51 -63.07 83.67
C GLU I 48 15.87 -62.76 82.22
N ARG I 49 15.38 -63.54 81.27
CA ARG I 49 15.67 -63.36 79.85
C ARG I 49 14.34 -63.33 79.10
N PRO I 50 13.62 -62.21 79.17
CA PRO I 50 12.30 -62.15 78.56
C PRO I 50 12.36 -61.91 77.06
N PHE I 51 11.24 -62.25 76.41
CA PHE I 51 11.03 -61.86 75.03
C PHE I 51 10.45 -60.45 75.01
N VAL I 52 11.07 -59.56 74.23
CA VAL I 52 10.70 -58.15 74.21
C VAL I 52 9.97 -57.86 72.91
N LEU I 53 8.73 -57.39 73.02
CA LEU I 53 7.83 -57.23 71.88
C LEU I 53 7.43 -55.77 71.72
N GLY I 54 7.60 -55.24 70.52
CA GLY I 54 7.13 -53.89 70.20
C GLY I 54 5.75 -53.92 69.55
N LEU I 55 4.88 -53.02 69.98
CA LEU I 55 3.47 -53.09 69.62
C LEU I 55 2.93 -51.75 69.13
N PRO I 56 2.00 -51.78 68.16
CA PRO I 56 1.34 -50.55 67.72
C PRO I 56 -0.13 -50.46 68.12
N THR I 57 -0.78 -49.37 67.70
CA THR I 57 -2.20 -49.14 67.87
C THR I 57 -2.85 -49.05 66.49
N GLY I 58 -4.17 -49.25 66.43
CA GLY I 58 -4.92 -49.04 65.20
C GLY I 58 -5.83 -50.19 64.88
N GLY I 59 -6.51 -50.06 63.74
CA GLY I 59 -7.55 -51.03 63.38
C GLY I 59 -7.00 -52.40 63.03
N THR I 60 -6.04 -52.45 62.10
CA THR I 60 -5.44 -53.71 61.71
C THR I 60 -4.68 -54.40 62.84
N PRO I 61 -3.91 -53.70 63.70
CA PRO I 61 -3.38 -54.38 64.90
C PRO I 61 -4.44 -55.07 65.73
N LEU I 62 -5.62 -54.44 65.83
CA LEU I 62 -6.70 -54.93 66.70
C LEU I 62 -7.06 -56.37 66.39
N LYS I 63 -7.24 -56.70 65.11
CA LYS I 63 -7.58 -58.07 64.74
C LYS I 63 -6.49 -59.05 65.18
N THR I 64 -5.23 -58.64 65.08
CA THR I 64 -4.13 -59.50 65.51
C THR I 64 -4.15 -59.71 67.03
N TYR I 65 -4.41 -58.64 67.79
CA TYR I 65 -4.52 -58.79 69.24
C TYR I 65 -5.66 -59.73 69.61
N GLN I 66 -6.78 -59.63 68.89
CA GLN I 66 -7.89 -60.55 69.10
C GLN I 66 -7.45 -61.98 68.83
N GLU I 67 -6.70 -62.19 67.75
CA GLU I 67 -6.19 -63.53 67.44
C GLU I 67 -5.17 -63.98 68.49
N LEU I 68 -4.35 -63.07 68.99
CA LEU I 68 -3.38 -63.43 70.02
C LEU I 68 -4.09 -63.88 71.29
N ILE I 69 -5.19 -63.21 71.65
CA ILE I 69 -5.96 -63.62 72.81
C ILE I 69 -6.55 -65.01 72.61
N ARG I 70 -7.08 -65.27 71.42
CA ARG I 70 -7.64 -66.60 71.12
C ARG I 70 -6.57 -67.68 71.23
N LEU I 71 -5.37 -67.40 70.71
CA LEU I 71 -4.29 -68.39 70.79
C LEU I 71 -3.85 -68.60 72.23
N TYR I 72 -3.87 -67.55 73.04
CA TYR I 72 -3.53 -67.68 74.46
C TYR I 72 -4.57 -68.53 75.20
N GLN I 73 -5.85 -68.28 74.93
CA GLN I 73 -6.92 -69.07 75.55
C GLN I 73 -6.81 -70.54 75.18
N ALA I 74 -6.41 -70.83 73.94
CA ALA I 74 -6.11 -72.17 73.43
C ALA I 74 -4.79 -72.72 73.95
N GLY I 75 -4.25 -72.16 75.02
CA GLY I 75 -2.95 -72.49 75.55
C GLY I 75 -1.83 -72.73 74.56
N LYS I 76 -1.83 -72.02 73.44
CA LYS I 76 -0.76 -72.10 72.46
C LYS I 76 0.39 -71.15 72.74
N VAL I 77 0.27 -70.28 73.74
CA VAL I 77 1.32 -69.31 74.06
C VAL I 77 1.06 -68.77 75.45
N SER I 78 2.13 -68.35 76.13
CA SER I 78 2.01 -67.60 77.37
C SER I 78 2.82 -66.31 77.28
N PHE I 79 2.26 -65.23 77.83
CA PHE I 79 2.92 -63.94 77.87
C PHE I 79 3.52 -63.62 79.24
N LYS I 80 3.63 -64.63 80.12
CA LYS I 80 4.17 -64.44 81.46
C LYS I 80 5.64 -64.03 81.45
N HIS I 81 6.26 -63.92 80.27
CA HIS I 81 7.68 -63.62 80.17
C HIS I 81 7.93 -62.82 78.91
N VAL I 82 6.92 -62.07 78.49
CA VAL I 82 6.99 -61.14 77.38
C VAL I 82 6.95 -59.74 77.95
N VAL I 83 7.87 -58.89 77.51
CA VAL I 83 7.92 -57.48 77.91
C VAL I 83 7.58 -56.66 76.66
N THR I 84 6.65 -55.73 76.81
CA THR I 84 6.19 -54.96 75.66
C THR I 84 6.60 -53.50 75.76
N PHE I 85 6.87 -52.92 74.59
CA PHE I 85 7.09 -51.49 74.42
C PHE I 85 6.17 -50.99 73.31
N ASN I 86 5.44 -49.93 73.59
CA ASN I 86 4.54 -49.33 72.61
C ASN I 86 5.19 -48.16 71.90
N MET I 87 4.67 -47.87 70.70
CA MET I 87 5.27 -46.84 69.84
C MET I 87 5.09 -45.45 70.42
N ASP I 88 3.90 -45.13 70.92
CA ASP I 88 3.59 -43.73 71.18
C ASP I 88 2.42 -43.62 72.16
N GLU I 89 2.13 -42.37 72.53
CA GLU I 89 1.05 -42.00 73.43
C GLU I 89 0.83 -40.49 73.33
N TYR I 90 -0.43 -40.07 73.46
CA TYR I 90 -0.77 -38.65 73.45
C TYR I 90 -0.20 -37.94 74.67
N VAL I 91 0.08 -36.65 74.50
CA VAL I 91 0.59 -35.79 75.56
C VAL I 91 -0.56 -34.99 76.14
N ALA I 92 -0.54 -34.81 77.47
CA ALA I 92 -1.52 -33.99 78.18
C ALA I 92 -2.94 -34.54 77.99
N LEU I 93 -3.04 -35.86 77.95
CA LEU I 93 -4.32 -36.56 77.95
C LEU I 93 -4.25 -37.56 79.10
N PRO I 94 -5.19 -37.53 80.04
CA PRO I 94 -5.16 -38.48 81.15
C PRO I 94 -5.10 -39.91 80.64
N GLU I 95 -4.20 -40.70 81.21
CA GLU I 95 -3.98 -42.03 80.67
C GLU I 95 -5.16 -42.97 80.94
N GLU I 96 -6.13 -42.56 81.76
CA GLU I 96 -7.37 -43.30 81.91
C GLU I 96 -8.46 -42.80 80.97
N HIS I 97 -8.14 -41.89 80.06
CA HIS I 97 -9.12 -41.42 79.09
C HIS I 97 -9.39 -42.54 78.08
N PRO I 98 -10.65 -42.75 77.69
CA PRO I 98 -10.97 -43.80 76.71
C PRO I 98 -10.13 -43.78 75.44
N GLU I 99 -9.73 -42.60 74.96
CA GLU I 99 -9.06 -42.48 73.67
C GLU I 99 -7.55 -42.43 73.80
N SER I 100 -7.02 -42.64 75.00
CA SER I 100 -5.58 -42.73 75.18
C SER I 100 -5.09 -44.10 74.69
N TYR I 101 -3.81 -44.16 74.33
CA TYR I 101 -3.26 -45.42 73.86
C TYR I 101 -3.00 -46.40 74.98
N HIS I 102 -2.81 -45.90 76.21
CA HIS I 102 -2.92 -46.76 77.39
C HIS I 102 -4.24 -47.52 77.38
N SER I 103 -5.35 -46.78 77.26
CA SER I 103 -6.67 -47.40 77.27
C SER I 103 -6.84 -48.40 76.14
N PHE I 104 -6.39 -48.05 74.93
CA PHE I 104 -6.51 -48.96 73.80
C PHE I 104 -5.80 -50.28 74.07
N MET I 105 -4.56 -50.21 74.56
CA MET I 105 -3.76 -51.42 74.70
C MET I 105 -4.31 -52.33 75.80
N TYR I 106 -4.67 -51.75 76.95
CA TYR I 106 -5.19 -52.57 78.05
C TYR I 106 -6.56 -53.16 77.70
N ASN I 107 -7.46 -52.35 77.14
CA ASN I 107 -8.82 -52.83 76.86
C ASN I 107 -8.82 -53.88 75.76
N ASN I 108 -7.99 -53.70 74.74
CA ASN I 108 -7.98 -54.59 73.59
C ASN I 108 -6.97 -55.73 73.70
N PHE I 109 -6.07 -55.70 74.67
CA PHE I 109 -5.03 -56.72 74.72
C PHE I 109 -4.66 -57.15 76.13
N PHE I 110 -4.01 -56.25 76.89
CA PHE I 110 -3.37 -56.62 78.14
C PHE I 110 -4.35 -57.17 79.17
N ASN I 111 -5.60 -56.68 79.16
CA ASN I 111 -6.58 -57.17 80.13
C ASN I 111 -7.04 -58.60 79.85
N HIS I 112 -6.61 -59.21 78.76
CA HIS I 112 -7.09 -60.53 78.37
C HIS I 112 -5.98 -61.56 78.28
N ILE I 113 -4.76 -61.23 78.71
CA ILE I 113 -3.63 -62.14 78.63
C ILE I 113 -2.91 -62.18 79.98
N ASP I 114 -1.94 -63.09 80.09
CA ASP I 114 -1.26 -63.34 81.36
C ASP I 114 0.05 -62.59 81.46
N ILE I 115 0.14 -61.42 80.83
CA ILE I 115 1.36 -60.62 80.92
C ILE I 115 1.51 -60.11 82.35
N LEU I 116 2.76 -59.98 82.78
CA LEU I 116 3.01 -59.46 84.12
C LEU I 116 2.82 -57.94 84.12
N PRO I 117 2.12 -57.38 85.11
CA PRO I 117 1.77 -55.94 85.05
C PRO I 117 2.97 -55.01 84.96
N GLU I 118 4.10 -55.38 85.54
CA GLU I 118 5.28 -54.52 85.49
C GLU I 118 6.08 -54.70 84.21
N ASN I 119 5.63 -55.56 83.29
CA ASN I 119 6.31 -55.79 82.02
C ASN I 119 5.65 -55.05 80.87
N ILE I 120 4.65 -54.20 81.13
CA ILE I 120 4.01 -53.37 80.13
C ILE I 120 4.65 -51.99 80.18
N ASN I 121 5.23 -51.57 79.06
CA ASN I 121 5.84 -50.25 78.95
C ASN I 121 5.12 -49.43 77.89
N ILE I 122 4.61 -48.28 78.29
CA ILE I 122 3.94 -47.32 77.40
C ILE I 122 4.37 -45.93 77.83
N LEU I 123 4.77 -45.11 76.87
CA LEU I 123 5.19 -43.73 77.16
C LEU I 123 4.16 -43.00 78.00
N ASN I 124 4.64 -42.22 78.95
CA ASN I 124 3.81 -41.44 79.85
C ASN I 124 3.78 -40.00 79.34
N GLY I 125 2.62 -39.57 78.84
CA GLY I 125 2.50 -38.24 78.29
C GLY I 125 2.07 -37.18 79.27
N ASN I 126 2.17 -37.46 80.58
CA ASN I 126 1.74 -36.52 81.60
C ASN I 126 2.83 -36.15 82.60
N THR I 127 4.08 -36.52 82.34
CA THR I 127 5.19 -36.10 83.18
C THR I 127 5.36 -34.58 83.14
N ASP I 128 6.14 -34.07 84.09
CA ASP I 128 6.55 -32.67 84.09
C ASP I 128 7.68 -32.37 83.11
N ASP I 129 8.29 -33.40 82.51
CA ASP I 129 9.47 -33.20 81.68
C ASP I 129 9.40 -34.24 80.55
N HIS I 130 8.92 -33.81 79.38
CA HIS I 130 8.70 -34.73 78.28
C HIS I 130 10.02 -35.25 77.69
N ASN I 131 11.07 -34.42 77.68
CA ASN I 131 12.36 -34.89 77.23
C ASN I 131 12.91 -35.96 78.16
N ALA I 132 12.81 -35.73 79.48
CA ALA I 132 13.23 -36.73 80.45
C ALA I 132 12.48 -38.04 80.26
N GLU I 133 11.16 -37.96 80.02
CA GLU I 133 10.37 -39.18 79.85
C GLU I 133 10.84 -39.98 78.64
N CYS I 134 11.07 -39.30 77.52
CA CYS I 134 11.53 -39.99 76.31
C CYS I 134 12.89 -40.63 76.51
N HIS I 135 13.81 -39.93 77.20
CA HIS I 135 15.11 -40.52 77.50
C HIS I 135 14.95 -41.72 78.43
N ARG I 136 14.08 -41.60 79.43
CA ARG I 136 13.79 -42.72 80.32
C ARG I 136 13.27 -43.92 79.54
N TYR I 137 12.47 -43.68 78.50
CA TYR I 137 11.94 -44.76 77.68
C TYR I 137 13.06 -45.47 76.92
N GLU I 138 13.92 -44.68 76.27
CA GLU I 138 15.08 -45.25 75.58
C GLU I 138 15.96 -46.05 76.54
N GLU I 139 16.11 -45.55 77.78
CA GLU I 139 16.92 -46.24 78.77
C GLU I 139 16.31 -47.59 79.13
N LYS I 140 14.99 -47.64 79.33
CA LYS I 140 14.31 -48.89 79.64
C LYS I 140 14.54 -49.94 78.55
N ILE I 141 14.47 -49.53 77.28
CA ILE I 141 14.72 -50.45 76.18
C ILE I 141 16.14 -50.99 76.24
N LYS I 142 17.11 -50.10 76.45
CA LYS I 142 18.50 -50.53 76.56
C LYS I 142 18.69 -51.50 77.73
N SER I 143 17.96 -51.29 78.82
CA SER I 143 18.12 -52.14 79.99
C SER I 143 17.73 -53.59 79.71
N TYR I 144 16.83 -53.80 78.75
CA TYR I 144 16.46 -55.15 78.34
C TYR I 144 17.34 -55.69 77.22
N GLY I 145 18.15 -54.83 76.61
CA GLY I 145 19.02 -55.24 75.52
C GLY I 145 18.54 -54.71 74.20
N LYS I 146 17.53 -55.36 73.64
CA LYS I 146 16.94 -54.92 72.38
C LYS I 146 15.55 -55.53 72.25
N ILE I 147 14.70 -54.84 71.51
CA ILE I 147 13.39 -55.39 71.17
C ILE I 147 13.58 -56.50 70.14
N HIS I 148 13.06 -57.69 70.44
CA HIS I 148 13.28 -58.84 69.59
C HIS I 148 12.40 -58.80 68.35
N LEU I 149 11.15 -58.36 68.52
CA LEU I 149 10.21 -58.27 67.40
C LEU I 149 9.37 -57.02 67.61
N PHE I 150 9.42 -56.11 66.65
CA PHE I 150 8.62 -54.89 66.68
C PHE I 150 7.56 -54.98 65.59
N MET I 151 6.30 -55.10 66.01
CA MET I 151 5.18 -55.05 65.10
C MET I 151 4.76 -53.60 64.89
N GLY I 152 4.35 -53.26 63.68
CA GLY I 152 3.92 -51.91 63.43
C GLY I 152 3.02 -51.81 62.20
N GLY I 153 2.47 -50.62 62.03
CA GLY I 153 1.76 -50.27 60.83
C GLY I 153 2.50 -49.23 60.02
N VAL I 154 1.85 -48.75 58.97
CA VAL I 154 2.46 -47.80 58.06
C VAL I 154 1.40 -46.82 57.60
N GLY I 155 1.77 -45.54 57.53
CA GLY I 155 0.86 -44.53 57.03
C GLY I 155 0.73 -44.56 55.52
N VAL I 156 -0.28 -43.86 55.01
CA VAL I 156 -0.50 -43.79 53.57
C VAL I 156 0.68 -43.13 52.87
N ASP I 157 1.46 -42.33 53.59
CA ASP I 157 2.67 -41.71 53.06
C ASP I 157 3.92 -42.44 53.48
N GLY I 158 3.79 -43.66 54.01
CA GLY I 158 4.92 -44.44 54.42
C GLY I 158 5.50 -44.07 55.76
N HIS I 159 4.84 -43.19 56.51
CA HIS I 159 5.34 -42.76 57.81
C HIS I 159 5.09 -43.83 58.88
N ILE I 160 5.93 -43.82 59.91
CA ILE I 160 5.89 -44.79 61.00
C ILE I 160 5.63 -44.05 62.32
N ALA I 161 4.63 -44.52 63.06
CA ALA I 161 4.23 -43.96 64.36
C ALA I 161 3.93 -42.47 64.16
N PHE I 162 4.30 -41.60 65.10
CA PHE I 162 4.13 -40.16 64.94
C PHE I 162 5.36 -39.49 64.34
N ASN I 163 6.26 -40.25 63.74
CA ASN I 163 7.38 -39.65 63.03
C ASN I 163 6.87 -38.93 61.78
N GLU I 164 7.53 -37.84 61.44
CA GLU I 164 7.15 -37.10 60.26
C GLU I 164 7.55 -37.89 59.01
N PRO I 165 6.82 -37.72 57.90
CA PRO I 165 7.12 -38.53 56.70
C PRO I 165 8.53 -38.34 56.16
N ALA I 166 9.23 -37.27 56.53
CA ALA I 166 10.61 -37.05 56.11
C ALA I 166 11.57 -37.11 57.29
N SER I 167 11.26 -37.96 58.27
CA SER I 167 12.05 -38.04 59.49
C SER I 167 13.42 -38.66 59.24
N SER I 168 14.38 -38.24 60.05
CA SER I 168 15.70 -38.87 60.06
C SER I 168 15.59 -40.35 60.33
N LEU I 169 16.38 -41.14 59.59
CA LEU I 169 16.43 -42.58 59.80
C LEU I 169 17.14 -42.96 61.09
N SER I 170 17.68 -41.97 61.81
CA SER I 170 18.29 -42.20 63.12
C SER I 170 17.60 -41.39 64.21
N SER I 171 16.39 -40.90 63.96
CA SER I 171 15.64 -40.19 64.99
C SER I 171 15.37 -41.10 66.19
N ARG I 172 15.27 -40.47 67.35
CA ARG I 172 15.10 -41.16 68.62
C ARG I 172 13.73 -40.82 69.21
N THR I 173 13.41 -41.45 70.35
CA THR I 173 12.16 -41.17 71.03
C THR I 173 12.14 -39.71 71.50
N ARG I 174 11.08 -39.00 71.14
CA ARG I 174 11.02 -37.56 71.37
C ARG I 174 9.57 -37.11 71.32
N ILE I 175 9.35 -35.86 71.72
CA ILE I 175 8.03 -35.24 71.60
C ILE I 175 7.87 -34.69 70.19
N LYS I 176 6.68 -34.84 69.64
CA LYS I 176 6.38 -34.47 68.26
C LYS I 176 5.08 -33.67 68.24
N THR I 177 5.05 -32.61 67.45
CA THR I 177 3.82 -31.86 67.22
C THR I 177 3.07 -32.52 66.09
N LEU I 178 1.83 -32.93 66.34
CA LEU I 178 1.06 -33.65 65.35
C LEU I 178 0.80 -32.76 64.14
N THR I 179 0.98 -33.35 62.95
CA THR I 179 0.75 -32.63 61.70
C THR I 179 -0.74 -32.40 61.47
N GLN I 180 -1.03 -31.40 60.63
CA GLN I 180 -2.42 -31.14 60.25
C GLN I 180 -3.10 -32.40 59.71
N ASP I 181 -2.37 -33.20 58.93
CA ASP I 181 -2.95 -34.44 58.41
C ASP I 181 -3.21 -35.43 59.54
N THR I 182 -2.27 -35.56 60.49
CA THR I 182 -2.49 -36.46 61.62
C THR I 182 -3.64 -35.97 62.50
N LEU I 183 -3.74 -34.65 62.70
CA LEU I 183 -4.86 -34.11 63.45
C LEU I 183 -6.19 -34.47 62.79
N ILE I 184 -6.26 -34.36 61.47
CA ILE I 184 -7.50 -34.68 60.75
C ILE I 184 -7.80 -36.17 60.84
N ALA I 185 -6.81 -37.02 60.56
CA ALA I 185 -6.99 -38.46 60.62
C ALA I 185 -7.54 -38.91 61.97
N ASN I 186 -6.96 -38.41 63.06
CA ASN I 186 -7.35 -38.84 64.40
C ASN I 186 -8.56 -38.08 64.94
N SER I 187 -9.10 -37.12 64.18
CA SER I 187 -10.27 -36.38 64.65
C SER I 187 -11.44 -37.29 64.95
N ARG I 188 -11.57 -38.40 64.22
CA ARG I 188 -12.71 -39.29 64.39
C ARG I 188 -12.81 -39.85 65.81
N PHE I 189 -11.69 -39.88 66.53
CA PHE I 189 -11.67 -40.33 67.92
C PHE I 189 -11.99 -39.22 68.91
N PHE I 190 -12.10 -37.98 68.45
CA PHE I 190 -12.37 -36.83 69.31
C PHE I 190 -13.51 -35.98 68.73
N ASN I 191 -14.61 -36.66 68.36
CA ASN I 191 -15.84 -36.02 67.89
C ASN I 191 -15.63 -35.26 66.59
N ASN I 192 -14.79 -35.81 65.70
CA ASN I 192 -14.48 -35.18 64.42
C ASN I 192 -14.14 -33.71 64.60
N ASP I 193 -13.40 -33.40 65.65
CA ASP I 193 -13.03 -32.03 66.02
C ASP I 193 -11.51 -31.94 66.01
N VAL I 194 -10.96 -31.29 64.99
CA VAL I 194 -9.51 -31.12 64.91
C VAL I 194 -8.99 -30.41 66.16
N THR I 195 -9.77 -29.48 66.70
CA THR I 195 -9.36 -28.74 67.88
C THR I 195 -9.34 -29.59 69.14
N GLN I 196 -9.98 -30.77 69.13
CA GLN I 196 -10.04 -31.61 70.31
C GLN I 196 -8.96 -32.69 70.36
N VAL I 197 -8.26 -32.92 69.27
CA VAL I 197 -7.16 -33.89 69.25
C VAL I 197 -5.96 -33.29 69.97
N PRO I 198 -5.31 -34.04 70.88
CA PRO I 198 -4.12 -33.52 71.55
C PRO I 198 -3.08 -33.02 70.56
N LYS I 199 -2.47 -31.87 70.89
CA LYS I 199 -1.54 -31.23 69.96
C LYS I 199 -0.21 -31.96 69.86
N TYR I 200 0.21 -32.65 70.91
CA TYR I 200 1.52 -33.26 70.95
C TYR I 200 1.40 -34.74 71.30
N ALA I 201 2.47 -35.47 71.01
CA ALA I 201 2.56 -36.89 71.35
C ALA I 201 4.01 -37.26 71.54
N LEU I 202 4.25 -38.30 72.33
CA LEU I 202 5.56 -38.90 72.50
C LEU I 202 5.64 -40.12 71.59
N THR I 203 6.70 -40.20 70.78
CA THR I 203 6.81 -41.27 69.80
C THR I 203 8.22 -41.82 69.78
N ILE I 204 8.33 -43.12 69.51
CA ILE I 204 9.63 -43.71 69.22
C ILE I 204 10.13 -43.18 67.89
N GLY I 205 11.46 -43.15 67.74
CA GLY I 205 12.04 -42.68 66.50
C GLY I 205 12.21 -43.80 65.50
N VAL I 206 12.58 -43.42 64.27
CA VAL I 206 12.89 -44.42 63.25
C VAL I 206 14.12 -45.21 63.67
N GLY I 207 15.10 -44.54 64.28
CA GLY I 207 16.23 -45.24 64.84
C GLY I 207 15.83 -46.25 65.90
N THR I 208 14.90 -45.87 66.78
CA THR I 208 14.39 -46.79 67.79
C THR I 208 13.79 -48.04 67.13
N LEU I 209 13.00 -47.84 66.07
CA LEU I 209 12.41 -48.98 65.36
C LEU I 209 13.48 -49.84 64.71
N LEU I 210 14.43 -49.22 64.01
CA LEU I 210 15.45 -49.97 63.28
C LEU I 210 16.37 -50.75 64.21
N ASP I 211 16.47 -50.36 65.48
CA ASP I 211 17.32 -51.08 66.43
C ASP I 211 16.73 -52.42 66.85
N ALA I 212 15.50 -52.73 66.45
CA ALA I 212 14.91 -54.01 66.78
C ALA I 212 15.55 -55.13 65.98
N GLU I 213 15.49 -56.34 66.54
CA GLU I 213 16.04 -57.49 65.84
C GLU I 213 15.18 -57.88 64.66
N GLU I 214 13.88 -57.58 64.71
CA GLU I 214 12.97 -57.89 63.62
C GLU I 214 11.83 -56.87 63.64
N VAL I 215 11.45 -56.41 62.46
CA VAL I 215 10.37 -55.44 62.30
C VAL I 215 9.31 -56.05 61.38
N MET I 216 8.10 -56.23 61.91
CA MET I 216 6.97 -56.75 61.15
C MET I 216 5.98 -55.63 60.94
N ILE I 217 5.78 -55.23 59.68
CA ILE I 217 4.85 -54.17 59.33
C ILE I 217 3.61 -54.79 58.70
N LEU I 218 2.44 -54.34 59.13
CA LEU I 218 1.16 -54.84 58.66
C LEU I 218 0.48 -53.75 57.83
N ALA I 219 -0.01 -54.12 56.65
CA ALA I 219 -0.57 -53.16 55.71
C ALA I 219 -1.86 -53.74 55.14
N THR I 220 -3.00 -53.26 55.63
CA THR I 220 -4.30 -53.65 55.11
C THR I 220 -5.01 -52.41 54.59
N GLY I 221 -5.66 -52.55 53.43
CA GLY I 221 -6.44 -51.46 52.89
C GLY I 221 -5.95 -50.95 51.55
N HIS I 222 -6.88 -50.49 50.72
CA HIS I 222 -6.50 -49.91 49.43
C HIS I 222 -5.69 -48.64 49.62
N GLN I 223 -5.90 -47.93 50.73
CA GLN I 223 -5.19 -46.69 50.99
C GLN I 223 -3.73 -46.93 51.34
N LYS I 224 -3.34 -48.17 51.56
CA LYS I 224 -1.96 -48.53 51.87
C LYS I 224 -1.22 -49.14 50.70
N ALA I 225 -1.86 -49.21 49.52
CA ALA I 225 -1.23 -49.85 48.37
C ALA I 225 -0.01 -49.08 47.90
N LEU I 226 -0.06 -47.75 47.93
CA LEU I 226 1.07 -46.95 47.49
C LEU I 226 2.25 -47.09 48.44
N ALA I 227 1.97 -47.17 49.74
CA ALA I 227 3.04 -47.39 50.72
C ALA I 227 3.66 -48.77 50.53
N VAL I 228 2.85 -49.77 50.17
CA VAL I 228 3.38 -51.10 49.92
C VAL I 228 4.24 -51.12 48.66
N GLN I 229 3.81 -50.43 47.60
CA GLN I 229 4.63 -50.36 46.40
C GLN I 229 5.97 -49.69 46.68
N ALA I 230 5.97 -48.62 47.47
CA ALA I 230 7.22 -47.94 47.81
C ALA I 230 8.13 -48.81 48.64
N ALA I 231 7.56 -49.67 49.51
CA ALA I 231 8.38 -50.49 50.38
C ALA I 231 8.97 -51.68 49.63
N VAL I 232 8.21 -52.24 48.69
CA VAL I 232 8.60 -53.45 47.99
C VAL I 232 9.27 -53.15 46.66
N GLU I 233 8.66 -52.29 45.85
CA GLU I 233 9.14 -52.05 44.50
C GLU I 233 10.08 -50.86 44.40
N GLY I 234 9.85 -49.81 45.19
CA GLY I 234 10.64 -48.60 45.05
C GLY I 234 12.01 -48.71 45.69
N SER I 235 12.90 -47.81 45.27
CA SER I 235 14.17 -47.63 45.94
C SER I 235 13.96 -46.93 47.28
N ILE I 236 15.01 -46.95 48.11
CA ILE I 236 14.92 -46.27 49.40
C ILE I 236 14.75 -44.78 49.16
N ASN I 237 13.65 -44.23 49.65
CA ASN I 237 13.37 -42.80 49.54
C ASN I 237 13.19 -42.22 50.93
N HIS I 238 13.90 -41.13 51.22
CA HIS I 238 13.80 -40.53 52.54
C HIS I 238 12.46 -39.81 52.76
N LEU I 239 11.59 -39.78 51.76
CA LEU I 239 10.23 -39.29 51.92
C LEU I 239 9.22 -40.42 52.19
N TRP I 240 9.64 -41.67 52.11
CA TRP I 240 8.82 -42.83 52.46
C TRP I 240 9.56 -43.59 53.56
N THR I 241 9.25 -43.28 54.82
CA THR I 241 9.97 -43.87 55.94
C THR I 241 9.98 -45.39 55.90
N VAL I 242 8.88 -45.99 55.44
CA VAL I 242 8.77 -47.46 55.42
C VAL I 242 9.80 -48.06 54.46
N SER I 243 10.16 -47.34 53.40
CA SER I 243 11.14 -47.86 52.46
C SER I 243 12.52 -48.02 53.10
N ALA I 244 12.78 -47.30 54.19
CA ALA I 244 14.05 -47.41 54.89
C ALA I 244 14.23 -48.78 55.52
N LEU I 245 13.14 -49.50 55.79
CA LEU I 245 13.22 -50.84 56.33
C LEU I 245 13.83 -51.83 55.34
N GLN I 246 14.06 -51.41 54.10
CA GLN I 246 14.73 -52.28 53.14
C GLN I 246 16.13 -52.65 53.60
N MET I 247 16.80 -51.79 54.39
CA MET I 247 18.14 -52.06 54.88
C MET I 247 18.15 -52.79 56.22
N HIS I 248 17.00 -53.20 56.72
CA HIS I 248 16.97 -53.89 58.01
C HIS I 248 17.29 -55.37 57.81
N ARG I 249 17.95 -55.96 58.82
CA ARG I 249 18.41 -57.33 58.71
C ARG I 249 17.25 -58.32 58.61
N HIS I 250 16.12 -58.03 59.27
CA HIS I 250 14.93 -58.89 59.21
C HIS I 250 13.69 -58.00 59.14
N PHE I 251 13.33 -57.61 57.92
CA PHE I 251 12.15 -56.79 57.65
C PHE I 251 11.08 -57.68 57.05
N VAL I 252 9.93 -57.77 57.72
CA VAL I 252 8.79 -58.55 57.26
C VAL I 252 7.65 -57.58 56.96
N LEU I 253 7.01 -57.75 55.80
CA LEU I 253 5.85 -56.95 55.42
C LEU I 253 4.70 -57.88 55.04
N VAL I 254 3.60 -57.80 55.79
CA VAL I 254 2.41 -58.60 55.55
C VAL I 254 1.29 -57.67 55.10
N CYS I 255 0.58 -58.04 54.05
CA CYS I 255 -0.45 -57.18 53.48
C CYS I 255 -1.56 -58.03 52.87
N ASP I 256 -2.71 -57.38 52.65
CA ASP I 256 -3.89 -58.00 52.06
C ASP I 256 -3.99 -57.66 50.56
N GLU I 257 -5.05 -58.14 49.91
CA GLU I 257 -5.17 -57.98 48.47
C GLU I 257 -5.37 -56.53 48.06
N ALA I 258 -6.17 -55.77 48.82
CA ALA I 258 -6.41 -54.37 48.47
C ALA I 258 -5.12 -53.55 48.48
N ALA I 259 -4.15 -53.95 49.31
CA ALA I 259 -2.89 -53.23 49.41
C ALA I 259 -1.86 -53.70 48.39
N GLN I 260 -2.17 -54.74 47.62
CA GLN I 260 -1.31 -55.20 46.55
C GLN I 260 -1.59 -54.54 45.22
N GLN I 261 -2.66 -53.74 45.14
CA GLN I 261 -3.23 -53.34 43.85
C GLN I 261 -2.28 -52.48 43.01
N GLU I 262 -1.28 -51.84 43.62
CA GLU I 262 -0.36 -51.01 42.85
C GLU I 262 0.93 -51.74 42.47
N LEU I 263 1.13 -52.96 42.96
CA LEU I 263 2.30 -53.74 42.61
C LEU I 263 2.15 -54.34 41.21
N LYS I 264 3.28 -54.71 40.62
CA LYS I 264 3.27 -55.43 39.36
C LYS I 264 2.95 -56.91 39.61
N VAL I 265 2.30 -57.53 38.63
CA VAL I 265 1.94 -58.95 38.75
C VAL I 265 3.17 -59.79 39.03
N LYS I 266 4.29 -59.47 38.38
CA LYS I 266 5.51 -60.24 38.57
C LYS I 266 6.06 -60.10 39.99
N THR I 267 5.82 -58.94 40.61
CA THR I 267 6.28 -58.74 41.98
C THR I 267 5.54 -59.66 42.96
N VAL I 268 4.21 -59.72 42.85
CA VAL I 268 3.43 -60.62 43.70
C VAL I 268 3.77 -62.07 43.40
N LYS I 269 3.92 -62.42 42.12
CA LYS I 269 4.26 -63.79 41.73
C LYS I 269 5.57 -64.24 42.38
N TYR I 270 6.61 -63.40 42.27
CA TYR I 270 7.92 -63.76 42.82
C TYR I 270 7.83 -64.09 44.31
N PHE I 271 7.21 -63.20 45.10
CA PHE I 271 7.20 -63.37 46.55
C PHE I 271 6.19 -64.43 47.00
N THR I 272 5.09 -64.59 46.27
CA THR I 272 4.14 -65.66 46.60
C THR I 272 4.80 -67.03 46.48
N GLU I 273 5.60 -67.23 45.44
CA GLU I 273 6.24 -68.52 45.22
C GLU I 273 7.41 -68.73 46.18
N LEU I 274 8.14 -67.65 46.49
CA LEU I 274 9.23 -67.72 47.46
C LEU I 274 8.75 -68.30 48.79
N GLU I 275 7.53 -67.94 49.21
CA GLU I 275 6.97 -68.40 50.47
C GLU I 275 6.20 -69.71 50.29
N GLY I 276 6.94 -70.73 49.86
CA GLY I 276 6.39 -72.07 49.71
C GLY I 276 7.29 -73.13 50.30
N PHE J 16 4.67 -41.66 8.99
CA PHE J 16 3.86 -40.75 9.79
C PHE J 16 4.84 -39.69 10.30
N MET J 17 5.63 -39.98 11.34
CA MET J 17 6.68 -39.07 11.79
C MET J 17 8.07 -39.52 11.33
N ARG J 18 8.81 -38.60 10.72
CA ARG J 18 10.23 -38.77 10.40
C ARG J 18 11.09 -38.03 11.41
N PHE J 19 11.99 -38.76 12.07
CA PHE J 19 12.94 -38.17 13.00
C PHE J 19 14.33 -38.24 12.37
N ILE J 20 14.97 -37.09 12.20
CA ILE J 20 16.30 -37.04 11.60
C ILE J 20 17.30 -36.63 12.68
N PRO J 21 17.97 -37.58 13.34
CA PRO J 21 19.00 -37.21 14.32
C PRO J 21 20.33 -36.94 13.62
N LEU J 22 20.84 -35.72 13.80
CA LEU J 22 22.12 -35.32 13.25
C LEU J 22 23.04 -34.86 14.37
N GLN J 23 24.27 -34.51 14.02
CA GLN J 23 25.27 -34.17 15.04
C GLN J 23 25.34 -32.67 15.33
N THR J 24 25.54 -31.85 14.31
CA THR J 24 25.84 -30.44 14.49
C THR J 24 24.66 -29.57 14.05
N GLU J 25 24.63 -28.34 14.57
CA GLU J 25 23.62 -27.39 14.15
C GLU J 25 23.76 -27.03 12.68
N GLN J 26 24.99 -27.02 12.16
CA GLN J 26 25.21 -26.77 10.74
C GLN J 26 24.52 -27.81 9.88
N GLN J 27 24.67 -29.09 10.24
CA GLN J 27 24.04 -30.16 9.48
C GLN J 27 22.52 -30.05 9.51
N VAL J 28 21.96 -29.63 10.64
CA VAL J 28 20.50 -29.50 10.76
C VAL J 28 19.98 -28.47 9.79
N SER J 29 20.65 -27.31 9.71
CA SER J 29 20.22 -26.26 8.81
C SER J 29 20.41 -26.68 7.35
N CYS J 30 21.52 -27.37 7.06
CA CYS J 30 21.76 -27.85 5.70
C CYS J 30 20.72 -28.88 5.28
N TRP J 31 20.40 -29.82 6.18
CA TRP J 31 19.36 -30.81 5.88
C TRP J 31 18.03 -30.11 5.59
N ALA J 32 17.65 -29.18 6.46
CA ALA J 32 16.40 -28.45 6.29
C ALA J 32 16.37 -27.71 4.96
N ALA J 33 17.45 -26.98 4.65
CA ALA J 33 17.52 -26.25 3.39
C ALA J 33 17.36 -27.19 2.20
N GLN J 34 18.11 -28.28 2.18
CA GLN J 34 18.00 -29.25 1.09
C GLN J 34 16.58 -29.79 0.96
N HIS J 35 15.94 -30.10 2.09
CA HIS J 35 14.57 -30.61 2.05
C HIS J 35 13.61 -29.59 1.44
N ILE J 36 13.75 -28.32 1.84
CA ILE J 36 12.92 -27.26 1.24
C ILE J 36 13.19 -27.17 -0.25
N ILE J 37 14.48 -27.24 -0.64
CA ILE J 37 14.85 -27.21 -2.05
C ILE J 37 14.13 -28.31 -2.82
N ASN J 38 14.21 -29.53 -2.31
CA ASN J 38 13.70 -30.69 -3.04
C ASN J 38 12.18 -30.63 -3.19
N ARG J 39 11.48 -30.19 -2.13
CA ARG J 39 10.03 -30.04 -2.21
C ARG J 39 9.66 -29.03 -3.30
N ILE J 40 10.34 -27.88 -3.31
CA ILE J 40 10.07 -26.85 -4.31
C ILE J 40 10.33 -27.39 -5.71
N ASN J 41 11.48 -28.05 -5.89
CA ASN J 41 11.86 -28.50 -7.23
C ASN J 41 10.97 -29.63 -7.74
N ASP J 42 10.52 -30.51 -6.85
CA ASP J 42 9.56 -31.55 -7.24
C ASP J 42 8.20 -30.95 -7.58
N PHE J 43 7.77 -29.96 -6.80
CA PHE J 43 6.45 -29.35 -7.00
C PHE J 43 6.35 -28.65 -8.34
N LYS J 44 7.46 -28.09 -8.85
CA LYS J 44 7.50 -27.33 -10.08
C LYS J 44 6.47 -26.20 -10.05
N PRO J 45 6.67 -25.18 -9.23
CA PRO J 45 5.64 -24.15 -9.08
C PRO J 45 5.59 -23.21 -10.27
N THR J 46 4.38 -22.73 -10.55
CA THR J 46 4.13 -21.71 -11.55
C THR J 46 3.47 -20.52 -10.86
N ALA J 47 3.27 -19.45 -11.63
CA ALA J 47 2.59 -18.28 -11.08
C ALA J 47 1.17 -18.62 -10.64
N GLU J 48 0.46 -19.44 -11.42
CA GLU J 48 -0.90 -19.81 -11.08
C GLU J 48 -0.95 -20.88 -9.99
N ARG J 49 0.08 -21.70 -9.86
CA ARG J 49 0.13 -22.78 -8.88
C ARG J 49 1.43 -22.67 -8.09
N PRO J 50 1.50 -21.72 -7.16
CA PRO J 50 2.75 -21.50 -6.43
C PRO J 50 2.94 -22.50 -5.30
N PHE J 51 4.21 -22.63 -4.89
CA PHE J 51 4.59 -23.38 -3.70
C PHE J 51 4.46 -22.47 -2.47
N VAL J 52 3.78 -22.96 -1.44
CA VAL J 52 3.49 -22.17 -0.25
C VAL J 52 4.37 -22.67 0.89
N LEU J 53 5.18 -21.77 1.45
CA LEU J 53 6.17 -22.12 2.46
C LEU J 53 5.89 -21.35 3.75
N GLY J 54 5.80 -22.07 4.86
CA GLY J 54 5.66 -21.45 6.16
C GLY J 54 7.03 -21.28 6.82
N LEU J 55 7.25 -20.11 7.42
CA LEU J 55 8.60 -19.77 7.85
C LEU J 55 8.63 -19.26 9.28
N PRO J 56 9.67 -19.62 10.04
CA PRO J 56 9.82 -19.09 11.40
C PRO J 56 10.98 -18.11 11.56
N THR J 57 11.19 -17.66 12.79
CA THR J 57 12.29 -16.79 13.17
C THR J 57 13.18 -17.51 14.17
N GLY J 58 14.42 -17.05 14.32
CA GLY J 58 15.31 -17.53 15.35
C GLY J 58 16.69 -17.87 14.82
N GLY J 59 17.53 -18.35 15.75
CA GLY J 59 18.93 -18.57 15.40
C GLY J 59 19.12 -19.71 14.42
N THR J 60 18.54 -20.87 14.72
CA THR J 60 18.65 -22.00 13.82
C THR J 60 18.01 -21.74 12.45
N PRO J 61 16.82 -21.15 12.35
CA PRO J 61 16.33 -20.74 11.02
C PRO J 61 17.32 -19.86 10.27
N LEU J 62 17.98 -18.95 10.98
CA LEU J 62 18.93 -18.03 10.34
C LEU J 62 19.99 -18.80 9.55
N LYS J 63 20.57 -19.83 10.17
CA LYS J 63 21.55 -20.64 9.46
C LYS J 63 20.94 -21.31 8.24
N THR J 64 19.68 -21.75 8.36
CA THR J 64 19.01 -22.36 7.21
C THR J 64 18.77 -21.34 6.11
N TYR J 65 18.35 -20.12 6.48
CA TYR J 65 18.17 -19.07 5.49
C TYR J 65 19.49 -18.75 4.80
N GLN J 66 20.59 -18.71 5.56
CA GLN J 66 21.89 -18.49 4.95
C GLN J 66 22.22 -19.58 3.94
N GLU J 67 21.94 -20.84 4.29
CA GLU J 67 22.16 -21.95 3.36
C GLU J 67 21.25 -21.85 2.15
N LEU J 68 20.00 -21.44 2.35
CA LEU J 68 19.09 -21.28 1.22
C LEU J 68 19.57 -20.20 0.26
N ILE J 69 20.15 -19.12 0.81
CA ILE J 69 20.72 -18.08 -0.03
C ILE J 69 21.89 -18.64 -0.83
N ARG J 70 22.76 -19.42 -0.18
CA ARG J 70 23.89 -20.02 -0.88
C ARG J 70 23.43 -20.94 -2.00
N LEU J 71 22.41 -21.76 -1.73
CA LEU J 71 21.88 -22.64 -2.77
C LEU J 71 21.23 -21.86 -3.90
N TYR J 72 20.60 -20.74 -3.59
CA TYR J 72 20.01 -19.91 -4.63
C TYR J 72 21.08 -19.28 -5.52
N GLN J 73 22.16 -18.79 -4.90
CA GLN J 73 23.27 -18.23 -5.68
C GLN J 73 23.89 -19.28 -6.59
N ALA J 74 23.94 -20.53 -6.16
CA ALA J 74 24.36 -21.69 -6.95
C ALA J 74 23.30 -22.13 -7.96
N GLY J 75 22.32 -21.29 -8.24
CA GLY J 75 21.19 -21.63 -9.08
C GLY J 75 20.58 -23.01 -8.88
N LYS J 76 20.60 -23.49 -7.64
CA LYS J 76 19.98 -24.75 -7.29
C LYS J 76 18.50 -24.61 -6.95
N VAL J 77 17.97 -23.39 -6.90
CA VAL J 77 16.57 -23.17 -6.56
C VAL J 77 16.20 -21.75 -7.00
N SER J 78 14.93 -21.55 -7.33
CA SER J 78 14.36 -20.23 -7.55
C SER J 78 13.10 -20.08 -6.71
N PHE J 79 12.93 -18.89 -6.13
CA PHE J 79 11.76 -18.57 -5.33
C PHE J 79 10.77 -17.68 -6.05
N LYS J 80 10.92 -17.50 -7.38
CA LYS J 80 10.03 -16.63 -8.15
C LYS J 80 8.58 -17.10 -8.15
N HIS J 81 8.28 -18.21 -7.48
CA HIS J 81 6.95 -18.78 -7.48
C HIS J 81 6.70 -19.49 -6.17
N VAL J 82 7.35 -19.02 -5.11
CA VAL J 82 7.15 -19.49 -3.76
C VAL J 82 6.46 -18.38 -2.99
N VAL J 83 5.40 -18.73 -2.26
CA VAL J 83 4.66 -17.79 -1.42
C VAL J 83 4.93 -18.18 0.03
N THR J 84 5.27 -17.20 0.85
CA THR J 84 5.64 -17.45 2.24
C THR J 84 4.61 -16.85 3.21
N PHE J 85 4.40 -17.57 4.30
CA PHE J 85 3.63 -17.09 5.44
C PHE J 85 4.48 -17.27 6.69
N ASN J 86 4.62 -16.21 7.48
CA ASN J 86 5.41 -16.28 8.69
C ASN J 86 4.52 -16.55 9.90
N MET J 87 5.14 -17.15 10.93
CA MET J 87 4.38 -17.62 12.09
C MET J 87 3.80 -16.46 12.90
N ASP J 88 4.58 -15.40 13.10
CA ASP J 88 4.20 -14.43 14.12
C ASP J 88 4.90 -13.09 13.88
N GLU J 89 4.51 -12.11 14.68
CA GLU J 89 5.05 -10.76 14.65
C GLU J 89 4.60 -10.04 15.93
N TYR J 90 5.45 -9.17 16.44
CA TYR J 90 5.11 -8.38 17.61
C TYR J 90 4.00 -7.38 17.31
N VAL J 91 3.24 -7.04 18.36
CA VAL J 91 2.19 -6.03 18.30
C VAL J 91 2.76 -4.74 18.86
N ALA J 92 2.39 -3.61 18.24
CA ALA J 92 2.81 -2.28 18.69
C ALA J 92 4.34 -2.15 18.65
N LEU J 93 4.94 -2.77 17.64
CA LEU J 93 6.36 -2.57 17.35
C LEU J 93 6.42 -2.17 15.88
N PRO J 94 7.03 -1.02 15.56
CA PRO J 94 7.14 -0.60 14.16
C PRO J 94 7.78 -1.67 13.30
N GLU J 95 7.19 -1.92 12.13
CA GLU J 95 7.67 -3.04 11.31
C GLU J 95 9.06 -2.76 10.72
N GLU J 96 9.54 -1.53 10.80
CA GLU J 96 10.91 -1.19 10.45
C GLU J 96 11.84 -1.17 11.67
N HIS J 97 11.35 -1.59 12.84
CA HIS J 97 12.19 -1.68 14.02
C HIS J 97 13.17 -2.84 13.85
N PRO J 98 14.43 -2.68 14.26
CA PRO J 98 15.40 -3.78 14.12
C PRO J 98 14.93 -5.12 14.65
N GLU J 99 14.13 -5.12 15.72
CA GLU J 99 13.77 -6.34 16.41
C GLU J 99 12.42 -6.88 15.96
N SER J 100 11.80 -6.28 14.97
CA SER J 100 10.57 -6.84 14.43
C SER J 100 10.90 -8.03 13.53
N TYR J 101 9.91 -8.91 13.38
CA TYR J 101 10.12 -10.09 12.54
C TYR J 101 10.03 -9.77 11.05
N HIS J 102 9.33 -8.70 10.69
CA HIS J 102 9.47 -8.12 9.35
C HIS J 102 10.94 -7.84 9.04
N SER J 103 11.58 -7.08 9.92
CA SER J 103 12.99 -6.73 9.72
C SER J 103 13.86 -7.97 9.68
N PHE J 104 13.61 -8.94 10.57
CA PHE J 104 14.39 -10.16 10.57
C PHE J 104 14.31 -10.88 9.22
N MET J 105 13.09 -11.04 8.70
CA MET J 105 12.89 -11.84 7.50
C MET J 105 13.47 -11.16 6.27
N TYR J 106 13.20 -9.86 6.11
CA TYR J 106 13.70 -9.15 4.94
C TYR J 106 15.22 -9.04 4.96
N ASN J 107 15.80 -8.68 6.11
CA ASN J 107 17.24 -8.45 6.16
C ASN J 107 18.03 -9.75 6.01
N ASN J 108 17.54 -10.84 6.59
CA ASN J 108 18.28 -12.09 6.58
C ASN J 108 17.92 -13.01 5.43
N PHE J 109 16.85 -12.73 4.69
CA PHE J 109 16.40 -13.71 3.70
C PHE J 109 15.85 -13.06 2.43
N PHE J 110 14.69 -12.41 2.53
CA PHE J 110 13.96 -12.01 1.34
C PHE J 110 14.75 -11.06 0.45
N ASN J 111 15.57 -10.19 1.05
CA ASN J 111 16.36 -9.25 0.26
C ASN J 111 17.52 -9.91 -0.48
N HIS J 112 17.71 -11.22 -0.31
CA HIS J 112 18.83 -11.93 -0.92
C HIS J 112 18.37 -13.01 -1.90
N ILE J 113 17.06 -13.09 -2.19
CA ILE J 113 16.52 -14.09 -3.08
C ILE J 113 15.60 -13.41 -4.08
N ASP J 114 15.10 -14.19 -5.05
CA ASP J 114 14.31 -13.68 -6.16
C ASP J 114 12.81 -13.84 -5.92
N ILE J 115 12.38 -13.83 -4.65
CA ILE J 115 10.97 -13.92 -4.33
C ILE J 115 10.26 -12.63 -4.76
N LEU J 116 9.01 -12.77 -5.19
CA LEU J 116 8.24 -11.59 -5.59
C LEU J 116 7.75 -10.86 -4.35
N PRO J 117 7.87 -9.52 -4.29
CA PRO J 117 7.52 -8.80 -3.06
C PRO J 117 6.07 -8.98 -2.64
N GLU J 118 5.17 -9.23 -3.57
CA GLU J 118 3.75 -9.41 -3.25
C GLU J 118 3.43 -10.82 -2.77
N ASN J 119 4.42 -11.71 -2.73
CA ASN J 119 4.23 -13.08 -2.26
C ASN J 119 4.75 -13.28 -0.84
N ILE J 120 5.17 -12.21 -0.18
CA ILE J 120 5.63 -12.25 1.20
C ILE J 120 4.45 -11.86 2.09
N ASN J 121 4.05 -12.76 2.98
CA ASN J 121 2.96 -12.52 3.91
C ASN J 121 3.50 -12.56 5.33
N ILE J 122 3.32 -11.47 6.06
CA ILE J 122 3.72 -11.36 7.46
C ILE J 122 2.63 -10.59 8.19
N LEU J 123 2.17 -11.14 9.31
CA LEU J 123 1.14 -10.48 10.12
C LEU J 123 1.53 -9.04 10.43
N ASN J 124 0.54 -8.16 10.38
CA ASN J 124 0.75 -6.74 10.65
C ASN J 124 0.28 -6.46 12.07
N GLY J 125 1.23 -6.17 12.96
CA GLY J 125 0.92 -5.93 14.35
C GLY J 125 0.64 -4.48 14.68
N ASN J 126 0.39 -3.68 13.64
CA ASN J 126 0.12 -2.26 13.81
C ASN J 126 -1.23 -1.84 13.21
N THR J 127 -2.07 -2.81 12.86
CA THR J 127 -3.42 -2.56 12.37
C THR J 127 -4.29 -1.90 13.43
N ASP J 128 -5.42 -1.35 12.99
CA ASP J 128 -6.45 -0.82 13.88
C ASP J 128 -7.32 -1.91 14.48
N ASP J 129 -7.25 -3.14 13.97
CA ASP J 129 -8.16 -4.20 14.39
C ASP J 129 -7.36 -5.50 14.29
N HIS J 130 -6.86 -5.96 15.44
CA HIS J 130 -6.01 -7.14 15.43
C HIS J 130 -6.79 -8.39 15.04
N ASN J 131 -8.06 -8.47 15.43
CA ASN J 131 -8.89 -9.59 15.02
C ASN J 131 -9.12 -9.59 13.51
N ALA J 132 -9.46 -8.42 12.96
CA ALA J 132 -9.61 -8.31 11.51
C ALA J 132 -8.34 -8.70 10.78
N GLU J 133 -7.19 -8.24 11.28
CA GLU J 133 -5.92 -8.59 10.67
C GLU J 133 -5.68 -10.09 10.73
N CYS J 134 -5.94 -10.70 11.89
CA CYS J 134 -5.76 -12.15 12.01
C CYS J 134 -6.66 -12.92 11.07
N HIS J 135 -7.93 -12.49 10.96
CA HIS J 135 -8.83 -13.16 10.02
C HIS J 135 -8.36 -12.95 8.58
N ARG J 136 -7.89 -11.74 8.26
CA ARG J 136 -7.32 -11.48 6.95
C ARG J 136 -6.18 -12.44 6.65
N TYR J 137 -5.38 -12.78 7.66
CA TYR J 137 -4.28 -13.70 7.47
C TYR J 137 -4.78 -15.10 7.14
N GLU J 138 -5.73 -15.61 7.94
CA GLU J 138 -6.32 -16.93 7.68
C GLU J 138 -6.95 -16.97 6.30
N GLU J 139 -7.63 -15.90 5.89
CA GLU J 139 -8.25 -15.85 4.57
C GLU J 139 -7.21 -15.91 3.46
N LYS J 140 -6.11 -15.17 3.61
CA LYS J 140 -5.06 -15.18 2.61
C LYS J 140 -4.51 -16.59 2.37
N ILE J 141 -4.34 -17.36 3.45
CA ILE J 141 -3.86 -18.75 3.29
C ILE J 141 -4.88 -19.57 2.51
N LYS J 142 -6.15 -19.49 2.89
CA LYS J 142 -7.19 -20.22 2.18
C LYS J 142 -7.26 -19.80 0.71
N SER J 143 -6.99 -18.53 0.40
CA SER J 143 -7.04 -18.07 -0.97
C SER J 143 -6.00 -18.77 -1.84
N TYR J 144 -4.90 -19.22 -1.23
CA TYR J 144 -3.88 -20.00 -1.93
C TYR J 144 -4.15 -21.49 -1.88
N GLY J 145 -5.05 -21.95 -1.00
CA GLY J 145 -5.33 -23.36 -0.87
C GLY J 145 -4.82 -23.95 0.44
N LYS J 146 -3.51 -24.22 0.50
CA LYS J 146 -2.92 -24.78 1.71
C LYS J 146 -1.43 -24.51 1.70
N ILE J 147 -0.85 -24.40 2.89
CA ILE J 147 0.61 -24.32 3.01
C ILE J 147 1.20 -25.70 2.75
N HIS J 148 2.15 -25.77 1.81
CA HIS J 148 2.70 -27.05 1.40
C HIS J 148 3.76 -27.55 2.38
N LEU J 149 4.59 -26.65 2.91
CA LEU J 149 5.63 -27.02 3.85
C LEU J 149 5.78 -25.91 4.88
N PHE J 150 5.59 -26.24 6.16
CA PHE J 150 5.74 -25.29 7.25
C PHE J 150 6.98 -25.65 8.07
N MET J 151 8.01 -24.80 7.99
CA MET J 151 9.17 -24.94 8.87
C MET J 151 8.92 -24.18 10.17
N GLY J 152 9.38 -24.75 11.28
CA GLY J 152 9.19 -24.12 12.57
C GLY J 152 10.18 -24.62 13.60
N GLY J 153 10.17 -23.97 14.76
CA GLY J 153 10.91 -24.41 15.90
C GLY J 153 10.00 -24.90 17.02
N VAL J 154 10.62 -25.17 18.16
CA VAL J 154 9.93 -25.69 19.34
C VAL J 154 10.53 -25.06 20.58
N GLY J 155 9.67 -24.68 21.53
CA GLY J 155 10.15 -24.13 22.78
C GLY J 155 10.67 -25.18 23.75
N VAL J 156 11.36 -24.71 24.79
CA VAL J 156 11.90 -25.60 25.81
C VAL J 156 10.78 -26.33 26.52
N ASP J 157 9.57 -25.78 26.52
CA ASP J 157 8.40 -26.41 27.07
C ASP J 157 7.50 -27.02 25.99
N GLY J 158 8.01 -27.12 24.76
CA GLY J 158 7.27 -27.71 23.66
C GLY J 158 6.28 -26.80 22.98
N HIS J 159 6.27 -25.51 23.30
CA HIS J 159 5.30 -24.61 22.67
C HIS J 159 5.72 -24.27 21.25
N ILE J 160 4.73 -23.93 20.43
CA ILE J 160 4.92 -23.59 19.02
C ILE J 160 4.54 -22.13 18.83
N ALA J 161 5.45 -21.35 18.24
CA ALA J 161 5.24 -19.93 18.01
C ALA J 161 4.90 -19.22 19.32
N PHE J 162 3.97 -18.27 19.28
CA PHE J 162 3.53 -17.60 20.50
C PHE J 162 2.31 -18.27 21.12
N ASN J 163 2.00 -19.51 20.73
CA ASN J 163 0.95 -20.25 21.40
C ASN J 163 1.37 -20.61 22.82
N GLU J 164 0.39 -20.66 23.72
CA GLU J 164 0.67 -21.03 25.09
C GLU J 164 0.97 -22.53 25.16
N PRO J 165 1.77 -22.96 26.15
CA PRO J 165 2.12 -24.39 26.23
C PRO J 165 0.92 -25.31 26.36
N ALA J 166 -0.25 -24.80 26.75
CA ALA J 166 -1.47 -25.58 26.86
C ALA J 166 -2.51 -25.16 25.83
N SER J 167 -2.08 -24.76 24.64
CA SER J 167 -3.00 -24.26 23.62
C SER J 167 -3.86 -25.38 23.04
N SER J 168 -5.09 -25.02 22.69
CA SER J 168 -5.97 -25.93 21.96
C SER J 168 -5.32 -26.38 20.66
N LEU J 169 -5.46 -27.66 20.34
CA LEU J 169 -4.92 -28.20 19.08
C LEU J 169 -5.69 -27.71 17.86
N SER J 170 -6.77 -26.95 18.04
CA SER J 170 -7.50 -26.35 16.94
C SER J 170 -7.52 -24.83 17.02
N SER J 171 -6.63 -24.26 17.82
CA SER J 171 -6.52 -22.80 17.91
C SER J 171 -6.14 -22.20 16.55
N ARG J 172 -6.61 -20.98 16.33
CA ARG J 172 -6.44 -20.28 15.07
C ARG J 172 -5.57 -19.04 15.27
N THR J 173 -5.31 -18.33 14.17
CA THR J 173 -4.55 -17.10 14.24
C THR J 173 -5.26 -16.07 15.11
N ARG J 174 -4.55 -15.54 16.09
CA ARG J 174 -5.17 -14.66 17.08
C ARG J 174 -4.08 -13.85 17.77
N ILE J 175 -4.51 -12.84 18.53
CA ILE J 175 -3.61 -12.06 19.36
C ILE J 175 -3.38 -12.80 20.67
N LYS J 176 -2.14 -12.77 21.15
CA LYS J 176 -1.72 -13.52 22.33
C LYS J 176 -0.94 -12.61 23.27
N THR J 177 -1.18 -12.74 24.56
CA THR J 177 -0.41 -12.03 25.57
C THR J 177 0.84 -12.86 25.90
N LEU J 178 2.01 -12.27 25.69
CA LEU J 178 3.26 -12.98 25.91
C LEU J 178 3.41 -13.36 27.37
N THR J 179 3.86 -14.59 27.62
CA THR J 179 4.07 -15.03 28.98
C THR J 179 5.29 -14.33 29.57
N GLN J 180 5.33 -14.28 30.92
CA GLN J 180 6.49 -13.72 31.60
C GLN J 180 7.78 -14.40 31.17
N ASP J 181 7.74 -15.72 30.97
CA ASP J 181 8.94 -16.43 30.53
C ASP J 181 9.35 -16.00 29.14
N THR J 182 8.39 -15.80 28.24
CA THR J 182 8.69 -15.29 26.91
C THR J 182 9.23 -13.87 26.99
N LEU J 183 8.67 -13.06 27.90
CA LEU J 183 9.16 -11.70 28.11
C LEU J 183 10.62 -11.70 28.54
N ILE J 184 10.99 -12.57 29.49
CA ILE J 184 12.38 -12.62 29.95
C ILE J 184 13.28 -13.16 28.85
N ALA J 185 12.88 -14.26 28.22
CA ALA J 185 13.67 -14.87 27.15
C ALA J 185 14.02 -13.86 26.07
N ASN J 186 13.04 -13.08 25.62
CA ASN J 186 13.25 -12.12 24.54
C ASN J 186 13.85 -10.81 25.03
N SER J 187 14.09 -10.67 26.33
CA SER J 187 14.69 -9.44 26.85
C SER J 187 16.04 -9.15 26.20
N ARG J 188 16.78 -10.20 25.82
CA ARG J 188 18.11 -10.02 25.27
C ARG J 188 18.10 -9.21 23.98
N PHE J 189 16.99 -9.18 23.26
CA PHE J 189 16.85 -8.41 22.06
C PHE J 189 16.43 -6.97 22.30
N PHE J 190 16.13 -6.62 23.55
CA PHE J 190 15.70 -5.27 23.91
C PHE J 190 16.54 -4.75 25.07
N ASN J 191 17.85 -4.97 25.01
CA ASN J 191 18.80 -4.45 26.00
C ASN J 191 18.54 -5.03 27.38
N ASN J 192 18.14 -6.31 27.41
CA ASN J 192 17.80 -7.01 28.65
C ASN J 192 16.82 -6.20 29.51
N ASP J 193 15.83 -5.60 28.86
CA ASP J 193 14.83 -4.75 29.52
C ASP J 193 13.45 -5.37 29.28
N VAL J 194 12.90 -6.01 30.32
CA VAL J 194 11.57 -6.61 30.21
C VAL J 194 10.54 -5.56 29.86
N THR J 195 10.73 -4.32 30.34
CA THR J 195 9.77 -3.26 30.05
C THR J 195 9.78 -2.86 28.59
N GLN J 196 10.82 -3.23 27.84
CA GLN J 196 10.92 -2.87 26.43
C GLN J 196 10.43 -3.95 25.48
N VAL J 197 10.20 -5.17 25.96
CA VAL J 197 9.67 -6.22 25.10
C VAL J 197 8.18 -5.98 24.88
N PRO J 198 7.70 -6.02 23.63
CA PRO J 198 6.27 -5.86 23.39
C PRO J 198 5.45 -6.87 24.18
N LYS J 199 4.35 -6.38 24.77
CA LYS J 199 3.53 -7.24 25.64
C LYS J 199 2.68 -8.23 24.85
N TYR J 200 2.33 -7.91 23.60
CA TYR J 200 1.42 -8.72 22.82
C TYR J 200 2.04 -9.09 21.47
N ALA J 201 1.47 -10.10 20.84
CA ALA J 201 1.91 -10.54 19.53
C ALA J 201 0.76 -11.22 18.79
N LEU J 202 0.84 -11.19 17.47
CA LEU J 202 -0.05 -11.92 16.59
C LEU J 202 0.63 -13.22 16.17
N THR J 203 -0.07 -14.35 16.34
CA THR J 203 0.53 -15.65 16.08
C THR J 203 -0.48 -16.55 15.37
N ILE J 204 0.04 -17.42 14.50
CA ILE J 204 -0.78 -18.48 13.94
C ILE J 204 -1.09 -19.48 15.05
N GLY J 205 -2.23 -20.17 14.91
CA GLY J 205 -2.61 -21.16 15.90
C GLY J 205 -2.06 -22.54 15.60
N VAL J 206 -2.22 -23.43 16.58
CA VAL J 206 -1.80 -24.81 16.37
C VAL J 206 -2.62 -25.45 15.26
N GLY J 207 -3.91 -25.13 15.19
CA GLY J 207 -4.72 -25.58 14.07
C GLY J 207 -4.19 -25.11 12.73
N THR J 208 -3.78 -23.83 12.66
CA THR J 208 -3.19 -23.31 11.43
C THR J 208 -1.97 -24.10 11.03
N LEU J 209 -1.10 -24.42 11.99
CA LEU J 209 0.09 -25.22 11.68
C LEU J 209 -0.29 -26.59 11.18
N LEU J 210 -1.24 -27.24 11.86
CA LEU J 210 -1.64 -28.61 11.50
C LEU J 210 -2.29 -28.67 10.13
N ASP J 211 -2.81 -27.55 9.62
CA ASP J 211 -3.45 -27.52 8.30
C ASP J 211 -2.45 -27.57 7.15
N ALA J 212 -1.16 -27.48 7.42
CA ALA J 212 -0.16 -27.59 6.36
C ALA J 212 -0.02 -29.04 5.91
N GLU J 213 0.44 -29.21 4.67
CA GLU J 213 0.63 -30.56 4.15
C GLU J 213 1.84 -31.25 4.77
N GLU J 214 2.82 -30.50 5.23
CA GLU J 214 4.02 -31.06 5.85
C GLU J 214 4.57 -30.06 6.86
N VAL J 215 4.99 -30.57 8.01
CA VAL J 215 5.53 -29.73 9.09
C VAL J 215 6.94 -30.21 9.44
N MET J 216 7.92 -29.31 9.29
CA MET J 216 9.33 -29.57 9.62
C MET J 216 9.71 -28.72 10.83
N ILE J 217 10.03 -29.36 11.95
CA ILE J 217 10.44 -28.69 13.18
C ILE J 217 11.94 -28.86 13.38
N LEU J 218 12.61 -27.77 13.73
CA LEU J 218 14.06 -27.75 13.93
C LEU J 218 14.38 -27.56 15.41
N ALA J 219 15.25 -28.41 15.95
CA ALA J 219 15.56 -28.40 17.38
C ALA J 219 17.06 -28.59 17.59
N THR J 220 17.76 -27.51 17.93
CA THR J 220 19.18 -27.58 18.26
C THR J 220 19.38 -27.08 19.69
N GLY J 221 20.26 -27.74 20.44
CA GLY J 221 20.60 -27.25 21.75
C GLY J 221 20.28 -28.21 22.88
N HIS J 222 21.06 -28.16 23.96
CA HIS J 222 20.77 -29.02 25.11
C HIS J 222 19.45 -28.65 25.76
N GLN J 223 19.03 -27.38 25.69
CA GLN J 223 17.78 -26.97 26.31
C GLN J 223 16.55 -27.46 25.56
N LYS J 224 16.73 -28.05 24.38
CA LYS J 224 15.62 -28.59 23.60
C LYS J 224 15.54 -30.11 23.70
N ALA J 225 16.39 -30.74 24.51
CA ALA J 225 16.40 -32.20 24.58
C ALA J 225 15.10 -32.74 25.17
N LEU J 226 14.54 -32.05 26.17
CA LEU J 226 13.31 -32.51 26.78
C LEU J 226 12.14 -32.40 25.81
N ALA J 227 12.13 -31.35 24.98
CA ALA J 227 11.09 -31.21 23.98
C ALA J 227 11.19 -32.31 22.92
N VAL J 228 12.42 -32.69 22.55
CA VAL J 228 12.59 -33.75 21.57
C VAL J 228 12.11 -35.08 22.15
N GLN J 229 12.40 -35.34 23.43
CA GLN J 229 11.92 -36.55 24.07
C GLN J 229 10.40 -36.61 24.04
N ALA J 230 9.74 -35.49 24.33
CA ALA J 230 8.29 -35.47 24.33
C ALA J 230 7.74 -35.73 22.93
N ALA J 231 8.44 -35.26 21.90
CA ALA J 231 7.92 -35.38 20.56
C ALA J 231 8.10 -36.79 20.01
N VAL J 232 9.21 -37.45 20.35
CA VAL J 232 9.56 -38.73 19.75
C VAL J 232 9.14 -39.91 20.62
N GLU J 233 9.49 -39.88 21.91
CA GLU J 233 9.28 -41.04 22.77
C GLU J 233 7.96 -40.97 23.53
N GLY J 234 7.55 -39.78 23.94
CA GLY J 234 6.35 -39.65 24.74
C GLY J 234 5.07 -39.78 23.94
N SER J 235 3.99 -40.07 24.66
CA SER J 235 2.66 -40.00 24.08
C SER J 235 2.23 -38.54 23.93
N ILE J 236 1.13 -38.35 23.21
CA ILE J 236 0.60 -37.00 23.01
C ILE J 236 0.16 -36.44 24.35
N ASN J 237 0.75 -35.31 24.74
CA ASN J 237 0.41 -34.62 25.98
C ASN J 237 -0.03 -33.20 25.65
N HIS J 238 -1.16 -32.78 26.23
CA HIS J 238 -1.69 -31.46 25.93
C HIS J 238 -0.87 -30.34 26.55
N LEU J 239 0.13 -30.65 27.36
CA LEU J 239 1.07 -29.65 27.88
C LEU J 239 2.35 -29.56 27.07
N TRP J 240 2.54 -30.43 26.08
CA TRP J 240 3.67 -30.39 25.16
C TRP J 240 3.08 -30.27 23.76
N THR J 241 2.92 -29.02 23.29
CA THR J 241 2.27 -28.79 22.00
C THR J 241 2.97 -29.53 20.86
N VAL J 242 4.29 -29.67 20.93
CA VAL J 242 5.02 -30.32 19.85
C VAL J 242 4.58 -31.77 19.71
N SER J 243 4.15 -32.41 20.80
CA SER J 243 3.70 -33.80 20.73
C SER J 243 2.43 -33.95 19.91
N ALA J 244 1.64 -32.90 19.75
CA ALA J 244 0.44 -32.99 18.92
C ALA J 244 0.77 -33.22 17.46
N LEU J 245 1.98 -32.87 17.03
CA LEU J 245 2.43 -33.14 15.67
C LEU J 245 2.58 -34.63 15.40
N GLN J 246 2.49 -35.47 16.43
CA GLN J 246 2.51 -36.91 16.19
C GLN J 246 1.33 -37.37 15.34
N MET J 247 0.21 -36.65 15.38
CA MET J 247 -0.95 -37.02 14.59
C MET J 247 -0.94 -36.40 13.20
N HIS J 248 0.13 -35.73 12.82
CA HIS J 248 0.18 -35.12 11.50
C HIS J 248 0.61 -36.14 10.46
N ARG J 249 0.07 -35.98 9.25
CA ARG J 249 0.31 -36.96 8.19
C ARG J 249 1.76 -36.98 7.76
N HIS J 250 2.45 -35.83 7.80
CA HIS J 250 3.87 -35.74 7.44
C HIS J 250 4.56 -34.78 8.42
N PHE J 251 4.99 -35.31 9.55
CA PHE J 251 5.71 -34.57 10.57
C PHE J 251 7.18 -34.96 10.49
N VAL J 252 8.05 -33.98 10.24
CA VAL J 252 9.49 -34.17 10.18
C VAL J 252 10.12 -33.39 11.32
N LEU J 253 11.02 -34.04 12.06
CA LEU J 253 11.76 -33.40 13.14
C LEU J 253 13.25 -33.60 12.90
N VAL J 254 13.98 -32.50 12.75
CA VAL J 254 15.43 -32.53 12.56
C VAL J 254 16.07 -31.92 13.80
N CYS J 255 17.09 -32.60 14.33
CA CYS J 255 17.72 -32.16 15.56
C CYS J 255 19.20 -32.53 15.54
N ASP J 256 19.97 -31.85 16.39
CA ASP J 256 21.39 -32.05 16.55
C ASP J 256 21.67 -32.92 17.77
N GLU J 257 22.96 -33.16 18.04
CA GLU J 257 23.32 -34.09 19.12
C GLU J 257 22.93 -33.56 20.49
N ALA J 258 23.09 -32.25 20.72
CA ALA J 258 22.75 -31.70 22.02
C ALA J 258 21.27 -31.93 22.36
N ALA J 259 20.41 -31.99 21.35
CA ALA J 259 18.98 -32.17 21.56
C ALA J 259 18.58 -33.63 21.63
N GLN J 260 19.51 -34.56 21.40
CA GLN J 260 19.26 -35.99 21.53
C GLN J 260 19.52 -36.53 22.93
N GLN J 261 20.09 -35.71 23.83
CA GLN J 261 20.69 -36.23 25.04
C GLN J 261 19.70 -36.91 25.97
N GLU J 262 18.40 -36.63 25.84
CA GLU J 262 17.41 -37.23 26.73
C GLU J 262 16.71 -38.44 26.12
N LEU J 263 16.98 -38.74 24.85
CA LEU J 263 16.42 -39.93 24.23
C LEU J 263 17.16 -41.18 24.69
N LYS J 264 16.50 -42.33 24.53
CA LYS J 264 17.13 -43.60 24.78
C LYS J 264 18.03 -43.97 23.59
N VAL J 265 19.10 -44.71 23.88
CA VAL J 265 20.03 -45.13 22.84
C VAL J 265 19.28 -45.89 21.74
N LYS J 266 18.33 -46.73 22.13
CA LYS J 266 17.59 -47.53 21.16
C LYS J 266 16.71 -46.68 20.26
N THR J 267 16.20 -45.55 20.77
CA THR J 267 15.39 -44.67 19.94
C THR J 267 16.23 -44.03 18.84
N VAL J 268 17.41 -43.50 19.21
CA VAL J 268 18.28 -42.90 18.22
C VAL J 268 18.75 -43.93 17.21
N LYS J 269 19.09 -45.13 17.69
CA LYS J 269 19.54 -46.20 16.79
C LYS J 269 18.48 -46.51 15.74
N TYR J 270 17.24 -46.70 16.18
CA TYR J 270 16.15 -47.05 15.25
C TYR J 270 16.02 -46.02 14.14
N PHE J 271 15.95 -44.74 14.49
CA PHE J 271 15.70 -43.71 13.49
C PHE J 271 16.96 -43.38 12.68
N THR J 272 18.14 -43.52 13.28
CA THR J 272 19.38 -43.34 12.52
C THR J 272 19.46 -44.36 11.39
N GLU J 273 19.09 -45.60 11.66
CA GLU J 273 19.18 -46.68 10.68
C GLU J 273 18.06 -46.60 9.65
N LEU J 274 16.86 -46.22 10.07
CA LEU J 274 15.75 -46.04 9.14
C LEU J 274 16.11 -45.05 8.03
N GLU J 275 16.85 -43.99 8.37
CA GLU J 275 17.21 -42.95 7.41
C GLU J 275 18.56 -43.28 6.76
N GLY J 276 18.58 -44.41 6.05
CA GLY J 276 19.76 -44.83 5.32
C GLY J 276 20.83 -45.46 6.19
N PHE K 16 -15.54 -50.48 24.86
CA PHE K 16 -14.58 -50.00 23.89
C PHE K 16 -13.49 -51.06 23.75
N MET K 17 -12.56 -51.12 24.71
CA MET K 17 -11.53 -52.15 24.72
C MET K 17 -11.89 -53.29 25.67
N ARG K 18 -11.84 -54.52 25.17
CA ARG K 18 -11.99 -55.73 25.98
C ARG K 18 -10.63 -56.39 26.20
N PHE K 19 -10.24 -56.56 27.46
CA PHE K 19 -9.03 -57.29 27.82
C PHE K 19 -9.46 -58.58 28.52
N ILE K 20 -9.07 -59.72 27.95
CA ILE K 20 -9.43 -61.02 28.49
C ILE K 20 -8.15 -61.66 29.02
N PRO K 21 -7.87 -61.54 30.32
CA PRO K 21 -6.71 -62.24 30.90
C PRO K 21 -7.05 -63.68 31.26
N LEU K 22 -6.31 -64.61 30.69
CA LEU K 22 -6.45 -66.03 30.97
C LEU K 22 -5.11 -66.58 31.47
N GLN K 23 -5.08 -67.87 31.78
CA GLN K 23 -3.90 -68.50 32.35
C GLN K 23 -2.99 -69.12 31.30
N THR K 24 -3.54 -70.00 30.46
CA THR K 24 -2.71 -70.81 29.57
C THR K 24 -2.91 -70.38 28.11
N GLU K 25 -1.92 -70.74 27.29
CA GLU K 25 -2.01 -70.48 25.86
C GLU K 25 -3.15 -71.26 25.24
N GLN K 26 -3.44 -72.45 25.77
CA GLN K 26 -4.56 -73.24 25.28
C GLN K 26 -5.88 -72.50 25.48
N GLN K 27 -6.07 -71.93 26.68
CA GLN K 27 -7.30 -71.17 26.96
C GLN K 27 -7.43 -69.97 26.03
N VAL K 28 -6.30 -69.33 25.71
CA VAL K 28 -6.32 -68.19 24.80
C VAL K 28 -6.80 -68.61 23.42
N SER K 29 -6.29 -69.73 22.92
CA SER K 29 -6.70 -70.21 21.60
C SER K 29 -8.15 -70.67 21.59
N CYS K 30 -8.60 -71.32 22.65
CA CYS K 30 -10.00 -71.76 22.73
C CYS K 30 -10.94 -70.57 22.79
N TRP K 31 -10.60 -69.56 23.60
CA TRP K 31 -11.41 -68.35 23.67
C TRP K 31 -11.53 -67.69 22.31
N ALA K 32 -10.40 -67.53 21.61
CA ALA K 32 -10.41 -66.92 20.30
C ALA K 32 -11.29 -67.70 19.32
N ALA K 33 -11.13 -69.02 19.29
CA ALA K 33 -11.96 -69.86 18.44
C ALA K 33 -13.44 -69.69 18.75
N GLN K 34 -13.80 -69.78 20.04
CA GLN K 34 -15.20 -69.59 20.44
C GLN K 34 -15.72 -68.23 20.00
N HIS K 35 -14.91 -67.18 20.16
CA HIS K 35 -15.33 -65.84 19.74
C HIS K 35 -15.59 -65.79 18.24
N ILE K 36 -14.68 -66.36 17.46
CA ILE K 36 -14.86 -66.42 16.01
C ILE K 36 -16.11 -67.21 15.65
N ILE K 37 -16.31 -68.35 16.32
CA ILE K 37 -17.50 -69.17 16.11
C ILE K 37 -18.75 -68.33 16.33
N ASN K 38 -18.81 -67.63 17.47
CA ASN K 38 -20.02 -66.93 17.87
C ASN K 38 -20.34 -65.77 16.93
N ARG K 39 -19.32 -65.03 16.49
CA ARG K 39 -19.54 -63.93 15.56
C ARG K 39 -20.12 -64.42 14.24
N ILE K 40 -19.55 -65.49 13.69
CA ILE K 40 -20.05 -66.05 12.43
C ILE K 40 -21.50 -66.48 12.59
N ASN K 41 -21.80 -67.20 13.68
CA ASN K 41 -23.13 -67.75 13.86
C ASN K 41 -24.15 -66.64 14.13
N ASP K 42 -23.75 -65.58 14.82
CA ASP K 42 -24.62 -64.42 14.99
C ASP K 42 -24.86 -63.71 13.67
N PHE K 43 -23.80 -63.58 12.86
CA PHE K 43 -23.89 -62.88 11.59
C PHE K 43 -24.86 -63.58 10.63
N LYS K 44 -24.96 -64.91 10.73
CA LYS K 44 -25.77 -65.75 9.85
C LYS K 44 -25.39 -65.46 8.41
N PRO K 45 -24.20 -65.87 7.97
CA PRO K 45 -23.73 -65.48 6.64
C PRO K 45 -24.43 -66.26 5.54
N THR K 46 -24.60 -65.59 4.40
CA THR K 46 -25.11 -66.20 3.18
C THR K 46 -24.09 -66.02 2.06
N ALA K 47 -24.37 -66.64 0.91
CA ALA K 47 -23.49 -66.48 -0.24
C ALA K 47 -23.45 -65.02 -0.69
N GLU K 48 -24.58 -64.32 -0.66
CA GLU K 48 -24.63 -62.93 -1.06
C GLU K 48 -24.07 -62.01 0.04
N ARG K 49 -24.15 -62.44 1.29
CA ARG K 49 -23.71 -61.63 2.43
C ARG K 49 -22.76 -62.47 3.29
N PRO K 50 -21.52 -62.65 2.87
CA PRO K 50 -20.60 -63.52 3.59
C PRO K 50 -19.99 -62.82 4.81
N PHE K 51 -19.51 -63.65 5.74
CA PHE K 51 -18.69 -63.17 6.85
C PHE K 51 -17.24 -63.09 6.41
N VAL K 52 -16.61 -61.95 6.64
CA VAL K 52 -15.26 -61.69 6.16
C VAL K 52 -14.32 -61.75 7.37
N LEU K 53 -13.33 -62.64 7.30
CA LEU K 53 -12.47 -62.94 8.42
C LEU K 53 -11.03 -62.60 8.07
N GLY K 54 -10.38 -61.81 8.93
CA GLY K 54 -8.95 -61.55 8.77
C GLY K 54 -8.15 -62.52 9.63
N LEU K 55 -7.08 -63.07 9.04
CA LEU K 55 -6.39 -64.17 9.67
C LEU K 55 -4.89 -63.96 9.69
N PRO K 56 -4.22 -64.39 10.77
CA PRO K 56 -2.75 -64.29 10.84
C PRO K 56 -2.04 -65.63 10.77
N THR K 57 -0.71 -65.58 10.81
CA THR K 57 0.17 -66.73 10.86
C THR K 57 0.92 -66.72 12.19
N GLY K 58 1.44 -67.88 12.59
CA GLY K 58 2.31 -67.97 13.75
C GLY K 58 1.89 -69.09 14.68
N GLY K 59 2.62 -69.19 15.79
CA GLY K 59 2.44 -70.31 16.69
C GLY K 59 1.11 -70.29 17.43
N THR K 60 0.80 -69.17 18.08
CA THR K 60 -0.48 -69.07 18.77
C THR K 60 -1.68 -69.14 17.82
N PRO K 61 -1.69 -68.49 16.64
CA PRO K 61 -2.77 -68.74 15.68
C PRO K 61 -2.96 -70.22 15.36
N LEU K 62 -1.87 -70.98 15.26
CA LEU K 62 -1.96 -72.41 14.91
C LEU K 62 -2.89 -73.16 15.85
N LYS K 63 -2.71 -72.96 17.16
CA LYS K 63 -3.58 -73.63 18.13
C LYS K 63 -5.04 -73.22 17.93
N THR K 64 -5.29 -71.95 17.60
CA THR K 64 -6.65 -71.50 17.35
C THR K 64 -7.22 -72.16 16.11
N TYR K 65 -6.43 -72.24 15.03
CA TYR K 65 -6.89 -72.90 13.82
C TYR K 65 -7.18 -74.38 14.08
N GLN K 66 -6.35 -75.04 14.88
CA GLN K 66 -6.62 -76.42 15.27
C GLN K 66 -7.95 -76.52 15.99
N GLU K 67 -8.23 -75.59 16.90
CA GLU K 67 -9.49 -75.59 17.63
C GLU K 67 -10.67 -75.32 16.70
N LEU K 68 -10.47 -74.44 15.72
CA LEU K 68 -11.55 -74.15 14.77
C LEU K 68 -11.88 -75.38 13.92
N ILE K 69 -10.86 -76.15 13.56
CA ILE K 69 -11.10 -77.40 12.82
C ILE K 69 -11.89 -78.39 13.68
N ARG K 70 -11.51 -78.51 14.96
CA ARG K 70 -12.23 -79.40 15.87
C ARG K 70 -13.69 -78.97 16.01
N LEU K 71 -13.93 -77.67 16.16
CA LEU K 71 -15.30 -77.17 16.28
C LEU K 71 -16.09 -77.38 15.00
N TYR K 72 -15.42 -77.28 13.85
CA TYR K 72 -16.08 -77.55 12.58
C TYR K 72 -16.44 -79.03 12.45
N GLN K 73 -15.52 -79.92 12.85
CA GLN K 73 -15.81 -81.35 12.83
C GLN K 73 -16.99 -81.69 13.74
N ALA K 74 -17.11 -81.00 14.87
CA ALA K 74 -18.22 -81.04 15.82
C ALA K 74 -19.47 -80.31 15.31
N GLY K 75 -19.54 -80.04 14.00
CA GLY K 75 -20.61 -79.26 13.39
C GLY K 75 -21.11 -78.04 14.14
N LYS K 76 -20.22 -77.36 14.85
CA LYS K 76 -20.55 -76.11 15.53
C LYS K 76 -20.39 -74.89 14.63
N VAL K 77 -19.88 -75.05 13.42
CA VAL K 77 -19.65 -73.93 12.51
C VAL K 77 -19.48 -74.47 11.11
N SER K 78 -19.83 -73.66 10.11
CA SER K 78 -19.52 -73.91 8.72
C SER K 78 -18.86 -72.68 8.13
N PHE K 79 -17.85 -72.89 7.29
CA PHE K 79 -17.15 -71.79 6.62
C PHE K 79 -17.57 -71.62 5.16
N LYS K 80 -18.67 -72.26 4.74
CA LYS K 80 -19.14 -72.18 3.35
C LYS K 80 -19.55 -70.77 2.93
N HIS K 81 -19.49 -69.80 3.83
CA HIS K 81 -19.93 -68.43 3.55
C HIS K 81 -19.06 -67.47 4.32
N VAL K 82 -17.83 -67.89 4.57
CA VAL K 82 -16.80 -67.08 5.19
C VAL K 82 -15.77 -66.74 4.12
N VAL K 83 -15.39 -65.48 4.04
CA VAL K 83 -14.34 -65.02 3.14
C VAL K 83 -13.17 -64.59 4.02
N THR K 84 -11.98 -65.07 3.70
CA THR K 84 -10.81 -64.78 4.51
C THR K 84 -9.82 -63.90 3.75
N PHE K 85 -9.17 -63.02 4.50
CA PHE K 85 -8.06 -62.20 4.03
C PHE K 85 -6.90 -62.37 5.00
N ASN K 86 -5.72 -62.68 4.47
CA ASN K 86 -4.54 -62.86 5.31
C ASN K 86 -3.71 -61.58 5.39
N MET K 87 -2.94 -61.47 6.47
CA MET K 87 -2.20 -60.25 6.73
C MET K 87 -1.08 -60.03 5.71
N ASP K 88 -0.34 -61.07 5.37
CA ASP K 88 0.91 -60.87 4.65
C ASP K 88 1.35 -62.16 3.97
N GLU K 89 2.41 -62.04 3.19
CA GLU K 89 3.02 -63.14 2.45
C GLU K 89 4.41 -62.69 2.00
N TYR K 90 5.34 -63.63 1.96
CA TYR K 90 6.71 -63.33 1.54
C TYR K 90 6.76 -62.96 0.06
N VAL K 91 7.75 -62.13 -0.28
CA VAL K 91 8.01 -61.69 -1.65
C VAL K 91 9.13 -62.55 -2.24
N ALA K 92 8.99 -62.89 -3.53
CA ALA K 92 10.02 -63.64 -4.26
C ALA K 92 10.27 -64.99 -3.60
N LEU K 93 9.20 -65.59 -3.08
CA LEU K 93 9.22 -66.94 -2.56
C LEU K 93 8.12 -67.72 -3.26
N PRO K 94 8.42 -68.87 -3.87
CA PRO K 94 7.37 -69.66 -4.50
C PRO K 94 6.25 -69.98 -3.52
N GLU K 95 5.02 -69.75 -3.95
CA GLU K 95 3.88 -69.86 -3.05
C GLU K 95 3.59 -71.30 -2.64
N GLU K 96 4.19 -72.28 -3.30
CA GLU K 96 4.12 -73.68 -2.86
C GLU K 96 5.31 -74.06 -1.99
N HIS K 97 6.15 -73.10 -1.62
CA HIS K 97 7.26 -73.39 -0.73
C HIS K 97 6.75 -73.73 0.66
N PRO K 98 7.32 -74.73 1.33
CA PRO K 98 6.86 -75.08 2.69
C PRO K 98 6.76 -73.90 3.64
N GLU K 99 7.64 -72.91 3.50
CA GLU K 99 7.71 -71.81 4.46
C GLU K 99 6.94 -70.58 4.01
N SER K 100 6.21 -70.67 2.90
CA SER K 100 5.35 -69.58 2.50
C SER K 100 4.10 -69.54 3.37
N TYR K 101 3.48 -68.36 3.45
CA TYR K 101 2.28 -68.22 4.24
C TYR K 101 1.05 -68.78 3.55
N HIS K 102 1.07 -68.85 2.21
CA HIS K 102 0.11 -69.68 1.48
C HIS K 102 0.11 -71.10 2.03
N SER K 103 1.29 -71.73 2.05
CA SER K 103 1.42 -73.10 2.53
C SER K 103 0.95 -73.23 3.98
N PHE K 104 1.32 -72.27 4.83
CA PHE K 104 0.93 -72.31 6.23
C PHE K 104 -0.60 -72.37 6.36
N MET K 105 -1.30 -71.52 5.61
CA MET K 105 -2.75 -71.41 5.76
C MET K 105 -3.46 -72.65 5.23
N TYR K 106 -3.08 -73.10 4.04
CA TYR K 106 -3.75 -74.26 3.43
C TYR K 106 -3.47 -75.54 4.22
N ASN K 107 -2.22 -75.76 4.62
CA ASN K 107 -1.87 -77.01 5.30
C ASN K 107 -2.49 -77.08 6.69
N ASN K 108 -2.51 -75.97 7.41
CA ASN K 108 -2.97 -75.97 8.80
C ASN K 108 -4.43 -75.62 8.96
N PHE K 109 -5.11 -75.14 7.92
CA PHE K 109 -6.48 -74.66 8.08
C PHE K 109 -7.38 -74.98 6.89
N PHE K 110 -7.12 -74.34 5.74
CA PHE K 110 -8.09 -74.36 4.64
C PHE K 110 -8.36 -75.76 4.12
N ASN K 111 -7.36 -76.64 4.12
CA ASN K 111 -7.57 -78.00 3.63
C ASN K 111 -8.37 -78.88 4.57
N HIS K 112 -8.75 -78.37 5.74
CA HIS K 112 -9.46 -79.16 6.75
C HIS K 112 -10.83 -78.61 7.06
N ILE K 113 -11.29 -77.61 6.31
CA ILE K 113 -12.58 -76.97 6.52
C ILE K 113 -13.30 -76.86 5.17
N ASP K 114 -14.54 -76.40 5.21
CA ASP K 114 -15.40 -76.35 4.03
C ASP K 114 -15.42 -74.98 3.37
N ILE K 115 -14.31 -74.24 3.47
CA ILE K 115 -14.24 -72.93 2.84
C ILE K 115 -14.19 -73.10 1.31
N LEU K 116 -14.80 -72.14 0.62
CA LEU K 116 -14.81 -72.12 -0.84
C LEU K 116 -13.47 -71.62 -1.39
N PRO K 117 -12.93 -72.28 -2.41
CA PRO K 117 -11.62 -71.87 -2.93
C PRO K 117 -11.57 -70.44 -3.39
N GLU K 118 -12.69 -69.89 -3.85
CA GLU K 118 -12.74 -68.51 -4.33
C GLU K 118 -12.90 -67.50 -3.20
N ASN K 119 -13.06 -67.97 -1.96
CA ASN K 119 -13.22 -67.10 -0.81
C ASN K 119 -11.94 -67.00 0.02
N ILE K 120 -10.85 -67.59 -0.45
CA ILE K 120 -9.54 -67.49 0.19
C ILE K 120 -8.75 -66.41 -0.52
N ASN K 121 -8.36 -65.38 0.23
CA ASN K 121 -7.55 -64.28 -0.31
C ASN K 121 -6.24 -64.20 0.46
N ILE K 122 -5.13 -64.29 -0.27
CA ILE K 122 -3.79 -64.16 0.28
C ILE K 122 -2.95 -63.35 -0.71
N LEU K 123 -2.24 -62.35 -0.20
CA LEU K 123 -1.37 -61.53 -1.03
C LEU K 123 -0.41 -62.40 -1.85
N ASN K 124 -0.22 -62.03 -3.12
CA ASN K 124 0.66 -62.74 -4.03
C ASN K 124 1.97 -61.97 -4.14
N GLY K 125 3.04 -62.54 -3.62
CA GLY K 125 4.33 -61.88 -3.62
C GLY K 125 5.18 -62.19 -4.84
N ASN K 126 4.56 -62.72 -5.90
CA ASN K 126 5.28 -63.10 -7.11
C ASN K 126 4.76 -62.39 -8.35
N THR K 127 3.92 -61.36 -8.19
CA THR K 127 3.47 -60.53 -9.29
C THR K 127 4.63 -59.76 -9.92
N ASP K 128 4.36 -59.20 -11.12
CA ASP K 128 5.28 -58.28 -11.78
C ASP K 128 5.19 -56.86 -11.23
N ASP K 129 4.18 -56.57 -10.42
CA ASP K 129 3.95 -55.20 -9.95
C ASP K 129 3.37 -55.32 -8.54
N HIS K 130 4.23 -55.13 -7.53
CA HIS K 130 3.78 -55.32 -6.15
C HIS K 130 2.80 -54.23 -5.73
N ASN K 131 2.97 -53.02 -6.24
CA ASN K 131 2.01 -51.95 -5.93
C ASN K 131 0.63 -52.26 -6.52
N ALA K 132 0.59 -52.71 -7.78
CA ALA K 132 -0.67 -53.12 -8.38
C ALA K 132 -1.33 -54.25 -7.59
N GLU K 133 -0.53 -55.24 -7.17
CA GLU K 133 -1.08 -56.35 -6.39
C GLU K 133 -1.64 -55.88 -5.06
N CYS K 134 -0.91 -54.99 -4.37
CA CYS K 134 -1.38 -54.48 -3.08
C CYS K 134 -2.67 -53.69 -3.25
N HIS K 135 -2.76 -52.86 -4.29
CA HIS K 135 -3.99 -52.12 -4.55
C HIS K 135 -5.14 -53.06 -4.88
N ARG K 136 -4.86 -54.11 -5.65
CA ARG K 136 -5.87 -55.12 -5.96
C ARG K 136 -6.40 -55.75 -4.68
N TYR K 137 -5.54 -55.96 -3.69
CA TYR K 137 -5.95 -56.55 -2.41
C TYR K 137 -6.90 -55.63 -1.66
N GLU K 138 -6.51 -54.36 -1.51
CA GLU K 138 -7.37 -53.38 -0.85
C GLU K 138 -8.71 -53.25 -1.57
N GLU K 139 -8.70 -53.28 -2.91
CA GLU K 139 -9.93 -53.16 -3.68
C GLU K 139 -10.86 -54.34 -3.43
N LYS K 140 -10.31 -55.56 -3.40
CA LYS K 140 -11.13 -56.74 -3.14
C LYS K 140 -11.84 -56.66 -1.80
N ILE K 141 -11.16 -56.15 -0.76
CA ILE K 141 -11.77 -56.01 0.55
C ILE K 141 -12.97 -55.08 0.48
N LYS K 142 -12.80 -53.92 -0.16
CA LYS K 142 -13.90 -52.98 -0.30
C LYS K 142 -15.07 -53.59 -1.06
N SER K 143 -14.78 -54.48 -2.03
CA SER K 143 -15.84 -55.09 -2.81
C SER K 143 -16.78 -55.93 -1.95
N TYR K 144 -16.28 -56.46 -0.83
CA TYR K 144 -17.11 -57.16 0.13
C TYR K 144 -17.69 -56.22 1.18
N GLY K 145 -17.17 -55.00 1.26
CA GLY K 145 -17.61 -54.04 2.26
C GLY K 145 -16.57 -53.78 3.32
N LYS K 146 -16.44 -54.70 4.26
CA LYS K 146 -15.47 -54.55 5.34
C LYS K 146 -15.18 -55.91 5.93
N ILE K 147 -13.98 -56.05 6.51
CA ILE K 147 -13.67 -57.24 7.29
C ILE K 147 -14.41 -57.15 8.62
N HIS K 148 -15.16 -58.19 8.95
CA HIS K 148 -15.97 -58.15 10.17
C HIS K 148 -15.14 -58.44 11.41
N LEU K 149 -14.20 -59.36 11.32
CA LEU K 149 -13.35 -59.73 12.45
C LEU K 149 -11.95 -60.02 11.93
N PHE K 150 -10.97 -59.27 12.43
CA PHE K 150 -9.57 -59.46 12.09
C PHE K 150 -8.84 -60.01 13.30
N MET K 151 -8.40 -61.27 13.21
CA MET K 151 -7.53 -61.85 14.22
C MET K 151 -6.08 -61.54 13.90
N GLY K 152 -5.29 -61.30 14.93
CA GLY K 152 -3.88 -61.00 14.73
C GLY K 152 -3.08 -61.23 15.99
N GLY K 153 -1.76 -61.15 15.82
CA GLY K 153 -0.83 -61.14 16.92
C GLY K 153 -0.14 -59.79 17.05
N VAL K 154 0.83 -59.74 17.96
CA VAL K 154 1.58 -58.51 18.24
C VAL K 154 3.02 -58.88 18.53
N GLY K 155 3.95 -58.08 17.99
CA GLY K 155 5.35 -58.30 18.25
C GLY K 155 5.76 -57.80 19.62
N VAL K 156 6.97 -58.19 20.02
CA VAL K 156 7.47 -57.79 21.33
C VAL K 156 7.63 -56.28 21.43
N ASP K 157 7.71 -55.58 20.30
CA ASP K 157 7.78 -54.12 20.26
C ASP K 157 6.45 -53.49 19.87
N GLY K 158 5.36 -54.25 19.89
CA GLY K 158 4.05 -53.73 19.59
C GLY K 158 3.72 -53.57 18.12
N HIS K 159 4.56 -54.06 17.21
CA HIS K 159 4.30 -53.93 15.79
C HIS K 159 3.23 -54.92 15.34
N ILE K 160 2.55 -54.58 14.25
CA ILE K 160 1.47 -55.39 13.70
C ILE K 160 1.87 -55.88 12.32
N ALA K 161 1.76 -57.19 12.10
CA ALA K 161 2.12 -57.83 10.82
C ALA K 161 3.57 -57.44 10.51
N PHE K 162 3.89 -57.14 9.25
CA PHE K 162 5.23 -56.70 8.88
C PHE K 162 5.38 -55.18 8.90
N ASN K 163 4.45 -54.47 9.53
CA ASN K 163 4.57 -53.02 9.68
C ASN K 163 5.72 -52.68 10.63
N GLU K 164 6.37 -51.54 10.36
CA GLU K 164 7.46 -51.09 11.20
C GLU K 164 6.93 -50.55 12.52
N PRO K 165 7.74 -50.60 13.59
CA PRO K 165 7.25 -50.17 14.91
C PRO K 165 6.76 -48.73 14.96
N ALA K 166 7.14 -47.88 14.00
CA ALA K 166 6.69 -46.49 13.95
C ALA K 166 5.81 -46.24 12.73
N SER K 167 5.01 -47.24 12.36
CA SER K 167 4.21 -47.18 11.16
C SER K 167 3.10 -46.14 11.27
N SER K 168 2.77 -45.55 10.13
CA SER K 168 1.62 -44.65 10.04
C SER K 168 0.35 -45.37 10.49
N LEU K 169 -0.46 -44.70 11.29
CA LEU K 169 -1.73 -45.29 11.69
C LEU K 169 -2.73 -45.34 10.57
N SER K 170 -2.39 -44.79 9.40
CA SER K 170 -3.22 -44.87 8.20
C SER K 170 -2.48 -45.54 7.05
N SER K 171 -1.40 -46.27 7.35
CA SER K 171 -0.67 -46.99 6.32
C SER K 171 -1.57 -48.02 5.66
N ARG K 172 -1.31 -48.29 4.39
CA ARG K 172 -2.12 -49.18 3.58
C ARG K 172 -1.29 -50.40 3.18
N THR K 173 -1.93 -51.33 2.48
CA THR K 173 -1.24 -52.53 2.01
C THR K 173 -0.13 -52.14 1.04
N ARG K 174 1.08 -52.62 1.31
CA ARG K 174 2.24 -52.18 0.55
C ARG K 174 3.37 -53.19 0.71
N ILE K 175 4.41 -52.98 -0.09
CA ILE K 175 5.64 -53.75 0.01
C ILE K 175 6.50 -53.18 1.13
N LYS K 176 7.11 -54.06 1.93
CA LYS K 176 7.87 -53.67 3.11
C LYS K 176 9.20 -54.41 3.13
N THR K 177 10.27 -53.70 3.48
CA THR K 177 11.57 -54.32 3.69
C THR K 177 11.65 -54.82 5.13
N LEU K 178 11.89 -56.12 5.29
CA LEU K 178 11.93 -56.70 6.63
C LEU K 178 13.08 -56.13 7.45
N THR K 179 12.79 -55.82 8.70
CA THR K 179 13.79 -55.30 9.61
C THR K 179 14.78 -56.38 10.00
N GLN K 180 15.95 -55.95 10.47
CA GLN K 180 16.96 -56.87 10.96
C GLN K 180 16.39 -57.81 12.03
N ASP K 181 15.55 -57.26 12.92
CA ASP K 181 14.96 -58.09 13.96
C ASP K 181 14.01 -59.14 13.39
N THR K 182 13.18 -58.75 12.40
CA THR K 182 12.29 -59.71 11.78
C THR K 182 13.05 -60.79 11.03
N LEU K 183 14.14 -60.40 10.36
CA LEU K 183 14.98 -61.38 9.67
C LEU K 183 15.53 -62.40 10.67
N ILE K 184 16.00 -61.93 11.83
CA ILE K 184 16.54 -62.83 12.84
C ILE K 184 15.45 -63.72 13.41
N ALA K 185 14.31 -63.11 13.79
CA ALA K 185 13.19 -63.86 14.34
C ALA K 185 12.77 -65.02 13.44
N ASN K 186 12.63 -64.76 12.14
CA ASN K 186 12.16 -65.77 11.20
C ASN K 186 13.26 -66.69 10.69
N SER K 187 14.52 -66.49 11.14
CA SER K 187 15.61 -67.34 10.68
C SER K 187 15.35 -68.81 10.98
N ARG K 188 14.63 -69.10 12.07
CA ARG K 188 14.38 -70.49 12.46
C ARG K 188 13.60 -71.27 11.40
N PHE K 189 12.86 -70.58 10.54
CA PHE K 189 12.13 -71.22 9.46
C PHE K 189 12.96 -71.43 8.21
N PHE K 190 14.16 -70.87 8.15
CA PHE K 190 15.05 -70.96 6.99
C PHE K 190 16.45 -71.41 7.39
N ASN K 191 16.49 -72.48 8.20
CA ASN K 191 17.74 -73.14 8.59
C ASN K 191 18.62 -72.24 9.46
N ASN K 192 17.99 -71.43 10.32
CA ASN K 192 18.70 -70.49 11.19
C ASN K 192 19.73 -69.67 10.40
N ASP K 193 19.34 -69.27 9.19
CA ASP K 193 20.20 -68.51 8.29
C ASP K 193 19.50 -67.19 7.97
N VAL K 194 19.98 -66.10 8.56
CA VAL K 194 19.39 -64.78 8.33
C VAL K 194 19.44 -64.44 6.84
N THR K 195 20.48 -64.87 6.13
CA THR K 195 20.62 -64.56 4.71
C THR K 195 19.60 -65.28 3.84
N GLN K 196 18.95 -66.32 4.37
CA GLN K 196 18.00 -67.10 3.58
C GLN K 196 16.56 -66.65 3.74
N VAL K 197 16.27 -65.78 4.70
CA VAL K 197 14.91 -65.24 4.88
C VAL K 197 14.66 -64.22 3.77
N PRO K 198 13.51 -64.29 3.09
CA PRO K 198 13.20 -63.29 2.07
C PRO K 198 13.32 -61.87 2.60
N LYS K 199 13.92 -60.99 1.80
CA LYS K 199 14.20 -59.64 2.27
C LYS K 199 12.95 -58.78 2.35
N TYR K 200 11.94 -59.08 1.52
CA TYR K 200 10.75 -58.26 1.42
C TYR K 200 9.50 -59.11 1.61
N ALA K 201 8.39 -58.42 1.89
CA ALA K 201 7.10 -59.07 2.04
C ALA K 201 6.00 -58.06 1.71
N LEU K 202 4.84 -58.60 1.33
CA LEU K 202 3.63 -57.80 1.15
C LEU K 202 2.79 -57.90 2.41
N THR K 203 2.41 -56.75 2.97
CA THR K 203 1.69 -56.71 4.24
C THR K 203 0.58 -55.67 4.20
N ILE K 204 -0.50 -55.95 4.93
CA ILE K 204 -1.53 -54.96 5.16
C ILE K 204 -1.00 -53.86 6.08
N GLY K 205 -1.56 -52.67 5.93
CA GLY K 205 -1.16 -51.55 6.77
C GLY K 205 -1.96 -51.46 8.05
N VAL K 206 -1.51 -50.58 8.94
CA VAL K 206 -2.22 -50.35 10.19
C VAL K 206 -3.60 -49.78 9.92
N GLY K 207 -3.70 -48.91 8.91
CA GLY K 207 -5.01 -48.44 8.48
C GLY K 207 -5.92 -49.56 8.02
N THR K 208 -5.37 -50.51 7.26
CA THR K 208 -6.16 -51.66 6.82
C THR K 208 -6.75 -52.42 8.00
N LEU K 209 -5.93 -52.65 9.04
CA LEU K 209 -6.41 -53.34 10.23
C LEU K 209 -7.51 -52.54 10.92
N LEU K 210 -7.28 -51.23 11.10
CA LEU K 210 -8.22 -50.40 11.83
C LEU K 210 -9.56 -50.28 11.11
N ASP K 211 -9.59 -50.53 9.80
CA ASP K 211 -10.81 -50.48 9.02
C ASP K 211 -11.72 -51.68 9.25
N ALA K 212 -11.26 -52.71 9.97
CA ALA K 212 -12.11 -53.84 10.29
C ALA K 212 -13.13 -53.46 11.36
N GLU K 213 -14.23 -54.21 11.39
CA GLU K 213 -15.26 -53.92 12.39
C GLU K 213 -14.83 -54.36 13.79
N GLU K 214 -13.95 -55.36 13.89
CA GLU K 214 -13.47 -55.83 15.18
C GLU K 214 -12.07 -56.38 15.00
N VAL K 215 -11.20 -56.08 15.96
CA VAL K 215 -9.81 -56.50 15.94
C VAL K 215 -9.54 -57.32 17.20
N MET K 216 -9.18 -58.58 17.01
CA MET K 216 -8.83 -59.47 18.12
C MET K 216 -7.34 -59.76 18.05
N ILE K 217 -6.60 -59.30 19.06
CA ILE K 217 -5.16 -59.52 19.14
C ILE K 217 -4.90 -60.59 20.20
N LEU K 218 -4.07 -61.56 19.86
CA LEU K 218 -3.73 -62.67 20.74
C LEU K 218 -2.28 -62.51 21.17
N ALA K 219 -2.02 -62.59 22.47
CA ALA K 219 -0.69 -62.32 23.02
C ALA K 219 -0.35 -63.37 24.07
N THR K 220 0.48 -64.32 23.70
CA THR K 220 0.96 -65.35 24.62
C THR K 220 2.47 -65.26 24.77
N GLY K 221 2.95 -65.41 26.01
CA GLY K 221 4.38 -65.45 26.25
C GLY K 221 4.89 -64.34 27.14
N HIS K 222 5.95 -64.64 27.90
CA HIS K 222 6.56 -63.61 28.74
C HIS K 222 7.20 -62.50 27.90
N GLN K 223 7.59 -62.82 26.67
CA GLN K 223 8.19 -61.83 25.79
C GLN K 223 7.18 -60.83 25.26
N LYS K 224 5.89 -61.08 25.49
CA LYS K 224 4.82 -60.19 25.06
C LYS K 224 4.25 -59.38 26.22
N ALA K 225 4.85 -59.48 27.41
CA ALA K 225 4.31 -58.78 28.57
C ALA K 225 4.39 -57.28 28.42
N LEU K 226 5.49 -56.77 27.84
CA LEU K 226 5.63 -55.33 27.67
C LEU K 226 4.64 -54.79 26.63
N ALA K 227 4.38 -55.55 25.58
CA ALA K 227 3.38 -55.12 24.60
C ALA K 227 1.99 -55.07 25.20
N VAL K 228 1.66 -56.02 26.07
CA VAL K 228 0.36 -56.02 26.72
C VAL K 228 0.24 -54.83 27.67
N GLN K 229 1.33 -54.50 28.38
CA GLN K 229 1.33 -53.33 29.24
C GLN K 229 1.05 -52.07 28.44
N ALA K 230 1.67 -51.94 27.26
CA ALA K 230 1.45 -50.76 26.43
C ALA K 230 0.02 -50.69 25.91
N ALA K 231 -0.59 -51.84 25.65
CA ALA K 231 -1.94 -51.84 25.07
C ALA K 231 -3.01 -51.56 26.12
N VAL K 232 -2.84 -52.04 27.34
CA VAL K 232 -3.87 -51.94 28.37
C VAL K 232 -3.65 -50.75 29.28
N GLU K 233 -2.43 -50.58 29.79
CA GLU K 233 -2.16 -49.56 30.80
C GLU K 233 -1.64 -48.26 30.22
N GLY K 234 -0.84 -48.32 29.15
CA GLY K 234 -0.24 -47.11 28.62
C GLY K 234 -1.21 -46.28 27.79
N SER K 235 -0.86 -45.02 27.63
CA SER K 235 -1.54 -44.17 26.66
C SER K 235 -1.10 -44.55 25.24
N ILE K 236 -1.83 -44.01 24.26
CA ILE K 236 -1.48 -44.26 22.86
C ILE K 236 -0.12 -43.68 22.57
N ASN K 237 0.81 -44.54 22.13
CA ASN K 237 2.16 -44.16 21.75
C ASN K 237 2.42 -44.56 20.32
N HIS K 238 2.95 -43.63 19.51
CA HIS K 238 3.18 -43.93 18.10
C HIS K 238 4.36 -44.87 17.89
N LEU K 239 5.09 -45.23 18.94
CA LEU K 239 6.13 -46.25 18.85
C LEU K 239 5.65 -47.63 19.24
N TRP K 240 4.41 -47.75 19.74
CA TRP K 240 3.78 -49.03 20.04
C TRP K 240 2.50 -49.10 19.23
N THR K 241 2.59 -49.72 18.04
CA THR K 241 1.44 -49.76 17.13
C THR K 241 0.21 -50.36 17.81
N VAL K 242 0.41 -51.35 18.69
CA VAL K 242 -0.73 -52.00 19.33
C VAL K 242 -1.49 -51.02 20.21
N SER K 243 -0.80 -50.02 20.77
CA SER K 243 -1.48 -49.03 21.60
C SER K 243 -2.47 -48.19 20.79
N ALA K 244 -2.26 -48.10 19.48
CA ALA K 244 -3.20 -47.36 18.63
C ALA K 244 -4.55 -48.05 18.55
N LEU K 245 -4.63 -49.35 18.82
CA LEU K 245 -5.91 -50.03 18.82
C LEU K 245 -6.82 -49.59 19.95
N GLN K 246 -6.32 -48.79 20.90
CA GLN K 246 -7.18 -48.27 21.96
C GLN K 246 -8.30 -47.40 21.41
N MET K 247 -8.08 -46.74 20.26
CA MET K 247 -9.10 -45.90 19.66
C MET K 247 -10.01 -46.65 18.69
N HIS K 248 -9.90 -47.97 18.63
CA HIS K 248 -10.76 -48.76 17.77
C HIS K 248 -12.09 -49.01 18.48
N ARG K 249 -13.16 -49.09 17.68
CA ARG K 249 -14.51 -49.22 18.22
C ARG K 249 -14.70 -50.54 18.96
N HIS K 250 -14.05 -51.61 18.50
CA HIS K 250 -14.16 -52.93 19.15
C HIS K 250 -12.77 -53.58 19.14
N PHE K 251 -11.96 -53.29 20.15
CA PHE K 251 -10.62 -53.86 20.27
C PHE K 251 -10.65 -54.92 21.37
N VAL K 252 -10.31 -56.15 21.02
CA VAL K 252 -10.23 -57.27 21.96
C VAL K 252 -8.79 -57.73 22.04
N LEU K 253 -8.28 -57.88 23.26
CA LEU K 253 -6.93 -58.40 23.49
C LEU K 253 -7.02 -59.56 24.47
N VAL K 254 -6.62 -60.74 24.01
CA VAL K 254 -6.62 -61.95 24.83
C VAL K 254 -5.18 -62.35 25.09
N CYS K 255 -4.86 -62.66 26.34
CA CYS K 255 -3.48 -62.95 26.70
C CYS K 255 -3.45 -63.99 27.81
N ASP K 256 -2.29 -64.62 27.97
CA ASP K 256 -2.05 -65.64 28.98
C ASP K 256 -1.33 -65.03 30.18
N GLU K 257 -1.05 -65.88 31.17
CA GLU K 257 -0.48 -65.38 32.42
C GLU K 257 0.92 -64.81 32.23
N ALA K 258 1.73 -65.44 31.37
CA ALA K 258 3.09 -64.96 31.15
C ALA K 258 3.10 -63.53 30.61
N ALA K 259 2.08 -63.16 29.84
CA ALA K 259 2.01 -61.84 29.23
C ALA K 259 1.37 -60.79 30.14
N GLN K 260 0.86 -61.20 31.30
CA GLN K 260 0.30 -60.27 32.27
C GLN K 260 1.34 -59.73 33.24
N GLN K 261 2.57 -60.25 33.20
CA GLN K 261 3.52 -60.06 34.29
C GLN K 261 3.94 -58.60 34.50
N GLU K 262 3.78 -57.75 33.50
CA GLU K 262 4.17 -56.35 33.65
C GLU K 262 3.00 -55.46 34.03
N LEU K 263 1.78 -56.00 34.06
CA LEU K 263 0.61 -55.25 34.46
C LEU K 263 0.56 -55.08 35.98
N LYS K 264 -0.20 -54.08 36.41
CA LYS K 264 -0.50 -53.91 37.82
C LYS K 264 -1.60 -54.87 38.25
N VAL K 265 -1.56 -55.26 39.53
CA VAL K 265 -2.56 -56.17 40.06
C VAL K 265 -3.96 -55.61 39.84
N LYS K 266 -4.13 -54.30 40.00
CA LYS K 266 -5.45 -53.70 39.84
C LYS K 266 -5.94 -53.80 38.42
N THR K 267 -5.03 -53.80 37.44
CA THR K 267 -5.44 -53.91 36.05
C THR K 267 -6.04 -55.30 35.77
N VAL K 268 -5.33 -56.35 36.19
CA VAL K 268 -5.84 -57.70 35.98
C VAL K 268 -7.13 -57.91 36.76
N LYS K 269 -7.18 -57.42 37.99
CA LYS K 269 -8.39 -57.58 38.81
C LYS K 269 -9.61 -56.99 38.11
N TYR K 270 -9.50 -55.74 37.64
CA TYR K 270 -10.64 -55.09 37.00
C TYR K 270 -11.21 -55.92 35.85
N PHE K 271 -10.35 -56.33 34.93
CA PHE K 271 -10.85 -57.03 33.75
C PHE K 271 -11.18 -58.49 34.03
N THR K 272 -10.50 -59.12 34.99
CA THR K 272 -10.86 -60.48 35.36
C THR K 272 -12.29 -60.54 35.89
N GLU K 273 -12.66 -59.58 36.74
CA GLU K 273 -13.99 -59.60 37.34
C GLU K 273 -15.06 -59.15 36.34
N LEU K 274 -14.74 -58.17 35.49
CA LEU K 274 -15.67 -57.74 34.46
C LEU K 274 -16.08 -58.91 33.57
N GLU K 275 -15.15 -59.78 33.21
CA GLU K 275 -15.43 -60.93 32.35
C GLU K 275 -15.74 -62.16 33.20
N GLY K 276 -16.80 -62.04 33.99
CA GLY K 276 -17.28 -63.13 34.81
C GLY K 276 -18.07 -62.67 36.02
N PHE L 16 -7.10 -24.89 25.95
CA PHE L 16 -7.72 -26.19 25.77
C PHE L 16 -8.66 -26.44 26.97
N MET L 17 -8.09 -26.80 28.11
CA MET L 17 -8.78 -27.01 29.37
C MET L 17 -8.58 -25.83 30.30
N ARG L 18 -9.65 -25.40 30.98
CA ARG L 18 -9.54 -24.44 32.06
C ARG L 18 -9.48 -25.21 33.37
N PHE L 19 -8.39 -25.01 34.11
CA PHE L 19 -8.18 -25.59 35.42
C PHE L 19 -8.20 -24.47 36.44
N ILE L 20 -9.11 -24.54 37.40
CA ILE L 20 -9.24 -23.51 38.42
C ILE L 20 -8.78 -24.09 39.76
N PRO L 21 -7.52 -23.87 40.15
CA PRO L 21 -7.06 -24.31 41.48
C PRO L 21 -7.42 -23.30 42.56
N LEU L 22 -8.16 -23.76 43.56
CA LEU L 22 -8.55 -22.96 44.72
C LEU L 22 -8.07 -23.65 46.00
N GLN L 23 -8.33 -23.01 47.15
CA GLN L 23 -7.83 -23.50 48.43
C GLN L 23 -8.86 -24.40 49.14
N THR L 24 -10.06 -23.89 49.37
CA THR L 24 -11.04 -24.56 50.21
C THR L 24 -12.20 -25.08 49.37
N GLU L 25 -12.89 -26.08 49.92
CA GLU L 25 -14.06 -26.63 49.25
C GLU L 25 -15.15 -25.58 49.10
N GLN L 26 -15.24 -24.66 50.06
CA GLN L 26 -16.22 -23.58 49.97
C GLN L 26 -15.97 -22.73 48.74
N GLN L 27 -14.70 -22.36 48.50
CA GLN L 27 -14.38 -21.56 47.33
C GLN L 27 -14.71 -22.29 46.05
N VAL L 28 -14.53 -23.61 46.03
CA VAL L 28 -14.85 -24.39 44.83
C VAL L 28 -16.34 -24.31 44.54
N SER L 29 -17.17 -24.47 45.57
CA SER L 29 -18.61 -24.41 45.36
C SER L 29 -19.06 -23.02 44.94
N CYS L 30 -18.47 -21.99 45.55
CA CYS L 30 -18.82 -20.61 45.20
C CYS L 30 -18.42 -20.29 43.76
N TRP L 31 -17.23 -20.72 43.34
CA TRP L 31 -16.82 -20.52 41.95
C TRP L 31 -17.80 -21.16 40.98
N ALA L 32 -18.15 -22.43 41.23
CA ALA L 32 -19.09 -23.12 40.36
C ALA L 32 -20.44 -22.40 40.31
N ALA L 33 -20.96 -22.01 41.47
CA ALA L 33 -22.22 -21.29 41.51
C ALA L 33 -22.15 -20.00 40.69
N GLN L 34 -21.11 -19.19 40.90
CA GLN L 34 -20.94 -17.98 40.12
C GLN L 34 -20.85 -18.26 38.63
N HIS L 35 -20.12 -19.32 38.25
CA HIS L 35 -20.01 -19.66 36.83
C HIS L 35 -21.36 -20.02 36.24
N ILE L 36 -22.16 -20.81 36.96
CA ILE L 36 -23.50 -21.14 36.49
C ILE L 36 -24.35 -19.88 36.36
N ILE L 37 -24.27 -18.99 37.35
CA ILE L 37 -24.99 -17.72 37.31
C ILE L 37 -24.61 -16.95 36.05
N ASN L 38 -23.31 -16.80 35.80
CA ASN L 38 -22.84 -15.95 34.72
C ASN L 38 -23.24 -16.51 33.36
N ARG L 39 -23.16 -17.84 33.19
CA ARG L 39 -23.57 -18.46 31.94
C ARG L 39 -25.06 -18.23 31.68
N ILE L 40 -25.89 -18.43 32.70
CA ILE L 40 -27.33 -18.22 32.55
C ILE L 40 -27.62 -16.77 32.19
N ASN L 41 -27.00 -15.83 32.90
CA ASN L 41 -27.30 -14.42 32.68
C ASN L 41 -26.80 -13.93 31.33
N ASP L 42 -25.66 -14.45 30.87
CA ASP L 42 -25.19 -14.13 29.52
C ASP L 42 -26.14 -14.70 28.47
N PHE L 43 -26.63 -15.93 28.70
CA PHE L 43 -27.49 -16.60 27.74
C PHE L 43 -28.81 -15.86 27.54
N LYS L 44 -29.31 -15.21 28.59
CA LYS L 44 -30.60 -14.53 28.58
C LYS L 44 -31.68 -15.51 28.10
N PRO L 45 -32.02 -16.50 28.91
CA PRO L 45 -32.95 -17.54 28.43
C PRO L 45 -34.39 -17.06 28.40
N THR L 46 -35.14 -17.61 27.44
CA THR L 46 -36.58 -17.38 27.32
C THR L 46 -37.30 -18.71 27.42
N ALA L 47 -38.64 -18.64 27.44
CA ALA L 47 -39.44 -19.86 27.50
C ALA L 47 -39.22 -20.72 26.26
N GLU L 48 -39.13 -20.10 25.08
CA GLU L 48 -38.91 -20.83 23.85
C GLU L 48 -37.45 -21.25 23.67
N ARG L 49 -36.52 -20.51 24.29
CA ARG L 49 -35.09 -20.78 24.17
C ARG L 49 -34.51 -20.87 25.58
N PRO L 50 -34.72 -21.99 26.26
CA PRO L 50 -34.26 -22.11 27.65
C PRO L 50 -32.78 -22.42 27.74
N PHE L 51 -32.23 -22.12 28.91
CA PHE L 51 -30.89 -22.58 29.26
C PHE L 51 -31.00 -23.98 29.87
N VAL L 52 -30.20 -24.91 29.35
CA VAL L 52 -30.28 -26.32 29.73
C VAL L 52 -29.07 -26.64 30.61
N LEU L 53 -29.33 -27.08 31.83
CA LEU L 53 -28.32 -27.26 32.85
C LEU L 53 -28.26 -28.72 33.29
N GLY L 54 -27.06 -29.31 33.27
CA GLY L 54 -26.86 -30.65 33.79
C GLY L 54 -26.38 -30.59 35.24
N LEU L 55 -26.96 -31.45 36.08
CA LEU L 55 -26.76 -31.32 37.52
C LEU L 55 -26.40 -32.66 38.15
N PRO L 56 -25.49 -32.67 39.14
CA PRO L 56 -25.17 -33.92 39.85
C PRO L 56 -25.63 -33.94 41.30
N THR L 57 -25.30 -35.02 42.00
CA THR L 57 -25.58 -35.20 43.41
C THR L 57 -24.26 -35.32 44.17
N GLY L 58 -24.30 -35.06 45.47
CA GLY L 58 -23.16 -35.29 46.34
C GLY L 58 -22.88 -34.11 47.25
N GLY L 59 -21.82 -34.25 48.05
CA GLY L 59 -21.54 -33.27 49.08
C GLY L 59 -21.11 -31.92 48.51
N THR L 60 -20.11 -31.93 47.64
CA THR L 60 -19.67 -30.68 47.03
C THR L 60 -20.77 -30.04 46.18
N PRO L 61 -21.52 -30.77 45.35
CA PRO L 61 -22.70 -30.14 44.72
C PRO L 61 -23.65 -29.51 45.72
N LEU L 62 -23.84 -30.14 46.88
CA LEU L 62 -24.77 -29.60 47.88
C LEU L 62 -24.40 -28.16 48.25
N LYS L 63 -23.12 -27.93 48.57
CA LYS L 63 -22.68 -26.58 48.90
C LYS L 63 -22.93 -25.62 47.75
N THR L 64 -22.75 -26.10 46.52
CA THR L 64 -23.00 -25.28 45.35
C THR L 64 -24.47 -24.92 45.23
N TYR L 65 -25.36 -25.90 45.45
CA TYR L 65 -26.79 -25.63 45.38
C TYR L 65 -27.21 -24.61 46.44
N GLN L 66 -26.64 -24.73 47.65
CA GLN L 66 -26.92 -23.75 48.69
C GLN L 66 -26.48 -22.35 48.27
N GLU L 67 -25.30 -22.25 47.67
CA GLU L 67 -24.83 -20.95 47.18
C GLU L 67 -25.71 -20.42 46.06
N LEU L 68 -26.20 -21.31 45.19
CA LEU L 68 -27.09 -20.88 44.13
C LEU L 68 -28.40 -20.36 44.70
N ILE L 69 -28.90 -20.99 45.77
CA ILE L 69 -30.12 -20.50 46.44
C ILE L 69 -29.87 -19.12 47.03
N ARG L 70 -28.73 -18.94 47.69
CA ARG L 70 -28.40 -17.63 48.26
C ARG L 70 -28.33 -16.57 47.17
N LEU L 71 -27.72 -16.91 46.04
CA LEU L 71 -27.62 -15.97 44.93
C LEU L 71 -28.98 -15.64 44.33
N TYR L 72 -29.90 -16.62 44.32
CA TYR L 72 -31.25 -16.35 43.84
C TYR L 72 -32.00 -15.42 44.79
N GLN L 73 -31.88 -15.65 46.10
CA GLN L 73 -32.53 -14.78 47.08
C GLN L 73 -32.02 -13.35 46.97
N ALA L 74 -30.75 -13.18 46.65
CA ALA L 74 -30.07 -11.91 46.37
C ALA L 74 -30.43 -11.34 45.00
N GLY L 75 -31.52 -11.81 44.38
CA GLY L 75 -31.91 -11.43 43.03
C GLY L 75 -30.80 -11.30 42.00
N LYS L 76 -29.76 -12.12 42.12
CA LYS L 76 -28.69 -12.16 41.13
C LYS L 76 -28.98 -13.12 39.99
N VAL L 77 -30.06 -13.91 40.05
CA VAL L 77 -30.34 -14.89 39.01
C VAL L 77 -31.79 -15.34 39.17
N SER L 78 -32.39 -15.78 38.06
CA SER L 78 -33.67 -16.46 38.08
C SER L 78 -33.53 -17.78 37.34
N PHE L 79 -34.16 -18.82 37.86
CA PHE L 79 -34.13 -20.12 37.22
C PHE L 79 -35.39 -20.40 36.43
N LYS L 80 -36.24 -19.40 36.25
CA LYS L 80 -37.33 -19.52 35.30
C LYS L 80 -36.71 -19.60 33.91
N HIS L 81 -37.32 -20.39 33.03
CA HIS L 81 -36.77 -20.67 31.71
C HIS L 81 -35.41 -21.37 31.79
N VAL L 82 -35.14 -22.08 32.88
CA VAL L 82 -33.98 -22.94 33.02
C VAL L 82 -34.49 -24.37 33.08
N VAL L 83 -33.89 -25.25 32.28
CA VAL L 83 -34.24 -26.67 32.24
C VAL L 83 -33.06 -27.47 32.76
N THR L 84 -33.33 -28.41 33.67
CA THR L 84 -32.28 -29.22 34.27
C THR L 84 -32.40 -30.68 33.85
N PHE L 85 -31.26 -31.33 33.67
CA PHE L 85 -31.15 -32.77 33.48
C PHE L 85 -30.14 -33.31 34.48
N ASN L 86 -30.54 -34.33 35.24
CA ASN L 86 -29.65 -34.93 36.23
C ASN L 86 -28.92 -36.15 35.69
N MET L 87 -27.78 -36.45 36.30
CA MET L 87 -26.93 -37.54 35.82
C MET L 87 -27.58 -38.89 36.01
N ASP L 88 -28.19 -39.14 37.17
CA ASP L 88 -28.53 -40.52 37.52
C ASP L 88 -29.60 -40.54 38.60
N GLU L 89 -30.06 -41.76 38.90
CA GLU L 89 -31.05 -42.08 39.92
C GLU L 89 -31.01 -43.59 40.16
N TYR L 90 -31.27 -43.97 41.42
CA TYR L 90 -31.33 -45.38 41.81
C TYR L 90 -32.51 -46.09 41.17
N VAL L 91 -32.37 -47.41 40.99
CA VAL L 91 -33.43 -48.27 40.47
C VAL L 91 -34.11 -48.99 41.63
N ALA L 92 -35.44 -49.13 41.53
CA ALA L 92 -36.24 -49.86 42.52
C ALA L 92 -36.13 -49.23 43.90
N LEU L 93 -36.06 -47.90 43.93
CA LEU L 93 -36.11 -47.12 45.17
C LEU L 93 -37.22 -46.09 44.98
N PRO L 94 -38.20 -46.03 45.89
CA PRO L 94 -39.26 -45.04 45.76
C PRO L 94 -38.68 -43.63 45.66
N GLU L 95 -39.19 -42.85 44.71
CA GLU L 95 -38.59 -41.55 44.46
C GLU L 95 -38.86 -40.56 45.59
N GLU L 96 -39.76 -40.88 46.51
CA GLU L 96 -39.93 -40.10 47.73
C GLU L 96 -39.08 -40.62 48.89
N HIS L 97 -38.20 -41.59 48.64
CA HIS L 97 -37.31 -42.06 49.67
C HIS L 97 -36.27 -41.00 49.99
N PRO L 98 -35.95 -40.79 51.27
CA PRO L 98 -34.94 -39.78 51.64
C PRO L 98 -33.64 -39.88 50.88
N GLU L 99 -33.21 -41.09 50.51
CA GLU L 99 -31.90 -41.28 49.91
C GLU L 99 -31.93 -41.34 48.40
N SER L 100 -33.09 -41.12 47.79
CA SER L 100 -33.18 -41.03 46.34
C SER L 100 -32.65 -39.69 45.86
N TYR L 101 -32.24 -39.65 44.58
CA TYR L 101 -31.75 -38.40 44.01
C TYR L 101 -32.87 -37.46 43.63
N HIS L 102 -34.07 -37.98 43.39
CA HIS L 102 -35.26 -37.13 43.37
C HIS L 102 -35.36 -36.32 44.65
N SER L 103 -35.32 -37.00 45.80
CA SER L 103 -35.42 -36.32 47.08
C SER L 103 -34.26 -35.35 47.28
N PHE L 104 -33.05 -35.76 46.95
CA PHE L 104 -31.89 -34.88 47.11
C PHE L 104 -32.09 -33.59 46.34
N MET L 105 -32.52 -33.70 45.08
CA MET L 105 -32.61 -32.54 44.22
C MET L 105 -33.72 -31.60 44.67
N TYR L 106 -34.91 -32.14 44.93
CA TYR L 106 -36.05 -31.30 45.29
C TYR L 106 -35.87 -30.67 46.67
N ASN L 107 -35.44 -31.45 47.66
CA ASN L 107 -35.35 -30.92 49.02
C ASN L 107 -34.21 -29.93 49.17
N ASN L 108 -33.08 -30.17 48.52
CA ASN L 108 -31.90 -29.32 48.72
C ASN L 108 -31.79 -28.17 47.72
N PHE L 109 -32.59 -28.17 46.65
CA PHE L 109 -32.40 -27.16 45.61
C PHE L 109 -33.70 -26.68 44.98
N PHE L 110 -34.38 -27.57 44.24
CA PHE L 110 -35.47 -27.14 43.36
C PHE L 110 -36.61 -26.49 44.13
N ASN L 111 -36.91 -26.95 45.34
CA ASN L 111 -37.99 -26.37 46.13
C ASN L 111 -37.65 -25.01 46.73
N HIS L 112 -36.44 -24.51 46.51
CA HIS L 112 -36.00 -23.25 47.10
C HIS L 112 -35.73 -22.18 46.05
N ILE L 113 -36.06 -22.45 44.79
CA ILE L 113 -35.81 -21.55 43.68
C ILE L 113 -37.08 -21.46 42.83
N ASP L 114 -37.04 -20.61 41.80
CA ASP L 114 -38.20 -20.29 40.99
C ASP L 114 -38.24 -21.10 39.69
N ILE L 115 -37.69 -22.31 39.69
CA ILE L 115 -37.75 -23.17 38.51
C ILE L 115 -39.18 -23.66 38.29
N LEU L 116 -39.54 -23.85 37.03
CA LEU L 116 -40.86 -24.38 36.71
C LEU L 116 -40.88 -25.89 36.91
N PRO L 117 -41.94 -26.43 37.55
CA PRO L 117 -41.95 -27.87 37.86
C PRO L 117 -41.86 -28.77 36.63
N GLU L 118 -42.33 -28.31 35.47
CA GLU L 118 -42.28 -29.13 34.26
C GLU L 118 -40.93 -29.06 33.56
N ASN L 119 -39.99 -28.27 34.07
CA ASN L 119 -38.65 -28.16 33.51
C ASN L 119 -37.62 -28.95 34.27
N ILE L 120 -38.04 -29.74 35.26
CA ILE L 120 -37.16 -30.60 36.03
C ILE L 120 -37.19 -32.00 35.42
N ASN L 121 -36.03 -32.47 34.97
CA ASN L 121 -35.91 -33.80 34.37
C ASN L 121 -34.97 -34.65 35.21
N ILE L 122 -35.49 -35.79 35.68
CA ILE L 122 -34.73 -36.78 36.45
C ILE L 122 -35.16 -38.16 35.99
N LEU L 123 -34.19 -39.02 35.70
CA LEU L 123 -34.49 -40.39 35.32
C LEU L 123 -35.39 -41.05 36.36
N ASN L 124 -36.36 -41.81 35.88
CA ASN L 124 -37.31 -42.50 36.75
C ASN L 124 -36.89 -43.97 36.86
N GLY L 125 -36.45 -44.37 38.05
CA GLY L 125 -35.97 -45.72 38.25
C GLY L 125 -37.06 -46.69 38.67
N ASN L 126 -38.32 -46.29 38.49
CA ASN L 126 -39.46 -47.12 38.88
C ASN L 126 -40.39 -47.41 37.71
N THR L 127 -39.97 -47.13 36.48
CA THR L 127 -40.72 -47.50 35.30
C THR L 127 -40.80 -49.01 35.16
N ASP L 128 -41.73 -49.46 34.29
CA ASP L 128 -41.81 -50.86 33.90
C ASP L 128 -40.79 -51.25 32.84
N ASP L 129 -40.10 -50.28 32.24
CA ASP L 129 -39.20 -50.55 31.11
C ASP L 129 -38.05 -49.55 31.21
N HIS L 130 -36.92 -50.00 31.76
CA HIS L 130 -35.81 -49.08 31.97
C HIS L 130 -35.17 -48.65 30.66
N ASN L 131 -35.15 -49.51 29.65
CA ASN L 131 -34.59 -49.14 28.35
C ASN L 131 -35.42 -48.04 27.69
N ALA L 132 -36.74 -48.20 27.69
CA ALA L 132 -37.61 -47.15 27.16
C ALA L 132 -37.43 -45.84 27.92
N GLU L 133 -37.32 -45.90 29.25
CA GLU L 133 -37.13 -44.70 30.04
C GLU L 133 -35.82 -43.99 29.69
N CYS L 134 -34.73 -44.75 29.55
CA CYS L 134 -33.46 -44.16 29.19
C CYS L 134 -33.52 -43.54 27.80
N HIS L 135 -34.18 -44.22 26.85
CA HIS L 135 -34.35 -43.65 25.52
C HIS L 135 -35.22 -42.40 25.58
N ARG L 136 -36.27 -42.43 26.41
CA ARG L 136 -37.09 -41.24 26.62
C ARG L 136 -36.26 -40.08 27.15
N TYR L 137 -35.29 -40.37 28.02
CA TYR L 137 -34.43 -39.33 28.57
C TYR L 137 -33.53 -38.72 27.49
N GLU L 138 -32.86 -39.57 26.72
CA GLU L 138 -32.01 -39.09 25.62
C GLU L 138 -32.82 -38.27 24.62
N GLU L 139 -34.04 -38.71 24.31
CA GLU L 139 -34.88 -37.98 23.37
C GLU L 139 -35.26 -36.61 23.93
N LYS L 140 -35.61 -36.57 25.22
CA LYS L 140 -35.96 -35.30 25.87
C LYS L 140 -34.82 -34.29 25.75
N ILE L 141 -33.58 -34.73 25.92
CA ILE L 141 -32.44 -33.82 25.77
C ILE L 141 -32.38 -33.27 24.36
N LYS L 142 -32.46 -34.15 23.35
CA LYS L 142 -32.45 -33.71 21.96
C LYS L 142 -33.61 -32.77 21.64
N SER L 143 -34.77 -32.98 22.27
CA SER L 143 -35.92 -32.12 21.99
C SER L 143 -35.65 -30.67 22.37
N TYR L 144 -34.75 -30.45 23.33
CA TYR L 144 -34.30 -29.12 23.70
C TYR L 144 -33.08 -28.68 22.90
N GLY L 145 -32.41 -29.61 22.21
CA GLY L 145 -31.23 -29.26 21.44
C GLY L 145 -29.93 -29.77 22.02
N LYS L 146 -29.43 -29.11 23.07
CA LYS L 146 -28.16 -29.49 23.65
C LYS L 146 -28.11 -28.96 25.09
N ILE L 147 -27.42 -29.70 25.95
CA ILE L 147 -27.15 -29.20 27.31
C ILE L 147 -26.05 -28.15 27.22
N HIS L 148 -26.32 -26.98 27.78
CA HIS L 148 -25.35 -25.89 27.67
C HIS L 148 -24.22 -26.02 28.69
N LEU L 149 -24.53 -26.44 29.91
CA LEU L 149 -23.52 -26.57 30.96
C LEU L 149 -23.85 -27.78 31.80
N PHE L 150 -22.93 -28.75 31.86
CA PHE L 150 -23.09 -29.95 32.67
C PHE L 150 -22.13 -29.89 33.83
N MET L 151 -22.66 -29.74 35.04
CA MET L 151 -21.86 -29.85 36.25
C MET L 151 -21.82 -31.30 36.71
N GLY L 152 -20.66 -31.73 37.20
CA GLY L 152 -20.50 -33.10 37.66
C GLY L 152 -19.31 -33.22 38.59
N GLY L 153 -19.19 -34.41 39.18
CA GLY L 153 -18.03 -34.78 39.95
C GLY L 153 -17.21 -35.85 39.26
N VAL L 154 -16.22 -36.35 39.98
CA VAL L 154 -15.30 -37.35 39.43
C VAL L 154 -14.96 -38.34 40.52
N GLY L 155 -14.93 -39.62 40.16
CA GLY L 155 -14.54 -40.65 41.10
C GLY L 155 -13.04 -40.70 41.29
N VAL L 156 -12.63 -41.44 42.34
CA VAL L 156 -11.21 -41.59 42.64
C VAL L 156 -10.46 -42.31 41.52
N ASP L 157 -11.17 -43.07 40.68
CA ASP L 157 -10.57 -43.73 39.53
C ASP L 157 -10.89 -43.01 38.22
N GLY L 158 -11.38 -41.78 38.31
CA GLY L 158 -11.69 -40.99 37.13
C GLY L 158 -13.00 -41.33 36.46
N HIS L 159 -13.82 -42.18 37.07
CA HIS L 159 -15.09 -42.56 36.48
C HIS L 159 -16.13 -41.45 36.65
N ILE L 160 -17.09 -41.43 35.74
CA ILE L 160 -18.10 -40.38 35.66
C ILE L 160 -19.47 -40.99 35.92
N ALA L 161 -20.21 -40.40 36.84
CA ALA L 161 -21.57 -40.86 37.20
C ALA L 161 -21.48 -42.34 37.60
N PHE L 162 -22.44 -43.17 37.19
CA PHE L 162 -22.39 -44.59 37.46
C PHE L 162 -21.74 -45.38 36.32
N ASN L 163 -21.04 -44.71 35.41
CA ASN L 163 -20.30 -45.42 34.37
C ASN L 163 -19.09 -46.12 34.97
N GLU L 164 -18.74 -47.26 34.39
CA GLU L 164 -17.59 -48.02 34.84
C GLU L 164 -16.29 -47.33 34.40
N PRO L 165 -15.20 -47.55 35.14
CA PRO L 165 -13.94 -46.85 34.83
C PRO L 165 -13.43 -47.05 33.42
N ALA L 166 -13.88 -48.08 32.71
CA ALA L 166 -13.46 -48.34 31.34
C ALA L 166 -14.63 -48.19 30.36
N SER L 167 -15.54 -47.27 30.64
CA SER L 167 -16.73 -47.10 29.81
C SER L 167 -16.39 -46.55 28.43
N SER L 168 -17.17 -46.99 27.44
CA SER L 168 -17.05 -46.42 26.10
C SER L 168 -17.28 -44.91 26.13
N LEU L 169 -16.45 -44.18 25.39
CA LEU L 169 -16.61 -42.73 25.30
C LEU L 169 -17.82 -42.32 24.48
N SER L 170 -18.56 -43.28 23.91
CA SER L 170 -19.81 -43.01 23.22
C SER L 170 -20.98 -43.74 23.87
N SER L 171 -20.81 -44.20 25.11
CA SER L 171 -21.89 -44.84 25.83
C SER L 171 -23.06 -43.88 26.00
N ARG L 172 -24.27 -44.44 26.06
CA ARG L 172 -25.49 -43.66 26.13
C ARG L 172 -26.18 -43.92 27.47
N THR L 173 -27.28 -43.21 27.69
CA THR L 173 -28.05 -43.39 28.91
C THR L 173 -28.59 -44.82 28.98
N ARG L 174 -28.32 -45.51 30.09
CA ARG L 174 -28.64 -46.92 30.17
C ARG L 174 -28.70 -47.33 31.65
N ILE L 175 -29.19 -48.54 31.87
CA ILE L 175 -29.21 -49.15 33.20
C ILE L 175 -27.84 -49.76 33.47
N LYS L 176 -27.35 -49.61 34.71
CA LYS L 176 -26.01 -50.01 35.08
C LYS L 176 -26.06 -50.79 36.40
N THR L 177 -25.28 -51.86 36.49
CA THR L 177 -25.13 -52.61 37.73
C THR L 177 -24.03 -51.95 38.56
N LEU L 178 -24.37 -51.52 39.78
CA LEU L 178 -23.41 -50.83 40.62
C LEU L 178 -22.25 -51.74 40.98
N THR L 179 -21.04 -51.19 40.94
CA THR L 179 -19.84 -51.93 41.30
C THR L 179 -19.78 -52.17 42.80
N GLN L 180 -18.99 -53.17 43.19
CA GLN L 180 -18.76 -53.45 44.60
C GLN L 180 -18.26 -52.21 45.34
N ASP L 181 -17.37 -51.43 44.72
CA ASP L 181 -16.85 -50.24 45.36
C ASP L 181 -17.94 -49.18 45.53
N THR L 182 -18.79 -48.99 44.52
CA THR L 182 -19.88 -48.02 44.63
C THR L 182 -20.89 -48.45 45.69
N LEU L 183 -21.16 -49.76 45.78
CA LEU L 183 -22.06 -50.25 46.82
C LEU L 183 -21.52 -49.91 48.21
N ILE L 184 -20.23 -50.12 48.44
CA ILE L 184 -19.64 -49.84 49.74
C ILE L 184 -19.62 -48.34 50.01
N ALA L 185 -19.16 -47.56 49.03
CA ALA L 185 -19.09 -46.11 49.18
C ALA L 185 -20.43 -45.52 49.62
N ASN L 186 -21.52 -45.94 48.97
CA ASN L 186 -22.83 -45.40 49.26
C ASN L 186 -23.51 -46.07 50.44
N SER L 187 -22.88 -47.09 51.04
CA SER L 187 -23.47 -47.76 52.19
C SER L 187 -23.72 -46.78 53.34
N ARG L 188 -22.89 -45.74 53.46
CA ARG L 188 -23.02 -44.79 54.56
C ARG L 188 -24.34 -44.04 54.54
N PHE L 189 -25.00 -43.98 53.38
CA PHE L 189 -26.31 -43.36 53.29
C PHE L 189 -27.43 -44.29 53.67
N PHE L 190 -27.13 -45.58 53.90
CA PHE L 190 -28.09 -46.60 54.25
C PHE L 190 -27.65 -47.35 55.50
N ASN L 191 -27.15 -46.61 56.50
CA ASN L 191 -26.76 -47.17 57.79
C ASN L 191 -25.62 -48.18 57.67
N ASN L 192 -24.68 -47.89 56.77
CA ASN L 192 -23.54 -48.79 56.51
C ASN L 192 -24.01 -50.22 56.23
N ASP L 193 -25.09 -50.35 55.46
CA ASP L 193 -25.67 -51.65 55.11
C ASP L 193 -25.67 -51.76 53.58
N VAL L 194 -24.71 -52.51 53.04
CA VAL L 194 -24.63 -52.71 51.59
C VAL L 194 -25.88 -53.37 51.05
N THR L 195 -26.52 -54.24 51.84
CA THR L 195 -27.70 -54.95 51.37
C THR L 195 -28.88 -54.01 51.13
N GLN L 196 -28.83 -52.81 51.68
CA GLN L 196 -29.91 -51.83 51.51
C GLN L 196 -29.66 -50.87 50.36
N VAL L 197 -28.44 -50.84 49.82
CA VAL L 197 -28.17 -49.97 48.67
C VAL L 197 -28.80 -50.58 47.42
N PRO L 198 -29.55 -49.82 46.63
CA PRO L 198 -30.09 -50.37 45.38
C PRO L 198 -28.98 -50.92 44.50
N LYS L 199 -29.24 -52.09 43.92
CA LYS L 199 -28.23 -52.79 43.13
C LYS L 199 -28.00 -52.12 41.78
N TYR L 200 -29.01 -51.45 41.23
CA TYR L 200 -28.96 -50.92 39.87
C TYR L 200 -29.28 -49.43 39.86
N ALA L 201 -28.91 -48.77 38.77
CA ALA L 201 -29.20 -47.35 38.61
C ALA L 201 -29.29 -46.99 37.14
N LEU L 202 -30.01 -45.90 36.86
CA LEU L 202 -30.07 -45.28 35.54
C LEU L 202 -29.10 -44.11 35.49
N THR L 203 -28.23 -44.10 34.48
CA THR L 203 -27.19 -43.08 34.39
C THR L 203 -27.04 -42.61 32.95
N ILE L 204 -26.68 -41.33 32.80
CA ILE L 204 -26.29 -40.82 31.49
C ILE L 204 -24.96 -41.45 31.11
N GLY L 205 -24.71 -41.55 29.81
CA GLY L 205 -23.47 -42.12 29.33
C GLY L 205 -22.38 -41.07 29.20
N VAL L 206 -21.16 -41.57 28.97
CA VAL L 206 -20.05 -40.67 28.74
C VAL L 206 -20.29 -39.85 27.47
N GLY L 207 -20.87 -40.49 26.45
CA GLY L 207 -21.30 -39.75 25.28
C GLY L 207 -22.30 -38.66 25.61
N THR L 208 -23.26 -38.97 26.48
CA THR L 208 -24.24 -37.96 26.91
C THR L 208 -23.54 -36.76 27.54
N LEU L 209 -22.54 -37.00 28.40
CA LEU L 209 -21.80 -35.91 29.02
C LEU L 209 -21.03 -35.11 27.97
N LEU L 210 -20.33 -35.82 27.08
CA LEU L 210 -19.49 -35.15 26.09
C LEU L 210 -20.29 -34.33 25.09
N ASP L 211 -21.59 -34.62 24.91
CA ASP L 211 -22.42 -33.86 23.99
C ASP L 211 -22.79 -32.48 24.54
N ALA L 212 -22.45 -32.18 25.79
CA ALA L 212 -22.75 -30.87 26.34
C ALA L 212 -21.81 -29.83 25.76
N GLU L 213 -22.26 -28.57 25.75
CA GLU L 213 -21.43 -27.49 25.25
C GLU L 213 -20.30 -27.17 26.22
N GLU L 214 -20.51 -27.42 27.51
CA GLU L 214 -19.48 -27.16 28.51
C GLU L 214 -19.63 -28.17 29.65
N VAL L 215 -18.50 -28.68 30.11
CA VAL L 215 -18.46 -29.66 31.19
C VAL L 215 -17.62 -29.06 32.31
N MET L 216 -18.23 -28.85 33.46
CA MET L 216 -17.54 -28.34 34.65
C MET L 216 -17.52 -29.45 35.69
N ILE L 217 -16.32 -29.95 36.00
CA ILE L 217 -16.12 -31.02 36.97
C ILE L 217 -15.54 -30.40 38.23
N LEU L 218 -16.08 -30.78 39.38
CA LEU L 218 -15.63 -30.30 40.68
C LEU L 218 -14.95 -31.45 41.41
N ALA L 219 -13.75 -31.18 41.93
CA ALA L 219 -12.94 -32.23 42.56
C ALA L 219 -12.36 -31.65 43.84
N THR L 220 -12.95 -32.03 44.98
CA THR L 220 -12.47 -31.62 46.28
C THR L 220 -12.08 -32.86 47.07
N GLY L 221 -10.96 -32.77 47.80
CA GLY L 221 -10.56 -33.86 48.65
C GLY L 221 -9.21 -34.42 48.26
N HIS L 222 -8.46 -34.92 49.23
CA HIS L 222 -7.17 -35.53 48.93
C HIS L 222 -7.34 -36.80 48.10
N GLN L 223 -8.50 -37.46 48.19
CA GLN L 223 -8.76 -38.70 47.46
C GLN L 223 -9.00 -38.48 45.98
N LYS L 224 -9.13 -37.23 45.53
CA LYS L 224 -9.30 -36.91 44.12
C LYS L 224 -8.02 -36.36 43.51
N ALA L 225 -6.92 -36.35 44.26
CA ALA L 225 -5.69 -35.76 43.76
C ALA L 225 -5.15 -36.53 42.56
N LEU L 226 -5.25 -37.87 42.59
CA LEU L 226 -4.76 -38.67 41.47
C LEU L 226 -5.64 -38.49 40.24
N ALA L 227 -6.96 -38.37 40.44
CA ALA L 227 -7.85 -38.13 39.31
C ALA L 227 -7.59 -36.75 38.71
N VAL L 228 -7.28 -35.76 39.54
CA VAL L 228 -6.98 -34.42 39.03
C VAL L 228 -5.68 -34.45 38.24
N GLN L 229 -4.67 -35.17 38.73
CA GLN L 229 -3.43 -35.32 38.00
C GLN L 229 -3.66 -35.99 36.66
N ALA L 230 -4.50 -37.02 36.64
CA ALA L 230 -4.77 -37.72 35.38
C ALA L 230 -5.46 -36.82 34.37
N ALA L 231 -6.32 -35.91 34.85
CA ALA L 231 -7.08 -35.06 33.94
C ALA L 231 -6.25 -33.92 33.40
N VAL L 232 -5.36 -33.35 34.21
CA VAL L 232 -4.62 -32.14 33.85
C VAL L 232 -3.24 -32.48 33.29
N GLU L 233 -2.48 -33.32 33.97
CA GLU L 233 -1.09 -33.57 33.59
C GLU L 233 -0.94 -34.77 32.67
N GLY L 234 -1.72 -35.81 32.86
CA GLY L 234 -1.54 -37.02 32.09
C GLY L 234 -2.08 -36.91 30.68
N SER L 235 -1.62 -37.81 29.83
CA SER L 235 -2.21 -37.97 28.51
C SER L 235 -3.57 -38.67 28.64
N ILE L 236 -4.32 -38.67 27.55
CA ILE L 236 -5.62 -39.32 27.54
C ILE L 236 -5.42 -40.83 27.75
N ASN L 237 -6.01 -41.35 28.83
CA ASN L 237 -5.97 -42.77 29.13
C ASN L 237 -7.38 -43.31 29.19
N HIS L 238 -7.62 -44.42 28.49
CA HIS L 238 -8.97 -44.97 28.44
C HIS L 238 -9.38 -45.64 29.75
N LEU L 239 -8.50 -45.72 30.74
CA LEU L 239 -8.86 -46.18 32.07
C LEU L 239 -9.19 -45.05 33.03
N TRP L 240 -8.98 -43.79 32.62
CA TRP L 240 -9.35 -42.62 33.41
C TRP L 240 -10.33 -41.83 32.54
N THR L 241 -11.63 -42.10 32.72
CA THR L 241 -12.64 -41.46 31.88
C THR L 241 -12.53 -39.95 31.92
N VAL L 242 -12.15 -39.40 33.08
CA VAL L 242 -12.10 -37.95 33.24
C VAL L 242 -11.05 -37.33 32.31
N SER L 243 -9.99 -38.07 31.99
CA SER L 243 -8.97 -37.56 31.08
C SER L 243 -9.50 -37.38 29.66
N ALA L 244 -10.56 -38.10 29.29
CA ALA L 244 -11.14 -37.95 27.95
C ALA L 244 -11.75 -36.57 27.76
N LEU L 245 -12.07 -35.86 28.85
CA LEU L 245 -12.57 -34.50 28.76
C LEU L 245 -11.52 -33.52 28.26
N GLN L 246 -10.26 -33.96 28.12
CA GLN L 246 -9.23 -33.11 27.51
C GLN L 246 -9.59 -32.74 26.08
N MET L 247 -10.33 -33.61 25.38
CA MET L 247 -10.72 -33.39 24.00
C MET L 247 -12.02 -32.63 23.88
N HIS L 248 -12.59 -32.16 24.98
CA HIS L 248 -13.83 -31.41 24.92
C HIS L 248 -13.54 -29.95 24.60
N ARG L 249 -14.47 -29.31 23.89
CA ARG L 249 -14.26 -27.95 23.42
C ARG L 249 -14.18 -26.97 24.59
N HIS L 250 -14.93 -27.22 25.66
CA HIS L 250 -14.93 -26.36 26.86
C HIS L 250 -14.98 -27.24 28.11
N PHE L 251 -13.80 -27.65 28.58
CA PHE L 251 -13.69 -28.46 29.79
C PHE L 251 -13.16 -27.58 30.92
N VAL L 252 -13.94 -27.48 32.00
CA VAL L 252 -13.56 -26.72 33.18
C VAL L 252 -13.39 -27.68 34.34
N LEU L 253 -12.28 -27.54 35.08
CA LEU L 253 -12.02 -28.36 36.26
C LEU L 253 -11.72 -27.44 37.43
N VAL L 254 -12.55 -27.52 38.47
CA VAL L 254 -12.39 -26.73 39.69
C VAL L 254 -12.02 -27.68 40.82
N CYS L 255 -11.02 -27.32 41.61
CA CYS L 255 -10.53 -28.20 42.65
C CYS L 255 -10.02 -27.40 43.84
N ASP L 256 -9.91 -28.08 44.98
CA ASP L 256 -9.42 -27.48 46.22
C ASP L 256 -7.95 -27.85 46.41
N GLU L 257 -7.36 -27.41 47.53
CA GLU L 257 -5.94 -27.61 47.74
C GLU L 257 -5.58 -29.08 47.90
N ALA L 258 -6.43 -29.85 48.58
CA ALA L 258 -6.14 -31.27 48.78
C ALA L 258 -6.04 -32.03 47.46
N ALA L 259 -6.77 -31.58 46.43
CA ALA L 259 -6.77 -32.28 45.16
C ALA L 259 -5.64 -31.87 44.24
N GLN L 260 -4.85 -30.87 44.64
CA GLN L 260 -3.68 -30.44 43.89
C GLN L 260 -2.41 -31.16 44.29
N GLN L 261 -2.44 -31.96 45.36
CA GLN L 261 -1.21 -32.39 46.02
C GLN L 261 -0.34 -33.28 45.14
N GLU L 262 -0.89 -33.91 44.11
CA GLU L 262 -0.12 -34.80 43.25
C GLU L 262 0.39 -34.09 42.00
N LEU L 263 0.00 -32.84 41.77
CA LEU L 263 0.45 -32.07 40.63
C LEU L 263 1.87 -31.55 40.83
N LYS L 264 2.52 -31.21 39.72
CA LYS L 264 3.80 -30.53 39.78
C LYS L 264 3.60 -29.05 40.08
N VAL L 265 4.58 -28.46 40.77
CA VAL L 265 4.50 -27.05 41.14
C VAL L 265 4.29 -26.18 39.89
N LYS L 266 4.95 -26.52 38.79
CA LYS L 266 4.83 -25.71 37.58
C LYS L 266 3.45 -25.78 36.97
N THR L 267 2.74 -26.91 37.13
CA THR L 267 1.39 -27.01 36.57
C THR L 267 0.44 -26.06 37.29
N VAL L 268 0.48 -26.04 38.62
CA VAL L 268 -0.38 -25.14 39.38
C VAL L 268 -0.03 -23.70 39.07
N LYS L 269 1.27 -23.38 38.99
CA LYS L 269 1.71 -22.03 38.67
C LYS L 269 1.15 -21.55 37.33
N TYR L 270 1.29 -22.38 36.29
CA TYR L 270 0.82 -22.01 34.96
C TYR L 270 -0.65 -21.61 34.98
N PHE L 271 -1.51 -22.46 35.55
CA PHE L 271 -2.94 -22.21 35.50
C PHE L 271 -3.37 -21.15 36.52
N THR L 272 -2.67 -21.06 37.65
CA THR L 272 -2.99 -20.01 38.63
C THR L 272 -2.80 -18.63 38.02
N GLU L 273 -1.73 -18.45 37.24
CA GLU L 273 -1.43 -17.15 36.64
C GLU L 273 -2.35 -16.86 35.47
N LEU L 274 -2.67 -17.89 34.68
CA LEU L 274 -3.59 -17.71 33.56
C LEU L 274 -4.92 -17.14 34.02
N GLU L 275 -5.42 -17.60 35.17
CA GLU L 275 -6.70 -17.14 35.72
C GLU L 275 -6.48 -15.97 36.68
N GLY L 276 -5.90 -14.89 36.14
CA GLY L 276 -5.69 -13.69 36.92
C GLY L 276 -4.55 -12.83 36.39
#